data_9MHP
#
_entry.id   9MHP
#
_cell.length_a   1.00
_cell.length_b   1.00
_cell.length_c   1.00
_cell.angle_alpha   90.00
_cell.angle_beta   90.00
_cell.angle_gamma   90.00
#
_symmetry.space_group_name_H-M   'P 1'
#
_entity_poly.entity_id   1
_entity_poly.type   'polypeptide(L)'
_entity_poly.pdbx_seq_one_letter_code
;VLFTRCEKARKEKLAAGYKPLVDYLIDCDTPTFLERIEAIQEWDRSRDDLYVWIPILDRMDGLLLKVAEKYKYKQDPKKE
CEVKLVEMEAHDVDYCLKMLKFTRRLLLNTENRFVYSSGDVLMYLLNCPNFTIKLAVMRILAILGERFVIAREKIVAHNI
FGDHNLRKKTLKLALSLSSSVMDEDGEHFSLVDLYFDKKKVPQKWRKLRFTHYTSNDFKKSSQQKNNINETQTSIKKVTM
TTQELCEHSLQQIFDKGMALLPAESWFDFSIKASVAKAFSDDSGENIDLRNIIIETKLNAIAFVNTIFSPPQVSSKLFEL
DPYAFNSLTDLISLSETKIPKELRTDALFTLECISLKHVWCSDIIRNLGGNISHGLLFQILRYIAKTLREATDEIDEEYN
VRFFYLISNLADVKPLHESLFAAGLIPTLLEIVSIRNCPYKRTLASATHLLETFIDNSETTTEFIENDGFTMLITSVANE
IDFTLAHPETWQPPKYSVVYYSISFRELAYIRSLLKLVLKLLSTDSGDRIRNLIDSPILVSLKKILENKLVFGLTLITYT
LDVVQKVINSEPTIYPVLVEAGLIPYVIDNFPKLIGPSAELLSLLPDVVSAICLNPEGLKQVKEKGLINNLFDFLLDADH
ARILTGGDRSTEYGTDIDELARHYPDLKANIVEALCNVIRKMPSTFRNEREFLFTSPKDQKYFFHRKNEEILTDKEEHEP
AYWELLDKGTMLDTFTSVLFGMSLGNGSFSQVPQHLEARDFLAIIFMENPPYEYFTSVAISNVTEVLQYLDEKYEDYAFM
DVMKVLNDQLENLNDFLNSPNDRSFFLERDGENSVRSCHSKLCRLAAILNIVTNVYIDLTTLSCKRIMQIYSYFDKRGFS
LIKNLKLLFQKCALEEMYIRQHMPDSVITETMPLPIVDVSGDGPPLQIYIDDPKKGDQKGKITSVKTRNTLQMRTILYTL
QSNTAILFRCFLRLSHSRNMDLEHKDLTTEVHIFENVVENVIEMLKATELEGHLPYILVLLNFNTFVFTIPKASPNSTEI
LQTIPAYIFYQKGGYLLYLHIIRDLFTRMTKIKSGGGGGGSRHHHHHHHHHHHHLSSLDNINYIDESNGILTLSCLINAL
TFYNKSMQTETMENVQSIGKYYVSIDDDYNIMKALTVPIKVMALAMILDLDKSDSLFKTQSRNVPYSVFKQLLSMLKNIF
TNVNIYTKELYELHWDLIFPPIKKISLFEQVGIPGDVAANYLTDTGDDLPADNSIGLFSPEQWEKYKKLIGEDKSIYYPQ
PMQAQYYKGCSSKELDELRDTFFNDGLPSRIFTVLPFYPKLVNAFAKTLLQIFTKYDEPTEVFAGRILDRILETDLDDPA
TLSSLIHLFGIFLNEKYIYQKASHLMQRFIEYLEKSLKPEHVNTPWFSKALYVYEIILAKSELPHLEELSKDVLLRYPLL
SMAKVFRIPDPMKQKLFDILIRVSDISNFYSALATSRILIFYSRDELYANNIARSGILSRLLKVIGSFQKLDKINFLESS
FLLLTRRCFETTENVDALIRAEINRSFTARPLGGGDDAVRELTTILEEKAHVVMRSPSQFIDVLCETARFHEFDDQGALV
DYSLKRFLGERDKNTQASSTEKSDIYERTGIMHLLLSQLMAASEKDWLSEPANSSDLPENKKAQLDPSRNPVCAYMIFLL
KLLVELVSSYNQCKFEFLTFSRRNTYAERPRPRTTAINFFLYRLLDKPVGTDHDKHEAKRREVIGMLARSVIIGFLATVQ
DDRTTKTDVKLADPHMNFIRKFAIEAIIKAIRNATSSSKLLESNHLKLDMWFRIITSMVYVQAPYLRQLLDSNKVEADQY
QLCKLVIDLGLPSVITEAMASIDLNYPFSKKIFNVAVEALNTISSTRNNFSEHFKIEDHDEVEDEVDESDKEEIPDMFKN
SALGMYDVEDIEEDDDDDTSLIGDDDAMAFVDSDNGFEVVFSDEDDDMGEEDADDARSDSEENELSSEMQSSTADGTDVD
YEVDDADGLIINIDQPSGDDEEMADYDANISHSSHSENEDDASMDVIEVYDDELSSGYDVDLSDYDVDESDWDSGLSSLS
ISDEDSESSEDEPINSTRMGDSRRRWLIAEGVELTDDSQGESEEDDRGVFRGIEHIFSNENEPLFRVHDEMRHRNHHRSI
NRTHFHSAMSAPSLSLLNRGRRNQSNLINPLGPTGLEQVENDISDQVTVAGSGSRPRSHHLHFSEVLVSGSFFDEPVLDG
IILKSTVSRWKDIFDMFYDSKTYANCIIPTVINRLYKVSLALQKDLENKREQEKLKNKNLLFNEAKVESHNSSDAISVEQ
DDIQESNVTHDDHEPVYVTIQGSEVDIGGTDIDPEFMNALPDDIRADVFAQHVRERRAEARLNSDHNVHSREIDSDFLEA
IPEDIREGILDTEAEEQRMFGRIGSSADVIRADDDVSNNDEEVENGLDHGNSNDRNNADPEKKKPARIYFAPLIDRAGIA
SLMKSVFISKPYIQREIYHELFYRLCSSKQNRNDLMNTFLFILSEGIIDQHSLEKVYNIISSRAMGHAKTTTVRQLPSDC
TPLTVANQTIEILQSLIDADSRLKYFLIAEHDNLIVNKANNKSRKEALPDKKLRWPLWHLFSLLDRKLITDESVLMDLLT
RILQVCTKTLAVLSTSSNGKENLSKKFHLPSFDEDDLMKILSIIMLDSCTTRVFQQTLNIIYNLSKLQGCMSIFTKHLVS
LAISIMSKLKSALDGLSREVGTITTGMEINSELLQKFTLPSSDQAKLLKILTTVDFLYTHKRKEEERNVKDLQSLYDKMN
GGPVWSSLSECLSQFEKSQAINTSATILLPLIESLMVVCRRSDLSQNRNTAVKYEDAKLLDFSKTRVENLFFPFTDAHKK
LLNQMIRSNPKLMSGPFALLVKNPKVLDFDNKRYFFNAKLKSDNQERPKLPITVRREQVFLDSYRALFFKTNDEIKNSKL
EITFKGESGVDAGGVTREWYQVLSRQMFNPDYALFLPVPSDKTTFHPNRTSGINPEHLSFFKFIGMIIGKAIRDQCFLDC
HFSREVYKNILGRPVSLKDMESLDPDYYKSLVWILENDITDIIEETFSVETDDYGEHKVINLIEGGKDIIVTEANKQDYV
KKVVEYKLQTSVKEQMDNFLVGFYALISKDLITIFDEQELELLISGLPDIDVDDWKNNTTYVNYTATCKEVSYFWRAVRS
FDAEERAKLLQFVTGTSKVPLNGFKELSGVNGVCKFSIHRDFGSSERLPSSHTCFNQLNLPPYESYETLRGSLLLAINEG
HEGFGLA
;
_entity_poly.pdbx_strand_id   A
#
# COMPACT_ATOMS: atom_id res chain seq x y z
N VAL A 1 -9.39 17.34 -21.48
CA VAL A 1 -10.00 18.52 -20.89
C VAL A 1 -8.92 19.50 -20.46
N LEU A 2 -8.32 19.26 -19.30
CA LEU A 2 -7.28 20.12 -18.77
C LEU A 2 -6.36 19.30 -17.88
N PHE A 3 -5.12 19.75 -17.75
CA PHE A 3 -4.09 19.04 -17.00
C PHE A 3 -3.47 19.97 -15.96
N THR A 4 -2.58 19.41 -15.15
CA THR A 4 -1.85 20.19 -14.18
C THR A 4 -0.85 21.11 -14.87
N ARG A 5 -0.43 22.15 -14.16
CA ARG A 5 0.42 23.20 -14.71
C ARG A 5 1.55 22.63 -15.57
N CYS A 6 2.43 21.82 -14.97
CA CYS A 6 3.67 21.45 -15.65
C CYS A 6 3.40 20.66 -16.92
N GLU A 7 2.44 19.73 -16.89
CA GLU A 7 2.18 18.91 -18.06
C GLU A 7 1.77 19.75 -19.27
N LYS A 8 1.15 20.90 -19.03
CA LYS A 8 0.69 21.73 -20.13
C LYS A 8 1.86 22.22 -20.98
N ALA A 9 3.00 22.48 -20.35
CA ALA A 9 4.18 22.90 -21.09
C ALA A 9 4.62 21.81 -22.07
N ARG A 10 4.69 20.56 -21.59
CA ARG A 10 5.05 19.47 -22.47
C ARG A 10 4.04 19.32 -23.59
N LYS A 11 2.76 19.43 -23.26
CA LYS A 11 1.73 19.29 -24.29
C LYS A 11 1.90 20.36 -25.37
N GLU A 12 2.15 21.60 -24.95
CA GLU A 12 2.31 22.69 -25.91
C GLU A 12 3.55 22.47 -26.76
N LYS A 13 4.65 22.03 -26.14
CA LYS A 13 5.87 21.76 -26.91
C LYS A 13 5.63 20.68 -27.95
N LEU A 14 4.97 19.60 -27.55
CA LEU A 14 4.66 18.53 -28.48
C LEU A 14 3.72 19.00 -29.58
N ALA A 15 2.83 19.95 -29.25
CA ALA A 15 1.90 20.45 -30.25
C ALA A 15 2.62 20.92 -31.50
N ALA A 16 3.82 21.48 -31.32
CA ALA A 16 4.63 21.85 -32.47
C ALA A 16 4.83 20.66 -33.40
N GLY A 17 5.10 19.49 -32.81
CA GLY A 17 5.23 18.28 -33.60
C GLY A 17 4.01 18.06 -34.47
N TYR A 18 4.17 17.28 -35.54
CA TYR A 18 3.08 17.02 -36.47
C TYR A 18 2.53 18.33 -37.05
N LYS A 19 3.34 19.37 -36.98
CA LYS A 19 2.98 20.67 -37.52
C LYS A 19 2.62 20.55 -39.00
N PRO A 20 3.44 19.89 -39.82
CA PRO A 20 3.07 19.77 -41.24
C PRO A 20 1.82 18.92 -41.43
N LEU A 21 1.72 17.82 -40.69
CA LEU A 21 0.57 16.93 -40.83
C LEU A 21 -0.71 17.64 -40.44
N VAL A 22 -0.73 18.25 -39.24
CA VAL A 22 -1.94 18.96 -38.81
C VAL A 22 -2.28 20.05 -39.81
N ASP A 23 -1.27 20.76 -40.31
CA ASP A 23 -1.51 21.71 -41.39
C ASP A 23 -1.82 21.00 -42.69
N TYR A 24 -1.22 19.82 -42.92
CA TYR A 24 -1.45 19.10 -44.16
C TYR A 24 -2.92 18.75 -44.36
N LEU A 25 -3.70 18.72 -43.29
CA LEU A 25 -5.12 18.39 -43.37
C LEU A 25 -6.02 19.58 -43.11
N ILE A 26 -5.75 20.35 -42.06
CA ILE A 26 -6.62 21.47 -41.71
C ILE A 26 -6.71 22.46 -42.85
N ASP A 27 -5.56 22.81 -43.44
CA ASP A 27 -5.50 23.78 -44.52
C ASP A 27 -5.84 23.12 -45.86
N CYS A 28 -7.01 22.51 -45.91
CA CYS A 28 -7.46 21.82 -47.11
C CYS A 28 -8.98 21.86 -47.18
N ASP A 29 -9.49 21.74 -48.41
CA ASP A 29 -10.92 21.65 -48.60
C ASP A 29 -11.43 20.30 -48.12
N THR A 30 -12.71 20.28 -47.72
CA THR A 30 -13.28 19.04 -47.18
C THR A 30 -13.17 17.87 -48.15
N PRO A 31 -13.43 18.01 -49.45
CA PRO A 31 -13.28 16.84 -50.34
C PRO A 31 -11.88 16.25 -50.28
N THR A 32 -10.85 17.11 -50.19
CA THR A 32 -9.50 16.61 -50.00
C THR A 32 -9.34 15.95 -48.64
N PHE A 33 -10.00 16.50 -47.62
CA PHE A 33 -9.88 15.94 -46.27
C PHE A 33 -10.30 14.48 -46.24
N LEU A 34 -11.45 14.17 -46.86
CA LEU A 34 -11.88 12.77 -46.92
C LEU A 34 -10.89 11.93 -47.70
N GLU A 35 -10.43 12.43 -48.85
CA GLU A 35 -9.44 11.70 -49.62
C GLU A 35 -8.15 11.52 -48.83
N ARG A 36 -7.77 12.54 -48.04
CA ARG A 36 -6.59 12.43 -47.20
C ARG A 36 -6.77 11.33 -46.16
N ILE A 37 -7.96 11.23 -45.58
CA ILE A 37 -8.20 10.23 -44.54
C ILE A 37 -7.99 8.83 -45.08
N GLU A 38 -8.41 8.59 -46.33
CA GLU A 38 -8.35 7.25 -46.90
C GLU A 38 -6.95 6.95 -47.42
N ALA A 39 -5.94 7.21 -46.59
CA ALA A 39 -4.57 6.82 -46.91
C ALA A 39 -3.79 6.34 -45.69
N ILE A 40 -4.32 6.47 -44.48
CA ILE A 40 -3.54 6.31 -43.25
C ILE A 40 -3.93 5.00 -42.57
N GLN A 41 -4.35 4.01 -43.36
CA GLN A 41 -4.76 2.73 -42.80
C GLN A 41 -3.73 2.21 -41.80
N GLU A 42 -2.51 1.96 -42.28
CA GLU A 42 -1.46 1.45 -41.43
C GLU A 42 -0.76 2.58 -40.68
N TRP A 43 -0.03 2.21 -39.63
CA TRP A 43 0.71 3.16 -38.82
C TRP A 43 2.13 2.66 -38.64
N ASP A 44 3.09 3.40 -39.19
CA ASP A 44 4.49 3.00 -39.23
C ASP A 44 5.31 3.60 -38.10
N ARG A 45 4.69 4.36 -37.19
CA ARG A 45 5.40 4.97 -36.08
C ARG A 45 4.75 4.53 -34.77
N SER A 46 5.20 5.13 -33.67
CA SER A 46 4.68 4.81 -32.35
C SER A 46 3.28 5.41 -32.20
N ARG A 47 2.71 5.30 -31.01
CA ARG A 47 1.37 5.80 -30.76
C ARG A 47 1.37 7.32 -30.70
N ASP A 48 0.38 7.94 -31.35
CA ASP A 48 0.23 9.39 -31.39
C ASP A 48 -1.00 9.79 -30.59
N ASP A 49 -0.81 10.65 -29.60
CA ASP A 49 -1.89 11.04 -28.71
C ASP A 49 -2.96 11.83 -29.47
N LEU A 50 -4.19 11.74 -28.96
CA LEU A 50 -5.30 12.46 -29.57
C LEU A 50 -5.10 13.97 -29.54
N TYR A 51 -4.40 14.48 -28.52
CA TYR A 51 -4.31 15.92 -28.33
C TYR A 51 -3.88 16.62 -29.61
N VAL A 52 -2.94 16.01 -30.34
CA VAL A 52 -2.46 16.62 -31.58
C VAL A 52 -3.57 16.66 -32.62
N TRP A 53 -4.43 15.65 -32.65
CA TRP A 53 -5.54 15.62 -33.61
C TRP A 53 -6.74 16.43 -33.15
N ILE A 54 -6.74 16.91 -31.91
CA ILE A 54 -7.88 17.64 -31.34
C ILE A 54 -8.54 18.52 -32.39
N PRO A 55 -7.80 19.39 -33.08
CA PRO A 55 -8.44 20.17 -34.16
C PRO A 55 -9.13 19.29 -35.19
N ILE A 56 -8.53 18.13 -35.50
CA ILE A 56 -9.17 17.22 -36.44
C ILE A 56 -10.48 16.70 -35.85
N LEU A 57 -10.47 16.37 -34.56
CA LEU A 57 -11.69 15.92 -33.91
C LEU A 57 -12.79 16.98 -34.00
N ASP A 58 -12.43 18.24 -33.72
CA ASP A 58 -13.41 19.30 -33.77
C ASP A 58 -13.93 19.50 -35.19
N ARG A 59 -13.04 19.43 -36.19
CA ARG A 59 -13.48 19.57 -37.57
C ARG A 59 -14.45 18.45 -37.94
N MET A 60 -14.15 17.22 -37.53
CA MET A 60 -15.07 16.12 -37.81
C MET A 60 -16.41 16.34 -37.12
N ASP A 61 -16.38 16.76 -35.87
CA ASP A 61 -17.62 17.00 -35.13
C ASP A 61 -18.48 18.03 -35.85
N GLY A 62 -17.86 19.13 -36.27
CA GLY A 62 -18.60 20.12 -37.03
C GLY A 62 -19.12 19.57 -38.34
N LEU A 63 -18.31 18.75 -39.03
CA LEU A 63 -18.72 18.22 -40.32
C LEU A 63 -19.96 17.35 -40.19
N LEU A 64 -20.01 16.49 -39.18
CA LEU A 64 -21.12 15.56 -39.05
C LEU A 64 -22.25 16.09 -38.17
N LEU A 65 -21.94 16.94 -37.19
CA LEU A 65 -22.99 17.49 -36.35
C LEU A 65 -24.05 18.19 -37.19
N LYS A 66 -23.66 18.78 -38.32
CA LYS A 66 -24.63 19.41 -39.20
C LYS A 66 -25.60 18.39 -39.76
N VAL A 67 -25.10 17.21 -40.15
CA VAL A 67 -25.98 16.16 -40.65
C VAL A 67 -26.92 15.68 -39.55
N ALA A 68 -26.43 15.65 -38.30
CA ALA A 68 -27.28 15.23 -37.19
C ALA A 68 -28.51 16.11 -37.09
N GLU A 69 -28.33 17.43 -37.19
CA GLU A 69 -29.46 18.35 -37.15
C GLU A 69 -30.24 18.36 -38.46
N LYS A 70 -29.64 17.88 -39.56
CA LYS A 70 -30.36 17.86 -40.83
C LYS A 70 -31.61 17.00 -40.74
N TYR A 71 -31.52 15.85 -40.07
CA TYR A 71 -32.66 14.98 -39.85
C TYR A 71 -33.26 15.15 -38.46
N LYS A 72 -32.84 16.18 -37.73
CA LYS A 72 -33.33 16.44 -36.37
C LYS A 72 -33.04 15.28 -35.43
N TYR A 73 -32.06 14.43 -35.78
CA TYR A 73 -31.72 13.31 -34.93
C TYR A 73 -31.28 13.75 -33.54
N LYS A 74 -30.86 15.00 -33.39
CA LYS A 74 -30.47 15.53 -32.09
C LYS A 74 -31.62 15.37 -31.09
N GLN A 75 -31.42 14.54 -30.08
CA GLN A 75 -32.42 14.35 -29.03
C GLN A 75 -32.21 15.40 -27.94
N ASP A 76 -33.12 15.42 -26.97
CA ASP A 76 -33.07 16.38 -25.89
C ASP A 76 -33.50 15.71 -24.59
N PRO A 77 -33.01 16.21 -23.45
CA PRO A 77 -33.52 15.73 -22.16
C PRO A 77 -34.89 16.30 -21.80
N LYS A 78 -35.40 17.25 -22.58
CA LYS A 78 -36.70 17.85 -22.35
C LYS A 78 -37.72 17.41 -23.40
N LYS A 79 -37.42 17.62 -24.67
CA LYS A 79 -38.28 17.10 -25.74
C LYS A 79 -38.06 15.61 -25.88
N GLU A 80 -39.15 14.88 -26.09
CA GLU A 80 -39.12 13.41 -26.10
C GLU A 80 -39.82 12.84 -27.33
N CYS A 81 -39.94 13.61 -28.41
CA CYS A 81 -40.55 13.11 -29.63
C CYS A 81 -39.68 12.08 -30.34
N GLU A 82 -38.43 11.92 -29.91
CA GLU A 82 -37.53 10.92 -30.47
C GLU A 82 -37.22 11.24 -31.92
N VAL A 83 -37.78 10.48 -32.87
CA VAL A 83 -37.48 10.68 -34.27
C VAL A 83 -38.50 9.95 -35.13
N LYS A 84 -38.79 10.51 -36.31
CA LYS A 84 -39.63 9.81 -37.27
C LYS A 84 -38.86 8.66 -37.88
N LEU A 85 -39.58 7.57 -38.17
CA LEU A 85 -38.93 6.35 -38.66
C LEU A 85 -38.47 6.54 -40.10
N VAL A 86 -37.41 7.32 -40.28
CA VAL A 86 -36.77 7.49 -41.58
C VAL A 86 -35.28 7.23 -41.40
N GLU A 87 -34.73 6.35 -42.21
CA GLU A 87 -33.33 5.98 -42.09
C GLU A 87 -32.46 6.94 -42.89
N MET A 88 -31.21 7.06 -42.46
CA MET A 88 -30.30 8.04 -43.04
C MET A 88 -29.98 7.69 -44.49
N GLU A 89 -29.79 8.73 -45.30
CA GLU A 89 -29.75 8.56 -46.76
C GLU A 89 -28.55 7.70 -47.18
N ALA A 90 -28.72 7.00 -48.29
CA ALA A 90 -27.69 6.07 -48.76
C ALA A 90 -26.39 6.79 -49.08
N HIS A 91 -26.47 7.92 -49.79
CA HIS A 91 -25.25 8.58 -50.26
C HIS A 91 -24.35 8.97 -49.10
N ASP A 92 -24.93 9.58 -48.06
CA ASP A 92 -24.13 10.05 -46.94
C ASP A 92 -23.55 8.92 -46.11
N VAL A 93 -23.98 7.68 -46.36
CA VAL A 93 -23.51 6.54 -45.56
C VAL A 93 -21.98 6.57 -45.47
N ASP A 94 -21.31 6.52 -46.62
CA ASP A 94 -19.86 6.57 -46.62
C ASP A 94 -19.35 7.81 -45.91
N TYR A 95 -19.94 8.98 -46.23
CA TYR A 95 -19.50 10.22 -45.60
C TYR A 95 -19.64 10.13 -44.08
N CYS A 96 -20.80 9.69 -43.60
CA CYS A 96 -21.03 9.64 -42.16
C CYS A 96 -20.11 8.64 -41.49
N LEU A 97 -19.88 7.48 -42.12
CA LEU A 97 -19.09 6.44 -41.50
C LEU A 97 -17.60 6.60 -41.76
N LYS A 98 -17.21 7.03 -42.96
CA LYS A 98 -15.80 7.14 -43.29
C LYS A 98 -15.06 7.93 -42.23
N MET A 99 -15.60 9.08 -41.86
CA MET A 99 -14.99 9.88 -40.80
C MET A 99 -14.99 9.13 -39.48
N LEU A 100 -16.09 8.44 -39.19
CA LEU A 100 -16.09 7.53 -38.04
C LEU A 100 -15.08 6.40 -38.24
N LYS A 101 -15.00 5.88 -39.46
CA LYS A 101 -14.11 4.75 -39.74
C LYS A 101 -12.69 5.07 -39.30
N PHE A 102 -12.17 6.22 -39.71
CA PHE A 102 -10.85 6.65 -39.27
C PHE A 102 -10.80 6.77 -37.75
N THR A 103 -11.91 7.11 -37.11
CA THR A 103 -11.91 7.30 -35.68
C THR A 103 -11.53 6.01 -34.95
N ARG A 104 -12.03 4.88 -35.42
CA ARG A 104 -11.65 3.61 -34.81
C ARG A 104 -10.16 3.35 -34.96
N ARG A 105 -9.63 3.55 -36.18
CA ARG A 105 -8.21 3.33 -36.40
C ARG A 105 -7.39 4.19 -35.46
N LEU A 106 -7.75 5.48 -35.34
CA LEU A 106 -7.03 6.37 -34.45
C LEU A 106 -7.10 5.88 -33.01
N LEU A 107 -8.32 5.60 -32.52
CA LEU A 107 -8.51 5.23 -31.13
C LEU A 107 -7.84 3.92 -30.78
N LEU A 108 -7.56 3.07 -31.78
CA LEU A 108 -6.98 1.76 -31.48
C LEU A 108 -5.50 1.90 -31.09
N ASN A 109 -4.68 2.44 -31.98
CA ASN A 109 -3.24 2.48 -31.79
C ASN A 109 -2.76 3.75 -31.11
N THR A 110 -3.67 4.65 -30.70
CA THR A 110 -3.29 5.87 -30.03
C THR A 110 -3.20 5.62 -28.53
N GLU A 111 -3.12 6.71 -27.75
CA GLU A 111 -3.00 6.61 -26.30
C GLU A 111 -3.67 7.81 -25.67
N ASN A 112 -3.96 7.70 -24.38
CA ASN A 112 -4.64 8.75 -23.63
C ASN A 112 -5.87 9.25 -24.38
N ARG A 113 -6.82 8.33 -24.58
CA ARG A 113 -8.09 8.67 -25.20
C ARG A 113 -9.04 9.37 -24.24
N PHE A 114 -8.58 9.67 -23.03
CA PHE A 114 -9.45 10.28 -22.03
C PHE A 114 -9.96 11.65 -22.47
N VAL A 115 -9.09 12.45 -23.08
CA VAL A 115 -9.44 13.84 -23.40
C VAL A 115 -10.44 13.92 -24.54
N TYR A 116 -10.84 12.77 -25.08
CA TYR A 116 -11.90 12.78 -26.09
C TYR A 116 -13.16 13.40 -25.49
N SER A 117 -13.76 14.32 -26.23
CA SER A 117 -14.89 15.10 -25.72
C SER A 117 -16.14 15.04 -26.58
N SER A 118 -16.03 14.71 -27.86
CA SER A 118 -17.18 14.70 -28.75
C SER A 118 -18.04 13.44 -28.61
N GLY A 119 -17.89 12.70 -27.52
CA GLY A 119 -18.63 11.46 -27.36
C GLY A 119 -20.14 11.68 -27.32
N ASP A 120 -20.58 12.76 -26.69
CA ASP A 120 -22.01 12.96 -26.49
C ASP A 120 -22.76 13.05 -27.82
N VAL A 121 -22.10 13.54 -28.88
CA VAL A 121 -22.78 13.68 -30.16
C VAL A 121 -23.20 12.33 -30.71
N LEU A 122 -22.56 11.24 -30.29
CA LEU A 122 -22.89 9.93 -30.85
C LEU A 122 -24.34 9.57 -30.57
N MET A 123 -24.82 9.84 -29.35
CA MET A 123 -26.23 9.60 -29.05
C MET A 123 -27.11 10.31 -30.07
N TYR A 124 -26.78 11.56 -30.38
CA TYR A 124 -27.51 12.26 -31.44
C TYR A 124 -27.35 11.53 -32.77
N LEU A 125 -26.24 10.82 -32.95
CA LEU A 125 -26.08 9.95 -34.11
C LEU A 125 -26.78 8.61 -33.94
N LEU A 126 -27.21 8.28 -32.74
CA LEU A 126 -28.07 7.12 -32.54
C LEU A 126 -29.47 7.49 -33.02
N ASN A 127 -30.46 6.64 -32.73
CA ASN A 127 -31.81 6.82 -33.23
C ASN A 127 -31.83 6.82 -34.76
N CYS A 128 -30.90 6.08 -35.36
CA CYS A 128 -30.77 6.02 -36.80
C CYS A 128 -31.32 4.69 -37.28
N PRO A 129 -32.48 4.67 -37.93
CA PRO A 129 -33.08 3.36 -38.31
C PRO A 129 -32.15 2.47 -39.11
N ASN A 130 -31.34 3.04 -40.00
CA ASN A 130 -30.40 2.23 -40.76
C ASN A 130 -29.40 1.57 -39.83
N PHE A 131 -29.00 0.34 -40.16
CA PHE A 131 -28.15 -0.46 -39.29
C PHE A 131 -26.67 -0.23 -39.54
N THR A 132 -26.23 -0.18 -40.79
CA THR A 132 -24.81 -0.05 -41.09
C THR A 132 -24.21 1.11 -40.32
N ILE A 133 -24.84 2.29 -40.42
CA ILE A 133 -24.43 3.41 -39.58
C ILE A 133 -24.56 3.04 -38.11
N LYS A 134 -25.63 2.33 -37.77
CA LYS A 134 -25.78 1.87 -36.39
C LYS A 134 -24.63 0.96 -36.00
N LEU A 135 -24.24 0.05 -36.89
CA LEU A 135 -23.14 -0.86 -36.58
C LEU A 135 -21.85 -0.08 -36.34
N ALA A 136 -21.54 0.88 -37.21
CA ALA A 136 -20.33 1.66 -37.03
C ALA A 136 -20.38 2.47 -35.75
N VAL A 137 -21.52 3.09 -35.47
CA VAL A 137 -21.66 3.91 -34.26
C VAL A 137 -21.44 3.04 -33.03
N MET A 138 -22.06 1.87 -33.00
CA MET A 138 -21.90 1.00 -31.85
C MET A 138 -20.48 0.45 -31.77
N ARG A 139 -19.79 0.35 -32.90
CA ARG A 139 -18.40 -0.10 -32.86
C ARG A 139 -17.51 0.95 -32.21
N ILE A 140 -17.65 2.21 -32.62
CA ILE A 140 -16.93 3.28 -31.93
C ILE A 140 -17.32 3.32 -30.46
N LEU A 141 -18.61 3.10 -30.17
CA LEU A 141 -19.04 3.05 -28.78
C LEU A 141 -18.36 1.91 -28.04
N ALA A 142 -18.13 0.79 -28.72
CA ALA A 142 -17.45 -0.33 -28.09
C ALA A 142 -16.01 0.03 -27.75
N ILE A 143 -15.31 0.69 -28.68
CA ILE A 143 -13.95 1.11 -28.37
C ILE A 143 -13.96 2.09 -27.21
N LEU A 144 -14.96 2.99 -27.17
CA LEU A 144 -15.06 3.93 -26.07
C LEU A 144 -15.35 3.21 -24.76
N GLY A 145 -16.15 2.14 -24.80
CA GLY A 145 -16.37 1.36 -23.60
C GLY A 145 -15.11 0.68 -23.12
N GLU A 146 -14.32 0.16 -24.07
CA GLU A 146 -12.98 -0.32 -23.72
C GLU A 146 -12.22 0.76 -22.96
N ARG A 147 -12.19 1.98 -23.52
CA ARG A 147 -11.59 3.10 -22.81
C ARG A 147 -12.17 3.24 -21.41
N PHE A 148 -13.49 3.06 -21.29
CA PHE A 148 -14.15 3.20 -20.00
C PHE A 148 -13.60 2.21 -18.98
N VAL A 149 -13.40 0.96 -19.40
CA VAL A 149 -12.97 -0.08 -18.47
C VAL A 149 -11.73 -0.78 -19.00
N ILE A 150 -10.92 -0.08 -19.79
CA ILE A 150 -9.64 -0.65 -20.20
C ILE A 150 -8.79 -0.95 -18.97
N ALA A 151 -8.66 0.04 -18.09
CA ALA A 151 -8.15 -0.20 -16.73
C ALA A 151 -9.18 0.17 -15.68
N ARG A 152 -9.62 1.41 -15.64
CA ARG A 152 -10.68 1.84 -14.73
C ARG A 152 -11.22 3.21 -15.13
N GLU A 153 -12.49 3.29 -15.51
CA GLU A 153 -13.10 4.59 -15.78
C GLU A 153 -14.61 4.44 -15.71
N LYS A 154 -15.23 5.07 -14.72
CA LYS A 154 -16.68 5.16 -14.60
C LYS A 154 -17.07 6.57 -14.21
N ILE A 155 -16.44 7.57 -14.84
CA ILE A 155 -16.61 8.96 -14.49
C ILE A 155 -17.23 9.70 -15.68
N VAL A 156 -17.41 11.02 -15.54
CA VAL A 156 -18.10 11.83 -16.53
C VAL A 156 -19.39 11.13 -16.93
N ALA A 157 -20.19 10.77 -15.92
CA ALA A 157 -21.44 10.05 -16.18
C ALA A 157 -22.33 10.84 -17.12
N HIS A 158 -22.42 12.16 -16.92
CA HIS A 158 -23.30 12.98 -17.74
C HIS A 158 -22.97 12.88 -19.22
N ASN A 159 -21.74 12.49 -19.57
CA ASN A 159 -21.35 12.44 -20.98
C ASN A 159 -22.19 11.43 -21.74
N ILE A 160 -22.01 10.14 -21.47
CA ILE A 160 -22.81 9.11 -22.11
C ILE A 160 -23.27 8.06 -21.10
N PHE A 161 -22.66 8.05 -19.91
CA PHE A 161 -22.91 6.98 -18.94
C PHE A 161 -24.23 7.20 -18.22
N GLY A 162 -24.37 8.36 -17.55
CA GLY A 162 -25.57 8.60 -16.76
C GLY A 162 -26.84 8.62 -17.59
N ASP A 163 -26.75 9.12 -18.82
CA ASP A 163 -27.92 9.24 -19.68
C ASP A 163 -28.68 7.93 -19.74
N HIS A 164 -29.91 7.94 -19.23
CA HIS A 164 -30.70 6.73 -19.13
C HIS A 164 -31.49 6.42 -20.39
N ASN A 165 -31.51 7.32 -21.37
CA ASN A 165 -32.03 7.02 -22.70
C ASN A 165 -30.98 6.38 -23.59
N LEU A 166 -29.93 5.82 -23.00
CA LEU A 166 -28.89 5.08 -23.71
C LEU A 166 -28.76 3.65 -23.26
N ARG A 167 -28.84 3.41 -21.94
CA ARG A 167 -28.73 2.04 -21.43
C ARG A 167 -29.86 1.18 -21.97
N LYS A 168 -31.09 1.68 -21.91
CA LYS A 168 -32.22 0.94 -22.46
C LYS A 168 -32.12 0.82 -23.97
N LYS A 169 -31.63 1.86 -24.65
CA LYS A 169 -31.47 1.78 -26.09
C LYS A 169 -30.54 0.64 -26.47
N THR A 170 -29.38 0.55 -25.81
CA THR A 170 -28.43 -0.50 -26.16
C THR A 170 -28.91 -1.88 -25.71
N LEU A 171 -29.62 -1.96 -24.58
CA LEU A 171 -30.19 -3.25 -24.18
C LEU A 171 -31.21 -3.73 -25.20
N LYS A 172 -32.07 -2.83 -25.69
CA LYS A 172 -33.02 -3.20 -26.72
C LYS A 172 -32.30 -3.60 -28.01
N LEU A 173 -31.21 -2.90 -28.33
CA LEU A 173 -30.41 -3.31 -29.48
C LEU A 173 -29.88 -4.74 -29.29
N ALA A 174 -29.47 -5.07 -28.08
CA ALA A 174 -29.16 -6.45 -27.74
C ALA A 174 -30.46 -7.23 -27.55
N LEU A 175 -30.32 -8.54 -27.36
CA LEU A 175 -31.46 -9.43 -27.18
C LEU A 175 -32.39 -9.35 -28.39
N SER A 176 -31.80 -9.10 -29.56
CA SER A 176 -32.54 -9.00 -30.82
C SER A 176 -32.10 -10.17 -31.68
N LEU A 177 -33.01 -11.10 -31.91
CA LEU A 177 -32.75 -12.39 -32.54
C LEU A 177 -32.05 -13.32 -31.54
N SER A 178 -31.70 -12.83 -30.35
CA SER A 178 -31.07 -13.63 -29.31
C SER A 178 -30.05 -14.60 -29.89
N SER A 179 -30.07 -15.85 -29.42
CA SER A 179 -29.14 -16.87 -29.90
C SER A 179 -29.92 -18.08 -30.38
N SER A 180 -29.22 -19.19 -30.62
CA SER A 180 -29.84 -20.40 -31.13
C SER A 180 -31.11 -20.73 -30.35
N VAL A 181 -32.02 -21.45 -31.02
CA VAL A 181 -33.38 -21.64 -30.55
C VAL A 181 -33.60 -23.10 -30.16
N MET A 182 -34.80 -23.41 -29.70
CA MET A 182 -35.16 -24.74 -29.22
C MET A 182 -36.20 -25.39 -30.14
N ASP A 183 -35.99 -25.29 -31.45
CA ASP A 183 -36.93 -25.86 -32.40
C ASP A 183 -37.21 -27.33 -32.07
N GLU A 184 -38.46 -27.74 -32.28
CA GLU A 184 -38.89 -29.07 -31.89
C GLU A 184 -38.01 -30.14 -32.55
N ASP A 185 -38.05 -30.21 -33.89
CA ASP A 185 -37.26 -31.19 -34.63
C ASP A 185 -35.84 -30.67 -34.86
N GLY A 186 -35.14 -30.46 -33.75
CA GLY A 186 -33.78 -29.96 -33.78
C GLY A 186 -33.26 -29.68 -32.39
N GLU A 187 -31.99 -30.02 -32.13
CA GLU A 187 -31.42 -29.85 -30.81
C GLU A 187 -31.43 -28.37 -30.40
N HIS A 188 -30.59 -27.56 -31.03
CA HIS A 188 -30.54 -26.13 -30.73
C HIS A 188 -30.45 -25.23 -31.95
N PHE A 189 -30.14 -25.74 -33.14
CA PHE A 189 -29.95 -24.92 -34.34
C PHE A 189 -28.93 -23.81 -34.07
N SER A 190 -27.69 -24.24 -33.86
CA SER A 190 -26.61 -23.29 -33.62
C SER A 190 -26.54 -22.27 -34.75
N LEU A 191 -26.31 -21.01 -34.38
CA LEU A 191 -26.28 -19.95 -35.37
C LEU A 191 -25.28 -20.26 -36.49
N VAL A 192 -24.20 -20.96 -36.14
CA VAL A 192 -23.17 -21.26 -37.13
C VAL A 192 -23.74 -22.08 -38.29
N ASP A 193 -24.83 -22.81 -38.05
CA ASP A 193 -25.47 -23.57 -39.11
C ASP A 193 -26.02 -22.69 -40.23
N LEU A 194 -26.15 -21.38 -39.99
CA LEU A 194 -26.69 -20.47 -41.00
C LEU A 194 -26.00 -20.61 -42.35
N TYR A 195 -24.76 -21.09 -42.37
CA TYR A 195 -23.97 -21.17 -43.59
C TYR A 195 -23.78 -22.59 -44.09
N PHE A 196 -23.91 -23.59 -43.22
CA PHE A 196 -23.77 -24.97 -43.65
C PHE A 196 -25.00 -25.41 -44.45
N ASP A 197 -24.84 -26.51 -45.17
CA ASP A 197 -25.93 -27.10 -45.96
C ASP A 197 -26.61 -28.19 -45.12
N LYS A 198 -27.33 -27.72 -44.10
CA LYS A 198 -27.94 -28.60 -43.11
C LYS A 198 -29.09 -27.84 -42.45
N LYS A 199 -29.48 -28.29 -41.25
CA LYS A 199 -30.72 -27.89 -40.60
C LYS A 199 -31.12 -26.45 -40.94
N LYS A 200 -32.38 -26.29 -41.36
CA LYS A 200 -32.88 -25.04 -41.91
C LYS A 200 -33.27 -24.08 -40.80
N VAL A 201 -33.57 -22.85 -41.21
CA VAL A 201 -33.92 -21.76 -40.30
C VAL A 201 -35.16 -22.13 -39.49
N PRO A 202 -35.27 -21.70 -38.23
CA PRO A 202 -36.52 -21.89 -37.49
C PRO A 202 -37.63 -20.97 -37.98
N GLN A 203 -38.37 -21.42 -38.97
CA GLN A 203 -39.34 -20.59 -39.69
C GLN A 203 -40.16 -19.71 -38.76
N LYS A 204 -40.31 -20.13 -37.50
CA LYS A 204 -40.96 -19.29 -36.50
C LYS A 204 -40.48 -17.85 -36.59
N TRP A 205 -39.16 -17.65 -36.68
CA TRP A 205 -38.62 -16.31 -36.81
C TRP A 205 -39.10 -15.60 -38.07
N ARG A 206 -39.52 -16.35 -39.08
CA ARG A 206 -39.92 -15.77 -40.36
C ARG A 206 -41.39 -15.31 -40.30
N LYS A 207 -41.68 -14.44 -39.34
CA LYS A 207 -43.03 -13.90 -39.20
C LYS A 207 -42.95 -12.57 -38.46
N LEU A 208 -43.60 -11.56 -39.02
CA LEU A 208 -43.69 -10.27 -38.35
C LEU A 208 -44.55 -10.39 -37.11
N ARG A 209 -44.12 -9.74 -36.02
CA ARG A 209 -44.85 -9.80 -34.77
C ARG A 209 -44.32 -8.74 -33.82
N PHE A 210 -45.23 -8.05 -33.14
CA PHE A 210 -44.85 -7.06 -32.14
C PHE A 210 -46.07 -6.69 -31.30
N THR A 211 -45.93 -6.75 -29.97
CA THR A 211 -46.96 -6.29 -29.07
C THR A 211 -46.32 -5.77 -27.80
N HIS A 212 -47.08 -4.95 -27.07
CA HIS A 212 -46.62 -4.39 -25.81
C HIS A 212 -46.15 -5.49 -24.87
N ILE A 235 -51.45 -1.07 -24.83
CA ILE A 235 -51.07 -2.46 -25.00
C ILE A 235 -51.41 -2.92 -26.42
N LYS A 236 -50.58 -2.54 -27.39
CA LYS A 236 -50.83 -2.81 -28.78
C LYS A 236 -50.22 -4.16 -29.20
N LYS A 237 -50.61 -4.62 -30.38
CA LYS A 237 -50.13 -5.89 -30.92
C LYS A 237 -50.33 -5.91 -32.43
N VAL A 238 -49.32 -6.40 -33.14
CA VAL A 238 -49.39 -6.54 -34.59
C VAL A 238 -48.49 -7.69 -35.00
N THR A 239 -48.91 -8.42 -36.02
CA THR A 239 -48.12 -9.54 -36.52
C THR A 239 -48.52 -9.83 -37.97
N MET A 240 -47.55 -10.32 -38.74
CA MET A 240 -47.78 -10.68 -40.13
C MET A 240 -46.80 -11.78 -40.52
N THR A 241 -47.32 -12.82 -41.18
CA THR A 241 -46.50 -13.94 -41.60
C THR A 241 -45.64 -13.57 -42.80
N THR A 242 -44.52 -14.27 -42.96
CA THR A 242 -43.67 -14.09 -44.13
C THR A 242 -44.51 -14.27 -45.40
N GLN A 243 -44.05 -13.69 -46.50
CA GLN A 243 -44.77 -13.52 -47.75
C GLN A 243 -45.81 -12.39 -47.63
N GLU A 244 -46.03 -11.86 -46.43
CA GLU A 244 -46.83 -10.65 -46.24
C GLU A 244 -45.97 -9.40 -46.14
N LEU A 245 -44.65 -9.56 -46.00
CA LEU A 245 -43.72 -8.45 -45.93
C LEU A 245 -43.03 -8.18 -47.27
N CYS A 246 -43.34 -8.97 -48.30
CA CYS A 246 -42.75 -8.76 -49.61
C CYS A 246 -43.22 -7.47 -50.28
N GLU A 247 -44.27 -6.84 -49.75
CA GLU A 247 -44.83 -5.64 -50.39
C GLU A 247 -44.20 -4.36 -49.82
N HIS A 248 -44.35 -4.15 -48.51
CA HIS A 248 -43.81 -2.94 -47.91
C HIS A 248 -42.29 -3.06 -47.75
N SER A 249 -41.59 -1.97 -48.04
CA SER A 249 -40.15 -1.92 -47.84
C SER A 249 -39.87 -1.65 -46.36
N LEU A 250 -38.58 -1.53 -46.02
CA LEU A 250 -38.22 -1.19 -44.66
C LEU A 250 -38.83 0.14 -44.25
N GLN A 251 -38.67 1.17 -45.09
CA GLN A 251 -39.26 2.47 -44.81
C GLN A 251 -40.77 2.38 -44.73
N GLN A 252 -41.39 1.68 -45.69
CA GLN A 252 -42.85 1.55 -45.67
C GLN A 252 -43.31 0.76 -44.44
N ILE A 253 -42.58 -0.30 -44.07
CA ILE A 253 -42.94 -1.06 -42.88
C ILE A 253 -42.91 -0.14 -41.66
N PHE A 254 -41.82 0.60 -41.49
CA PHE A 254 -41.69 1.47 -40.33
C PHE A 254 -42.79 2.53 -40.32
N ASP A 255 -43.06 3.14 -41.48
CA ASP A 255 -44.05 4.19 -41.56
C ASP A 255 -45.45 3.67 -41.23
N LYS A 256 -45.81 2.51 -41.78
CA LYS A 256 -47.11 1.94 -41.46
C LYS A 256 -47.21 1.61 -39.98
N GLY A 257 -46.16 1.06 -39.39
CA GLY A 257 -46.22 0.65 -38.00
C GLY A 257 -46.33 1.82 -37.04
N MET A 258 -45.47 2.84 -37.23
CA MET A 258 -45.32 3.87 -36.21
C MET A 258 -46.66 4.46 -35.79
N ALA A 259 -47.54 4.71 -36.76
CA ALA A 259 -48.76 5.47 -36.49
C ALA A 259 -49.55 4.87 -35.33
N LEU A 260 -49.73 3.56 -35.34
CA LEU A 260 -50.56 2.94 -34.31
C LEU A 260 -49.91 3.02 -32.93
N LEU A 261 -48.61 2.76 -32.85
CA LEU A 261 -47.96 2.66 -31.55
C LEU A 261 -47.51 4.02 -31.05
N PRO A 262 -47.23 4.14 -29.76
CA PRO A 262 -46.80 5.42 -29.20
C PRO A 262 -45.47 5.90 -29.79
N ALA A 263 -45.28 7.22 -29.74
CA ALA A 263 -44.01 7.80 -30.18
C ALA A 263 -42.86 7.31 -29.30
N GLU A 264 -43.09 7.20 -28.00
CA GLU A 264 -42.07 6.64 -27.11
C GLU A 264 -41.69 5.22 -27.52
N SER A 265 -42.56 4.55 -28.26
CA SER A 265 -42.31 3.23 -28.80
C SER A 265 -41.67 3.35 -30.18
N TRP A 266 -41.70 2.28 -30.96
CA TRP A 266 -41.12 2.10 -32.29
C TRP A 266 -39.63 1.77 -32.26
N PHE A 267 -38.95 1.84 -31.11
CA PHE A 267 -37.55 1.41 -31.10
C PHE A 267 -37.45 -0.10 -31.26
N ASP A 268 -38.22 -0.85 -30.48
CA ASP A 268 -38.26 -2.29 -30.66
C ASP A 268 -38.85 -2.66 -32.01
N PHE A 269 -39.78 -1.85 -32.52
CA PHE A 269 -40.30 -2.08 -33.86
C PHE A 269 -39.19 -1.99 -34.89
N SER A 270 -38.34 -0.96 -34.79
CA SER A 270 -37.19 -0.87 -35.69
C SER A 270 -36.26 -2.06 -35.49
N ILE A 271 -36.08 -2.50 -34.25
CA ILE A 271 -35.19 -3.62 -33.97
C ILE A 271 -35.66 -4.85 -34.72
N LYS A 272 -36.96 -5.15 -34.66
CA LYS A 272 -37.46 -6.43 -35.14
C LYS A 272 -37.99 -6.42 -36.57
N ALA A 273 -38.45 -5.27 -37.08
CA ALA A 273 -39.04 -5.23 -38.40
C ALA A 273 -38.02 -5.50 -39.48
N SER A 274 -36.84 -4.90 -39.38
CA SER A 274 -35.79 -5.17 -40.35
C SER A 274 -35.31 -6.61 -40.26
N VAL A 275 -35.27 -7.18 -39.04
CA VAL A 275 -34.92 -8.58 -38.90
C VAL A 275 -35.92 -9.44 -39.65
N ALA A 276 -37.21 -9.16 -39.47
CA ALA A 276 -38.24 -9.91 -40.18
C ALA A 276 -38.11 -9.75 -41.69
N LYS A 277 -37.85 -8.52 -42.14
CA LYS A 277 -37.69 -8.28 -43.58
C LYS A 277 -36.53 -9.09 -44.13
N ALA A 278 -35.42 -9.14 -43.40
CA ALA A 278 -34.28 -9.96 -43.82
C ALA A 278 -34.68 -11.43 -43.89
N PHE A 279 -35.41 -11.91 -42.87
CA PHE A 279 -35.83 -13.30 -42.89
C PHE A 279 -36.95 -13.54 -43.90
N SER A 280 -37.51 -12.48 -44.49
CA SER A 280 -38.62 -12.61 -45.41
C SER A 280 -38.19 -13.13 -46.79
N ASP A 281 -36.91 -13.18 -47.09
CA ASP A 281 -36.43 -13.61 -48.40
C ASP A 281 -35.00 -14.12 -48.25
N ASP A 282 -34.37 -14.44 -49.37
CA ASP A 282 -33.01 -14.93 -49.42
C ASP A 282 -32.18 -14.15 -50.42
N SER A 283 -32.32 -12.82 -50.40
CA SER A 283 -31.53 -11.97 -51.27
C SER A 283 -30.06 -12.05 -50.92
N GLY A 284 -29.19 -11.84 -51.91
CA GLY A 284 -27.77 -11.93 -51.67
C GLY A 284 -27.31 -11.02 -50.56
N GLU A 285 -27.77 -9.77 -50.57
CA GLU A 285 -27.45 -8.85 -49.48
C GLU A 285 -28.14 -9.24 -48.18
N ASN A 286 -29.16 -10.09 -48.24
CA ASN A 286 -29.87 -10.49 -47.03
C ASN A 286 -28.92 -11.16 -46.04
N ILE A 287 -28.06 -12.04 -46.53
CA ILE A 287 -27.07 -12.67 -45.65
C ILE A 287 -26.18 -11.59 -45.05
N ASP A 288 -25.84 -10.57 -45.84
CA ASP A 288 -25.06 -9.46 -45.31
C ASP A 288 -25.83 -8.72 -44.22
N LEU A 289 -27.14 -8.57 -44.39
CA LEU A 289 -27.95 -7.94 -43.35
C LEU A 289 -27.91 -8.74 -42.05
N ARG A 290 -28.02 -10.06 -42.17
CA ARG A 290 -27.98 -10.91 -40.99
C ARG A 290 -26.60 -10.80 -40.31
N ASN A 291 -25.55 -10.79 -41.12
CA ASN A 291 -24.21 -10.58 -40.58
C ASN A 291 -24.12 -9.26 -39.82
N ILE A 292 -24.68 -8.21 -40.41
CA ILE A 292 -24.64 -6.90 -39.78
C ILE A 292 -25.34 -6.95 -38.43
N ILE A 293 -26.53 -7.54 -38.40
CA ILE A 293 -27.31 -7.56 -37.17
C ILE A 293 -26.58 -8.34 -36.08
N ILE A 294 -26.05 -9.52 -36.43
CA ILE A 294 -25.38 -10.32 -35.42
C ILE A 294 -24.13 -9.61 -34.93
N GLU A 295 -23.35 -9.01 -35.84
CA GLU A 295 -22.18 -8.24 -35.44
C GLU A 295 -22.57 -7.18 -34.42
N THR A 296 -23.61 -6.41 -34.74
CA THR A 296 -24.09 -5.40 -33.80
C THR A 296 -24.45 -6.04 -32.47
N LYS A 297 -25.02 -7.25 -32.51
CA LYS A 297 -25.41 -7.90 -31.26
C LYS A 297 -24.21 -8.20 -30.38
N LEU A 298 -23.15 -8.77 -30.97
CA LEU A 298 -21.98 -9.06 -30.13
C LEU A 298 -21.36 -7.77 -29.62
N ASN A 299 -21.31 -6.74 -30.46
CA ASN A 299 -20.77 -5.46 -29.99
C ASN A 299 -21.59 -4.92 -28.84
N ALA A 300 -22.91 -5.03 -28.93
CA ALA A 300 -23.78 -4.56 -27.85
C ALA A 300 -23.54 -5.35 -26.58
N ILE A 301 -23.35 -6.67 -26.70
CA ILE A 301 -23.04 -7.48 -25.53
C ILE A 301 -21.74 -6.99 -24.90
N ALA A 302 -20.75 -6.70 -25.74
CA ALA A 302 -19.49 -6.18 -25.24
C ALA A 302 -19.70 -4.90 -24.42
N PHE A 303 -20.42 -3.94 -24.99
CA PHE A 303 -20.64 -2.68 -24.29
C PHE A 303 -21.43 -2.91 -23.00
N VAL A 304 -22.45 -3.76 -23.06
CA VAL A 304 -23.30 -4.00 -21.89
C VAL A 304 -22.47 -4.55 -20.75
N ASN A 305 -21.66 -5.58 -21.02
CA ASN A 305 -20.77 -6.08 -19.99
C ASN A 305 -19.77 -5.02 -19.56
N THR A 306 -19.43 -4.11 -20.47
CA THR A 306 -18.48 -3.05 -20.14
C THR A 306 -19.04 -2.13 -19.06
N ILE A 307 -20.31 -1.75 -19.17
CA ILE A 307 -20.88 -0.75 -18.27
C ILE A 307 -21.59 -1.39 -17.09
N PHE A 308 -22.44 -2.38 -17.33
CA PHE A 308 -23.22 -2.98 -16.26
C PHE A 308 -22.35 -3.89 -15.40
N SER A 309 -22.72 -4.01 -14.12
CA SER A 309 -21.99 -4.85 -13.19
C SER A 309 -22.38 -6.32 -13.38
N PRO A 310 -21.48 -7.25 -13.05
CA PRO A 310 -21.76 -8.68 -13.26
C PRO A 310 -23.04 -9.12 -12.57
N PRO A 311 -23.28 -8.68 -11.32
CA PRO A 311 -24.47 -9.17 -10.61
C PRO A 311 -25.76 -8.90 -11.36
N GLN A 312 -25.89 -7.74 -12.00
CA GLN A 312 -27.09 -7.44 -12.76
C GLN A 312 -27.17 -8.28 -14.03
N VAL A 313 -26.15 -8.16 -14.89
CA VAL A 313 -26.15 -8.90 -16.15
C VAL A 313 -26.28 -10.40 -15.95
N SER A 314 -26.07 -10.88 -14.72
CA SER A 314 -26.22 -12.30 -14.46
C SER A 314 -27.56 -12.82 -14.95
N SER A 315 -28.63 -12.04 -14.77
CA SER A 315 -29.94 -12.39 -15.27
C SER A 315 -30.60 -11.28 -16.08
N LYS A 316 -30.08 -10.06 -16.05
CA LYS A 316 -30.67 -8.97 -16.81
C LYS A 316 -30.63 -9.27 -18.31
N LEU A 317 -29.51 -9.79 -18.79
CA LEU A 317 -29.37 -10.19 -20.19
C LEU A 317 -29.12 -11.68 -20.35
N PHE A 318 -28.24 -12.26 -19.53
CA PHE A 318 -27.92 -13.68 -19.68
C PHE A 318 -29.14 -14.54 -19.43
N GLU A 319 -29.98 -14.17 -18.46
CA GLU A 319 -31.18 -14.95 -18.19
C GLU A 319 -32.11 -14.95 -19.40
N LEU A 320 -32.32 -13.80 -20.02
CA LEU A 320 -33.16 -13.75 -21.22
C LEU A 320 -32.57 -14.58 -22.34
N ASP A 321 -31.25 -14.49 -22.54
CA ASP A 321 -30.56 -15.28 -23.56
C ASP A 321 -29.55 -16.19 -22.88
N PRO A 322 -29.89 -17.45 -22.61
CA PRO A 322 -28.96 -18.33 -21.88
C PRO A 322 -27.96 -19.02 -22.77
N TYR A 323 -28.24 -19.07 -24.08
CA TYR A 323 -27.36 -19.72 -25.04
C TYR A 323 -26.43 -18.69 -25.68
N ALA A 324 -25.66 -18.00 -24.83
CA ALA A 324 -24.76 -16.95 -25.27
C ALA A 324 -23.31 -17.44 -25.38
N PHE A 325 -22.76 -17.94 -24.28
CA PHE A 325 -21.37 -18.41 -24.32
C PHE A 325 -21.20 -19.52 -25.35
N ASN A 326 -22.12 -20.48 -25.35
CA ASN A 326 -22.14 -21.46 -26.43
C ASN A 326 -22.46 -20.75 -27.74
N SER A 327 -21.91 -21.27 -28.82
CA SER A 327 -22.01 -20.68 -30.16
C SER A 327 -21.19 -19.42 -30.29
N LEU A 328 -20.58 -18.93 -29.21
CA LEU A 328 -19.65 -17.80 -29.30
C LEU A 328 -18.26 -18.31 -29.65
N THR A 329 -17.72 -19.22 -28.83
CA THR A 329 -16.46 -19.86 -29.16
C THR A 329 -16.55 -20.72 -30.41
N ASP A 330 -17.75 -21.01 -30.88
CA ASP A 330 -17.92 -21.74 -32.12
C ASP A 330 -17.38 -20.99 -33.33
N LEU A 331 -17.15 -19.69 -33.21
CA LEU A 331 -16.71 -18.87 -34.33
C LEU A 331 -15.22 -18.57 -34.33
N ILE A 332 -14.59 -18.42 -33.17
CA ILE A 332 -13.16 -18.12 -33.11
C ILE A 332 -12.32 -19.38 -33.03
N SER A 333 -12.11 -20.07 -34.16
CA SER A 333 -11.13 -21.14 -34.15
C SER A 333 -10.01 -20.90 -35.15
N LEU A 334 -10.33 -20.98 -36.44
CA LEU A 334 -9.44 -20.54 -37.52
C LEU A 334 -10.03 -20.98 -38.85
N SER A 335 -9.46 -20.50 -39.96
CA SER A 335 -9.86 -20.99 -41.29
C SER A 335 -11.37 -20.96 -41.42
N GLU A 336 -12.01 -22.12 -41.43
CA GLU A 336 -13.47 -22.19 -41.46
C GLU A 336 -14.01 -21.23 -42.52
N THR A 337 -13.72 -21.51 -43.79
CA THR A 337 -13.92 -20.52 -44.83
C THR A 337 -15.41 -20.34 -45.15
N LYS A 338 -16.20 -20.09 -44.13
CA LYS A 338 -17.60 -19.68 -44.26
C LYS A 338 -17.91 -18.47 -43.41
N ILE A 339 -17.33 -18.37 -42.22
CA ILE A 339 -17.63 -17.27 -41.30
C ILE A 339 -17.03 -15.98 -41.84
N PRO A 340 -17.63 -14.82 -41.59
CA PRO A 340 -16.98 -13.56 -42.01
C PRO A 340 -15.80 -13.25 -41.10
N LYS A 341 -14.64 -13.02 -41.72
CA LYS A 341 -13.46 -12.66 -40.94
C LYS A 341 -13.72 -11.47 -40.05
N GLU A 342 -14.52 -10.51 -40.53
CA GLU A 342 -14.92 -9.39 -39.69
C GLU A 342 -15.68 -9.89 -38.48
N LEU A 343 -16.62 -10.81 -38.68
CA LEU A 343 -17.35 -11.39 -37.56
C LEU A 343 -16.41 -12.09 -36.59
N ARG A 344 -15.43 -12.82 -37.13
CA ARG A 344 -14.45 -13.48 -36.28
C ARG A 344 -13.72 -12.47 -35.41
N THR A 345 -13.25 -11.38 -36.02
CA THR A 345 -12.54 -10.37 -35.25
C THR A 345 -13.42 -9.75 -34.18
N ASP A 346 -14.68 -9.43 -34.53
CA ASP A 346 -15.58 -8.86 -33.54
C ASP A 346 -15.77 -9.82 -32.38
N ALA A 347 -15.96 -11.11 -32.68
CA ALA A 347 -16.13 -12.09 -31.61
C ALA A 347 -14.90 -12.14 -30.73
N LEU A 348 -13.70 -12.12 -31.34
CA LEU A 348 -12.47 -12.03 -30.56
C LEU A 348 -12.54 -10.86 -29.59
N PHE A 349 -12.94 -9.69 -30.09
CA PHE A 349 -12.94 -8.49 -29.27
C PHE A 349 -13.81 -8.66 -28.04
N THR A 350 -15.01 -9.22 -28.22
CA THR A 350 -15.95 -9.33 -27.10
C THR A 350 -15.33 -10.11 -25.95
N LEU A 351 -14.81 -11.31 -26.24
CA LEU A 351 -14.22 -12.13 -25.19
C LEU A 351 -13.10 -11.38 -24.49
N GLU A 352 -12.36 -10.56 -25.22
CA GLU A 352 -11.31 -9.76 -24.60
C GLU A 352 -11.90 -8.85 -23.52
N CYS A 353 -13.02 -8.21 -23.82
CA CYS A 353 -13.67 -7.37 -22.82
C CYS A 353 -14.17 -8.20 -21.65
N ILE A 354 -14.87 -9.31 -21.95
CA ILE A 354 -15.46 -10.11 -20.89
C ILE A 354 -14.39 -10.57 -19.90
N SER A 355 -13.30 -11.12 -20.42
CA SER A 355 -12.25 -11.70 -19.59
C SER A 355 -11.54 -10.68 -18.72
N LEU A 356 -11.89 -9.39 -18.81
CA LEU A 356 -11.20 -8.39 -18.01
C LEU A 356 -11.38 -8.66 -16.52
N LYS A 357 -12.59 -9.02 -16.11
CA LYS A 357 -12.87 -9.32 -14.71
C LYS A 357 -12.70 -10.83 -14.46
N HIS A 358 -12.79 -11.20 -13.18
CA HIS A 358 -12.64 -12.58 -12.75
C HIS A 358 -13.98 -13.32 -12.71
N VAL A 359 -14.94 -12.91 -13.55
CA VAL A 359 -16.29 -13.47 -13.48
C VAL A 359 -16.42 -14.64 -14.45
N TRP A 360 -16.21 -14.39 -15.73
CA TRP A 360 -16.52 -15.37 -16.77
C TRP A 360 -15.29 -16.10 -17.29
N CYS A 361 -14.14 -15.97 -16.62
CA CYS A 361 -12.91 -16.58 -17.14
C CYS A 361 -13.03 -18.09 -17.22
N SER A 362 -13.23 -18.75 -16.08
CA SER A 362 -13.28 -20.20 -16.06
C SER A 362 -14.27 -20.73 -17.08
N ASP A 363 -15.42 -20.07 -17.21
CA ASP A 363 -16.41 -20.51 -18.19
C ASP A 363 -15.84 -20.43 -19.59
N ILE A 364 -15.07 -19.38 -19.89
CA ILE A 364 -14.47 -19.26 -21.21
C ILE A 364 -13.49 -20.42 -21.44
N ILE A 365 -12.66 -20.72 -20.45
CA ILE A 365 -11.72 -21.82 -20.60
C ILE A 365 -12.48 -23.11 -20.92
N ARG A 366 -13.50 -23.41 -20.12
CA ARG A 366 -14.24 -24.65 -20.32
C ARG A 366 -14.89 -24.69 -21.69
N ASN A 367 -15.50 -23.58 -22.12
CA ASN A 367 -16.10 -23.54 -23.45
C ASN A 367 -15.05 -23.74 -24.53
N LEU A 368 -13.81 -23.34 -24.28
CA LEU A 368 -12.75 -23.47 -25.27
C LEU A 368 -12.00 -24.79 -25.14
N GLY A 369 -11.51 -25.12 -23.94
CA GLY A 369 -10.81 -26.38 -23.74
C GLY A 369 -9.37 -26.21 -23.35
N GLY A 370 -9.06 -25.15 -22.60
CA GLY A 370 -7.69 -24.87 -22.23
C GLY A 370 -7.23 -25.58 -20.97
N ASN A 371 -7.73 -26.80 -20.73
CA ASN A 371 -7.26 -27.63 -19.64
C ASN A 371 -6.82 -29.02 -20.08
N ILE A 372 -7.10 -29.43 -21.31
CA ILE A 372 -6.63 -30.68 -21.87
C ILE A 372 -5.98 -30.39 -23.21
N SER A 373 -4.82 -31.00 -23.45
CA SER A 373 -4.10 -30.77 -24.70
C SER A 373 -4.98 -31.11 -25.89
N HIS A 374 -4.53 -30.77 -27.09
CA HIS A 374 -5.27 -30.99 -28.33
C HIS A 374 -6.69 -30.43 -28.28
N GLY A 375 -6.92 -29.45 -27.42
CA GLY A 375 -8.22 -28.80 -27.35
C GLY A 375 -8.35 -27.72 -28.42
N LEU A 376 -8.78 -26.53 -28.02
CA LEU A 376 -8.86 -25.39 -28.94
C LEU A 376 -7.66 -24.47 -28.80
N LEU A 377 -7.41 -23.96 -27.59
CA LEU A 377 -6.29 -23.05 -27.36
C LEU A 377 -5.01 -23.62 -27.95
N PHE A 378 -4.65 -24.82 -27.54
CA PHE A 378 -3.34 -25.38 -27.85
C PHE A 378 -3.30 -26.05 -29.21
N GLN A 379 -4.25 -25.72 -30.09
CA GLN A 379 -4.33 -26.26 -31.43
C GLN A 379 -4.29 -25.17 -32.49
N ILE A 380 -5.01 -24.07 -32.25
CA ILE A 380 -4.92 -22.93 -33.16
C ILE A 380 -3.51 -22.38 -33.18
N LEU A 381 -2.75 -22.54 -32.08
CA LEU A 381 -1.34 -22.16 -32.11
C LEU A 381 -0.57 -23.02 -33.11
N ARG A 382 -0.86 -24.32 -33.14
CA ARG A 382 -0.25 -25.18 -34.14
C ARG A 382 -0.62 -24.70 -35.54
N TYR A 383 -1.88 -24.32 -35.73
CA TYR A 383 -2.30 -23.84 -37.05
C TYR A 383 -1.56 -22.57 -37.43
N ILE A 384 -1.40 -21.64 -36.49
CA ILE A 384 -0.68 -20.40 -36.79
C ILE A 384 0.77 -20.70 -37.13
N ALA A 385 1.39 -21.61 -36.38
CA ALA A 385 2.76 -22.02 -36.70
C ALA A 385 2.83 -22.58 -38.11
N LYS A 386 1.84 -23.38 -38.50
CA LYS A 386 1.81 -23.90 -39.86
C LYS A 386 1.71 -22.77 -40.87
N THR A 387 0.87 -21.77 -40.57
CA THR A 387 0.72 -20.65 -41.51
C THR A 387 2.04 -19.90 -41.68
N LEU A 388 2.69 -19.56 -40.57
CA LEU A 388 3.92 -18.77 -40.67
C LEU A 388 5.03 -19.53 -41.38
N ARG A 389 5.11 -20.85 -41.18
CA ARG A 389 6.16 -21.63 -41.82
C ARG A 389 6.13 -21.46 -43.33
N GLU A 390 4.94 -21.48 -43.92
CA GLU A 390 4.78 -21.18 -45.33
C GLU A 390 4.47 -19.70 -45.53
N ALA A 391 3.36 -19.23 -44.96
CA ALA A 391 3.02 -17.83 -44.94
C ALA A 391 2.98 -17.23 -46.35
N THR A 392 2.03 -17.74 -47.14
CA THR A 392 1.85 -17.27 -48.51
C THR A 392 0.41 -16.96 -48.86
N ASP A 393 -0.53 -17.10 -47.92
CA ASP A 393 -1.91 -16.72 -48.18
C ASP A 393 -2.65 -16.58 -46.86
N GLU A 394 -3.71 -15.76 -46.88
CA GLU A 394 -4.59 -15.55 -45.74
C GLU A 394 -3.81 -15.39 -44.44
N ILE A 395 -2.73 -14.61 -44.50
CA ILE A 395 -1.94 -14.31 -43.31
C ILE A 395 -2.49 -13.02 -42.70
N ASP A 396 -3.13 -13.16 -41.54
CA ASP A 396 -3.69 -12.02 -40.81
C ASP A 396 -2.93 -11.91 -39.50
N GLU A 397 -2.79 -10.68 -39.01
CA GLU A 397 -2.01 -10.45 -37.79
C GLU A 397 -2.71 -9.57 -36.77
N GLU A 398 -3.52 -8.60 -37.20
CA GLU A 398 -4.36 -7.89 -36.25
C GLU A 398 -5.23 -8.87 -35.48
N TYR A 399 -5.67 -9.94 -36.15
CA TYR A 399 -6.44 -10.98 -35.51
C TYR A 399 -5.58 -11.84 -34.58
N ASN A 400 -4.29 -12.00 -34.92
CA ASN A 400 -3.42 -12.85 -34.11
C ASN A 400 -3.02 -12.16 -32.82
N VAL A 401 -2.66 -10.88 -32.89
CA VAL A 401 -2.15 -10.20 -31.70
C VAL A 401 -3.18 -10.22 -30.59
N ARG A 402 -4.45 -10.07 -30.95
CA ARG A 402 -5.51 -10.12 -29.95
C ARG A 402 -5.50 -11.46 -29.22
N PHE A 403 -5.13 -12.54 -29.92
CA PHE A 403 -5.04 -13.83 -29.25
C PHE A 403 -4.04 -13.78 -28.12
N PHE A 404 -2.77 -13.54 -28.43
CA PHE A 404 -1.75 -13.49 -27.38
C PHE A 404 -2.17 -12.54 -26.28
N TYR A 405 -2.81 -11.43 -26.64
CA TYR A 405 -3.34 -10.52 -25.62
C TYR A 405 -4.27 -11.28 -24.67
N LEU A 406 -5.25 -11.98 -25.23
CA LEU A 406 -6.22 -12.70 -24.40
C LEU A 406 -5.51 -13.75 -23.55
N ILE A 407 -4.72 -14.62 -24.19
CA ILE A 407 -4.05 -15.70 -23.46
C ILE A 407 -3.22 -15.12 -22.33
N SER A 408 -2.73 -13.88 -22.48
CA SER A 408 -2.14 -13.20 -21.33
C SER A 408 -3.21 -12.77 -20.34
N ASN A 409 -4.39 -12.42 -20.83
CA ASN A 409 -5.45 -11.94 -19.95
C ASN A 409 -5.92 -13.05 -19.01
N LEU A 410 -6.07 -14.27 -19.52
CA LEU A 410 -6.48 -15.38 -18.64
C LEU A 410 -5.43 -15.64 -17.57
N ALA A 411 -4.15 -15.63 -17.95
CA ALA A 411 -3.10 -16.09 -17.05
C ALA A 411 -3.00 -15.22 -15.80
N ASP A 412 -3.57 -14.02 -15.81
CA ASP A 412 -3.56 -13.21 -14.61
C ASP A 412 -4.28 -13.90 -13.47
N VAL A 413 -5.37 -14.61 -13.79
CA VAL A 413 -6.14 -15.33 -12.78
C VAL A 413 -5.34 -16.55 -12.37
N LYS A 414 -4.65 -16.46 -11.24
CA LYS A 414 -3.60 -17.42 -10.92
C LYS A 414 -4.06 -18.88 -11.01
N PRO A 415 -5.19 -19.29 -10.44
CA PRO A 415 -5.56 -20.71 -10.52
C PRO A 415 -6.06 -21.15 -11.89
N LEU A 416 -6.16 -20.23 -12.86
CA LEU A 416 -6.64 -20.59 -14.18
C LEU A 416 -5.53 -20.73 -15.20
N HIS A 417 -4.26 -20.66 -14.79
CA HIS A 417 -3.14 -20.87 -15.70
C HIS A 417 -2.23 -22.00 -15.28
N GLU A 418 -2.43 -22.59 -14.09
CA GLU A 418 -1.78 -23.87 -13.80
C GLU A 418 -2.28 -24.95 -14.74
N SER A 419 -3.58 -24.93 -15.06
CA SER A 419 -4.15 -25.81 -16.06
C SER A 419 -3.79 -25.40 -17.49
N LEU A 420 -3.01 -24.33 -17.65
CA LEU A 420 -2.42 -23.97 -18.93
C LEU A 420 -0.96 -24.33 -19.04
N PHE A 421 -0.17 -24.14 -17.98
CA PHE A 421 1.19 -24.65 -17.98
C PHE A 421 1.20 -26.16 -18.22
N ALA A 422 0.39 -26.89 -17.47
CA ALA A 422 0.18 -28.30 -17.75
C ALA A 422 -0.60 -28.44 -19.05
N ALA A 423 -0.49 -29.63 -19.65
CA ALA A 423 -1.02 -29.98 -20.96
C ALA A 423 -0.16 -29.38 -22.08
N GLY A 424 0.81 -28.54 -21.75
CA GLY A 424 1.80 -28.10 -22.73
C GLY A 424 1.43 -26.82 -23.43
N LEU A 425 2.02 -25.70 -23.02
CA LEU A 425 1.87 -24.44 -23.73
C LEU A 425 3.22 -23.92 -24.21
N ILE A 426 4.19 -23.80 -23.31
CA ILE A 426 5.51 -23.28 -23.69
C ILE A 426 6.07 -24.03 -24.90
N PRO A 427 6.02 -25.37 -24.95
CA PRO A 427 6.55 -26.07 -26.13
C PRO A 427 5.72 -25.88 -27.39
N THR A 428 4.61 -25.16 -27.33
CA THR A 428 3.84 -24.84 -28.54
C THR A 428 4.10 -23.43 -29.03
N LEU A 429 4.17 -22.45 -28.13
CA LEU A 429 4.62 -21.12 -28.53
C LEU A 429 6.07 -21.14 -28.99
N LEU A 430 6.92 -21.92 -28.29
CA LEU A 430 8.34 -21.89 -28.60
C LEU A 430 8.62 -22.24 -30.05
N GLU A 431 7.73 -22.96 -30.71
CA GLU A 431 7.88 -23.22 -32.14
C GLU A 431 7.25 -22.12 -33.00
N ILE A 432 6.45 -21.23 -32.41
CA ILE A 432 6.04 -20.03 -33.15
C ILE A 432 7.23 -19.09 -33.31
N VAL A 433 8.05 -18.97 -32.27
CA VAL A 433 9.35 -18.32 -32.35
C VAL A 433 10.34 -19.33 -32.91
N SER A 434 11.51 -18.86 -33.31
CA SER A 434 12.60 -19.63 -33.92
C SER A 434 12.44 -19.72 -35.42
N ILE A 435 11.35 -19.22 -36.00
CA ILE A 435 11.25 -19.16 -37.45
C ILE A 435 12.34 -18.25 -37.98
N ARG A 436 12.83 -18.55 -39.18
CA ARG A 436 13.92 -17.80 -39.80
C ARG A 436 13.46 -17.20 -41.12
N ASN A 437 14.01 -16.04 -41.45
CA ASN A 437 13.67 -15.34 -42.67
C ASN A 437 12.20 -14.95 -42.70
N CYS A 438 11.61 -14.73 -41.53
CA CYS A 438 10.19 -14.39 -41.47
C CYS A 438 10.00 -12.95 -41.93
N PRO A 439 9.22 -12.69 -42.98
CA PRO A 439 8.97 -11.31 -43.41
C PRO A 439 7.77 -10.70 -42.68
N TYR A 440 7.35 -11.33 -41.59
CA TYR A 440 6.15 -10.95 -40.86
C TYR A 440 6.47 -10.76 -39.39
N LYS A 441 7.48 -9.95 -39.12
CA LYS A 441 8.03 -9.82 -37.77
C LYS A 441 7.12 -9.08 -36.81
N ARG A 442 5.91 -8.75 -37.25
CA ARG A 442 4.97 -8.05 -36.35
C ARG A 442 4.54 -8.95 -35.20
N THR A 443 4.07 -10.16 -35.50
CA THR A 443 3.53 -11.03 -34.46
C THR A 443 4.60 -11.40 -33.44
N LEU A 444 5.79 -11.76 -33.91
CA LEU A 444 6.80 -12.29 -33.01
C LEU A 444 7.07 -11.35 -31.86
N ALA A 445 6.96 -10.04 -32.08
CA ALA A 445 7.09 -9.10 -30.96
C ALA A 445 6.04 -9.38 -29.90
N SER A 446 4.78 -9.49 -30.33
CA SER A 446 3.70 -9.75 -29.38
C SER A 446 3.87 -11.09 -28.69
N ALA A 447 4.28 -12.12 -29.45
CA ALA A 447 4.45 -13.44 -28.85
C ALA A 447 5.56 -13.43 -27.81
N THR A 448 6.68 -12.78 -28.12
CA THR A 448 7.75 -12.64 -27.14
C THR A 448 7.25 -11.89 -25.91
N HIS A 449 6.43 -10.86 -26.12
CA HIS A 449 5.86 -10.13 -24.99
C HIS A 449 5.02 -11.05 -24.13
N LEU A 450 4.21 -11.91 -24.77
CA LEU A 450 3.38 -12.84 -24.02
C LEU A 450 4.24 -13.81 -23.22
N LEU A 451 5.31 -14.33 -23.83
CA LEU A 451 6.19 -15.22 -23.10
C LEU A 451 6.83 -14.51 -21.90
N GLU A 452 7.22 -13.25 -22.10
CA GLU A 452 7.77 -12.48 -20.99
C GLU A 452 6.76 -12.38 -19.86
N THR A 453 5.51 -12.07 -20.19
CA THR A 453 4.49 -11.93 -19.17
C THR A 453 4.25 -13.26 -18.45
N PHE A 454 4.28 -14.36 -19.20
CA PHE A 454 3.92 -15.66 -18.64
C PHE A 454 5.01 -16.24 -17.75
N ILE A 455 6.28 -15.97 -18.06
CA ILE A 455 7.39 -16.60 -17.37
C ILE A 455 7.73 -15.74 -16.16
N ASP A 456 7.27 -16.15 -14.99
CA ASP A 456 7.52 -15.39 -13.77
C ASP A 456 8.10 -16.21 -12.63
N ASN A 457 7.68 -17.47 -12.47
CA ASN A 457 8.06 -18.25 -11.31
C ASN A 457 9.36 -19.01 -11.56
N SER A 458 9.84 -19.68 -10.51
CA SER A 458 11.00 -20.54 -10.63
C SER A 458 10.71 -21.83 -11.36
N GLU A 459 9.45 -22.11 -11.66
CA GLU A 459 9.06 -23.38 -12.27
C GLU A 459 9.15 -23.34 -13.79
N THR A 460 8.39 -22.46 -14.43
CA THR A 460 8.32 -22.45 -15.89
C THR A 460 9.67 -22.12 -16.51
N THR A 461 10.51 -21.35 -15.80
CA THR A 461 11.83 -21.03 -16.32
C THR A 461 12.60 -22.30 -16.66
N THR A 462 12.58 -23.28 -15.76
CA THR A 462 13.32 -24.52 -16.00
C THR A 462 12.81 -25.23 -17.24
N GLU A 463 11.48 -25.30 -17.41
CA GLU A 463 10.94 -25.97 -18.59
C GLU A 463 11.35 -25.24 -19.86
N PHE A 464 11.35 -23.90 -19.83
CA PHE A 464 11.74 -23.15 -21.02
C PHE A 464 13.14 -23.52 -21.46
N ILE A 465 14.11 -23.49 -20.53
CA ILE A 465 15.50 -23.77 -20.90
C ILE A 465 15.62 -25.20 -21.43
N GLU A 466 15.08 -26.17 -20.69
CA GLU A 466 15.21 -27.57 -21.08
C GLU A 466 14.68 -27.84 -22.48
N ASN A 467 13.95 -26.90 -23.07
CA ASN A 467 13.56 -26.99 -24.47
C ASN A 467 14.49 -26.18 -25.37
N ASP A 468 15.64 -25.74 -24.85
CA ASP A 468 16.61 -24.97 -25.61
C ASP A 468 15.96 -23.75 -26.26
N GLY A 469 15.50 -22.85 -25.38
CA GLY A 469 15.08 -21.53 -25.80
C GLY A 469 16.23 -20.56 -25.65
N PHE A 470 16.84 -20.54 -24.47
CA PHE A 470 18.15 -19.90 -24.34
C PHE A 470 19.11 -20.60 -25.29
N THR A 471 19.90 -19.80 -26.02
CA THR A 471 20.67 -20.25 -27.18
C THR A 471 19.77 -20.29 -28.42
N MET A 472 18.54 -19.77 -28.33
CA MET A 472 17.75 -19.42 -29.49
C MET A 472 17.68 -17.92 -29.70
N LEU A 473 17.43 -17.15 -28.64
CA LEU A 473 17.37 -15.70 -28.78
C LEU A 473 18.74 -15.11 -29.05
N ILE A 474 19.79 -15.63 -28.41
CA ILE A 474 21.12 -15.05 -28.54
C ILE A 474 21.76 -15.56 -29.82
N THR A 475 21.01 -16.28 -30.63
CA THR A 475 21.41 -16.60 -31.98
C THR A 475 20.43 -16.08 -33.02
N SER A 476 19.23 -15.64 -32.62
CA SER A 476 18.34 -14.95 -33.53
C SER A 476 18.65 -13.46 -33.59
N VAL A 477 18.98 -12.86 -32.45
CA VAL A 477 19.28 -11.43 -32.43
C VAL A 477 20.52 -11.12 -33.25
N ALA A 478 21.52 -12.01 -33.20
CA ALA A 478 22.73 -11.78 -33.99
C ALA A 478 22.41 -11.73 -35.47
N ASN A 479 21.64 -12.71 -35.96
CA ASN A 479 21.25 -12.70 -37.37
C ASN A 479 20.42 -11.46 -37.68
N GLU A 480 19.50 -11.09 -36.80
CA GLU A 480 18.69 -9.91 -37.02
C GLU A 480 19.56 -8.67 -37.18
N ILE A 481 20.47 -8.45 -36.24
CA ILE A 481 21.32 -7.27 -36.29
C ILE A 481 22.15 -7.26 -37.56
N ASP A 482 22.82 -8.37 -37.87
CA ASP A 482 23.69 -8.40 -39.03
C ASP A 482 22.90 -8.16 -40.31
N PHE A 483 21.72 -8.78 -40.43
CA PHE A 483 20.87 -8.52 -41.59
C PHE A 483 20.42 -7.07 -41.64
N THR A 484 20.35 -6.41 -40.48
CA THR A 484 19.82 -5.04 -40.46
C THR A 484 20.67 -4.10 -41.31
N LEU A 485 21.99 -4.22 -41.22
CA LEU A 485 22.88 -3.38 -42.01
C LEU A 485 23.05 -3.87 -43.44
N ALA A 486 22.52 -5.04 -43.77
CA ALA A 486 22.81 -5.65 -45.06
C ALA A 486 22.20 -4.86 -46.21
N HIS A 487 20.91 -4.54 -46.11
CA HIS A 487 20.14 -4.06 -47.27
C HIS A 487 19.63 -2.64 -47.05
N PRO A 488 20.30 -1.62 -47.60
CA PRO A 488 19.77 -0.25 -47.47
C PRO A 488 18.43 -0.05 -48.15
N GLU A 489 18.05 -0.91 -49.11
CA GLU A 489 16.74 -0.79 -49.73
C GLU A 489 15.62 -1.01 -48.72
N THR A 490 15.95 -1.57 -47.56
CA THR A 490 15.07 -1.56 -46.40
C THR A 490 15.15 -0.17 -45.78
N TRP A 491 14.75 -0.04 -44.52
CA TRP A 491 14.81 1.23 -43.83
C TRP A 491 13.86 2.26 -44.44
N GLN A 492 12.56 1.99 -44.34
CA GLN A 492 11.52 2.97 -44.66
C GLN A 492 11.02 3.57 -43.36
N PRO A 493 11.56 4.70 -42.91
CA PRO A 493 11.24 5.21 -41.58
C PRO A 493 10.04 6.13 -41.59
N PRO A 494 9.67 6.69 -40.44
CA PRO A 494 8.50 7.57 -40.39
C PRO A 494 8.62 8.73 -41.36
N LYS A 495 7.50 9.45 -41.51
CA LYS A 495 7.43 10.61 -42.39
C LYS A 495 6.93 11.88 -41.73
N TYR A 496 6.15 11.78 -40.65
CA TYR A 496 5.65 12.95 -39.92
C TYR A 496 5.93 12.74 -38.43
N SER A 497 7.16 13.04 -38.01
CA SER A 497 7.50 12.88 -36.60
C SER A 497 8.91 13.36 -36.31
N VAL A 498 9.30 13.29 -35.03
CA VAL A 498 10.67 13.56 -34.60
C VAL A 498 11.28 12.22 -34.22
N VAL A 499 12.39 11.86 -34.86
CA VAL A 499 12.92 10.50 -34.79
C VAL A 499 14.43 10.54 -34.55
N TYR A 500 14.97 9.38 -34.17
CA TYR A 500 16.40 9.18 -34.01
C TYR A 500 16.91 7.89 -34.63
N TYR A 501 16.03 7.08 -35.22
CA TYR A 501 16.44 5.83 -35.86
C TYR A 501 16.47 5.92 -37.38
N SER A 502 15.40 6.40 -37.99
CA SER A 502 15.32 6.58 -39.43
C SER A 502 15.57 5.28 -40.20
N ILE A 503 15.02 4.16 -39.70
CA ILE A 503 15.03 2.94 -40.51
C ILE A 503 13.62 2.39 -40.71
N SER A 504 13.01 1.86 -39.65
CA SER A 504 11.68 1.28 -39.73
C SER A 504 11.25 0.88 -38.33
N PHE A 505 9.99 1.16 -38.00
CA PHE A 505 9.55 0.98 -36.62
C PHE A 505 9.49 -0.50 -36.23
N ARG A 506 8.96 -1.35 -37.11
CA ARG A 506 8.67 -2.71 -36.71
C ARG A 506 9.95 -3.47 -36.33
N GLU A 507 11.00 -3.32 -37.11
CA GLU A 507 12.25 -4.00 -36.78
C GLU A 507 12.78 -3.51 -35.44
N LEU A 508 12.67 -2.21 -35.19
CA LEU A 508 13.09 -1.69 -33.90
C LEU A 508 12.30 -2.34 -32.77
N ALA A 509 10.98 -2.46 -32.95
CA ALA A 509 10.16 -3.08 -31.92
C ALA A 509 10.57 -4.54 -31.71
N TYR A 510 10.83 -5.26 -32.80
CA TYR A 510 11.21 -6.66 -32.70
C TYR A 510 12.50 -6.82 -31.92
N ILE A 511 13.54 -6.07 -32.29
CA ILE A 511 14.81 -6.18 -31.59
C ILE A 511 14.65 -5.74 -30.14
N ARG A 512 13.81 -4.73 -29.90
CA ARG A 512 13.57 -4.27 -28.54
C ARG A 512 12.95 -5.38 -27.70
N SER A 513 11.97 -6.09 -28.27
CA SER A 513 11.33 -7.16 -27.53
C SER A 513 12.29 -8.29 -27.22
N LEU A 514 13.11 -8.68 -28.20
CA LEU A 514 14.08 -9.74 -27.94
C LEU A 514 15.07 -9.31 -26.86
N LEU A 515 15.55 -8.06 -26.95
CA LEU A 515 16.47 -7.56 -25.95
C LEU A 515 15.82 -7.53 -24.58
N LYS A 516 14.55 -7.14 -24.51
CA LYS A 516 13.83 -7.11 -23.24
C LYS A 516 13.74 -8.51 -22.65
N LEU A 517 13.43 -9.50 -23.47
CA LEU A 517 13.30 -10.86 -22.96
C LEU A 517 14.63 -11.37 -22.41
N VAL A 518 15.72 -11.16 -23.15
CA VAL A 518 17.02 -11.60 -22.64
C VAL A 518 17.37 -10.83 -21.37
N LEU A 519 17.09 -9.53 -21.36
CA LEU A 519 17.34 -8.72 -20.18
C LEU A 519 16.64 -9.30 -18.96
N LYS A 520 15.38 -9.70 -19.11
CA LYS A 520 14.67 -10.31 -18.00
C LYS A 520 15.31 -11.63 -17.60
N LEU A 521 15.57 -12.51 -18.56
CA LEU A 521 16.08 -13.83 -18.24
C LEU A 521 17.49 -13.78 -17.66
N LEU A 522 18.19 -12.66 -17.77
CA LEU A 522 19.54 -12.56 -17.23
C LEU A 522 19.58 -12.53 -15.71
N SER A 523 18.43 -12.45 -15.04
CA SER A 523 18.42 -12.20 -13.60
C SER A 523 17.78 -13.34 -12.81
N THR A 524 18.14 -14.58 -13.13
CA THR A 524 17.71 -15.74 -12.35
C THR A 524 18.88 -16.41 -11.65
N ASP A 525 19.90 -16.82 -12.40
CA ASP A 525 21.12 -17.39 -11.83
C ASP A 525 22.39 -16.82 -12.41
N SER A 526 22.33 -16.17 -13.57
CA SER A 526 23.49 -15.45 -14.10
C SER A 526 24.57 -16.40 -14.60
N GLY A 527 25.30 -17.00 -13.66
CA GLY A 527 26.47 -17.79 -13.99
C GLY A 527 26.32 -18.62 -15.25
N ASP A 528 25.19 -19.30 -15.39
CA ASP A 528 24.95 -20.10 -16.57
C ASP A 528 24.70 -19.20 -17.79
N ARG A 529 23.86 -18.18 -17.64
CA ARG A 529 23.54 -17.32 -18.78
C ARG A 529 24.78 -16.60 -19.28
N ILE A 530 25.62 -16.13 -18.36
CA ILE A 530 26.84 -15.42 -18.78
C ILE A 530 27.74 -16.34 -19.59
N ARG A 531 27.94 -17.57 -19.11
CA ARG A 531 28.77 -18.51 -19.86
C ARG A 531 28.19 -18.77 -21.23
N ASN A 532 26.89 -19.07 -21.31
CA ASN A 532 26.28 -19.29 -22.60
C ASN A 532 26.37 -18.06 -23.49
N LEU A 533 26.44 -16.87 -22.87
CA LEU A 533 26.53 -15.64 -23.65
C LEU A 533 27.92 -15.48 -24.25
N ILE A 534 28.96 -15.81 -23.47
CA ILE A 534 30.33 -15.65 -23.97
C ILE A 534 30.54 -16.49 -25.22
N ASP A 535 30.14 -17.76 -25.18
CA ASP A 535 30.37 -18.68 -26.28
C ASP A 535 29.31 -18.49 -27.37
N SER A 536 29.31 -17.31 -27.96
CA SER A 536 28.33 -16.98 -28.98
C SER A 536 28.71 -15.67 -29.67
N PRO A 537 28.32 -15.48 -30.93
CA PRO A 537 28.67 -14.25 -31.65
C PRO A 537 27.73 -13.09 -31.33
N ILE A 538 27.60 -12.79 -30.04
CA ILE A 538 26.75 -11.71 -29.57
C ILE A 538 27.57 -10.51 -29.11
N LEU A 539 28.66 -10.74 -28.38
CA LEU A 539 29.44 -9.63 -27.87
C LEU A 539 30.00 -8.78 -29.01
N VAL A 540 30.55 -9.42 -30.03
CA VAL A 540 31.05 -8.66 -31.17
C VAL A 540 29.89 -8.03 -31.93
N SER A 541 28.73 -8.70 -31.98
CA SER A 541 27.59 -8.13 -32.68
C SER A 541 27.06 -6.90 -31.98
N LEU A 542 27.10 -6.89 -30.64
CA LEU A 542 26.54 -5.76 -29.89
C LEU A 542 27.23 -4.46 -30.25
N LYS A 543 28.56 -4.48 -30.39
CA LYS A 543 29.28 -3.26 -30.72
C LYS A 543 28.70 -2.58 -31.94
N LYS A 544 28.22 -3.36 -32.91
CA LYS A 544 27.71 -2.78 -34.14
C LYS A 544 26.63 -1.74 -33.85
N ILE A 545 25.87 -1.92 -32.78
CA ILE A 545 24.83 -0.94 -32.42
C ILE A 545 25.47 0.40 -32.09
N LEU A 546 26.32 0.43 -31.07
CA LEU A 546 26.95 1.68 -30.67
C LEU A 546 27.76 2.29 -31.81
N GLU A 547 28.08 1.51 -32.84
CA GLU A 547 28.91 2.02 -33.93
C GLU A 547 28.25 3.20 -34.62
N ASN A 548 26.94 3.13 -34.84
CA ASN A 548 26.25 4.19 -35.57
C ASN A 548 24.81 4.28 -35.09
N LYS A 549 24.54 5.23 -34.20
CA LYS A 549 23.19 5.43 -33.70
C LYS A 549 22.30 6.18 -34.68
N LEU A 550 22.86 6.73 -35.75
CA LEU A 550 22.07 7.48 -36.72
C LEU A 550 21.18 6.58 -37.55
N VAL A 551 21.35 5.26 -37.48
CA VAL A 551 20.57 4.32 -38.26
C VAL A 551 19.82 3.32 -37.37
N PHE A 552 19.91 3.47 -36.06
CA PHE A 552 19.26 2.52 -35.14
C PHE A 552 18.21 3.14 -34.26
N GLY A 553 18.45 4.33 -33.72
CA GLY A 553 17.56 4.93 -32.75
C GLY A 553 18.25 5.13 -31.42
N LEU A 554 17.51 5.71 -30.49
CA LEU A 554 18.08 6.10 -29.21
C LEU A 554 17.70 5.17 -28.07
N THR A 555 16.52 4.53 -28.14
CA THR A 555 16.13 3.61 -27.08
C THR A 555 17.07 2.41 -26.99
N LEU A 556 17.45 1.85 -28.15
CA LEU A 556 18.25 0.63 -28.16
C LEU A 556 19.49 0.75 -27.29
N ILE A 557 20.20 1.88 -27.42
CA ILE A 557 21.41 2.06 -26.63
C ILE A 557 21.11 1.94 -25.15
N THR A 558 19.89 2.31 -24.74
CA THR A 558 19.51 2.15 -23.34
C THR A 558 19.63 0.68 -22.91
N TYR A 559 19.00 -0.21 -23.66
CA TYR A 559 19.04 -1.63 -23.30
C TYR A 559 20.44 -2.20 -23.44
N THR A 560 21.17 -1.79 -24.49
CA THR A 560 22.53 -2.29 -24.66
C THR A 560 23.39 -1.93 -23.46
N LEU A 561 23.34 -0.66 -23.04
CA LEU A 561 24.15 -0.20 -21.93
C LEU A 561 23.71 -0.85 -20.62
N ASP A 562 22.40 -1.06 -20.44
CA ASP A 562 21.94 -1.76 -19.25
C ASP A 562 22.48 -3.20 -19.21
N VAL A 563 22.42 -3.89 -20.34
CA VAL A 563 22.99 -5.23 -20.42
C VAL A 563 24.45 -5.20 -20.01
N VAL A 564 25.20 -4.24 -20.55
CA VAL A 564 26.62 -4.14 -20.21
C VAL A 564 26.80 -3.86 -18.72
N GLN A 565 25.92 -3.04 -18.14
CA GLN A 565 26.14 -2.60 -16.77
C GLN A 565 25.84 -3.70 -15.77
N LYS A 566 24.78 -4.49 -16.00
CA LYS A 566 24.42 -5.49 -15.01
C LYS A 566 25.38 -6.67 -15.00
N VAL A 567 25.80 -7.12 -16.18
CA VAL A 567 26.67 -8.30 -16.25
C VAL A 567 27.98 -8.03 -15.52
N ILE A 568 28.57 -6.86 -15.75
CA ILE A 568 29.86 -6.56 -15.13
C ILE A 568 29.69 -6.52 -13.61
N ASN A 569 28.59 -5.95 -13.13
CA ASN A 569 28.31 -6.00 -11.70
C ASN A 569 28.11 -7.44 -11.25
N SER A 570 27.38 -8.22 -12.04
CA SER A 570 27.10 -9.61 -11.67
C SER A 570 28.39 -10.42 -11.59
N GLU A 571 29.27 -10.27 -12.58
CA GLU A 571 30.56 -10.96 -12.60
C GLU A 571 31.68 -9.96 -12.41
N PRO A 572 32.45 -10.01 -11.32
CA PRO A 572 33.60 -9.11 -11.20
C PRO A 572 34.78 -9.54 -12.06
N THR A 573 35.00 -10.86 -12.14
CA THR A 573 36.17 -11.40 -12.85
C THR A 573 35.82 -11.75 -14.29
N ILE A 574 35.22 -10.81 -15.02
CA ILE A 574 34.90 -11.01 -16.43
C ILE A 574 35.39 -9.82 -17.24
N TYR A 575 35.86 -8.77 -16.56
CA TYR A 575 36.24 -7.54 -17.25
C TYR A 575 37.22 -7.75 -18.38
N PRO A 576 38.33 -8.48 -18.20
CA PRO A 576 39.33 -8.53 -19.29
C PRO A 576 38.76 -9.01 -20.61
N VAL A 577 37.87 -10.01 -20.60
CA VAL A 577 37.30 -10.47 -21.86
C VAL A 577 36.52 -9.33 -22.52
N LEU A 578 35.84 -8.52 -21.70
CA LEU A 578 35.17 -7.35 -22.24
C LEU A 578 36.17 -6.31 -22.75
N VAL A 579 37.36 -6.26 -22.16
CA VAL A 579 38.34 -5.25 -22.56
C VAL A 579 38.63 -5.37 -24.05
N GLU A 580 38.95 -6.58 -24.50
CA GLU A 580 39.09 -6.81 -25.93
C GLU A 580 37.70 -6.90 -26.56
N ALA A 581 37.68 -7.11 -27.88
CA ALA A 581 36.51 -7.04 -28.74
C ALA A 581 36.10 -5.60 -28.99
N GLY A 582 36.73 -4.61 -28.35
CA GLY A 582 36.52 -3.22 -28.66
C GLY A 582 35.32 -2.56 -28.02
N LEU A 583 34.55 -3.27 -27.20
CA LEU A 583 33.36 -2.68 -26.61
C LEU A 583 33.71 -1.53 -25.67
N ILE A 584 34.39 -1.83 -24.56
CA ILE A 584 34.64 -0.81 -23.54
C ILE A 584 35.48 0.34 -24.10
N PRO A 585 36.62 0.11 -24.74
CA PRO A 585 37.39 1.23 -25.28
C PRO A 585 36.59 2.11 -26.22
N TYR A 586 35.62 1.54 -26.93
CA TYR A 586 34.76 2.35 -27.78
C TYR A 586 33.88 3.26 -26.94
N VAL A 587 33.39 2.78 -25.80
CA VAL A 587 32.50 3.58 -24.97
C VAL A 587 33.25 4.76 -24.37
N ILE A 588 34.39 4.50 -23.74
CA ILE A 588 35.08 5.55 -23.00
C ILE A 588 35.49 6.69 -23.94
N ASP A 589 36.04 6.34 -25.09
CA ASP A 589 36.52 7.35 -26.04
C ASP A 589 35.41 8.00 -26.83
N ASN A 590 34.14 7.77 -26.48
CA ASN A 590 33.05 8.40 -27.21
C ASN A 590 31.93 8.85 -26.27
N PHE A 591 32.22 9.09 -24.99
CA PHE A 591 31.17 9.46 -24.05
C PHE A 591 30.35 10.66 -24.50
N PRO A 592 30.95 11.76 -24.95
CA PRO A 592 30.17 12.89 -25.47
C PRO A 592 29.69 12.67 -26.90
N LYS A 593 29.26 11.45 -27.21
CA LYS A 593 28.75 11.13 -28.53
C LYS A 593 27.51 10.23 -28.47
N LEU A 594 26.95 10.01 -27.29
CA LEU A 594 25.80 9.14 -27.13
C LEU A 594 24.61 9.80 -26.46
N ILE A 595 24.83 10.78 -25.58
CA ILE A 595 23.74 11.34 -24.79
C ILE A 595 22.69 11.95 -25.71
N GLY A 596 21.45 11.98 -25.23
CA GLY A 596 20.35 12.55 -25.96
C GLY A 596 19.15 12.82 -25.07
N PRO A 597 18.11 13.40 -25.63
CA PRO A 597 16.91 13.74 -24.83
C PRO A 597 16.00 12.55 -24.59
N SER A 598 16.47 11.61 -23.76
CA SER A 598 15.68 10.44 -23.38
C SER A 598 15.72 10.31 -21.87
N ALA A 599 14.55 10.09 -21.26
CA ALA A 599 14.46 10.05 -19.81
C ALA A 599 15.33 8.95 -19.22
N GLU A 600 15.04 7.70 -19.60
CA GLU A 600 15.73 6.57 -18.97
C GLU A 600 17.24 6.65 -19.20
N LEU A 601 17.65 6.99 -20.42
CA LEU A 601 19.08 7.04 -20.72
C LEU A 601 19.79 7.99 -19.77
N LEU A 602 19.31 9.23 -19.66
CA LEU A 602 19.99 10.22 -18.83
C LEU A 602 20.06 9.76 -17.38
N SER A 603 18.98 9.24 -16.85
CA SER A 603 19.00 8.74 -15.48
C SER A 603 19.77 7.45 -15.34
N LEU A 604 20.40 6.97 -16.41
CA LEU A 604 21.15 5.73 -16.37
C LEU A 604 22.67 5.94 -16.41
N LEU A 605 23.14 7.15 -16.63
CA LEU A 605 24.59 7.37 -16.68
C LEU A 605 25.28 7.06 -15.37
N PRO A 606 24.79 7.48 -14.19
CA PRO A 606 25.64 7.39 -12.99
C PRO A 606 26.13 6.00 -12.68
N ASP A 607 25.30 4.97 -12.87
CA ASP A 607 25.74 3.61 -12.54
C ASP A 607 26.69 3.07 -13.60
N VAL A 608 26.48 3.42 -14.87
CA VAL A 608 27.34 2.93 -15.93
C VAL A 608 28.79 3.34 -15.65
N VAL A 609 29.01 4.62 -15.36
CA VAL A 609 30.33 5.08 -14.98
C VAL A 609 30.75 4.44 -13.67
N SER A 610 29.80 4.03 -12.83
CA SER A 610 30.12 3.29 -11.61
C SER A 610 30.65 1.90 -11.92
N ALA A 611 30.51 1.43 -13.15
CA ALA A 611 30.99 0.11 -13.55
C ALA A 611 32.31 0.18 -14.30
N ILE A 612 32.41 1.07 -15.28
CA ILE A 612 33.63 1.22 -16.08
C ILE A 612 34.82 1.49 -15.17
N CYS A 613 34.55 1.92 -13.93
CA CYS A 613 35.58 2.21 -12.95
C CYS A 613 35.61 1.17 -11.84
N LEU A 614 35.41 -0.10 -12.18
CA LEU A 614 35.44 -1.16 -11.18
C LEU A 614 36.83 -1.75 -10.96
N ASN A 615 37.80 -1.39 -11.79
CA ASN A 615 39.18 -1.82 -11.66
C ASN A 615 40.09 -0.61 -11.80
N PRO A 616 41.30 -0.67 -11.24
CA PRO A 616 42.13 0.55 -11.17
C PRO A 616 42.36 1.23 -12.50
N GLU A 617 42.50 0.47 -13.59
CA GLU A 617 42.71 1.10 -14.89
C GLU A 617 41.54 2.02 -15.24
N GLY A 618 40.32 1.53 -15.07
CA GLY A 618 39.15 2.37 -15.32
C GLY A 618 39.10 3.57 -14.41
N LEU A 619 39.44 3.38 -13.14
CA LEU A 619 39.42 4.50 -12.20
C LEU A 619 40.37 5.60 -12.64
N LYS A 620 41.60 5.22 -13.02
CA LYS A 620 42.57 6.21 -13.46
C LYS A 620 42.11 6.89 -14.75
N GLN A 621 41.56 6.11 -15.69
CA GLN A 621 41.08 6.72 -16.92
C GLN A 621 39.94 7.69 -16.65
N VAL A 622 39.09 7.37 -15.67
CA VAL A 622 37.99 8.28 -15.32
C VAL A 622 38.55 9.57 -14.72
N LYS A 623 39.51 9.43 -13.79
CA LYS A 623 40.15 10.63 -13.25
C LYS A 623 40.73 11.49 -14.36
N GLU A 624 41.29 10.85 -15.37
CA GLU A 624 41.75 11.54 -16.58
C GLU A 624 40.62 11.52 -17.61
N LYS A 625 40.94 11.90 -18.84
CA LYS A 625 40.07 11.75 -20.01
C LYS A 625 38.83 12.63 -19.95
N GLY A 626 38.62 13.40 -18.89
CA GLY A 626 37.48 14.29 -18.82
C GLY A 626 36.15 13.57 -18.89
N LEU A 627 35.97 12.52 -18.09
CA LEU A 627 34.70 11.82 -18.05
C LEU A 627 33.69 12.53 -17.17
N ILE A 628 34.05 12.77 -15.90
CA ILE A 628 33.11 13.36 -14.96
C ILE A 628 32.60 14.70 -15.47
N ASN A 629 33.51 15.54 -15.97
CA ASN A 629 33.13 16.86 -16.45
C ASN A 629 31.97 16.77 -17.43
N ASN A 630 32.01 15.79 -18.33
CA ASN A 630 30.90 15.60 -19.27
C ASN A 630 29.68 15.00 -18.59
N LEU A 631 29.84 14.34 -17.45
CA LEU A 631 28.69 13.83 -16.73
C LEU A 631 27.72 14.95 -16.37
N PHE A 632 28.25 16.03 -15.78
CA PHE A 632 27.49 17.25 -15.60
C PHE A 632 27.53 18.02 -16.92
N ASP A 633 27.16 19.29 -16.92
CA ASP A 633 26.93 19.99 -18.16
C ASP A 633 25.71 19.36 -18.82
N PHE A 634 25.37 19.78 -20.04
CA PHE A 634 24.19 19.31 -20.76
C PHE A 634 22.91 19.69 -20.01
N LEU A 635 23.05 20.30 -18.83
CA LEU A 635 21.91 20.90 -18.13
C LEU A 635 21.74 22.35 -18.51
N LEU A 636 22.65 22.89 -19.31
CA LEU A 636 22.59 24.27 -19.77
C LEU A 636 21.81 24.41 -21.08
N ASP A 637 21.32 23.31 -21.64
CA ASP A 637 20.43 23.34 -22.78
C ASP A 637 19.03 22.95 -22.31
N ALA A 638 18.03 23.69 -22.78
CA ALA A 638 16.68 23.50 -22.27
C ALA A 638 16.17 22.09 -22.56
N ASP A 639 16.44 21.58 -23.76
CA ASP A 639 15.86 20.30 -24.15
C ASP A 639 16.27 19.18 -23.20
N HIS A 640 17.57 19.11 -22.87
CA HIS A 640 18.04 18.02 -22.02
C HIS A 640 17.47 18.15 -20.61
N ALA A 641 17.48 19.35 -20.04
CA ALA A 641 17.00 19.53 -18.68
C ALA A 641 15.49 19.49 -18.58
N ARG A 642 14.78 19.51 -19.70
CA ARG A 642 13.32 19.52 -19.66
C ARG A 642 12.77 18.14 -19.31
N ILE A 643 13.15 17.12 -20.07
CA ILE A 643 12.53 15.80 -19.97
C ILE A 643 12.48 15.35 -18.52
N LEU A 644 13.58 15.51 -17.79
CA LEU A 644 13.56 15.16 -16.37
C LEU A 644 12.53 16.02 -15.62
N THR A 645 12.49 17.31 -15.94
CA THR A 645 11.48 18.24 -15.44
C THR A 645 11.33 18.24 -13.92
N GLY A 646 12.29 17.65 -13.21
CA GLY A 646 12.16 17.59 -11.76
C GLY A 646 10.85 17.00 -11.29
N GLY A 647 10.30 16.05 -12.06
CA GLY A 647 9.08 15.38 -11.66
C GLY A 647 9.37 14.16 -10.83
N ASP A 648 10.32 14.30 -9.89
CA ASP A 648 10.84 13.21 -9.08
C ASP A 648 11.79 12.33 -9.89
N ARG A 649 11.85 12.56 -11.20
CA ARG A 649 12.87 11.89 -12.02
C ARG A 649 14.23 12.52 -11.80
N SER A 650 14.28 13.86 -11.77
CA SER A 650 15.57 14.55 -11.65
C SER A 650 16.24 14.21 -10.32
N THR A 651 15.49 14.29 -9.21
CA THR A 651 16.10 14.06 -7.91
C THR A 651 16.77 12.69 -7.84
N GLU A 652 16.26 11.71 -8.59
CA GLU A 652 16.93 10.43 -8.66
C GLU A 652 18.36 10.60 -9.16
N TYR A 653 18.55 11.47 -10.16
CA TYR A 653 19.89 11.75 -10.67
C TYR A 653 20.82 12.20 -9.54
N GLY A 654 20.36 13.16 -8.74
CA GLY A 654 21.18 13.65 -7.65
C GLY A 654 21.48 12.56 -6.63
N THR A 655 20.45 11.81 -6.22
CA THR A 655 20.69 10.74 -5.26
C THR A 655 21.73 9.77 -5.79
N ASP A 656 21.65 9.41 -7.07
CA ASP A 656 22.60 8.49 -7.65
C ASP A 656 24.01 9.07 -7.62
N ILE A 657 24.16 10.35 -7.96
CA ILE A 657 25.50 10.93 -8.06
C ILE A 657 26.26 10.76 -6.74
N ASP A 658 25.57 10.95 -5.62
CA ASP A 658 26.23 10.78 -4.33
C ASP A 658 26.75 9.36 -4.16
N GLU A 659 25.97 8.38 -4.62
CA GLU A 659 26.38 6.98 -4.47
C GLU A 659 27.74 6.73 -5.10
N LEU A 660 27.95 7.26 -6.31
CA LEU A 660 29.23 7.10 -6.99
C LEU A 660 30.36 7.61 -6.11
N ALA A 661 30.23 8.84 -5.62
CA ALA A 661 31.22 9.33 -4.66
C ALA A 661 31.13 8.59 -3.34
N ARG A 662 29.96 8.02 -3.02
CA ARG A 662 29.81 7.32 -1.75
C ARG A 662 30.75 6.13 -1.66
N HIS A 663 30.87 5.36 -2.75
CA HIS A 663 31.73 4.18 -2.76
C HIS A 663 32.93 4.34 -3.69
N TYR A 664 33.49 5.55 -3.76
CA TYR A 664 34.72 5.80 -4.50
C TYR A 664 35.36 7.10 -4.02
N PRO A 665 36.04 7.08 -2.87
CA PRO A 665 36.57 8.34 -2.32
C PRO A 665 37.50 9.08 -3.28
N ASP A 666 38.25 8.37 -4.11
CA ASP A 666 39.22 9.04 -4.97
C ASP A 666 38.57 10.04 -5.91
N LEU A 667 37.27 9.91 -6.17
CA LEU A 667 36.56 10.79 -7.08
C LEU A 667 35.94 12.00 -6.40
N LYS A 668 36.09 12.13 -5.09
CA LYS A 668 35.46 13.24 -4.37
C LYS A 668 35.84 14.58 -5.00
N ALA A 669 37.12 14.78 -5.27
CA ALA A 669 37.60 16.08 -5.70
C ALA A 669 37.00 16.49 -7.05
N ASN A 670 37.04 15.58 -8.02
CA ASN A 670 36.73 15.97 -9.39
C ASN A 670 35.28 16.39 -9.57
N ILE A 671 34.35 15.78 -8.83
CA ILE A 671 32.94 16.07 -9.03
C ILE A 671 32.65 17.55 -8.71
N VAL A 672 33.19 18.04 -7.60
CA VAL A 672 32.89 19.40 -7.16
C VAL A 672 33.28 20.40 -8.24
N GLU A 673 34.43 20.17 -8.89
CA GLU A 673 34.88 21.07 -9.95
C GLU A 673 33.80 21.22 -11.02
N ALA A 674 33.10 20.13 -11.33
CA ALA A 674 32.04 20.21 -12.33
C ALA A 674 30.95 21.17 -11.91
N LEU A 675 30.51 21.07 -10.66
CA LEU A 675 29.49 22.00 -10.15
C LEU A 675 29.99 23.43 -10.19
N CYS A 676 31.23 23.65 -9.74
CA CYS A 676 31.76 25.01 -9.71
C CYS A 676 31.81 25.62 -11.10
N ASN A 677 32.26 24.85 -12.09
CA ASN A 677 32.37 25.39 -13.44
C ASN A 677 30.99 25.67 -14.03
N VAL A 678 30.05 24.75 -13.88
CA VAL A 678 28.75 24.91 -14.52
C VAL A 678 28.03 26.13 -13.98
N ILE A 679 28.07 26.33 -12.66
CA ILE A 679 27.37 27.48 -12.07
C ILE A 679 27.87 28.78 -12.69
N ARG A 680 29.19 28.94 -12.75
CA ARG A 680 29.75 30.20 -13.21
C ARG A 680 29.35 30.53 -14.64
N LYS A 681 29.09 29.50 -15.45
CA LYS A 681 28.71 29.75 -16.84
C LYS A 681 27.22 30.06 -16.98
N MET A 682 26.39 29.53 -16.09
CA MET A 682 24.94 29.71 -16.24
C MET A 682 24.52 31.17 -16.34
N PRO A 683 25.09 32.11 -15.56
CA PRO A 683 24.69 33.52 -15.70
C PRO A 683 24.67 34.02 -17.13
N SER A 684 25.33 33.32 -18.05
CA SER A 684 25.46 33.80 -19.42
C SER A 684 24.10 34.02 -20.06
N THR A 685 23.33 32.96 -20.26
CA THR A 685 22.20 33.04 -21.18
C THR A 685 21.15 34.05 -20.73
N PHE A 686 20.35 33.70 -19.72
CA PHE A 686 19.53 34.64 -18.96
C PHE A 686 19.07 35.84 -19.77
N ARG A 687 18.37 35.60 -20.88
CA ARG A 687 17.97 36.65 -21.79
C ARG A 687 16.51 37.02 -21.58
N ASN A 688 16.23 38.31 -21.45
CA ASN A 688 14.85 38.78 -21.40
C ASN A 688 14.13 38.35 -22.67
N GLU A 689 13.04 37.61 -22.51
CA GLU A 689 12.44 36.90 -23.63
C GLU A 689 11.06 37.43 -24.02
N ARG A 690 10.07 37.37 -23.13
CA ARG A 690 8.70 37.59 -23.60
C ARG A 690 8.11 38.96 -23.29
N GLU A 691 7.84 39.25 -22.02
CA GLU A 691 7.24 40.53 -21.65
C GLU A 691 6.89 40.60 -20.17
N PHE A 692 6.44 41.77 -19.73
CA PHE A 692 5.77 41.93 -18.44
C PHE A 692 4.25 41.89 -18.58
N LEU A 693 3.69 42.83 -19.34
CA LEU A 693 2.27 43.05 -19.43
C LEU A 693 1.91 43.42 -20.87
N PHE A 694 0.71 43.95 -21.06
CA PHE A 694 0.23 44.39 -22.36
C PHE A 694 -0.42 45.76 -22.23
N THR A 695 -0.73 46.35 -23.38
CA THR A 695 -1.48 47.59 -23.44
C THR A 695 -2.92 47.31 -23.84
N SER A 696 -3.83 48.15 -23.33
CA SER A 696 -5.23 47.95 -23.63
C SER A 696 -5.48 48.11 -25.13
N PRO A 697 -6.43 47.36 -25.69
CA PRO A 697 -6.73 47.52 -27.11
C PRO A 697 -7.17 48.93 -27.46
N LYS A 698 -7.76 49.64 -26.50
CA LYS A 698 -8.19 51.02 -26.69
C LYS A 698 -7.76 51.85 -25.48
N ASP A 699 -7.59 53.15 -25.72
CA ASP A 699 -7.19 54.14 -24.72
C ASP A 699 -5.71 54.03 -24.37
N GLN A 700 -5.03 52.99 -24.89
CA GLN A 700 -3.61 52.77 -24.68
C GLN A 700 -3.23 53.07 -23.22
N LYS A 701 -3.89 52.35 -22.32
CA LYS A 701 -3.60 52.45 -20.89
C LYS A 701 -3.55 51.05 -20.30
N TYR A 702 -2.77 50.89 -19.23
CA TYR A 702 -2.58 49.59 -18.59
C TYR A 702 -3.55 49.35 -17.44
N PHE A 703 -4.45 50.30 -17.14
CA PHE A 703 -5.33 50.18 -15.99
C PHE A 703 -6.67 50.81 -16.35
N PHE A 704 -7.49 51.04 -15.34
CA PHE A 704 -8.81 51.66 -15.50
C PHE A 704 -8.80 53.06 -14.93
N HIS A 705 -9.91 53.78 -15.15
CA HIS A 705 -9.99 55.18 -14.75
C HIS A 705 -11.25 55.48 -13.95
N ARG A 706 -12.35 54.79 -14.24
CA ARG A 706 -13.65 55.13 -13.68
C ARG A 706 -14.33 53.90 -13.11
N LYS A 707 -15.15 54.12 -12.08
CA LYS A 707 -15.96 53.02 -11.54
C LYS A 707 -16.94 52.53 -12.58
N ASN A 708 -17.55 53.44 -13.33
CA ASN A 708 -18.46 53.09 -14.41
C ASN A 708 -17.71 53.17 -15.73
N GLU A 709 -17.75 52.09 -16.50
CA GLU A 709 -17.05 52.02 -17.78
C GLU A 709 -17.41 50.70 -18.44
N GLU A 710 -17.20 50.63 -19.75
CA GLU A 710 -17.47 49.43 -20.52
C GLU A 710 -16.16 48.67 -20.75
N ILE A 711 -16.23 47.35 -20.58
CA ILE A 711 -15.06 46.49 -20.66
C ILE A 711 -15.32 45.40 -21.68
N LEU A 712 -14.36 45.17 -22.57
CA LEU A 712 -14.42 44.04 -23.48
C LEU A 712 -13.99 42.77 -22.75
N THR A 713 -14.26 41.62 -23.37
CA THR A 713 -13.96 40.33 -22.77
C THR A 713 -13.31 39.42 -23.79
N ASP A 714 -12.41 38.57 -23.29
CA ASP A 714 -11.72 37.57 -24.09
C ASP A 714 -11.95 36.20 -23.46
N LYS A 715 -11.42 35.16 -24.11
CA LYS A 715 -11.66 33.78 -23.68
C LYS A 715 -10.31 33.05 -23.62
N GLU A 716 -9.76 32.94 -22.42
CA GLU A 716 -8.55 32.15 -22.17
C GLU A 716 -8.43 31.98 -20.66
N GLU A 717 -7.29 31.45 -20.21
CA GLU A 717 -7.08 31.23 -18.79
C GLU A 717 -7.20 32.54 -18.03
N HIS A 718 -7.86 32.48 -16.87
CA HIS A 718 -8.05 33.69 -16.08
C HIS A 718 -6.73 34.33 -15.66
N GLU A 719 -5.65 33.56 -15.67
CA GLU A 719 -4.31 34.05 -15.38
C GLU A 719 -3.38 33.67 -16.51
N PRO A 720 -2.28 34.40 -16.68
CA PRO A 720 -1.39 34.11 -17.82
C PRO A 720 -0.61 32.81 -17.66
N ALA A 721 -0.24 32.44 -16.43
CA ALA A 721 0.50 31.22 -16.17
C ALA A 721 1.85 31.23 -16.90
N TYR A 722 2.69 32.18 -16.48
CA TYR A 722 4.04 32.29 -17.00
C TYR A 722 4.98 31.43 -16.15
N TRP A 723 6.29 31.58 -16.35
CA TRP A 723 7.35 30.82 -15.71
C TRP A 723 7.53 29.46 -16.39
N GLU A 724 6.73 29.14 -17.40
CA GLU A 724 6.89 27.93 -18.19
C GLU A 724 6.85 28.31 -19.65
N LEU A 725 7.42 27.44 -20.49
CA LEU A 725 7.65 27.76 -21.90
C LEU A 725 8.52 29.00 -22.06
N LEU A 726 9.31 29.33 -21.04
CA LEU A 726 10.16 30.51 -21.05
C LEU A 726 11.60 30.20 -21.43
N ASP A 727 12.01 28.94 -21.43
CA ASP A 727 13.34 28.48 -21.77
C ASP A 727 14.38 28.84 -20.71
N LYS A 728 14.00 29.55 -19.66
CA LYS A 728 14.87 29.78 -18.51
C LYS A 728 14.27 29.20 -17.24
N GLY A 729 12.96 29.29 -17.06
CA GLY A 729 12.34 28.70 -15.89
C GLY A 729 12.52 27.20 -15.83
N THR A 730 12.41 26.52 -16.97
CA THR A 730 12.63 25.09 -16.98
C THR A 730 14.06 24.76 -16.56
N MET A 731 15.03 25.50 -17.07
CA MET A 731 16.42 25.28 -16.70
C MET A 731 16.60 25.46 -15.20
N LEU A 732 16.06 26.55 -14.66
CA LEU A 732 16.17 26.78 -13.23
C LEU A 732 15.53 25.65 -12.44
N ASP A 733 14.34 25.23 -12.85
CA ASP A 733 13.63 24.16 -12.15
C ASP A 733 14.48 22.89 -12.13
N THR A 734 14.96 22.45 -13.29
CA THR A 734 15.71 21.20 -13.36
C THR A 734 16.99 21.28 -12.55
N PHE A 735 17.77 22.35 -12.73
CA PHE A 735 19.05 22.44 -12.03
C PHE A 735 18.83 22.52 -10.53
N THR A 736 17.86 23.32 -10.09
CA THR A 736 17.57 23.41 -8.66
C THR A 736 17.11 22.06 -8.11
N SER A 737 16.33 21.31 -8.90
CA SER A 737 15.91 19.99 -8.45
C SER A 737 17.09 19.06 -8.27
N VAL A 738 18.04 19.09 -9.22
CA VAL A 738 19.22 18.24 -9.08
C VAL A 738 20.00 18.62 -7.84
N LEU A 739 20.16 19.93 -7.60
CA LEU A 739 20.89 20.37 -6.42
C LEU A 739 20.17 19.93 -5.15
N PHE A 740 18.85 20.04 -5.12
CA PHE A 740 18.09 19.57 -3.96
C PHE A 740 18.30 18.09 -3.73
N GLY A 741 18.24 17.30 -4.82
CA GLY A 741 18.44 15.87 -4.68
C GLY A 741 19.80 15.54 -4.10
N MET A 742 20.84 16.18 -4.64
CA MET A 742 22.18 15.95 -4.09
C MET A 742 22.30 16.46 -2.66
N SER A 743 21.47 17.43 -2.28
CA SER A 743 21.53 18.00 -0.95
C SER A 743 21.19 16.98 0.14
N LEU A 744 20.46 15.92 -0.20
CA LEU A 744 19.99 14.99 0.81
C LEU A 744 21.17 14.32 1.52
N GLY A 745 20.94 13.98 2.79
CA GLY A 745 21.97 13.34 3.59
C GLY A 745 23.25 14.16 3.63
N ASN A 746 24.30 13.65 2.99
CA ASN A 746 25.58 14.34 2.96
C ASN A 746 26.32 13.92 1.70
N GLY A 747 27.34 14.70 1.36
CA GLY A 747 28.13 14.38 0.18
C GLY A 747 29.18 15.44 -0.04
N SER A 748 29.65 15.53 -1.28
CA SER A 748 30.62 16.55 -1.63
C SER A 748 30.04 17.96 -1.59
N PHE A 749 28.72 18.10 -1.49
CA PHE A 749 28.11 19.42 -1.49
C PHE A 749 28.60 20.29 -0.34
N SER A 750 29.11 19.67 0.73
CA SER A 750 29.63 20.43 1.85
C SER A 750 30.86 21.24 1.50
N GLN A 751 31.49 20.96 0.35
CA GLN A 751 32.73 21.64 -0.03
C GLN A 751 32.54 22.74 -1.06
N VAL A 752 31.41 22.77 -1.76
CA VAL A 752 31.15 23.82 -2.74
C VAL A 752 31.40 25.18 -2.10
N PRO A 753 30.94 25.41 -0.87
CA PRO A 753 31.29 26.69 -0.22
C PRO A 753 32.79 26.92 -0.14
N GLN A 754 33.58 25.87 0.07
CA GLN A 754 35.03 26.05 0.14
C GLN A 754 35.58 26.60 -1.17
N HIS A 755 35.44 25.83 -2.24
CA HIS A 755 36.02 26.25 -3.52
C HIS A 755 35.36 27.52 -4.03
N LEU A 756 34.04 27.63 -3.90
CA LEU A 756 33.31 28.80 -4.36
C LEU A 756 33.21 29.82 -3.23
N GLU A 757 32.57 30.95 -3.51
CA GLU A 757 32.32 31.99 -2.54
C GLU A 757 30.86 32.41 -2.61
N ALA A 758 30.33 32.83 -1.47
CA ALA A 758 28.92 33.17 -1.39
C ALA A 758 28.53 34.22 -2.43
N ARG A 759 29.48 35.08 -2.82
CA ARG A 759 29.18 36.16 -3.75
C ARG A 759 28.48 35.63 -5.01
N ASP A 760 29.16 34.75 -5.74
CA ASP A 760 28.63 34.30 -7.03
C ASP A 760 27.39 33.43 -6.86
N PHE A 761 27.30 32.67 -5.76
CA PHE A 761 26.18 31.78 -5.56
C PHE A 761 24.85 32.52 -5.71
N LEU A 762 24.75 33.69 -5.08
CA LEU A 762 23.54 34.49 -5.21
C LEU A 762 23.23 34.82 -6.66
N ALA A 763 24.25 34.87 -7.52
CA ALA A 763 24.05 35.33 -8.88
C ALA A 763 23.03 34.49 -9.62
N ILE A 764 23.02 33.17 -9.38
CA ILE A 764 22.13 32.30 -10.14
C ILE A 764 20.68 32.64 -9.84
N ILE A 765 20.34 32.87 -8.57
CA ILE A 765 19.00 33.26 -8.18
C ILE A 765 18.90 34.78 -8.35
N PHE A 766 17.68 35.31 -8.27
CA PHE A 766 17.45 36.75 -8.39
C PHE A 766 17.88 37.25 -9.77
N MET A 767 17.22 36.72 -10.80
CA MET A 767 17.52 37.13 -12.16
C MET A 767 17.14 38.60 -12.35
N GLU A 768 17.41 39.10 -13.55
CA GLU A 768 17.21 40.52 -13.82
C GLU A 768 15.72 40.85 -13.96
N ASN A 769 14.95 40.01 -14.62
CA ASN A 769 13.63 40.41 -15.07
C ASN A 769 12.56 39.35 -14.80
N PRO A 770 12.47 38.82 -13.58
CA PRO A 770 11.48 37.78 -13.32
C PRO A 770 10.07 38.30 -13.49
N PRO A 771 9.14 37.49 -13.97
CA PRO A 771 7.75 37.90 -14.05
C PRO A 771 7.08 37.82 -12.68
N TYR A 772 5.81 38.21 -12.63
CA TYR A 772 5.15 38.46 -11.36
C TYR A 772 5.07 37.20 -10.51
N GLU A 773 4.74 36.05 -11.10
CA GLU A 773 4.51 34.84 -10.33
C GLU A 773 5.80 34.11 -9.97
N TYR A 774 6.96 34.64 -10.36
CA TYR A 774 8.21 33.93 -10.07
C TYR A 774 8.35 33.64 -8.59
N PHE A 775 7.78 34.48 -7.73
CA PHE A 775 7.90 34.25 -6.30
C PHE A 775 7.09 33.07 -5.82
N THR A 776 6.43 32.32 -6.71
CA THR A 776 5.67 31.12 -6.36
C THR A 776 6.03 30.04 -7.36
N SER A 777 7.09 29.28 -7.07
CA SER A 777 7.49 28.17 -7.91
C SER A 777 8.38 27.23 -7.11
N VAL A 778 8.52 26.01 -7.61
CA VAL A 778 9.29 25.00 -6.89
C VAL A 778 10.73 25.47 -6.71
N ALA A 779 11.27 26.15 -7.72
CA ALA A 779 12.66 26.59 -7.65
C ALA A 779 12.94 27.37 -6.37
N ILE A 780 12.11 28.38 -6.10
CA ILE A 780 12.29 29.14 -4.87
C ILE A 780 12.12 28.24 -3.66
N SER A 781 11.10 27.37 -3.68
CA SER A 781 10.91 26.45 -2.57
C SER A 781 12.09 25.49 -2.44
N ASN A 782 12.61 25.01 -3.57
CA ASN A 782 13.72 24.06 -3.53
C ASN A 782 14.95 24.70 -2.91
N VAL A 783 15.36 25.86 -3.41
CA VAL A 783 16.51 26.56 -2.84
C VAL A 783 16.21 26.93 -1.40
N THR A 784 14.94 27.18 -1.08
CA THR A 784 14.58 27.48 0.31
C THR A 784 15.05 26.38 1.24
N GLU A 785 15.14 25.14 0.76
CA GLU A 785 15.66 24.05 1.57
C GLU A 785 17.18 23.96 1.49
N VAL A 786 17.75 24.19 0.32
CA VAL A 786 19.20 24.05 0.16
C VAL A 786 19.92 25.07 1.03
N LEU A 787 19.53 26.35 0.91
CA LEU A 787 20.22 27.39 1.66
C LEU A 787 20.13 27.14 3.16
N GLN A 788 19.07 26.48 3.62
CA GLN A 788 19.00 26.12 5.03
C GLN A 788 20.14 25.20 5.41
N TYR A 789 20.43 24.19 4.57
CA TYR A 789 21.49 23.25 4.89
C TYR A 789 22.83 23.96 4.99
N LEU A 790 23.15 24.80 4.01
CA LEU A 790 24.41 25.53 4.05
C LEU A 790 24.46 26.43 5.28
N ASP A 791 23.38 27.15 5.57
CA ASP A 791 23.34 28.00 6.74
C ASP A 791 23.45 27.19 8.02
N GLU A 792 22.96 25.96 8.02
CA GLU A 792 23.01 25.13 9.22
C GLU A 792 24.45 24.80 9.62
N LYS A 793 25.40 24.90 8.70
CA LYS A 793 26.78 24.58 8.97
C LYS A 793 27.71 25.78 8.88
N TYR A 794 27.66 26.52 7.78
CA TYR A 794 28.56 27.66 7.54
C TYR A 794 27.77 28.93 7.83
N GLU A 795 27.78 29.34 9.09
CA GLU A 795 26.99 30.49 9.53
C GLU A 795 27.34 31.74 8.74
N ASP A 796 28.57 32.23 8.90
CA ASP A 796 28.99 33.48 8.30
C ASP A 796 29.33 33.28 6.82
N TYR A 797 28.33 32.85 6.06
CA TYR A 797 28.51 32.61 4.64
C TYR A 797 27.68 33.55 3.76
N ALA A 798 26.36 33.56 3.93
CA ALA A 798 25.47 34.25 2.99
C ALA A 798 24.40 35.04 3.72
N PHE A 799 24.80 35.82 4.73
CA PHE A 799 23.89 36.70 5.45
C PHE A 799 24.16 38.17 5.13
N MET A 800 25.40 38.61 5.37
CA MET A 800 25.72 40.02 5.15
C MET A 800 25.54 40.39 3.69
N ASP A 801 25.97 39.52 2.78
CA ASP A 801 25.82 39.82 1.36
C ASP A 801 24.36 39.87 0.95
N VAL A 802 23.53 39.00 1.50
CA VAL A 802 22.11 39.01 1.19
C VAL A 802 21.50 40.33 1.65
N MET A 803 21.83 40.75 2.87
CA MET A 803 21.29 42.02 3.37
C MET A 803 21.82 43.19 2.54
N LYS A 804 23.07 43.10 2.08
CA LYS A 804 23.61 44.15 1.22
C LYS A 804 22.82 44.23 -0.07
N VAL A 805 22.50 43.09 -0.68
CA VAL A 805 21.70 43.10 -1.89
C VAL A 805 20.33 43.72 -1.62
N LEU A 806 19.72 43.36 -0.49
CA LEU A 806 18.43 43.95 -0.14
C LEU A 806 18.53 45.46 -0.05
N ASN A 807 19.53 45.96 0.68
CA ASN A 807 19.70 47.40 0.83
C ASN A 807 19.90 48.08 -0.51
N ASP A 808 20.75 47.49 -1.36
CA ASP A 808 21.04 48.10 -2.65
C ASP A 808 19.79 48.14 -3.52
N GLN A 809 19.03 47.05 -3.55
CA GLN A 809 17.82 47.03 -4.36
C GLN A 809 16.82 48.06 -3.84
N LEU A 810 16.67 48.17 -2.52
CA LEU A 810 15.76 49.17 -1.97
C LEU A 810 16.19 50.57 -2.37
N GLU A 811 17.48 50.88 -2.24
CA GLU A 811 17.96 52.21 -2.58
C GLU A 811 17.79 52.50 -4.07
N ASN A 812 17.93 51.47 -4.92
CA ASN A 812 17.80 51.68 -6.35
C ASN A 812 16.41 52.16 -6.74
N LEU A 813 15.43 52.02 -5.86
CA LEU A 813 14.08 52.52 -6.08
C LEU A 813 13.93 53.85 -5.37
N ASN A 814 13.78 54.93 -6.15
CA ASN A 814 13.52 56.25 -5.58
C ASN A 814 12.44 57.02 -6.32
N ASP A 815 12.04 56.61 -7.52
CA ASP A 815 11.06 57.37 -8.27
C ASP A 815 9.75 57.50 -7.51
N PHE A 816 9.08 56.37 -7.27
CA PHE A 816 7.78 56.40 -6.62
C PHE A 816 7.88 56.29 -5.11
N LEU A 817 9.04 55.91 -4.57
CA LEU A 817 9.17 55.70 -3.14
C LEU A 817 9.13 57.01 -2.36
N ASN A 818 9.22 58.16 -3.03
CA ASN A 818 9.11 59.46 -2.37
C ASN A 818 8.13 60.38 -3.08
N SER A 819 7.31 59.85 -3.99
CA SER A 819 6.35 60.67 -4.69
C SER A 819 5.23 61.11 -3.75
N PRO A 820 4.44 62.12 -4.14
CA PRO A 820 3.38 62.60 -3.26
C PRO A 820 2.40 61.50 -2.89
N ASN A 821 1.87 61.60 -1.68
CA ASN A 821 1.05 60.55 -1.08
C ASN A 821 -0.44 60.85 -1.16
N ASP A 822 -0.89 61.41 -2.28
CA ASP A 822 -2.31 61.70 -2.45
C ASP A 822 -2.82 61.37 -3.84
N ARG A 823 -2.06 60.63 -4.65
CA ARG A 823 -2.49 60.25 -6.00
C ARG A 823 -1.96 58.85 -6.30
N SER A 824 -2.44 58.30 -7.41
CA SER A 824 -2.00 56.98 -7.86
C SER A 824 -0.80 57.16 -8.78
N PHE A 825 0.39 56.89 -8.25
CA PHE A 825 1.61 57.04 -9.04
C PHE A 825 1.52 56.23 -10.34
N PHE A 826 1.13 54.96 -10.23
CA PHE A 826 1.01 54.14 -11.42
C PHE A 826 -0.04 54.71 -12.36
N LEU A 827 -1.19 55.11 -11.82
CA LEU A 827 -2.24 55.71 -12.62
C LEU A 827 -2.00 57.19 -12.88
N GLU A 828 -0.80 57.70 -12.57
CA GLU A 828 -0.43 59.07 -12.89
C GLU A 828 0.45 59.17 -14.14
N ARG A 829 1.09 58.08 -14.54
CA ARG A 829 1.91 58.05 -15.76
C ARG A 829 1.54 56.84 -16.61
N ASP A 830 0.28 56.43 -16.57
CA ASP A 830 -0.16 55.27 -17.33
C ASP A 830 -0.11 55.55 -18.82
N GLY A 831 0.11 54.50 -19.60
CA GLY A 831 0.13 54.59 -21.05
C GLY A 831 1.49 54.82 -21.66
N GLU A 832 2.56 54.82 -20.87
CA GLU A 832 3.90 55.08 -21.38
C GLU A 832 4.83 53.95 -20.95
N ASN A 833 5.92 53.81 -21.71
CA ASN A 833 6.85 52.71 -21.49
C ASN A 833 7.48 52.73 -20.10
N SER A 834 7.47 53.89 -19.43
CA SER A 834 8.08 53.97 -18.11
C SER A 834 7.39 53.04 -17.12
N VAL A 835 6.16 52.63 -17.39
CA VAL A 835 5.44 51.76 -16.45
C VAL A 835 6.18 50.44 -16.27
N ARG A 836 6.56 49.80 -17.39
CA ARG A 836 7.24 48.51 -17.31
C ARG A 836 8.46 48.61 -16.41
N SER A 837 9.27 49.65 -16.61
CA SER A 837 10.46 49.82 -15.77
C SER A 837 10.08 49.84 -14.29
N CYS A 838 9.00 50.53 -13.95
CA CYS A 838 8.57 50.61 -12.56
C CYS A 838 8.25 49.22 -12.01
N HIS A 839 7.39 48.47 -12.71
CA HIS A 839 6.93 47.19 -12.19
C HIS A 839 8.03 46.14 -12.20
N SER A 840 8.95 46.21 -13.16
CA SER A 840 10.01 45.21 -13.26
C SER A 840 10.70 44.99 -11.91
N LYS A 841 11.28 46.07 -11.37
CA LYS A 841 11.99 45.95 -10.11
C LYS A 841 11.09 45.44 -9.01
N LEU A 842 9.79 45.71 -9.10
CA LEU A 842 8.88 45.30 -8.04
C LEU A 842 8.85 43.78 -7.90
N CYS A 843 8.82 43.06 -9.03
CA CYS A 843 8.78 41.60 -8.95
C CYS A 843 10.05 41.06 -8.31
N ARG A 844 11.21 41.61 -8.68
CA ARG A 844 12.45 41.17 -8.07
C ARG A 844 12.45 41.44 -6.58
N LEU A 845 11.96 42.60 -6.17
CA LEU A 845 11.89 42.92 -4.74
C LEU A 845 10.98 41.94 -4.03
N ALA A 846 9.85 41.61 -4.65
CA ALA A 846 8.94 40.64 -4.06
C ALA A 846 9.63 39.30 -3.88
N ALA A 847 10.36 38.85 -4.89
CA ALA A 847 11.07 37.58 -4.77
C ALA A 847 12.09 37.63 -3.65
N ILE A 848 12.84 38.74 -3.56
CA ILE A 848 13.86 38.86 -2.53
C ILE A 848 13.23 38.80 -1.15
N LEU A 849 12.13 39.51 -0.95
CA LEU A 849 11.46 39.49 0.34
C LEU A 849 10.92 38.11 0.65
N ASN A 850 10.33 37.45 -0.35
CA ASN A 850 9.78 36.12 -0.13
C ASN A 850 10.86 35.17 0.33
N ILE A 851 12.04 35.22 -0.29
CA ILE A 851 13.11 34.32 0.10
C ILE A 851 13.63 34.68 1.48
N VAL A 852 13.85 35.98 1.74
CA VAL A 852 14.55 36.38 2.95
C VAL A 852 13.70 36.09 4.18
N THR A 853 12.41 36.44 4.14
CA THR A 853 11.58 36.22 5.31
C THR A 853 11.50 34.75 5.67
N ASN A 854 11.39 33.88 4.66
CA ASN A 854 11.28 32.45 4.93
C ASN A 854 12.59 31.89 5.46
N VAL A 855 13.71 32.26 4.86
CA VAL A 855 14.95 31.55 5.12
C VAL A 855 15.72 32.14 6.30
N TYR A 856 15.91 33.46 6.34
CA TYR A 856 16.86 34.06 7.26
C TYR A 856 16.17 34.73 8.45
N ILE A 857 15.27 35.66 8.21
CA ILE A 857 14.62 36.42 9.26
C ILE A 857 13.28 35.75 9.54
N ASP A 858 13.20 35.06 10.68
CA ASP A 858 11.95 34.43 11.11
C ASP A 858 12.10 34.00 12.56
N LEU A 859 11.03 34.20 13.34
CA LEU A 859 11.12 33.98 14.78
C LEU A 859 11.44 32.51 15.11
N THR A 860 10.84 31.58 14.37
CA THR A 860 11.06 30.17 14.67
C THR A 860 12.54 29.81 14.68
N THR A 861 13.34 30.48 13.86
CA THR A 861 14.77 30.23 13.77
C THR A 861 15.49 31.39 14.44
N LEU A 862 15.90 31.19 15.69
CA LEU A 862 16.63 32.20 16.45
C LEU A 862 17.77 31.51 17.19
N SER A 863 18.99 31.98 16.94
CA SER A 863 20.18 31.44 17.58
C SER A 863 20.89 32.56 18.33
N CYS A 864 21.38 32.24 19.53
CA CYS A 864 22.11 33.24 20.30
C CYS A 864 23.28 33.81 19.51
N LYS A 865 23.85 33.02 18.60
CA LYS A 865 24.89 33.50 17.70
C LYS A 865 24.33 34.18 16.46
N ARG A 866 23.02 34.12 16.24
CA ARG A 866 22.43 34.69 15.03
C ARG A 866 22.19 36.19 15.18
N ILE A 867 21.35 36.57 16.14
CA ILE A 867 20.99 37.99 16.30
C ILE A 867 22.23 38.85 16.49
N MET A 868 23.35 38.26 16.91
CA MET A 868 24.58 39.02 16.94
C MET A 868 24.94 39.54 15.56
N GLN A 869 24.61 38.78 14.51
CA GLN A 869 24.81 39.27 13.16
C GLN A 869 23.99 40.53 12.91
N ILE A 870 22.72 40.53 13.33
CA ILE A 870 21.89 41.71 13.17
C ILE A 870 22.51 42.88 13.90
N TYR A 871 22.93 42.66 15.14
CA TYR A 871 23.53 43.72 15.93
C TYR A 871 24.74 44.31 15.22
N SER A 872 25.67 43.46 14.81
CA SER A 872 26.89 43.95 14.16
C SER A 872 26.56 44.65 12.85
N TYR A 873 25.64 44.11 12.07
CA TYR A 873 25.29 44.71 10.80
C TYR A 873 24.76 46.12 11.01
N PHE A 874 23.76 46.27 11.88
CA PHE A 874 23.20 47.60 12.11
C PHE A 874 24.25 48.53 12.69
N ASP A 875 25.08 48.04 13.61
CA ASP A 875 26.10 48.88 14.21
C ASP A 875 27.05 49.44 13.17
N LYS A 876 27.62 48.56 12.34
CA LYS A 876 28.62 49.00 11.39
C LYS A 876 28.00 49.75 10.21
N ARG A 877 26.72 49.52 9.92
CA ARG A 877 26.04 50.19 8.82
C ARG A 877 25.17 51.34 9.29
N GLY A 878 24.29 51.09 10.24
CA GLY A 878 23.37 52.10 10.74
C GLY A 878 21.94 51.80 10.35
N PHE A 879 21.08 52.77 10.65
CA PHE A 879 19.64 52.64 10.41
C PHE A 879 19.32 53.39 9.12
N SER A 880 19.35 52.68 8.01
CA SER A 880 19.08 53.27 6.70
C SER A 880 17.94 52.57 5.96
N LEU A 881 17.85 51.25 6.05
CA LEU A 881 16.76 50.54 5.39
C LEU A 881 15.44 50.67 6.13
N ILE A 882 15.46 51.07 7.40
CA ILE A 882 14.22 51.19 8.16
C ILE A 882 13.30 52.21 7.52
N LYS A 883 13.83 53.38 7.19
CA LYS A 883 13.02 54.43 6.58
C LYS A 883 12.47 53.98 5.24
N ASN A 884 13.30 53.32 4.43
CA ASN A 884 12.84 52.84 3.14
C ASN A 884 11.72 51.82 3.31
N LEU A 885 11.86 50.91 4.27
CA LEU A 885 10.82 49.93 4.52
C LEU A 885 9.51 50.59 4.95
N LYS A 886 9.60 51.57 5.85
CA LYS A 886 8.39 52.27 6.28
C LYS A 886 7.74 52.98 5.11
N LEU A 887 8.55 53.63 4.27
CA LEU A 887 8.00 54.31 3.10
C LEU A 887 7.32 53.30 2.17
N LEU A 888 7.93 52.14 1.98
CA LEU A 888 7.34 51.13 1.12
C LEU A 888 6.00 50.67 1.68
N PHE A 889 5.93 50.43 2.98
CA PHE A 889 4.68 50.00 3.59
C PHE A 889 3.61 51.06 3.41
N GLN A 890 3.96 52.32 3.68
CA GLN A 890 2.98 53.39 3.52
C GLN A 890 2.48 53.47 2.09
N LYS A 891 3.41 53.49 1.13
CA LYS A 891 3.00 53.65 -0.27
C LYS A 891 2.17 52.47 -0.75
N CYS A 892 2.55 51.25 -0.36
CA CYS A 892 1.86 50.07 -0.87
C CYS A 892 0.38 50.12 -0.56
N ALA A 893 0.03 50.12 0.73
CA ALA A 893 -1.39 50.17 1.10
C ALA A 893 -2.07 51.36 0.45
N LEU A 894 -1.45 52.54 0.52
CA LEU A 894 -2.01 53.71 -0.14
C LEU A 894 -2.17 53.45 -1.64
N GLU A 895 -1.21 52.77 -2.24
CA GLU A 895 -1.31 52.48 -3.67
C GLU A 895 -2.51 51.61 -3.97
N GLU A 896 -2.77 50.61 -3.13
CA GLU A 896 -3.91 49.72 -3.36
C GLU A 896 -5.22 50.28 -2.83
N MET A 897 -5.56 51.51 -3.21
CA MET A 897 -6.91 52.03 -3.00
C MET A 897 -7.45 52.72 -4.24
N TYR A 898 -6.63 53.50 -4.94
CA TYR A 898 -7.13 54.26 -6.07
C TYR A 898 -7.62 53.35 -7.18
N ILE A 899 -6.92 52.24 -7.42
CA ILE A 899 -7.42 51.26 -8.38
C ILE A 899 -8.82 50.84 -7.99
N ARG A 900 -9.03 50.55 -6.70
CA ARG A 900 -10.36 50.23 -6.21
C ARG A 900 -11.33 51.37 -6.47
N GLN A 901 -10.87 52.61 -6.30
CA GLN A 901 -11.73 53.78 -6.40
C GLN A 901 -11.88 54.29 -7.83
N HIS A 902 -11.41 53.54 -8.83
CA HIS A 902 -11.54 53.97 -10.22
C HIS A 902 -11.87 52.82 -11.16
N MET A 903 -12.43 51.72 -10.67
CA MET A 903 -12.67 50.54 -11.47
C MET A 903 -14.09 50.02 -11.21
N PRO A 904 -14.62 49.19 -12.12
CA PRO A 904 -15.96 48.64 -11.93
C PRO A 904 -15.99 47.57 -10.83
N ASP A 905 -16.21 48.02 -9.60
CA ASP A 905 -16.04 47.22 -8.40
C ASP A 905 -16.39 45.75 -8.59
N SER A 906 -17.49 45.47 -9.29
CA SER A 906 -17.85 44.09 -9.59
C SER A 906 -16.63 43.28 -10.01
N VAL A 907 -15.74 43.92 -10.79
CA VAL A 907 -14.53 43.25 -11.23
C VAL A 907 -13.56 42.97 -10.08
N ILE A 908 -13.67 43.72 -8.97
CA ILE A 908 -12.73 43.52 -7.87
C ILE A 908 -12.77 42.10 -7.35
N THR A 909 -13.94 41.47 -7.33
CA THR A 909 -14.04 40.08 -6.93
C THR A 909 -13.49 39.12 -7.98
N GLU A 910 -13.51 39.52 -9.25
CA GLU A 910 -12.94 38.68 -10.30
C GLU A 910 -11.42 38.60 -10.18
N THR A 911 -10.78 39.74 -9.97
CA THR A 911 -9.34 39.81 -9.81
C THR A 911 -8.91 39.71 -8.35
N MET A 912 -9.76 39.19 -7.47
CA MET A 912 -9.40 39.07 -6.07
C MET A 912 -8.14 38.23 -5.96
N PRO A 913 -7.10 38.71 -5.29
CA PRO A 913 -5.79 38.05 -5.38
C PRO A 913 -5.55 36.95 -4.35
N LEU A 914 -6.31 36.96 -3.25
CA LEU A 914 -5.98 36.08 -2.14
C LEU A 914 -5.92 34.61 -2.52
N PRO A 915 -6.82 34.07 -3.35
CA PRO A 915 -6.86 32.61 -3.53
C PRO A 915 -5.60 32.05 -4.17
N ILE A 916 -4.50 32.14 -3.44
CA ILE A 916 -3.21 31.58 -3.82
C ILE A 916 -2.62 30.96 -2.56
N VAL A 917 -1.58 30.13 -2.74
CA VAL A 917 -0.98 29.42 -1.62
C VAL A 917 -0.61 30.43 -0.54
N ASP A 918 -0.46 29.95 0.69
CA ASP A 918 -0.33 30.83 1.84
C ASP A 918 -1.60 31.66 2.02
N VAL A 919 -2.73 30.99 2.22
CA VAL A 919 -4.01 31.64 2.46
C VAL A 919 -4.26 31.89 3.95
N SER A 920 -3.19 31.99 4.75
CA SER A 920 -3.38 32.19 6.18
C SER A 920 -3.83 33.61 6.44
N GLY A 921 -5.15 33.82 6.53
CA GLY A 921 -5.69 35.17 6.67
C GLY A 921 -5.10 35.92 7.83
N ASP A 922 -4.59 35.22 8.84
CA ASP A 922 -3.79 35.86 9.87
C ASP A 922 -2.62 36.55 9.20
N GLY A 923 -2.61 37.88 9.27
CA GLY A 923 -1.72 38.71 8.49
C GLY A 923 -2.44 39.96 8.08
N PRO A 924 -1.83 41.11 8.30
CA PRO A 924 -2.58 42.38 8.29
C PRO A 924 -3.44 42.56 7.06
N PRO A 925 -2.84 42.68 5.87
CA PRO A 925 -3.44 43.55 4.85
C PRO A 925 -4.41 42.91 3.85
N LEU A 926 -5.61 42.49 4.28
CA LEU A 926 -6.68 42.33 3.32
C LEU A 926 -8.05 42.18 3.98
N GLN A 927 -8.89 43.21 3.93
CA GLN A 927 -10.30 43.05 4.24
C GLN A 927 -11.15 44.07 3.48
N ILE A 928 -11.60 43.76 2.26
CA ILE A 928 -12.51 44.65 1.56
C ILE A 928 -13.61 43.87 0.86
N TYR A 929 -13.81 42.61 1.23
CA TYR A 929 -14.70 41.74 0.47
C TYR A 929 -16.01 42.42 0.14
N ILE A 930 -16.37 42.39 -1.15
CA ILE A 930 -17.63 42.96 -1.63
C ILE A 930 -18.68 41.88 -1.85
N ASP A 931 -18.38 40.63 -1.51
CA ASP A 931 -19.35 39.54 -1.60
C ASP A 931 -19.06 38.56 -0.48
N ASP A 932 -20.12 37.93 0.04
CA ASP A 932 -20.02 37.08 1.22
C ASP A 932 -18.90 36.05 1.07
N PRO A 933 -18.30 35.59 2.18
CA PRO A 933 -17.20 34.63 2.06
C PRO A 933 -17.59 33.35 1.33
N LYS A 934 -18.83 32.88 1.50
CA LYS A 934 -19.29 31.66 0.87
C LYS A 934 -19.92 31.92 -0.50
N LYS A 935 -19.50 32.99 -1.18
CA LYS A 935 -20.03 33.28 -2.51
C LYS A 935 -19.80 32.12 -3.46
N GLY A 936 -18.69 31.40 -3.31
CA GLY A 936 -18.33 30.32 -4.20
C GLY A 936 -16.98 30.60 -4.86
N ASP A 937 -16.88 30.24 -6.14
CA ASP A 937 -15.67 30.51 -6.90
C ASP A 937 -15.75 31.87 -7.59
N GLN A 938 -16.75 32.06 -8.45
CA GLN A 938 -16.96 33.33 -9.14
C GLN A 938 -15.68 33.84 -9.80
N LYS A 939 -14.79 32.92 -10.15
CA LYS A 939 -13.51 33.24 -10.78
C LYS A 939 -13.55 32.85 -12.24
N GLY A 940 -12.89 33.65 -13.08
CA GLY A 940 -12.91 33.40 -14.50
C GLY A 940 -14.26 33.60 -15.15
N LYS A 941 -15.24 34.16 -14.41
CA LYS A 941 -16.53 34.44 -15.01
C LYS A 941 -16.42 35.46 -16.14
N ILE A 942 -15.62 36.51 -15.92
CA ILE A 942 -15.37 37.51 -16.94
C ILE A 942 -13.96 38.05 -16.74
N THR A 943 -13.20 38.13 -17.84
CA THR A 943 -11.83 38.58 -17.79
C THR A 943 -11.46 39.19 -19.13
N SER A 944 -10.39 39.97 -19.12
CA SER A 944 -9.89 40.62 -20.34
C SER A 944 -8.47 41.11 -20.05
N VAL A 945 -7.92 41.88 -20.99
CA VAL A 945 -6.55 42.37 -20.85
C VAL A 945 -6.43 43.24 -19.61
N LYS A 946 -7.39 44.15 -19.42
CA LYS A 946 -7.37 45.01 -18.24
C LYS A 946 -7.28 44.19 -16.97
N THR A 947 -8.10 43.15 -16.86
CA THR A 947 -8.11 42.34 -15.65
C THR A 947 -6.73 41.75 -15.37
N ARG A 948 -6.08 41.21 -16.41
CA ARG A 948 -4.80 40.55 -16.20
C ARG A 948 -3.77 41.52 -15.64
N ASN A 949 -3.68 42.72 -16.21
CA ASN A 949 -2.77 43.72 -15.67
C ASN A 949 -3.10 44.00 -14.21
N THR A 950 -4.38 44.28 -13.91
CA THR A 950 -4.78 44.48 -12.53
C THR A 950 -4.55 43.21 -11.71
N LEU A 951 -4.85 42.05 -12.29
CA LEU A 951 -4.67 40.79 -11.57
C LEU A 951 -3.25 40.69 -11.03
N GLN A 952 -2.28 41.21 -11.76
CA GLN A 952 -0.90 41.18 -11.30
C GLN A 952 -0.60 42.33 -10.36
N MET A 953 -0.98 43.55 -10.75
CA MET A 953 -0.58 44.75 -10.02
C MET A 953 -0.94 44.65 -8.54
N ARG A 954 -2.08 44.03 -8.24
CA ARG A 954 -2.49 43.82 -6.85
C ARG A 954 -1.82 42.61 -6.24
N THR A 955 -1.52 41.59 -7.06
CA THR A 955 -0.98 40.35 -6.53
C THR A 955 0.34 40.60 -5.81
N ILE A 956 1.21 41.42 -6.39
CA ILE A 956 2.50 41.70 -5.77
C ILE A 956 2.30 42.43 -4.45
N LEU A 957 1.42 43.43 -4.45
CA LEU A 957 1.31 44.31 -3.29
C LEU A 957 0.86 43.54 -2.05
N TYR A 958 -0.07 42.60 -2.20
CA TYR A 958 -0.53 41.85 -1.05
C TYR A 958 0.62 41.12 -0.37
N THR A 959 1.38 40.32 -1.13
CA THR A 959 2.47 39.58 -0.54
C THR A 959 3.54 40.51 0.02
N LEU A 960 3.82 41.60 -0.69
CA LEU A 960 4.81 42.55 -0.20
C LEU A 960 4.42 43.06 1.18
N GLN A 961 3.18 43.54 1.32
CA GLN A 961 2.71 44.04 2.60
C GLN A 961 2.75 42.94 3.66
N SER A 962 2.28 41.74 3.31
CA SER A 962 2.26 40.66 4.28
C SER A 962 3.66 40.39 4.82
N ASN A 963 4.64 40.29 3.92
CA ASN A 963 6.01 40.01 4.35
C ASN A 963 6.56 41.15 5.20
N THR A 964 6.24 42.40 4.84
CA THR A 964 6.80 43.54 5.56
C THR A 964 6.48 43.46 7.05
N ALA A 965 5.28 43.02 7.41
CA ALA A 965 4.89 43.03 8.81
C ALA A 965 5.69 42.02 9.62
N ILE A 966 5.82 40.79 9.11
CA ILE A 966 6.66 39.81 9.80
C ILE A 966 8.08 40.33 9.90
N LEU A 967 8.55 41.02 8.85
CA LEU A 967 9.89 41.58 8.90
C LEU A 967 10.01 42.57 10.06
N PHE A 968 8.98 43.40 10.24
CA PHE A 968 9.01 44.38 11.33
C PHE A 968 9.04 43.69 12.69
N ARG A 969 8.18 42.70 12.90
CA ARG A 969 8.19 42.00 14.18
C ARG A 969 9.55 41.37 14.45
N CYS A 970 10.12 40.67 13.46
CA CYS A 970 11.17 39.71 13.76
C CYS A 970 12.28 40.31 14.61
N PHE A 971 12.77 41.50 14.23
CA PHE A 971 13.81 42.16 15.02
C PHE A 971 13.24 43.11 16.07
N LEU A 972 11.99 42.91 16.47
CA LEU A 972 11.40 43.69 17.55
C LEU A 972 11.34 42.90 18.86
N ARG A 973 11.92 41.70 18.90
CA ARG A 973 11.94 40.88 20.10
C ARG A 973 13.35 40.58 20.58
N LEU A 974 14.24 40.17 19.68
CA LEU A 974 15.66 39.99 19.98
C LEU A 974 15.79 39.11 21.23
N SER A 975 16.49 39.55 22.27
CA SER A 975 16.82 38.66 23.37
C SER A 975 15.57 38.13 24.05
N HIS A 976 14.57 38.97 24.24
CA HIS A 976 13.40 38.58 25.02
C HIS A 976 12.77 37.29 24.49
N SER A 977 12.91 37.04 23.17
CA SER A 977 12.44 35.78 22.62
C SER A 977 13.17 34.60 23.25
N ARG A 978 14.48 34.72 23.44
CA ARG A 978 15.30 33.67 24.02
C ARG A 978 15.87 34.02 25.38
N ASN A 979 15.72 35.26 25.84
CA ASN A 979 16.28 35.72 27.11
C ASN A 979 17.78 35.45 27.16
N MET A 980 18.51 36.12 26.25
CA MET A 980 19.95 35.90 26.12
C MET A 980 20.77 36.73 27.10
N ASP A 981 20.17 37.69 27.80
CA ASP A 981 20.86 38.45 28.83
C ASP A 981 22.08 39.20 28.26
N LEU A 982 21.78 40.15 27.38
CA LEU A 982 22.83 40.96 26.77
C LEU A 982 23.30 42.03 27.74
N GLU A 983 24.29 42.81 27.31
CA GLU A 983 24.86 43.89 28.11
C GLU A 983 25.83 44.66 27.21
N HIS A 984 26.36 45.76 27.76
CA HIS A 984 27.35 46.57 27.07
C HIS A 984 26.98 46.79 25.62
N LYS A 985 27.99 46.88 24.73
CA LYS A 985 27.75 47.11 23.31
C LYS A 985 26.50 46.37 22.80
N ASP A 986 26.35 45.10 23.17
CA ASP A 986 25.20 44.32 22.72
C ASP A 986 23.90 44.99 23.13
N LEU A 987 23.65 45.06 24.44
CA LEU A 987 22.41 45.66 24.92
C LEU A 987 22.30 47.11 24.49
N THR A 988 23.40 47.86 24.62
CA THR A 988 23.38 49.29 24.33
C THR A 988 22.61 49.60 23.06
N THR A 989 22.94 48.90 21.97
CA THR A 989 22.27 49.16 20.70
C THR A 989 20.79 48.77 20.76
N GLU A 990 20.47 47.69 21.48
CA GLU A 990 19.12 47.15 21.50
C GLU A 990 18.07 48.26 21.59
N VAL A 991 18.20 49.11 22.61
CA VAL A 991 17.22 50.18 22.79
C VAL A 991 17.23 51.13 21.60
N HIS A 992 18.39 51.32 20.98
CA HIS A 992 18.45 52.20 19.81
C HIS A 992 17.65 51.60 18.66
N ILE A 993 17.77 50.29 18.42
CA ILE A 993 16.95 49.65 17.41
C ILE A 993 15.48 49.81 17.77
N PHE A 994 15.13 49.56 19.03
CA PHE A 994 13.76 49.75 19.47
C PHE A 994 13.25 51.12 19.08
N GLU A 995 13.92 52.17 19.57
CA GLU A 995 13.46 53.53 19.33
C GLU A 995 13.39 53.82 17.83
N ASN A 996 14.45 53.52 17.10
CA ASN A 996 14.49 53.78 15.68
C ASN A 996 13.51 52.90 14.92
N VAL A 997 12.80 52.03 15.65
CA VAL A 997 11.69 51.27 15.09
C VAL A 997 10.34 51.87 15.48
N VAL A 998 10.23 52.39 16.71
CA VAL A 998 8.93 52.83 17.22
C VAL A 998 8.50 54.13 16.56
N GLU A 999 9.35 55.15 16.66
CA GLU A 999 8.97 56.47 16.14
C GLU A 999 8.55 56.41 14.68
N ASN A 1000 9.17 55.53 13.89
CA ASN A 1000 8.91 55.53 12.45
C ASN A 1000 7.44 55.31 12.17
N VAL A 1001 6.83 54.33 12.83
CA VAL A 1001 5.45 53.99 12.52
C VAL A 1001 4.50 55.11 12.91
N ILE A 1002 4.84 55.91 13.93
CA ILE A 1002 3.93 56.97 14.35
C ILE A 1002 3.73 57.97 13.23
N GLU A 1003 4.82 58.43 12.61
CA GLU A 1003 4.70 59.47 11.60
C GLU A 1003 3.72 59.07 10.51
N MET A 1004 3.60 57.77 10.22
CA MET A 1004 2.61 57.35 9.25
C MET A 1004 1.21 57.69 9.73
N LEU A 1005 0.92 57.42 11.00
CA LEU A 1005 -0.42 57.66 11.52
C LEU A 1005 -0.68 59.16 11.67
N LYS A 1006 0.33 59.94 12.06
CA LYS A 1006 0.13 61.35 12.28
C LYS A 1006 -0.43 62.03 11.04
N ALA A 1007 0.14 61.74 9.88
CA ALA A 1007 -0.39 62.24 8.62
C ALA A 1007 -1.60 61.40 8.24
N THR A 1008 -2.03 61.51 6.98
CA THR A 1008 -3.15 60.72 6.47
C THR A 1008 -4.42 60.99 7.29
N GLU A 1009 -4.86 62.24 7.20
CA GLU A 1009 -6.05 62.71 7.92
C GLU A 1009 -7.23 61.77 7.71
N LEU A 1010 -8.19 61.81 8.63
CA LEU A 1010 -9.28 60.83 8.62
C LEU A 1010 -10.11 60.93 7.34
N GLU A 1011 -10.75 62.08 7.13
CA GLU A 1011 -11.71 62.20 6.04
C GLU A 1011 -11.04 61.95 4.70
N GLY A 1012 -11.80 61.39 3.78
CA GLY A 1012 -11.32 61.10 2.43
C GLY A 1012 -10.79 59.70 2.22
N HIS A 1013 -9.96 59.21 3.14
CA HIS A 1013 -9.37 57.87 3.05
C HIS A 1013 -9.51 57.20 4.40
N LEU A 1014 -10.64 56.51 4.61
CA LEU A 1014 -10.87 55.76 5.83
C LEU A 1014 -10.18 54.40 5.80
N PRO A 1015 -10.33 53.63 4.72
CA PRO A 1015 -9.75 52.28 4.71
C PRO A 1015 -8.29 52.25 5.11
N TYR A 1016 -7.50 53.23 4.69
CA TYR A 1016 -6.12 53.30 5.13
C TYR A 1016 -6.03 53.33 6.65
N ILE A 1017 -6.98 54.01 7.30
CA ILE A 1017 -6.95 54.08 8.76
C ILE A 1017 -7.16 52.71 9.36
N LEU A 1018 -8.14 51.96 8.84
CA LEU A 1018 -8.38 50.62 9.34
C LEU A 1018 -7.16 49.73 9.12
N VAL A 1019 -6.56 49.81 7.93
CA VAL A 1019 -5.40 48.98 7.64
C VAL A 1019 -4.25 49.31 8.59
N LEU A 1020 -4.02 50.59 8.83
CA LEU A 1020 -2.93 50.98 9.73
C LEU A 1020 -3.20 50.53 11.15
N LEU A 1021 -4.44 50.66 11.62
CA LEU A 1021 -4.77 50.20 12.97
C LEU A 1021 -4.58 48.69 13.09
N ASN A 1022 -5.01 47.95 12.06
CA ASN A 1022 -4.79 46.51 12.06
C ASN A 1022 -3.30 46.20 12.09
N PHE A 1023 -2.51 46.94 11.32
CA PHE A 1023 -1.07 46.71 11.31
C PHE A 1023 -0.46 46.97 12.67
N ASN A 1024 -0.88 48.04 13.35
CA ASN A 1024 -0.37 48.32 14.68
C ASN A 1024 -0.73 47.20 15.64
N THR A 1025 -1.99 46.78 15.64
CA THR A 1025 -2.38 45.64 16.46
C THR A 1025 -1.61 44.39 16.07
N PHE A 1026 -1.11 44.36 14.83
CA PHE A 1026 -0.44 43.17 14.35
C PHE A 1026 0.99 43.11 14.87
N VAL A 1027 1.78 44.16 14.58
CA VAL A 1027 3.20 44.15 14.94
C VAL A 1027 3.38 44.29 16.45
N PHE A 1028 2.64 45.19 17.08
CA PHE A 1028 2.81 45.38 18.51
C PHE A 1028 2.37 44.17 19.32
N THR A 1029 1.68 43.22 18.68
CA THR A 1029 1.18 42.03 19.35
C THR A 1029 2.07 40.85 19.02
N ILE A 1030 2.46 40.09 20.04
CA ILE A 1030 3.32 38.93 19.79
C ILE A 1030 2.63 37.99 18.80
N PRO A 1031 3.33 37.46 17.80
CA PRO A 1031 2.70 36.46 16.92
C PRO A 1031 2.00 35.37 17.72
N LYS A 1032 1.09 34.64 17.07
CA LYS A 1032 0.33 33.61 17.75
C LYS A 1032 1.26 32.73 18.58
N ALA A 1033 1.11 32.79 19.90
CA ALA A 1033 2.01 32.13 20.83
C ALA A 1033 1.19 31.46 21.92
N SER A 1034 1.81 30.51 22.59
CA SER A 1034 1.14 29.76 23.65
C SER A 1034 0.01 28.93 23.05
N PRO A 1035 -0.54 27.98 23.80
CA PRO A 1035 -1.60 27.12 23.24
C PRO A 1035 -2.87 27.89 22.91
N ASN A 1036 -3.33 28.72 23.85
CA ASN A 1036 -4.56 29.48 23.68
C ASN A 1036 -4.43 30.96 24.03
N SER A 1037 -3.40 31.36 24.80
CA SER A 1037 -3.22 32.77 25.13
C SER A 1037 -3.09 33.58 23.85
N THR A 1038 -4.07 34.43 23.56
CA THR A 1038 -4.12 35.10 22.26
C THR A 1038 -2.96 36.06 22.08
N GLU A 1039 -2.52 36.74 23.13
CA GLU A 1039 -1.55 37.81 22.95
C GLU A 1039 -1.01 38.23 24.30
N ILE A 1040 0.31 38.41 24.38
CA ILE A 1040 0.99 38.97 25.54
C ILE A 1040 1.63 40.26 25.06
N LEU A 1041 1.01 41.40 25.37
CA LEU A 1041 1.40 42.67 24.77
C LEU A 1041 2.87 42.96 25.05
N GLN A 1042 3.59 43.39 24.02
CA GLN A 1042 4.97 43.82 24.18
C GLN A 1042 5.04 44.95 25.19
N THR A 1043 6.02 44.89 26.08
CA THR A 1043 6.11 45.84 27.19
C THR A 1043 7.00 47.03 26.86
N ILE A 1044 8.28 46.78 26.57
CA ILE A 1044 9.20 47.87 26.25
C ILE A 1044 8.72 48.67 25.05
N PRO A 1045 8.26 48.05 23.96
CA PRO A 1045 7.68 48.85 22.87
C PRO A 1045 6.50 49.69 23.33
N ALA A 1046 5.67 49.17 24.24
CA ALA A 1046 4.57 49.98 24.76
C ALA A 1046 5.09 51.18 25.52
N TYR A 1047 6.12 50.99 26.34
CA TYR A 1047 6.69 52.11 27.07
C TYR A 1047 7.22 53.17 26.12
N ILE A 1048 7.93 52.74 25.08
CA ILE A 1048 8.46 53.69 24.10
C ILE A 1048 7.32 54.41 23.41
N PHE A 1049 6.27 53.67 23.06
CA PHE A 1049 5.12 54.27 22.39
C PHE A 1049 4.51 55.36 23.25
N TYR A 1050 4.31 55.08 24.54
CA TYR A 1050 3.64 56.04 25.41
C TYR A 1050 4.54 57.21 25.74
N GLN A 1051 5.69 56.95 26.37
CA GLN A 1051 6.51 58.04 26.88
C GLN A 1051 6.92 58.99 25.77
N LYS A 1052 7.20 58.46 24.57
CA LYS A 1052 7.40 59.31 23.41
C LYS A 1052 6.11 59.94 22.93
N GLY A 1053 4.97 59.58 23.53
CA GLY A 1053 3.67 60.03 23.09
C GLY A 1053 2.89 58.88 22.51
N GLY A 1054 2.02 58.27 23.32
CA GLY A 1054 1.31 57.08 22.89
C GLY A 1054 -0.06 57.01 23.49
N TYR A 1055 -0.99 56.44 22.72
CA TYR A 1055 -2.41 56.33 23.05
C TYR A 1055 -3.11 57.67 22.92
N LEU A 1056 -2.33 58.75 22.82
CA LEU A 1056 -2.91 60.06 22.60
C LEU A 1056 -3.19 60.30 21.13
N LEU A 1057 -2.58 59.49 20.27
CA LEU A 1057 -2.92 59.53 18.86
C LEU A 1057 -4.26 58.86 18.60
N TYR A 1058 -4.51 57.72 19.25
CA TYR A 1058 -5.84 57.12 19.15
C TYR A 1058 -6.88 58.00 19.82
N LEU A 1059 -6.64 58.42 21.06
CA LEU A 1059 -7.66 59.11 21.86
C LEU A 1059 -8.44 60.11 21.02
N HIS A 1060 -7.75 60.81 20.13
CA HIS A 1060 -8.45 61.79 19.28
C HIS A 1060 -9.25 61.09 18.18
N ILE A 1061 -8.71 60.01 17.61
CA ILE A 1061 -9.46 59.26 16.60
C ILE A 1061 -10.74 58.70 17.21
N ILE A 1062 -10.65 58.22 18.45
CA ILE A 1062 -11.80 57.65 19.12
C ILE A 1062 -12.93 58.67 19.21
N ARG A 1063 -12.60 59.88 19.66
CA ARG A 1063 -13.63 60.90 19.83
C ARG A 1063 -14.28 61.27 18.51
N ASP A 1064 -13.48 61.42 17.45
CA ASP A 1064 -14.02 61.81 16.17
C ASP A 1064 -15.01 60.77 15.65
N LEU A 1065 -14.58 59.51 15.60
CA LEU A 1065 -15.47 58.46 15.11
C LEU A 1065 -16.71 58.33 16.00
N PHE A 1066 -16.52 58.43 17.32
CA PHE A 1066 -17.65 58.32 18.23
C PHE A 1066 -18.76 59.28 17.83
N THR A 1067 -18.43 60.54 17.60
CA THR A 1067 -19.42 61.49 17.13
C THR A 1067 -19.80 61.22 15.68
N ARG A 1068 -18.88 60.65 14.90
CA ARG A 1068 -19.18 60.31 13.52
C ARG A 1068 -20.28 59.26 13.44
N MET A 1069 -20.38 58.40 14.45
CA MET A 1069 -21.35 57.31 14.46
C MET A 1069 -22.64 57.69 15.17
N THR A 1070 -22.54 58.27 16.37
CA THR A 1070 -23.75 58.63 17.10
C THR A 1070 -24.64 59.58 16.30
N LYS A 1071 -24.04 60.39 15.42
CA LYS A 1071 -24.81 61.28 14.58
C LYS A 1071 -25.48 60.57 13.42
N ILE A 1072 -25.14 59.30 13.18
CA ILE A 1072 -25.69 58.58 12.03
C ILE A 1072 -27.21 58.65 12.06
N LYS A 1073 -27.79 58.70 10.87
CA LYS A 1073 -29.25 58.77 10.71
C LYS A 1073 -29.98 57.83 11.66
N LEU A 1095 -33.14 53.75 13.83
CA LEU A 1095 -32.50 53.11 14.97
C LEU A 1095 -31.35 52.22 14.51
N SER A 1096 -31.40 51.81 13.23
CA SER A 1096 -30.39 50.96 12.63
C SER A 1096 -30.51 49.54 13.15
N SER A 1097 -30.19 48.55 12.31
CA SER A 1097 -30.27 47.14 12.66
C SER A 1097 -28.88 46.53 12.44
N LEU A 1098 -28.07 46.54 13.49
CA LEU A 1098 -26.68 46.08 13.42
C LEU A 1098 -26.43 44.83 14.26
N ASP A 1099 -27.41 44.39 15.05
CA ASP A 1099 -27.17 43.28 15.96
C ASP A 1099 -26.66 42.05 15.23
N ASN A 1100 -27.21 41.77 14.05
CA ASN A 1100 -26.82 40.61 13.24
C ASN A 1100 -26.18 41.14 11.96
N ILE A 1101 -24.85 41.06 11.88
CA ILE A 1101 -24.10 41.54 10.73
C ILE A 1101 -22.83 40.73 10.59
N ASN A 1102 -22.26 40.74 9.39
CA ASN A 1102 -21.00 40.07 9.08
C ASN A 1102 -20.58 40.51 7.69
N TYR A 1103 -19.50 39.92 7.18
CA TYR A 1103 -19.07 40.14 5.80
C TYR A 1103 -18.77 41.63 5.57
N ILE A 1104 -17.69 42.07 6.21
CA ILE A 1104 -17.22 43.46 6.10
C ILE A 1104 -17.27 43.91 4.65
N ASP A 1105 -17.77 45.12 4.42
CA ASP A 1105 -17.95 45.65 3.08
C ASP A 1105 -17.72 47.16 3.12
N GLU A 1106 -18.13 47.86 2.06
CA GLU A 1106 -17.95 49.30 1.94
C GLU A 1106 -19.22 50.07 2.27
N SER A 1107 -20.14 49.48 3.01
CA SER A 1107 -21.33 50.20 3.48
C SER A 1107 -20.89 51.15 4.58
N ASN A 1108 -20.97 52.45 4.29
CA ASN A 1108 -20.37 53.49 5.12
C ASN A 1108 -20.47 53.18 6.60
N GLY A 1109 -21.63 52.71 7.05
CA GLY A 1109 -21.83 52.38 8.45
C GLY A 1109 -20.77 51.46 9.02
N ILE A 1110 -20.67 50.25 8.47
CA ILE A 1110 -19.81 49.23 9.06
C ILE A 1110 -18.38 49.75 9.19
N LEU A 1111 -17.86 50.36 8.12
CA LEU A 1111 -16.51 50.91 8.20
C LEU A 1111 -16.42 51.97 9.28
N THR A 1112 -17.42 52.86 9.35
CA THR A 1112 -17.39 53.94 10.33
C THR A 1112 -17.22 53.41 11.74
N LEU A 1113 -17.74 52.21 12.02
CA LEU A 1113 -17.63 51.61 13.35
C LEU A 1113 -16.55 50.55 13.44
N SER A 1114 -16.15 49.95 12.32
CA SER A 1114 -15.23 48.83 12.37
C SER A 1114 -13.95 49.20 13.10
N CYS A 1115 -13.53 50.47 13.01
CA CYS A 1115 -12.34 50.90 13.72
C CYS A 1115 -12.54 50.83 15.23
N LEU A 1116 -13.76 51.16 15.69
CA LEU A 1116 -13.98 51.31 17.13
C LEU A 1116 -13.63 50.03 17.89
N ILE A 1117 -14.02 48.88 17.35
CA ILE A 1117 -13.67 47.62 18.01
C ILE A 1117 -12.16 47.45 18.05
N ASN A 1118 -11.49 47.73 16.93
CA ASN A 1118 -10.04 47.58 16.89
C ASN A 1118 -9.37 48.48 17.91
N ALA A 1119 -9.81 49.74 18.00
CA ALA A 1119 -9.17 50.69 18.89
C ALA A 1119 -9.39 50.31 20.35
N LEU A 1120 -10.65 50.22 20.77
CA LEU A 1120 -10.95 49.92 22.16
C LEU A 1120 -10.29 48.62 22.60
N THR A 1121 -10.29 47.62 21.74
CA THR A 1121 -9.65 46.36 22.10
C THR A 1121 -8.19 46.58 22.47
N PHE A 1122 -7.45 47.26 21.59
CA PHE A 1122 -6.05 47.53 21.86
C PHE A 1122 -5.89 48.32 23.15
N TYR A 1123 -6.73 49.34 23.34
CA TYR A 1123 -6.64 50.15 24.55
C TYR A 1123 -6.80 49.29 25.79
N ASN A 1124 -7.78 48.38 25.79
CA ASN A 1124 -7.95 47.50 26.94
C ASN A 1124 -6.74 46.59 27.12
N LYS A 1125 -6.21 46.07 26.02
CA LYS A 1125 -5.10 45.11 26.14
C LYS A 1125 -3.98 45.68 27.00
N SER A 1126 -3.76 46.99 26.92
CA SER A 1126 -2.72 47.61 27.74
C SER A 1126 -3.05 47.51 29.22
N MET A 1127 -4.31 47.73 29.59
CA MET A 1127 -4.65 47.83 31.02
C MET A 1127 -4.62 46.46 31.68
N GLN A 1128 -4.95 45.40 30.94
CA GLN A 1128 -5.01 44.07 31.54
C GLN A 1128 -3.68 43.73 32.18
N THR A 1129 -3.73 43.16 33.38
CA THR A 1129 -2.54 42.77 34.12
C THR A 1129 -2.02 41.42 33.67
N GLU A 1130 -2.68 40.76 32.73
CA GLU A 1130 -2.26 39.46 32.23
C GLU A 1130 -1.82 39.49 30.77
N THR A 1131 -2.46 40.30 29.93
CA THR A 1131 -2.05 40.43 28.53
C THR A 1131 -0.90 41.44 28.41
N MET A 1132 0.17 41.15 29.14
CA MET A 1132 1.38 41.97 29.09
C MET A 1132 2.55 41.14 29.55
N GLU A 1133 3.65 41.18 28.80
CA GLU A 1133 4.81 40.37 29.11
C GLU A 1133 5.62 40.97 30.23
N ASN A 1134 6.11 40.12 31.14
CA ASN A 1134 6.85 40.56 32.31
C ASN A 1134 8.28 40.89 31.89
N VAL A 1135 8.62 42.18 31.88
CA VAL A 1135 9.93 42.64 31.48
C VAL A 1135 10.57 43.44 32.61
N GLN A 1136 10.25 43.07 33.84
CA GLN A 1136 10.74 43.78 35.03
C GLN A 1136 12.16 44.27 34.84
N SER A 1137 12.35 45.58 34.98
CA SER A 1137 13.65 46.20 34.76
C SER A 1137 13.74 47.44 35.66
N ILE A 1138 14.66 48.35 35.32
CA ILE A 1138 15.02 49.51 36.13
C ILE A 1138 16.05 49.06 37.16
N GLY A 1139 15.74 47.99 37.88
CA GLY A 1139 16.73 47.37 38.73
C GLY A 1139 17.91 46.92 37.90
N LYS A 1140 19.09 47.48 38.16
CA LYS A 1140 20.28 47.23 37.36
C LYS A 1140 20.13 47.74 35.93
N TYR A 1141 19.17 48.64 35.71
CA TYR A 1141 18.97 49.29 34.41
C TYR A 1141 19.20 50.79 34.49
N TYR A 1142 18.54 51.47 35.43
CA TYR A 1142 18.75 52.88 35.72
C TYR A 1142 18.93 52.97 37.23
N VAL A 1143 20.17 52.93 37.70
CA VAL A 1143 20.46 52.90 39.12
C VAL A 1143 20.82 54.30 39.63
N SER A 1144 20.44 55.35 38.92
CA SER A 1144 20.69 56.72 39.32
C SER A 1144 19.49 57.37 39.98
N ILE A 1145 18.44 56.60 40.28
CA ILE A 1145 17.21 57.12 40.88
C ILE A 1145 16.69 56.12 41.90
N ASP A 1146 15.68 56.55 42.65
CA ASP A 1146 15.02 55.73 43.64
C ASP A 1146 13.77 55.09 43.06
N ASP A 1147 13.24 54.10 43.78
CA ASP A 1147 12.03 53.40 43.36
C ASP A 1147 12.30 52.54 42.13
N ASP A 1148 11.25 51.93 41.57
CA ASP A 1148 11.41 51.06 40.42
C ASP A 1148 10.44 51.44 39.30
N TYR A 1149 9.27 51.96 39.66
CA TYR A 1149 8.21 52.27 38.71
C TYR A 1149 8.12 51.21 37.62
N ASN A 1150 8.02 49.95 38.07
CA ASN A 1150 8.04 48.80 37.17
C ASN A 1150 7.22 49.06 35.92
N ILE A 1151 7.81 48.72 34.77
CA ILE A 1151 7.26 49.13 33.48
C ILE A 1151 5.93 48.46 33.16
N MET A 1152 5.52 47.47 33.94
CA MET A 1152 4.17 46.90 33.80
C MET A 1152 3.21 47.53 34.79
N LYS A 1153 3.49 47.37 36.09
CA LYS A 1153 2.59 47.89 37.11
C LYS A 1153 2.51 49.41 37.05
N ALA A 1154 3.65 50.07 36.90
CA ALA A 1154 3.64 51.53 36.81
C ALA A 1154 3.02 52.00 35.50
N LEU A 1155 3.35 51.35 34.39
CA LEU A 1155 2.79 51.76 33.11
C LEU A 1155 1.28 51.66 33.10
N THR A 1156 0.73 50.67 33.82
CA THR A 1156 -0.72 50.55 33.88
C THR A 1156 -1.38 51.84 34.35
N VAL A 1157 -0.72 52.58 35.24
CA VAL A 1157 -1.32 53.72 35.91
C VAL A 1157 -1.72 54.81 34.92
N PRO A 1158 -0.77 55.42 34.21
CA PRO A 1158 -1.14 56.57 33.37
C PRO A 1158 -2.24 56.27 32.37
N ILE A 1159 -2.26 55.08 31.79
CA ILE A 1159 -3.34 54.73 30.89
C ILE A 1159 -4.66 54.76 31.63
N LYS A 1160 -4.70 54.19 32.84
CA LYS A 1160 -5.92 54.23 33.64
C LYS A 1160 -6.34 55.67 33.90
N VAL A 1161 -5.38 56.54 34.23
CA VAL A 1161 -5.70 57.95 34.41
C VAL A 1161 -6.36 58.49 33.14
N MET A 1162 -5.84 58.12 31.99
CA MET A 1162 -6.44 58.53 30.74
C MET A 1162 -7.74 57.77 30.49
N ALA A 1163 -8.53 58.33 29.57
CA ALA A 1163 -9.77 57.75 29.06
C ALA A 1163 -10.92 57.85 30.06
N LEU A 1164 -10.60 58.12 31.33
CA LEU A 1164 -11.68 58.39 32.28
C LEU A 1164 -12.25 59.78 32.02
N ALA A 1165 -11.39 60.69 31.57
CA ALA A 1165 -11.85 62.02 31.18
C ALA A 1165 -12.83 61.93 30.02
N MET A 1166 -12.53 61.12 29.00
CA MET A 1166 -13.47 61.01 27.88
C MET A 1166 -14.74 60.30 28.29
N ILE A 1167 -14.63 59.28 29.15
CA ILE A 1167 -15.84 58.63 29.65
C ILE A 1167 -16.74 59.66 30.34
N LEU A 1168 -16.17 60.45 31.25
CA LEU A 1168 -16.97 61.44 31.97
C LEU A 1168 -17.51 62.50 31.02
N ASP A 1169 -16.70 62.94 30.07
CA ASP A 1169 -17.15 63.97 29.13
C ASP A 1169 -18.32 63.49 28.31
N LEU A 1170 -18.24 62.26 27.80
CA LEU A 1170 -19.35 61.70 27.04
C LEU A 1170 -20.59 61.56 27.92
N ASP A 1171 -20.39 61.13 29.18
CA ASP A 1171 -21.52 61.01 30.08
C ASP A 1171 -22.20 62.36 30.30
N LYS A 1172 -21.41 63.41 30.47
CA LYS A 1172 -21.99 64.74 30.66
C LYS A 1172 -22.82 65.15 29.45
N SER A 1173 -22.33 64.89 28.26
CA SER A 1173 -23.10 65.13 27.05
C SER A 1173 -24.20 64.07 26.90
N ASP A 1174 -25.17 64.36 26.03
CA ASP A 1174 -26.27 63.44 25.80
C ASP A 1174 -25.79 62.26 24.97
N SER A 1175 -24.94 61.41 25.55
CA SER A 1175 -24.33 60.30 24.84
C SER A 1175 -24.77 58.95 25.38
N LEU A 1176 -24.61 58.70 26.68
CA LEU A 1176 -24.86 57.38 27.25
C LEU A 1176 -24.99 57.50 28.76
N PHE A 1177 -25.55 56.46 29.37
CA PHE A 1177 -26.02 56.52 30.75
C PHE A 1177 -27.05 57.64 30.91
N LYS A 1178 -27.91 57.77 29.91
CA LYS A 1178 -28.95 58.79 29.94
C LYS A 1178 -29.89 58.63 28.73
N THR A 1179 -30.90 59.48 28.65
CA THR A 1179 -31.80 59.51 27.50
C THR A 1179 -32.60 58.23 27.38
N GLN A 1180 -33.38 58.12 26.32
CA GLN A 1180 -34.17 56.93 26.01
C GLN A 1180 -33.63 56.28 24.74
N SER A 1181 -34.18 55.12 24.42
CA SER A 1181 -33.78 54.39 23.22
C SER A 1181 -32.31 54.02 23.28
N ARG A 1182 -31.88 53.15 22.37
CA ARG A 1182 -30.49 52.76 22.25
C ARG A 1182 -29.87 53.48 21.06
N ASN A 1183 -28.88 54.34 21.32
CA ASN A 1183 -28.08 54.95 20.26
C ASN A 1183 -26.61 54.64 20.56
N VAL A 1184 -26.21 53.42 20.19
CA VAL A 1184 -24.87 52.87 20.41
C VAL A 1184 -24.84 51.52 19.71
N PRO A 1185 -23.72 51.09 19.15
CA PRO A 1185 -23.64 49.71 18.67
C PRO A 1185 -23.61 48.72 19.81
N TYR A 1186 -24.21 47.55 19.57
CA TYR A 1186 -24.43 46.59 20.64
C TYR A 1186 -23.14 46.21 21.37
N SER A 1187 -22.03 46.11 20.65
CA SER A 1187 -20.79 45.61 21.25
C SER A 1187 -20.00 46.69 21.97
N VAL A 1188 -20.21 47.96 21.63
CA VAL A 1188 -19.43 49.02 22.26
C VAL A 1188 -19.72 49.08 23.74
N PHE A 1189 -20.93 48.68 24.17
CA PHE A 1189 -21.20 48.60 25.60
C PHE A 1189 -20.35 47.52 26.25
N LYS A 1190 -20.34 46.32 25.66
CA LYS A 1190 -19.48 45.26 26.17
C LYS A 1190 -18.06 45.77 26.32
N GLN A 1191 -17.59 46.51 25.32
CA GLN A 1191 -16.24 47.07 25.36
C GLN A 1191 -16.09 48.03 26.53
N LEU A 1192 -16.83 49.15 26.51
CA LEU A 1192 -16.72 50.14 27.58
C LEU A 1192 -16.88 49.49 28.94
N LEU A 1193 -17.83 48.56 29.07
CA LEU A 1193 -18.10 47.94 30.36
C LEU A 1193 -16.86 47.23 30.89
N SER A 1194 -16.15 46.51 30.01
CA SER A 1194 -14.93 45.85 30.43
C SER A 1194 -13.92 46.88 30.93
N MET A 1195 -13.83 48.03 30.26
CA MET A 1195 -12.91 49.07 30.69
C MET A 1195 -13.16 49.44 32.15
N LEU A 1196 -14.43 49.68 32.51
CA LEU A 1196 -14.76 50.00 33.90
C LEU A 1196 -14.23 48.92 34.84
N LYS A 1197 -14.48 47.66 34.51
CA LYS A 1197 -13.94 46.57 35.32
C LYS A 1197 -12.43 46.72 35.46
N ASN A 1198 -11.76 47.07 34.36
CA ASN A 1198 -10.32 47.32 34.43
C ASN A 1198 -10.02 48.62 35.14
N ILE A 1199 -10.75 49.70 34.82
CA ILE A 1199 -10.40 51.02 35.32
C ILE A 1199 -10.44 51.06 36.84
N PHE A 1200 -11.22 50.18 37.47
CA PHE A 1200 -11.24 50.06 38.92
C PHE A 1200 -10.44 48.88 39.43
N THR A 1201 -9.61 48.28 38.57
CA THR A 1201 -8.83 47.09 38.92
C THR A 1201 -7.48 47.53 39.48
N ASN A 1202 -7.49 47.96 40.74
CA ASN A 1202 -6.25 48.24 41.45
C ASN A 1202 -5.56 46.92 41.79
N VAL A 1203 -4.28 46.81 41.45
CA VAL A 1203 -3.58 45.55 41.69
C VAL A 1203 -2.75 45.66 42.96
N ASN A 1204 -1.63 46.39 42.89
CA ASN A 1204 -0.97 46.89 44.10
C ASN A 1204 0.06 47.94 43.72
N ILE A 1205 -0.28 49.22 43.80
CA ILE A 1205 0.71 50.25 43.51
C ILE A 1205 0.20 51.64 43.89
N TYR A 1206 1.12 52.49 44.34
CA TYR A 1206 0.89 53.93 44.40
C TYR A 1206 2.14 54.60 43.90
N THR A 1207 1.99 55.60 43.04
CA THR A 1207 3.12 56.19 42.32
C THR A 1207 3.22 57.67 42.64
N LYS A 1208 4.46 58.17 42.58
CA LYS A 1208 4.73 59.60 42.67
C LYS A 1208 5.33 60.14 41.37
N GLU A 1209 6.36 59.50 40.85
CA GLU A 1209 6.98 59.90 39.60
C GLU A 1209 7.54 58.68 38.88
N LEU A 1210 7.55 58.75 37.56
CA LEU A 1210 8.12 57.71 36.72
C LEU A 1210 9.22 58.32 35.86
N TYR A 1211 10.26 57.54 35.60
CA TYR A 1211 11.39 57.98 34.80
C TYR A 1211 11.39 57.25 33.46
N GLU A 1212 12.16 57.79 32.52
CA GLU A 1212 12.18 57.30 31.15
C GLU A 1212 13.41 56.44 30.91
N LEU A 1213 13.23 55.43 30.05
CA LEU A 1213 14.34 54.60 29.56
C LEU A 1213 14.89 55.28 28.31
N HIS A 1214 16.06 55.89 28.45
CA HIS A 1214 16.64 56.77 27.43
C HIS A 1214 18.07 56.29 27.13
N TRP A 1215 18.20 55.03 26.71
CA TRP A 1215 19.48 54.33 26.67
C TRP A 1215 20.66 55.24 26.38
N ASP A 1216 20.50 56.15 25.42
CA ASP A 1216 21.58 57.07 25.04
C ASP A 1216 22.38 57.47 26.27
N LEU A 1217 21.69 57.76 27.37
CA LEU A 1217 22.30 57.91 28.69
C LEU A 1217 21.87 56.71 29.52
N ILE A 1218 22.72 55.68 29.55
CA ILE A 1218 22.47 54.44 30.29
C ILE A 1218 23.72 54.10 31.08
N PHE A 1219 23.53 53.71 32.35
CA PHE A 1219 24.63 53.42 33.28
C PHE A 1219 25.76 54.40 32.95
N PRO A 1220 27.04 54.02 32.96
CA PRO A 1220 28.02 54.85 32.26
C PRO A 1220 27.55 55.15 30.85
N PRO A 1221 27.22 56.41 30.54
CA PRO A 1221 26.52 56.71 29.29
C PRO A 1221 27.42 56.74 28.07
N ILE A 1222 26.83 57.07 26.92
CA ILE A 1222 27.62 57.29 25.72
C ILE A 1222 28.13 58.72 25.68
N LYS A 1223 27.38 59.67 26.27
CA LYS A 1223 27.84 61.05 26.29
C LYS A 1223 29.16 61.18 27.04
N LYS A 1224 29.40 60.30 28.01
CA LYS A 1224 30.69 60.33 28.73
C LYS A 1224 31.84 60.16 27.75
N ILE A 1225 31.80 59.11 26.94
CA ILE A 1225 32.86 58.90 25.95
C ILE A 1225 32.81 60.00 24.90
N SER A 1226 31.62 60.53 24.61
CA SER A 1226 31.50 61.58 23.60
C SER A 1226 32.34 62.79 23.98
N LEU A 1227 32.15 63.30 25.20
CA LEU A 1227 32.86 64.53 25.61
C LEU A 1227 33.76 64.33 26.82
N PHE A 1228 33.20 63.81 27.91
CA PHE A 1228 33.88 63.85 29.21
C PHE A 1228 35.17 63.05 29.18
N GLU A 1229 35.06 61.74 29.01
CA GLU A 1229 36.24 60.87 28.97
C GLU A 1229 36.72 60.66 27.54
N GLN A 1230 36.93 61.78 26.84
CA GLN A 1230 37.42 61.76 25.47
C GLN A 1230 38.93 61.98 25.40
N VAL A 1231 39.42 63.06 26.02
CA VAL A 1231 40.85 63.30 26.07
C VAL A 1231 41.48 62.25 26.98
N GLY A 1232 42.47 61.53 26.47
CA GLY A 1232 43.06 60.41 27.18
C GLY A 1232 42.26 59.14 27.14
N ILE A 1233 41.05 59.18 26.59
CA ILE A 1233 40.15 58.03 26.49
C ILE A 1233 40.28 57.16 27.74
N PRO A 1234 39.92 57.66 28.92
CA PRO A 1234 39.94 56.82 30.13
C PRO A 1234 38.73 55.88 30.19
N GLY A 1235 38.61 55.04 29.16
CA GLY A 1235 37.47 54.13 29.11
C GLY A 1235 37.38 53.26 30.35
N ASP A 1236 38.49 52.62 30.72
CA ASP A 1236 38.51 51.85 31.95
C ASP A 1236 38.53 52.76 33.17
N VAL A 1237 39.38 53.79 33.16
CA VAL A 1237 39.56 54.63 34.34
C VAL A 1237 38.27 55.37 34.67
N ALA A 1238 37.68 56.05 33.67
CA ALA A 1238 36.46 56.79 33.93
C ALA A 1238 35.35 55.86 34.41
N ALA A 1239 35.16 54.74 33.71
CA ALA A 1239 34.19 53.76 34.16
C ALA A 1239 34.56 53.20 35.53
N ASN A 1240 35.86 52.97 35.75
CA ASN A 1240 36.31 52.51 37.05
C ASN A 1240 35.88 53.47 38.15
N TYR A 1241 36.19 54.75 37.98
CA TYR A 1241 35.82 55.74 38.99
C TYR A 1241 34.31 55.77 39.18
N LEU A 1242 33.57 55.76 38.08
CA LEU A 1242 32.11 55.87 38.18
C LEU A 1242 31.52 54.69 38.95
N THR A 1243 32.01 53.48 38.69
CA THR A 1243 31.41 52.29 39.27
C THR A 1243 31.96 51.97 40.65
N ASP A 1244 33.28 51.73 40.76
CA ASP A 1244 33.85 51.35 42.05
C ASP A 1244 33.72 52.46 43.07
N THR A 1245 33.50 53.69 42.62
CA THR A 1245 33.28 54.83 43.51
C THR A 1245 31.96 55.49 43.17
N GLY A 1246 31.70 56.67 43.73
CA GLY A 1246 30.46 57.38 43.50
C GLY A 1246 30.03 57.37 42.04
N ASP A 1247 28.85 56.79 41.79
CA ASP A 1247 28.33 56.66 40.43
C ASP A 1247 27.38 57.82 40.15
N ASP A 1248 27.97 59.01 40.02
CA ASP A 1248 27.21 60.21 39.69
C ASP A 1248 28.17 61.16 38.97
N LEU A 1249 28.10 61.17 37.63
CA LEU A 1249 28.98 61.99 36.81
C LEU A 1249 28.98 63.43 37.32
N PRO A 1250 30.07 63.89 37.94
CA PRO A 1250 30.09 65.28 38.44
C PRO A 1250 30.59 66.27 37.40
N ALA A 1251 30.60 65.85 36.14
CA ALA A 1251 31.20 66.64 35.06
C ALA A 1251 32.71 66.57 35.15
N ASP A 1252 33.42 67.46 34.47
CA ASP A 1252 34.87 67.43 34.38
C ASP A 1252 35.46 68.72 34.93
N ASN A 1253 36.52 68.57 35.74
CA ASN A 1253 37.32 69.68 36.22
C ASN A 1253 38.75 69.19 36.40
N SER A 1254 39.60 70.04 36.96
CA SER A 1254 41.01 69.73 37.15
C SER A 1254 41.36 69.64 38.64
N ILE A 1255 40.49 69.00 39.42
CA ILE A 1255 40.70 68.92 40.86
C ILE A 1255 41.77 67.89 41.19
N GLY A 1256 41.56 66.64 40.77
CA GLY A 1256 42.50 65.58 41.07
C GLY A 1256 42.57 64.52 39.99
N LEU A 1257 43.80 64.11 39.63
CA LEU A 1257 44.02 63.07 38.63
C LEU A 1257 43.40 63.47 37.29
N PHE A 1258 43.87 64.61 36.76
CA PHE A 1258 43.45 65.10 35.46
C PHE A 1258 44.66 65.59 34.69
N SER A 1259 44.56 65.53 33.36
CA SER A 1259 45.60 66.05 32.52
C SER A 1259 45.65 67.58 32.62
N PRO A 1260 46.82 68.18 32.41
CA PRO A 1260 46.88 69.65 32.46
C PRO A 1260 46.00 70.32 31.42
N GLU A 1261 45.83 69.70 30.25
CA GLU A 1261 45.01 70.26 29.19
C GLU A 1261 43.53 69.95 29.34
N GLN A 1262 43.15 69.11 30.30
CA GLN A 1262 41.75 68.77 30.47
C GLN A 1262 40.92 70.03 30.71
N TRP A 1263 41.40 70.90 31.61
CA TRP A 1263 40.83 72.23 31.75
C TRP A 1263 41.42 73.14 30.68
N GLU A 1264 40.66 74.18 30.34
CA GLU A 1264 40.89 75.07 29.20
C GLU A 1264 40.48 74.37 27.90
N LYS A 1265 40.14 73.08 27.94
CA LYS A 1265 39.57 72.36 26.82
C LYS A 1265 38.17 71.84 27.09
N TYR A 1266 37.89 71.44 28.34
CA TYR A 1266 36.55 71.01 28.71
C TYR A 1266 35.55 72.16 28.77
N LYS A 1267 36.01 73.41 28.70
CA LYS A 1267 35.12 74.56 28.88
C LYS A 1267 34.27 74.78 27.64
N LYS A 1268 33.49 73.77 27.25
CA LYS A 1268 32.58 73.87 26.11
C LYS A 1268 31.27 73.19 26.49
N LEU A 1269 30.35 73.96 27.05
CA LEU A 1269 29.04 73.47 27.43
C LEU A 1269 28.23 74.63 27.99
N ILE A 1270 26.91 74.50 27.90
CA ILE A 1270 25.99 75.47 28.51
C ILE A 1270 25.10 74.71 29.48
N GLY A 1271 24.29 73.80 28.95
CA GLY A 1271 23.55 72.86 29.77
C GLY A 1271 23.25 71.59 29.00
N GLU A 1272 23.63 70.45 29.58
CA GLU A 1272 23.39 69.15 28.95
C GLU A 1272 23.83 68.06 29.92
N ASP A 1273 22.99 67.03 30.04
CA ASP A 1273 23.27 65.86 30.89
C ASP A 1273 23.82 66.27 32.26
N LYS A 1274 23.35 67.39 32.80
CA LYS A 1274 23.65 67.78 34.18
C LYS A 1274 22.40 67.75 35.05
N SER A 1275 21.37 68.48 34.67
CA SER A 1275 20.04 68.35 35.26
C SER A 1275 19.11 67.52 34.39
N ILE A 1276 19.25 67.63 33.07
CA ILE A 1276 18.57 66.72 32.15
C ILE A 1276 19.28 65.38 32.06
N TYR A 1277 20.33 65.17 32.86
CA TYR A 1277 20.98 63.86 32.91
C TYR A 1277 19.96 62.76 33.13
N TYR A 1278 19.02 62.97 34.04
CA TYR A 1278 17.96 62.01 34.24
C TYR A 1278 16.96 62.11 33.09
N PRO A 1279 16.58 60.99 32.47
CA PRO A 1279 15.60 61.06 31.37
C PRO A 1279 14.29 61.73 31.79
N GLN A 1280 13.43 62.00 30.81
CA GLN A 1280 12.15 62.66 31.02
C GLN A 1280 11.37 61.98 32.14
N PRO A 1281 11.22 62.62 33.31
CA PRO A 1281 10.32 62.06 34.33
C PRO A 1281 8.88 62.10 33.86
N MET A 1282 8.41 63.29 33.50
CA MET A 1282 7.04 63.50 33.04
C MET A 1282 7.02 64.79 32.23
N GLN A 1283 6.70 64.71 30.94
CA GLN A 1283 6.66 65.90 30.12
C GLN A 1283 5.31 66.59 30.21
N ALA A 1284 4.23 65.87 29.90
CA ALA A 1284 2.89 66.43 29.96
C ALA A 1284 1.90 65.27 29.89
N GLN A 1285 0.64 65.57 30.17
CA GLN A 1285 -0.41 64.57 30.25
C GLN A 1285 -1.62 65.08 29.47
N TYR A 1286 -2.76 64.40 29.63
CA TYR A 1286 -3.97 64.78 28.91
C TYR A 1286 -4.68 65.94 29.58
N TYR A 1287 -5.12 65.76 30.84
CA TYR A 1287 -5.91 66.76 31.52
C TYR A 1287 -5.16 67.35 32.72
N LYS A 1288 -4.75 66.54 33.68
CA LYS A 1288 -3.99 67.04 34.83
C LYS A 1288 -3.39 65.87 35.58
N GLY A 1289 -2.06 65.79 35.61
CA GLY A 1289 -1.37 64.75 36.34
C GLY A 1289 -1.60 63.38 35.73
N CYS A 1290 -0.64 62.48 35.86
CA CYS A 1290 -0.82 61.14 35.32
C CYS A 1290 -0.19 60.04 36.15
N SER A 1291 0.44 60.32 37.29
CA SER A 1291 1.12 59.31 38.09
C SER A 1291 0.41 59.23 39.44
N SER A 1292 -0.68 58.47 39.48
CA SER A 1292 -1.44 58.24 40.71
C SER A 1292 -1.93 59.57 41.28
N LYS A 1293 -2.88 59.50 42.21
CA LYS A 1293 -3.49 60.61 42.92
C LYS A 1293 -4.40 61.41 42.01
N GLU A 1294 -4.42 61.17 40.70
CA GLU A 1294 -5.53 61.60 39.86
C GLU A 1294 -6.66 60.59 39.95
N LEU A 1295 -6.31 59.30 39.94
CA LEU A 1295 -7.18 58.28 40.48
C LEU A 1295 -7.20 58.41 42.00
N ASP A 1296 -8.25 57.86 42.61
CA ASP A 1296 -8.60 58.02 44.01
C ASP A 1296 -9.21 59.40 44.25
N GLU A 1297 -9.21 60.28 43.26
CA GLU A 1297 -9.99 61.52 43.29
C GLU A 1297 -10.91 61.67 42.09
N LEU A 1298 -10.58 61.07 40.94
CA LEU A 1298 -11.48 61.04 39.80
C LEU A 1298 -12.49 59.91 39.88
N ARG A 1299 -12.20 58.87 40.67
CA ARG A 1299 -13.16 57.78 40.83
C ARG A 1299 -14.45 58.28 41.48
N ASP A 1300 -14.32 59.14 42.49
CA ASP A 1300 -15.48 59.54 43.27
C ASP A 1300 -16.51 60.25 42.42
N THR A 1301 -16.06 61.12 41.50
CA THR A 1301 -17.01 61.86 40.67
C THR A 1301 -17.95 60.91 39.94
N PHE A 1302 -17.40 59.89 39.27
CA PHE A 1302 -18.24 58.92 38.60
C PHE A 1302 -18.97 58.04 39.60
N PHE A 1303 -18.30 57.67 40.70
CA PHE A 1303 -18.91 56.78 41.68
C PHE A 1303 -20.24 57.30 42.19
N ASN A 1304 -20.39 58.62 42.26
CA ASN A 1304 -21.61 59.24 42.76
C ASN A 1304 -22.35 60.00 41.66
N ASP A 1305 -22.18 59.59 40.41
CA ASP A 1305 -22.79 60.29 39.28
C ASP A 1305 -23.80 59.44 38.53
N GLY A 1306 -23.40 58.26 38.05
CA GLY A 1306 -24.19 57.54 37.06
C GLY A 1306 -24.71 56.19 37.49
N LEU A 1307 -24.20 55.14 36.85
CA LEU A 1307 -24.75 53.80 37.02
C LEU A 1307 -24.92 53.37 38.47
N PRO A 1308 -23.93 53.55 39.36
CA PRO A 1308 -24.10 53.08 40.74
C PRO A 1308 -25.42 53.49 41.36
N SER A 1309 -26.10 54.48 40.76
CA SER A 1309 -27.46 54.81 41.18
C SER A 1309 -28.36 55.13 39.99
N ARG A 1310 -28.00 54.74 38.76
CA ARG A 1310 -28.83 55.04 37.60
C ARG A 1310 -28.90 53.91 36.59
N ILE A 1311 -28.61 52.67 36.98
CA ILE A 1311 -28.70 51.56 36.04
C ILE A 1311 -30.16 51.29 35.69
N PHE A 1312 -31.06 51.41 36.66
CA PHE A 1312 -32.45 51.05 36.43
C PHE A 1312 -33.05 51.84 35.28
N THR A 1313 -32.53 53.04 35.02
CA THR A 1313 -33.00 53.81 33.88
C THR A 1313 -32.46 53.29 32.55
N VAL A 1314 -31.22 52.81 32.55
CA VAL A 1314 -30.60 52.37 31.29
C VAL A 1314 -30.93 50.93 30.97
N LEU A 1315 -31.01 50.08 31.99
CA LEU A 1315 -31.22 48.65 31.75
C LEU A 1315 -32.42 48.35 30.87
N PRO A 1316 -33.56 49.02 31.02
CA PRO A 1316 -34.69 48.71 30.12
C PRO A 1316 -34.33 48.84 28.65
N PHE A 1317 -33.33 49.64 28.32
CA PHE A 1317 -32.95 49.89 26.94
C PHE A 1317 -31.84 48.97 26.46
N TYR A 1318 -31.36 48.05 27.29
CA TYR A 1318 -30.28 47.13 26.91
C TYR A 1318 -30.43 45.85 27.72
N PRO A 1319 -31.33 44.96 27.30
CA PRO A 1319 -31.56 43.73 28.06
C PRO A 1319 -30.52 42.64 27.80
N LYS A 1320 -30.00 42.58 26.57
CA LYS A 1320 -29.14 41.46 26.18
C LYS A 1320 -27.93 41.35 27.09
N LEU A 1321 -27.22 42.45 27.28
CA LEU A 1321 -25.95 42.44 28.00
C LEU A 1321 -26.11 42.42 29.51
N VAL A 1322 -27.34 42.29 30.01
CA VAL A 1322 -27.56 42.22 31.46
C VAL A 1322 -26.58 41.23 32.08
N ASN A 1323 -26.27 40.16 31.35
CA ASN A 1323 -25.24 39.21 31.75
C ASN A 1323 -24.00 39.91 32.28
N ALA A 1324 -23.63 41.02 31.66
CA ALA A 1324 -22.39 41.72 31.98
C ALA A 1324 -22.56 42.86 32.97
N PHE A 1325 -23.72 43.53 32.96
CA PHE A 1325 -23.90 44.71 33.81
C PHE A 1325 -23.52 44.41 35.25
N ALA A 1326 -23.90 43.24 35.75
CA ALA A 1326 -23.62 42.91 37.14
C ALA A 1326 -22.13 42.90 37.42
N LYS A 1327 -21.34 42.35 36.51
CA LYS A 1327 -19.90 42.25 36.73
C LYS A 1327 -19.31 43.61 37.08
N THR A 1328 -19.68 44.64 36.32
CA THR A 1328 -19.15 45.98 36.60
C THR A 1328 -19.57 46.45 37.98
N LEU A 1329 -20.83 46.24 38.35
CA LEU A 1329 -21.30 46.68 39.66
C LEU A 1329 -20.55 45.97 40.77
N LEU A 1330 -20.35 44.66 40.64
CA LEU A 1330 -19.60 43.92 41.65
C LEU A 1330 -18.17 44.45 41.76
N GLN A 1331 -17.53 44.68 40.62
CA GLN A 1331 -16.17 45.23 40.65
C GLN A 1331 -16.15 46.59 41.34
N ILE A 1332 -17.13 47.43 41.04
CA ILE A 1332 -17.18 48.76 41.65
C ILE A 1332 -17.31 48.64 43.16
N PHE A 1333 -18.27 47.83 43.62
CA PHE A 1333 -18.51 47.72 45.05
C PHE A 1333 -17.42 46.95 45.78
N THR A 1334 -16.54 46.25 45.05
CA THR A 1334 -15.53 45.43 45.70
C THR A 1334 -14.60 46.27 46.57
N LYS A 1335 -13.86 47.21 45.97
CA LYS A 1335 -12.82 47.91 46.70
C LYS A 1335 -13.40 48.73 47.85
N TYR A 1336 -14.55 49.37 47.63
CA TYR A 1336 -15.12 50.28 48.61
C TYR A 1336 -15.80 49.50 49.73
N ASP A 1337 -16.61 50.19 50.53
CA ASP A 1337 -17.30 49.55 51.66
C ASP A 1337 -18.21 48.44 51.15
N GLU A 1338 -18.88 47.73 52.07
CA GLU A 1338 -19.58 46.49 51.77
C GLU A 1338 -21.08 46.63 52.05
N PRO A 1339 -21.80 47.40 51.23
CA PRO A 1339 -23.27 47.33 51.28
C PRO A 1339 -23.78 46.03 50.69
N THR A 1340 -23.24 45.66 49.53
CA THR A 1340 -23.49 44.37 48.90
C THR A 1340 -24.98 44.03 48.85
N GLU A 1341 -25.43 43.18 49.77
CA GLU A 1341 -26.80 42.67 49.71
C GLU A 1341 -27.83 43.79 49.84
N VAL A 1342 -27.43 44.96 50.33
CA VAL A 1342 -28.34 46.10 50.31
C VAL A 1342 -28.77 46.40 48.88
N PHE A 1343 -27.86 46.16 47.92
CA PHE A 1343 -28.23 46.36 46.52
C PHE A 1343 -29.32 45.37 46.10
N ALA A 1344 -29.19 44.11 46.50
CA ALA A 1344 -30.23 43.13 46.17
C ALA A 1344 -31.55 43.50 46.84
N GLY A 1345 -31.48 44.00 48.07
CA GLY A 1345 -32.70 44.43 48.75
C GLY A 1345 -33.38 45.57 48.03
N ARG A 1346 -32.61 46.59 47.66
CA ARG A 1346 -33.16 47.69 46.87
C ARG A 1346 -33.71 47.18 45.55
N ILE A 1347 -33.08 46.16 44.97
CA ILE A 1347 -33.60 45.54 43.76
C ILE A 1347 -35.00 44.99 44.03
N LEU A 1348 -35.11 44.07 44.98
CA LEU A 1348 -36.40 43.44 45.23
C LEU A 1348 -37.47 44.47 45.53
N ASP A 1349 -37.13 45.48 46.34
CA ASP A 1349 -38.10 46.53 46.63
C ASP A 1349 -38.59 47.20 45.36
N ARG A 1350 -37.76 47.18 44.31
CA ARG A 1350 -38.22 47.63 43.00
C ARG A 1350 -38.93 46.53 42.23
N ILE A 1351 -38.65 45.26 42.53
CA ILE A 1351 -39.29 44.16 41.81
C ILE A 1351 -40.79 44.18 42.04
N LEU A 1352 -41.20 44.25 43.31
CA LEU A 1352 -42.62 44.19 43.62
C LEU A 1352 -43.38 45.31 42.91
N GLU A 1353 -42.78 46.49 42.82
CA GLU A 1353 -43.38 47.62 42.13
C GLU A 1353 -43.31 47.49 40.62
N THR A 1354 -42.92 46.33 40.10
CA THR A 1354 -42.76 46.18 38.66
C THR A 1354 -44.08 46.26 37.90
N ASP A 1355 -45.23 46.23 38.59
CA ASP A 1355 -46.52 46.30 37.92
C ASP A 1355 -46.67 45.14 36.93
N LEU A 1356 -46.79 43.95 37.52
CA LEU A 1356 -46.57 42.67 36.84
C LEU A 1356 -46.99 42.69 35.38
N ASP A 1357 -48.13 43.31 35.07
CA ASP A 1357 -48.65 43.34 33.71
C ASP A 1357 -47.58 43.57 32.66
N ASP A 1358 -46.55 44.37 32.99
CA ASP A 1358 -45.53 44.72 32.00
C ASP A 1358 -44.45 43.64 31.97
N PRO A 1359 -44.28 42.92 30.84
CA PRO A 1359 -43.20 41.93 30.72
C PRO A 1359 -41.90 42.53 30.21
N ALA A 1360 -41.48 43.65 30.79
CA ALA A 1360 -40.28 44.35 30.35
C ALA A 1360 -39.20 44.37 31.43
N THR A 1361 -39.50 44.92 32.60
CA THR A 1361 -38.49 45.03 33.65
C THR A 1361 -38.33 43.72 34.40
N LEU A 1362 -39.46 43.12 34.82
CA LEU A 1362 -39.39 41.92 35.66
C LEU A 1362 -38.54 40.84 35.01
N SER A 1363 -38.70 40.65 33.71
CA SER A 1363 -38.02 39.55 33.02
C SER A 1363 -36.51 39.63 33.23
N SER A 1364 -35.92 40.78 32.92
CA SER A 1364 -34.48 40.93 33.09
C SER A 1364 -34.10 41.12 34.55
N LEU A 1365 -34.99 41.72 35.34
CA LEU A 1365 -34.66 42.00 36.73
C LEU A 1365 -34.50 40.72 37.54
N ILE A 1366 -35.35 39.72 37.31
CA ILE A 1366 -35.17 38.47 38.03
C ILE A 1366 -33.84 37.84 37.66
N HIS A 1367 -33.46 37.91 36.38
CA HIS A 1367 -32.16 37.39 35.99
C HIS A 1367 -31.04 38.11 36.70
N LEU A 1368 -31.15 39.44 36.81
CA LEU A 1368 -30.17 40.20 37.59
C LEU A 1368 -30.08 39.66 39.00
N PHE A 1369 -31.23 39.49 39.66
CA PHE A 1369 -31.23 38.96 41.02
C PHE A 1369 -30.52 37.61 41.05
N GLY A 1370 -30.88 36.71 40.14
CA GLY A 1370 -30.33 35.38 40.17
C GLY A 1370 -28.81 35.39 40.05
N ILE A 1371 -28.30 36.14 39.06
CA ILE A 1371 -26.85 36.19 38.90
C ILE A 1371 -26.20 36.80 40.13
N PHE A 1372 -26.85 37.80 40.73
CA PHE A 1372 -26.37 38.33 42.00
C PHE A 1372 -26.37 37.25 43.07
N LEU A 1373 -27.41 36.42 43.10
CA LEU A 1373 -27.51 35.39 44.12
C LEU A 1373 -26.55 34.23 43.86
N ASN A 1374 -26.22 33.98 42.58
CA ASN A 1374 -25.33 32.87 42.26
C ASN A 1374 -23.99 32.99 42.97
N GLU A 1375 -23.52 34.21 43.20
CA GLU A 1375 -22.19 34.41 43.76
C GLU A 1375 -22.10 33.80 45.15
N LYS A 1376 -20.96 33.20 45.45
CA LYS A 1376 -20.78 32.50 46.72
C LYS A 1376 -20.90 33.46 47.89
N TYR A 1377 -20.02 34.45 47.97
CA TYR A 1377 -19.90 35.21 49.22
C TYR A 1377 -21.22 35.90 49.57
N ILE A 1378 -21.97 36.37 48.58
CA ILE A 1378 -23.29 36.95 48.84
C ILE A 1378 -24.27 35.79 48.74
N TYR A 1379 -24.30 34.96 49.79
CA TYR A 1379 -25.37 34.00 49.97
C TYR A 1379 -25.84 33.98 51.43
N GLN A 1380 -24.89 34.12 52.35
CA GLN A 1380 -25.15 33.80 53.75
C GLN A 1380 -26.16 34.78 54.36
N LYS A 1381 -25.90 36.07 54.21
CA LYS A 1381 -26.75 37.10 54.83
C LYS A 1381 -27.78 37.60 53.81
N ALA A 1382 -28.58 36.66 53.31
CA ALA A 1382 -29.66 36.98 52.38
C ALA A 1382 -30.93 36.19 52.67
N SER A 1383 -31.03 35.53 53.84
CA SER A 1383 -32.16 34.66 54.11
C SER A 1383 -33.48 35.42 54.02
N HIS A 1384 -33.56 36.57 54.71
CA HIS A 1384 -34.80 37.34 54.71
C HIS A 1384 -35.24 37.68 53.29
N LEU A 1385 -34.29 37.85 52.37
CA LEU A 1385 -34.64 38.17 50.99
C LEU A 1385 -35.23 36.96 50.28
N MET A 1386 -34.62 35.79 50.47
CA MET A 1386 -35.08 34.60 49.76
C MET A 1386 -36.50 34.23 50.16
N GLN A 1387 -36.81 34.32 51.46
CA GLN A 1387 -38.15 33.99 51.90
C GLN A 1387 -39.18 34.95 51.32
N ARG A 1388 -38.85 36.24 51.29
CA ARG A 1388 -39.76 37.20 50.67
C ARG A 1388 -39.98 36.88 49.20
N PHE A 1389 -38.91 36.48 48.51
CA PHE A 1389 -39.07 36.06 47.12
C PHE A 1389 -40.00 34.86 47.03
N ILE A 1390 -39.85 33.91 47.95
CA ILE A 1390 -40.72 32.72 47.95
C ILE A 1390 -42.17 33.13 48.12
N GLU A 1391 -42.42 34.03 49.07
CA GLU A 1391 -43.80 34.46 49.33
C GLU A 1391 -44.37 35.17 48.11
N TYR A 1392 -43.57 36.04 47.48
CA TYR A 1392 -44.06 36.68 46.26
C TYR A 1392 -44.38 35.65 45.20
N LEU A 1393 -43.51 34.65 45.03
CA LEU A 1393 -43.73 33.65 43.99
C LEU A 1393 -45.01 32.86 44.26
N GLU A 1394 -45.26 32.51 45.53
CA GLU A 1394 -46.38 31.65 45.86
C GLU A 1394 -47.67 32.23 45.32
N LYS A 1395 -48.08 33.39 45.81
CA LYS A 1395 -49.25 34.04 45.26
C LYS A 1395 -48.91 34.73 43.95
N SER A 1396 -49.95 35.02 43.17
CA SER A 1396 -49.86 35.70 41.89
C SER A 1396 -49.20 34.84 40.81
N LEU A 1397 -48.73 33.64 41.14
CA LEU A 1397 -48.09 32.81 40.12
C LEU A 1397 -49.07 32.44 39.02
N LYS A 1398 -50.29 32.05 39.38
CA LYS A 1398 -51.32 31.83 38.38
C LYS A 1398 -50.86 30.77 37.38
N PRO A 1399 -50.89 29.48 37.73
CA PRO A 1399 -50.18 28.46 36.92
C PRO A 1399 -50.41 28.60 35.43
N GLU A 1400 -51.42 29.36 35.02
CA GLU A 1400 -51.54 29.74 33.61
C GLU A 1400 -50.32 30.52 33.14
N HIS A 1401 -49.56 31.13 34.05
CA HIS A 1401 -48.40 31.94 33.69
C HIS A 1401 -47.26 31.01 33.26
N VAL A 1402 -47.34 30.53 32.03
CA VAL A 1402 -46.28 29.69 31.48
C VAL A 1402 -45.90 30.16 30.08
N ASN A 1403 -46.76 30.99 29.47
CA ASN A 1403 -46.58 31.42 28.09
C ASN A 1403 -46.01 32.82 27.98
N THR A 1404 -45.33 33.31 29.01
CA THR A 1404 -44.74 34.63 29.01
C THR A 1404 -43.26 34.53 29.37
N PRO A 1405 -42.43 35.46 28.88
CA PRO A 1405 -40.99 35.32 29.10
C PRO A 1405 -40.58 35.25 30.57
N TRP A 1406 -41.34 35.89 31.46
CA TRP A 1406 -40.93 35.95 32.86
C TRP A 1406 -41.28 34.67 33.61
N PHE A 1407 -40.96 33.52 33.01
CA PHE A 1407 -41.18 32.23 33.65
C PHE A 1407 -39.85 31.49 33.80
N SER A 1408 -39.05 31.43 32.74
CA SER A 1408 -37.83 30.63 32.73
C SER A 1408 -36.86 31.10 33.80
N LYS A 1409 -36.61 32.39 33.89
CA LYS A 1409 -35.61 32.88 34.85
C LYS A 1409 -36.13 32.78 36.28
N ALA A 1410 -37.44 32.98 36.48
CA ALA A 1410 -38.01 32.75 37.79
C ALA A 1410 -37.80 31.31 38.23
N LEU A 1411 -38.10 30.36 37.35
CA LEU A 1411 -37.85 28.98 37.68
C LEU A 1411 -36.36 28.69 37.81
N TYR A 1412 -35.51 29.47 37.16
CA TYR A 1412 -34.06 29.27 37.29
C TYR A 1412 -33.59 29.65 38.70
N VAL A 1413 -34.03 30.81 39.18
CA VAL A 1413 -33.68 31.21 40.55
C VAL A 1413 -34.27 30.22 41.53
N TYR A 1414 -35.50 29.76 41.29
CA TYR A 1414 -36.07 28.74 42.16
C TYR A 1414 -35.25 27.46 42.10
N GLU A 1415 -34.73 27.13 40.91
CA GLU A 1415 -33.90 25.93 40.77
C GLU A 1415 -32.66 26.05 41.64
N ILE A 1416 -32.00 27.20 41.59
CA ILE A 1416 -30.81 27.39 42.42
C ILE A 1416 -31.20 27.24 43.89
N ILE A 1417 -32.24 27.93 44.32
CA ILE A 1417 -32.62 27.91 45.72
C ILE A 1417 -32.92 26.49 46.17
N LEU A 1418 -33.76 25.79 45.40
CA LEU A 1418 -34.17 24.44 45.78
C LEU A 1418 -32.99 23.49 45.79
N ALA A 1419 -32.24 23.44 44.68
CA ALA A 1419 -31.11 22.52 44.59
C ALA A 1419 -30.15 22.72 45.75
N LYS A 1420 -29.77 23.98 46.01
CA LYS A 1420 -28.93 24.24 47.17
C LYS A 1420 -29.64 23.91 48.47
N SER A 1421 -30.98 23.84 48.45
CA SER A 1421 -31.73 23.63 49.68
C SER A 1421 -31.74 22.16 50.09
N GLU A 1422 -32.31 21.29 49.25
CA GLU A 1422 -32.53 19.90 49.63
C GLU A 1422 -31.30 19.06 49.31
N LEU A 1423 -30.17 19.49 49.87
CA LEU A 1423 -28.95 18.69 49.86
C LEU A 1423 -29.14 17.49 50.77
N PRO A 1424 -28.18 16.58 50.86
CA PRO A 1424 -28.22 15.60 51.95
C PRO A 1424 -28.45 16.32 53.27
N HIS A 1425 -29.60 16.07 53.90
CA HIS A 1425 -30.03 16.89 55.02
C HIS A 1425 -28.88 17.08 56.01
N LEU A 1426 -28.83 18.29 56.59
CA LEU A 1426 -27.76 18.61 57.53
C LEU A 1426 -27.80 17.65 58.71
N GLU A 1427 -26.63 17.15 59.09
CA GLU A 1427 -26.50 16.24 60.22
C GLU A 1427 -25.24 16.58 60.99
N GLU A 1428 -25.34 16.50 62.32
CA GLU A 1428 -24.19 16.73 63.20
C GLU A 1428 -24.13 15.60 64.22
N LEU A 1429 -22.91 15.29 64.63
CA LEU A 1429 -22.65 14.15 65.51
C LEU A 1429 -22.43 14.61 66.95
N SER A 1430 -22.38 13.64 67.84
CA SER A 1430 -22.28 13.90 69.27
C SER A 1430 -21.87 12.60 69.95
N LYS A 1431 -21.96 12.57 71.28
CA LYS A 1431 -21.68 11.37 72.08
C LYS A 1431 -20.24 10.88 71.86
N ASP A 1432 -19.29 11.74 72.25
CA ASP A 1432 -17.87 11.40 72.22
C ASP A 1432 -17.46 10.87 70.85
N VAL A 1433 -17.61 11.72 69.84
CA VAL A 1433 -17.32 11.34 68.47
C VAL A 1433 -15.84 11.05 68.26
N LEU A 1434 -14.97 11.55 69.14
CA LEU A 1434 -13.53 11.38 69.00
C LEU A 1434 -13.05 11.93 67.66
N LEU A 1435 -13.19 13.25 67.51
CA LEU A 1435 -12.92 13.88 66.23
C LEU A 1435 -11.54 13.53 65.69
N ARG A 1436 -10.51 13.64 66.54
CA ARG A 1436 -9.18 13.27 66.10
C ARG A 1436 -8.77 14.07 64.88
N TYR A 1437 -8.49 15.36 65.07
CA TYR A 1437 -8.34 16.32 63.98
C TYR A 1437 -9.72 16.51 63.36
N PRO A 1438 -10.69 17.02 64.14
CA PRO A 1438 -12.08 17.09 63.67
C PRO A 1438 -12.24 17.60 62.25
N LEU A 1439 -13.31 17.15 61.60
CA LEU A 1439 -13.67 17.68 60.30
C LEU A 1439 -13.67 19.20 60.32
N LEU A 1440 -13.44 19.80 59.14
CA LEU A 1440 -13.40 21.25 59.03
C LEU A 1440 -14.79 21.88 59.18
N SER A 1441 -15.85 21.08 59.22
CA SER A 1441 -17.21 21.58 59.29
C SER A 1441 -17.63 22.12 57.93
N MET A 1442 -18.92 22.39 57.76
CA MET A 1442 -19.46 22.82 56.48
C MET A 1442 -20.31 24.08 56.67
N ALA A 1443 -20.43 24.84 55.59
CA ALA A 1443 -21.19 26.09 55.61
C ALA A 1443 -22.68 25.79 55.82
N LYS A 1444 -23.49 26.84 55.87
CA LYS A 1444 -24.91 26.71 56.14
C LYS A 1444 -25.71 26.63 54.84
N VAL A 1445 -26.99 26.32 54.99
CA VAL A 1445 -27.96 26.34 53.91
C VAL A 1445 -29.28 26.81 54.47
N PHE A 1446 -30.30 26.90 53.61
CA PHE A 1446 -31.62 27.37 53.98
C PHE A 1446 -32.65 26.33 53.54
N ARG A 1447 -32.93 25.37 54.42
CA ARG A 1447 -33.96 24.37 54.14
C ARG A 1447 -35.32 25.04 54.07
N ILE A 1448 -35.93 25.01 52.89
CA ILE A 1448 -37.21 25.69 52.67
C ILE A 1448 -38.28 25.03 53.54
N PRO A 1449 -39.33 25.74 53.90
CA PRO A 1449 -40.39 25.12 54.72
C PRO A 1449 -41.11 24.01 53.97
N ASP A 1450 -41.58 23.02 54.75
CA ASP A 1450 -42.21 21.85 54.15
C ASP A 1450 -43.51 22.21 53.43
N PRO A 1451 -44.53 22.74 54.09
CA PRO A 1451 -45.83 22.93 53.42
C PRO A 1451 -45.75 23.79 52.18
N MET A 1452 -44.85 24.77 52.15
CA MET A 1452 -44.76 25.66 50.99
C MET A 1452 -44.47 24.85 49.73
N LYS A 1453 -43.54 23.90 49.80
CA LYS A 1453 -43.24 23.07 48.64
C LYS A 1453 -44.50 22.40 48.11
N GLN A 1454 -45.30 21.81 49.00
CA GLN A 1454 -46.52 21.15 48.57
C GLN A 1454 -47.38 22.08 47.73
N LYS A 1455 -47.52 23.31 48.17
CA LYS A 1455 -48.28 24.26 47.37
C LYS A 1455 -47.65 24.42 45.99
N LEU A 1456 -46.35 24.69 45.93
CA LEU A 1456 -45.70 24.88 44.65
C LEU A 1456 -45.95 23.71 43.72
N PHE A 1457 -45.69 22.50 44.19
CA PHE A 1457 -45.98 21.32 43.39
C PHE A 1457 -47.44 21.30 42.97
N ASP A 1458 -48.35 21.53 43.92
CA ASP A 1458 -49.77 21.63 43.58
C ASP A 1458 -50.07 22.83 42.69
N ILE A 1459 -49.26 23.89 42.74
CA ILE A 1459 -49.37 24.95 41.74
C ILE A 1459 -48.51 24.69 40.52
N LEU A 1460 -47.54 23.77 40.58
CA LEU A 1460 -46.68 23.57 39.43
C LEU A 1460 -47.24 22.56 38.44
N ILE A 1461 -47.73 21.41 38.89
CA ILE A 1461 -48.12 20.34 37.95
C ILE A 1461 -49.55 20.65 37.55
N ARG A 1462 -49.70 21.64 36.68
CA ARG A 1462 -50.93 21.89 35.95
C ARG A 1462 -50.63 22.87 34.82
N VAL A 1463 -50.67 22.41 33.58
CA VAL A 1463 -50.37 23.27 32.45
C VAL A 1463 -51.20 22.83 31.26
N SER A 1464 -51.12 23.58 30.15
CA SER A 1464 -51.88 23.24 28.96
C SER A 1464 -51.36 24.06 27.79
N ASP A 1465 -51.29 23.42 26.62
CA ASP A 1465 -50.94 24.11 25.39
C ASP A 1465 -49.63 24.86 25.52
N ILE A 1466 -48.65 24.22 26.16
CA ILE A 1466 -47.34 24.85 26.32
C ILE A 1466 -46.70 25.01 24.95
N SER A 1467 -46.19 26.22 24.67
CA SER A 1467 -45.52 26.48 23.42
C SER A 1467 -44.27 27.35 23.59
N ASN A 1468 -43.77 27.51 24.82
CA ASN A 1468 -42.57 28.29 25.09
C ASN A 1468 -41.43 27.32 25.38
N PHE A 1469 -40.60 27.13 24.36
CA PHE A 1469 -39.49 26.19 24.41
C PHE A 1469 -38.73 26.28 25.73
N TYR A 1470 -38.23 27.47 26.06
CA TYR A 1470 -37.44 27.63 27.27
C TYR A 1470 -38.28 27.30 28.51
N SER A 1471 -39.58 27.62 28.46
CA SER A 1471 -40.44 27.33 29.60
C SER A 1471 -40.49 25.83 29.88
N ALA A 1472 -40.69 25.03 28.83
CA ALA A 1472 -40.71 23.58 29.02
C ALA A 1472 -39.34 23.07 29.47
N LEU A 1473 -38.27 23.60 28.88
CA LEU A 1473 -36.94 23.25 29.35
C LEU A 1473 -36.82 23.46 30.85
N ALA A 1474 -37.39 24.55 31.36
CA ALA A 1474 -37.31 24.83 32.79
C ALA A 1474 -38.24 23.91 33.58
N THR A 1475 -39.42 23.63 33.04
CA THR A 1475 -40.39 22.80 33.75
C THR A 1475 -39.84 21.41 34.00
N SER A 1476 -39.25 20.79 32.98
CA SER A 1476 -38.67 19.47 33.18
C SER A 1476 -37.58 19.52 34.23
N ARG A 1477 -36.72 20.54 34.16
CA ARG A 1477 -35.62 20.65 35.11
C ARG A 1477 -36.13 20.76 36.54
N ILE A 1478 -37.16 21.58 36.76
CA ILE A 1478 -37.67 21.74 38.12
C ILE A 1478 -38.34 20.44 38.58
N LEU A 1479 -39.13 19.82 37.70
CA LEU A 1479 -39.87 18.63 38.10
C LEU A 1479 -38.93 17.49 38.49
N ILE A 1480 -37.86 17.28 37.72
CA ILE A 1480 -37.04 16.09 37.92
C ILE A 1480 -36.57 15.98 39.36
N PHE A 1481 -36.33 17.11 40.02
CA PHE A 1481 -35.73 17.06 41.35
C PHE A 1481 -36.66 16.45 42.37
N TYR A 1482 -37.97 16.66 42.22
CA TYR A 1482 -38.93 16.14 43.20
C TYR A 1482 -39.11 14.64 43.09
N SER A 1483 -38.60 13.99 42.04
CA SER A 1483 -38.78 12.56 41.88
C SER A 1483 -38.01 11.75 42.90
N ARG A 1484 -37.14 12.39 43.69
CA ARG A 1484 -36.46 11.69 44.76
C ARG A 1484 -37.46 11.01 45.70
N ASP A 1485 -38.65 11.59 45.82
CA ASP A 1485 -39.73 10.98 46.60
C ASP A 1485 -40.38 9.88 45.77
N GLU A 1486 -41.45 9.29 46.29
CA GLU A 1486 -42.15 8.21 45.60
C GLU A 1486 -43.58 8.59 45.24
N LEU A 1487 -44.39 9.01 46.22
CA LEU A 1487 -45.76 9.40 45.91
C LEU A 1487 -45.80 10.57 44.94
N TYR A 1488 -44.81 11.45 44.99
CA TYR A 1488 -44.70 12.49 43.98
C TYR A 1488 -44.52 11.87 42.59
N ALA A 1489 -43.71 10.83 42.50
CA ALA A 1489 -43.57 10.11 41.23
C ALA A 1489 -44.91 9.52 40.80
N ASN A 1490 -45.67 8.97 41.74
CA ASN A 1490 -46.98 8.44 41.42
C ASN A 1490 -47.87 9.52 40.84
N ASN A 1491 -47.87 10.71 41.45
CA ASN A 1491 -48.66 11.81 40.93
C ASN A 1491 -48.20 12.21 39.54
N ILE A 1492 -46.88 12.28 39.34
CA ILE A 1492 -46.35 12.62 38.02
C ILE A 1492 -46.87 11.64 36.99
N ALA A 1493 -46.81 10.34 37.31
CA ALA A 1493 -47.35 9.34 36.41
C ALA A 1493 -48.82 9.59 36.11
N ARG A 1494 -49.62 9.76 37.15
CA ARG A 1494 -51.04 10.04 37.00
C ARG A 1494 -51.31 11.54 36.99
N SER A 1495 -50.56 12.28 36.19
CA SER A 1495 -50.73 13.72 36.04
C SER A 1495 -51.13 14.16 34.65
N GLY A 1496 -50.66 13.47 33.61
CA GLY A 1496 -50.91 13.90 32.25
C GLY A 1496 -49.95 14.96 31.73
N ILE A 1497 -49.03 15.43 32.57
CA ILE A 1497 -48.05 16.41 32.11
C ILE A 1497 -47.22 15.83 30.97
N LEU A 1498 -46.76 14.59 31.13
CA LEU A 1498 -45.96 13.96 30.09
C LEU A 1498 -46.72 13.90 28.77
N SER A 1499 -48.03 13.68 28.85
CA SER A 1499 -48.82 13.45 27.64
C SER A 1499 -48.76 14.64 26.68
N ARG A 1500 -48.42 15.83 27.17
CA ARG A 1500 -48.24 17.00 26.33
C ARG A 1500 -46.80 17.46 26.24
N LEU A 1501 -46.03 17.31 27.32
CA LEU A 1501 -44.61 17.61 27.26
C LEU A 1501 -43.93 16.80 26.17
N LEU A 1502 -44.42 15.60 25.89
CA LEU A 1502 -43.85 14.80 24.81
C LEU A 1502 -44.11 15.44 23.46
N LYS A 1503 -45.37 15.66 23.11
CA LYS A 1503 -45.68 16.26 21.82
C LYS A 1503 -45.03 17.62 21.67
N VAL A 1504 -44.68 18.28 22.78
CA VAL A 1504 -43.87 19.48 22.67
C VAL A 1504 -42.56 19.17 21.95
N ILE A 1505 -42.04 17.95 22.14
CA ILE A 1505 -40.81 17.57 21.44
C ILE A 1505 -41.00 17.69 19.95
N GLY A 1506 -42.11 17.15 19.44
CA GLY A 1506 -42.42 17.28 18.03
C GLY A 1506 -42.76 18.69 17.62
N SER A 1507 -43.21 19.52 18.56
CA SER A 1507 -43.50 20.91 18.22
C SER A 1507 -42.25 21.64 17.74
N PHE A 1508 -41.13 21.44 18.42
CA PHE A 1508 -39.86 22.04 18.05
C PHE A 1508 -38.84 20.94 17.81
N GLN A 1509 -38.32 20.87 16.58
CA GLN A 1509 -37.29 19.88 16.27
C GLN A 1509 -36.14 20.42 15.44
N LYS A 1510 -36.20 21.67 14.96
CA LYS A 1510 -35.10 22.24 14.18
C LYS A 1510 -34.10 23.01 15.02
N LEU A 1511 -34.34 23.15 16.32
CA LEU A 1511 -33.47 23.93 17.19
C LEU A 1511 -32.37 23.05 17.76
N ASP A 1512 -31.30 23.70 18.22
CA ASP A 1512 -30.12 22.97 18.67
C ASP A 1512 -30.35 22.28 20.01
N LYS A 1513 -30.91 23.01 20.99
CA LYS A 1513 -30.99 22.50 22.37
C LYS A 1513 -32.06 21.42 22.57
N ILE A 1514 -32.67 20.96 21.48
CA ILE A 1514 -33.53 19.79 21.56
C ILE A 1514 -32.75 18.63 22.16
N ASN A 1515 -31.43 18.63 22.00
CA ASN A 1515 -30.61 17.61 22.64
C ASN A 1515 -30.77 17.64 24.15
N PHE A 1516 -30.61 18.82 24.76
CA PHE A 1516 -30.80 18.94 26.20
C PHE A 1516 -32.22 18.56 26.58
N LEU A 1517 -33.20 19.02 25.80
CA LEU A 1517 -34.58 18.73 26.11
C LEU A 1517 -34.82 17.22 26.17
N GLU A 1518 -34.42 16.51 25.12
CA GLU A 1518 -34.62 15.08 25.06
C GLU A 1518 -33.86 14.35 26.16
N SER A 1519 -32.63 14.76 26.44
CA SER A 1519 -31.87 14.11 27.50
C SER A 1519 -32.59 14.25 28.84
N SER A 1520 -33.03 15.46 29.16
CA SER A 1520 -33.73 15.66 30.43
C SER A 1520 -35.01 14.85 30.48
N PHE A 1521 -35.77 14.83 29.39
CA PHE A 1521 -37.02 14.08 29.39
C PHE A 1521 -36.77 12.59 29.56
N LEU A 1522 -35.74 12.06 28.89
CA LEU A 1522 -35.43 10.65 29.03
C LEU A 1522 -35.05 10.31 30.45
N LEU A 1523 -34.24 11.17 31.09
CA LEU A 1523 -33.91 10.92 32.48
C LEU A 1523 -35.15 10.96 33.35
N LEU A 1524 -36.04 11.91 33.13
CA LEU A 1524 -37.28 11.97 33.90
C LEU A 1524 -38.07 10.67 33.73
N THR A 1525 -38.30 10.25 32.49
CA THR A 1525 -39.11 9.07 32.24
C THR A 1525 -38.50 7.84 32.89
N ARG A 1526 -37.17 7.67 32.75
CA ARG A 1526 -36.52 6.54 33.39
C ARG A 1526 -36.66 6.60 34.90
N ARG A 1527 -36.70 7.81 35.47
CA ARG A 1527 -36.86 7.92 36.92
C ARG A 1527 -38.22 7.43 37.38
N CYS A 1528 -39.24 7.51 36.51
CA CYS A 1528 -40.59 7.14 36.90
C CYS A 1528 -40.69 5.71 37.39
N PHE A 1529 -40.43 4.74 36.51
CA PHE A 1529 -40.63 3.34 36.87
C PHE A 1529 -39.73 2.90 38.00
N GLU A 1530 -38.68 3.67 38.31
CA GLU A 1530 -37.80 3.30 39.41
C GLU A 1530 -38.63 3.13 40.68
N THR A 1531 -38.33 2.07 41.42
CA THR A 1531 -39.07 1.75 42.63
C THR A 1531 -38.08 1.30 43.69
N THR A 1532 -38.55 1.29 44.94
CA THR A 1532 -37.68 0.91 46.05
C THR A 1532 -37.07 -0.46 45.84
N GLU A 1533 -37.77 -1.36 45.14
CA GLU A 1533 -37.24 -2.71 44.95
C GLU A 1533 -35.94 -2.67 44.15
N ASN A 1534 -35.96 -2.02 42.99
CA ASN A 1534 -34.77 -1.99 42.14
C ASN A 1534 -33.62 -1.24 42.80
N VAL A 1535 -33.94 -0.16 43.53
CA VAL A 1535 -32.91 0.71 44.07
C VAL A 1535 -32.04 -0.06 45.05
N ASP A 1536 -32.66 -0.82 45.95
CA ASP A 1536 -31.89 -1.54 46.97
C ASP A 1536 -30.94 -2.53 46.32
N ALA A 1537 -31.43 -3.31 45.37
CA ALA A 1537 -30.58 -4.31 44.72
C ALA A 1537 -29.44 -3.64 43.98
N LEU A 1538 -29.74 -2.58 43.22
CA LEU A 1538 -28.68 -1.92 42.46
C LEU A 1538 -27.63 -1.33 43.38
N ILE A 1539 -28.06 -0.69 44.47
CA ILE A 1539 -27.11 -0.11 45.40
C ILE A 1539 -26.23 -1.22 46.00
N ARG A 1540 -26.86 -2.28 46.50
CA ARG A 1540 -26.08 -3.37 47.09
C ARG A 1540 -25.09 -3.93 46.08
N ALA A 1541 -25.49 -4.01 44.81
CA ALA A 1541 -24.55 -4.46 43.79
C ALA A 1541 -23.38 -3.49 43.67
N GLU A 1542 -23.66 -2.19 43.70
CA GLU A 1542 -22.59 -1.21 43.53
C GLU A 1542 -21.57 -1.29 44.66
N ILE A 1543 -22.03 -1.24 45.90
CA ILE A 1543 -21.11 -1.20 47.03
C ILE A 1543 -20.32 -2.49 47.12
N ASN A 1544 -20.98 -3.63 46.95
CA ASN A 1544 -20.29 -4.91 47.09
C ASN A 1544 -19.17 -5.03 46.07
N ARG A 1545 -19.40 -4.58 44.84
CA ARG A 1545 -18.36 -4.61 43.83
C ARG A 1545 -17.18 -3.73 44.24
N SER A 1546 -17.47 -2.58 44.85
CA SER A 1546 -16.41 -1.66 45.21
C SER A 1546 -15.43 -2.28 46.21
N PHE A 1547 -15.95 -3.00 47.20
CA PHE A 1547 -15.13 -3.56 48.27
C PHE A 1547 -14.69 -4.99 47.99
N THR A 1548 -14.62 -5.38 46.71
CA THR A 1548 -14.13 -6.69 46.34
C THR A 1548 -13.10 -6.66 45.21
N ALA A 1549 -13.01 -5.56 44.45
CA ALA A 1549 -12.07 -5.48 43.35
C ALA A 1549 -10.68 -5.13 43.87
N ARG A 1550 -9.75 -4.92 42.95
CA ARG A 1550 -8.37 -4.57 43.30
C ARG A 1550 -7.71 -3.85 42.13
N PRO A 1551 -7.95 -2.55 41.93
CA PRO A 1551 -7.35 -1.77 40.85
C PRO A 1551 -5.83 -1.94 40.76
N ALA A 1558 -8.61 -1.85 54.74
CA ALA A 1558 -7.64 -0.81 54.41
C ALA A 1558 -7.85 -0.25 53.01
N VAL A 1559 -8.57 -1.01 52.18
CA VAL A 1559 -8.82 -0.62 50.80
C VAL A 1559 -9.98 0.38 50.76
N ARG A 1560 -10.17 1.02 49.61
CA ARG A 1560 -11.30 1.91 49.37
C ARG A 1560 -11.30 3.07 50.37
N GLU A 1561 -10.28 3.91 50.24
CA GLU A 1561 -10.20 5.13 51.03
C GLU A 1561 -11.54 5.86 51.02
N LEU A 1562 -12.05 6.17 52.22
CA LEU A 1562 -13.38 6.77 52.31
C LEU A 1562 -13.42 8.12 51.60
N THR A 1563 -12.38 8.93 51.76
CA THR A 1563 -12.34 10.25 51.14
C THR A 1563 -12.17 10.19 49.63
N THR A 1564 -11.95 9.01 49.05
CA THR A 1564 -11.87 8.84 47.61
C THR A 1564 -13.11 8.16 47.04
N ILE A 1565 -13.58 7.08 47.66
CA ILE A 1565 -14.78 6.40 47.17
C ILE A 1565 -15.97 7.35 47.24
N LEU A 1566 -16.15 8.03 48.36
CA LEU A 1566 -17.30 8.92 48.50
C LEU A 1566 -17.33 9.97 47.41
N GLU A 1567 -16.16 10.38 46.92
CA GLU A 1567 -16.12 11.36 45.83
C GLU A 1567 -16.50 10.75 44.50
N GLU A 1568 -16.27 9.46 44.30
CA GLU A 1568 -16.70 8.78 43.09
C GLU A 1568 -18.08 8.14 43.23
N LYS A 1569 -18.69 8.21 44.41
CA LYS A 1569 -20.09 7.83 44.58
C LYS A 1569 -21.01 9.02 44.31
N ALA A 1570 -20.80 9.67 43.16
CA ALA A 1570 -21.63 10.80 42.78
C ALA A 1570 -23.00 10.34 42.31
N HIS A 1571 -23.02 9.58 41.22
CA HIS A 1571 -24.28 8.99 40.77
C HIS A 1571 -24.97 8.19 41.86
N VAL A 1572 -24.25 7.80 42.90
CA VAL A 1572 -24.81 7.07 44.01
C VAL A 1572 -25.07 8.06 45.16
N VAL A 1573 -25.81 7.61 46.16
CA VAL A 1573 -26.08 8.39 47.37
C VAL A 1573 -27.16 9.42 47.09
N MET A 1574 -26.93 10.30 46.11
CA MET A 1574 -27.91 11.34 45.81
C MET A 1574 -29.25 10.75 45.38
N ARG A 1575 -29.26 9.52 44.86
CA ARG A 1575 -30.53 8.90 44.50
C ARG A 1575 -31.39 8.66 45.74
N SER A 1576 -30.78 8.17 46.82
CA SER A 1576 -31.51 7.92 48.05
C SER A 1576 -30.54 7.81 49.20
N PRO A 1577 -30.06 8.93 49.75
CA PRO A 1577 -29.02 8.85 50.78
C PRO A 1577 -29.40 7.96 51.96
N SER A 1578 -30.66 8.00 52.39
CA SER A 1578 -31.07 7.18 53.52
C SER A 1578 -30.89 5.70 53.22
N GLN A 1579 -31.34 5.26 52.03
CA GLN A 1579 -31.19 3.86 51.66
C GLN A 1579 -29.73 3.48 51.50
N PHE A 1580 -28.93 4.35 50.91
CA PHE A 1580 -27.49 4.07 50.80
C PHE A 1580 -26.88 3.90 52.18
N ILE A 1581 -27.27 4.74 53.13
CA ILE A 1581 -26.77 4.60 54.49
C ILE A 1581 -27.18 3.25 55.05
N ASP A 1582 -28.47 2.94 54.96
CA ASP A 1582 -29.00 1.73 55.60
C ASP A 1582 -28.30 0.49 55.05
N VAL A 1583 -28.23 0.36 53.73
CA VAL A 1583 -27.61 -0.81 53.13
C VAL A 1583 -26.13 -0.86 53.50
N LEU A 1584 -25.46 0.29 53.50
CA LEU A 1584 -24.04 0.31 53.82
C LEU A 1584 -23.75 0.36 55.31
N CYS A 1585 -24.74 0.61 56.17
CA CYS A 1585 -24.49 0.58 57.61
C CYS A 1585 -23.97 -0.78 58.05
N GLU A 1586 -24.80 -1.81 57.97
CA GLU A 1586 -24.47 -3.09 58.55
C GLU A 1586 -23.52 -3.89 57.65
N THR A 1587 -22.39 -3.29 57.28
CA THR A 1587 -21.42 -3.96 56.45
C THR A 1587 -20.15 -3.13 56.40
N ALA A 1588 -19.10 -3.74 55.87
CA ALA A 1588 -17.76 -3.21 55.65
C ALA A 1588 -16.95 -3.10 56.94
N ARG A 1589 -17.54 -3.35 58.10
CA ARG A 1589 -16.82 -3.55 59.37
C ARG A 1589 -15.57 -2.67 59.45
N PHE A 1590 -15.81 -1.36 59.50
CA PHE A 1590 -14.74 -0.37 59.56
C PHE A 1590 -13.62 -0.82 60.50
N HIS A 1591 -12.40 -0.76 59.98
CA HIS A 1591 -11.19 -1.12 60.72
C HIS A 1591 -10.44 0.14 61.15
N GLU A 1592 -9.24 -0.03 61.69
CA GLU A 1592 -8.38 1.07 62.10
C GLU A 1592 -9.03 1.91 63.21
N PHE A 1593 -9.22 1.25 64.37
CA PHE A 1593 -9.74 1.94 65.54
C PHE A 1593 -8.76 2.98 66.08
N ASP A 1594 -7.49 2.90 65.71
CA ASP A 1594 -6.46 3.80 66.21
C ASP A 1594 -6.05 3.40 67.62
N ASP A 1595 -4.82 3.73 68.02
CA ASP A 1595 -4.32 3.32 69.32
C ASP A 1595 -5.17 3.89 70.46
N GLN A 1596 -5.53 5.17 70.36
CA GLN A 1596 -6.37 5.80 71.37
C GLN A 1596 -7.86 5.56 71.13
N GLY A 1597 -8.23 4.96 70.01
CA GLY A 1597 -9.62 4.78 69.66
C GLY A 1597 -10.20 5.91 68.83
N ALA A 1598 -9.45 6.99 68.63
CA ALA A 1598 -9.92 8.13 67.85
C ALA A 1598 -9.34 8.03 66.45
N LEU A 1599 -10.23 7.98 65.44
CA LEU A 1599 -9.83 7.61 64.10
C LEU A 1599 -8.75 8.54 63.54
N VAL A 1600 -7.69 7.95 63.00
CA VAL A 1600 -6.65 8.71 62.31
C VAL A 1600 -6.56 8.20 60.88
N ASP A 1601 -7.67 7.72 60.34
CA ASP A 1601 -7.69 7.17 58.99
C ASP A 1601 -9.11 7.25 58.44
N TYR A 1602 -9.21 7.13 57.12
CA TYR A 1602 -10.48 7.17 56.41
C TYR A 1602 -10.86 5.84 55.78
N SER A 1603 -9.91 5.12 55.20
CA SER A 1603 -10.22 3.87 54.52
C SER A 1603 -10.87 2.88 55.48
N LEU A 1604 -11.88 2.19 55.00
CA LEU A 1604 -12.61 1.20 55.78
C LEU A 1604 -12.07 -0.19 55.51
N LYS A 1605 -12.51 -1.14 56.32
CA LYS A 1605 -12.16 -2.54 56.10
C LYS A 1605 -12.83 -3.04 54.83
N ARG A 1606 -12.42 -4.24 54.40
CA ARG A 1606 -12.95 -4.81 53.17
C ARG A 1606 -14.40 -5.23 53.39
N PHE A 1607 -14.98 -5.91 52.41
CA PHE A 1607 -16.34 -6.41 52.52
C PHE A 1607 -16.56 -6.99 53.92
N LEU A 1608 -17.76 -6.75 54.46
CA LEU A 1608 -18.04 -6.97 55.87
C LEU A 1608 -17.38 -8.24 56.39
N GLY A 1609 -16.54 -8.10 57.40
CA GLY A 1609 -15.84 -9.25 57.96
C GLY A 1609 -16.74 -10.14 58.78
N GLU A 1610 -17.83 -9.58 59.32
CA GLU A 1610 -18.81 -10.35 60.07
C GLU A 1610 -20.08 -10.61 59.29
N ARG A 1611 -20.44 -9.73 58.36
CA ARG A 1611 -21.64 -9.91 57.53
C ARG A 1611 -22.88 -9.81 58.40
N ASP A 1612 -24.05 -9.91 57.77
CA ASP A 1612 -25.32 -9.87 58.48
C ASP A 1612 -26.36 -10.64 57.70
N LYS A 1613 -27.44 -10.99 58.38
CA LYS A 1613 -28.56 -11.71 57.77
C LYS A 1613 -29.72 -10.74 57.54
N ASN A 1614 -30.21 -10.70 56.30
CA ASN A 1614 -31.31 -9.82 55.93
C ASN A 1614 -32.27 -10.59 55.04
N THR A 1615 -33.53 -10.16 55.06
CA THR A 1615 -34.57 -10.80 54.26
C THR A 1615 -35.58 -9.75 53.80
N GLN A 1616 -36.21 -10.03 52.67
CA GLN A 1616 -37.23 -9.15 52.11
C GLN A 1616 -37.96 -9.90 51.01
N ALA A 1617 -39.29 -9.78 51.00
CA ALA A 1617 -40.12 -10.51 50.05
C ALA A 1617 -41.42 -9.74 49.87
N SER A 1618 -42.42 -10.39 49.27
CA SER A 1618 -43.72 -9.87 48.92
C SER A 1618 -43.65 -8.97 47.68
N SER A 1619 -42.47 -8.69 47.15
CA SER A 1619 -42.35 -7.98 45.88
C SER A 1619 -42.12 -8.92 44.71
N THR A 1620 -41.76 -10.18 44.98
CA THR A 1620 -41.61 -11.16 43.91
C THR A 1620 -42.86 -11.23 43.05
N GLU A 1621 -44.03 -11.13 43.67
CA GLU A 1621 -45.28 -11.01 42.94
C GLU A 1621 -45.64 -9.57 42.63
N LYS A 1622 -45.15 -8.63 43.44
CA LYS A 1622 -45.42 -7.21 43.23
C LYS A 1622 -44.40 -6.53 42.34
N SER A 1623 -43.36 -7.24 41.89
CA SER A 1623 -42.40 -6.65 40.97
C SER A 1623 -43.12 -6.06 39.76
N ASP A 1624 -44.00 -6.85 39.15
CA ASP A 1624 -44.93 -6.34 38.14
C ASP A 1624 -46.19 -5.83 38.83
N ILE A 1625 -47.26 -5.61 38.07
CA ILE A 1625 -48.50 -4.98 38.52
C ILE A 1625 -48.36 -3.47 38.37
N TYR A 1626 -48.54 -2.72 39.45
CA TYR A 1626 -48.64 -1.26 39.41
C TYR A 1626 -49.80 -0.79 38.52
N GLU A 1627 -50.73 -1.69 38.20
CA GLU A 1627 -51.93 -1.34 37.47
C GLU A 1627 -51.61 -0.59 36.17
N ARG A 1628 -50.45 -0.86 35.59
CA ARG A 1628 -50.17 -0.39 34.23
C ARG A 1628 -50.26 1.13 34.11
N THR A 1629 -49.35 1.86 34.75
CA THR A 1629 -49.25 3.29 34.47
C THR A 1629 -49.15 3.50 32.97
N GLY A 1630 -49.95 4.43 32.45
CA GLY A 1630 -50.13 4.54 31.01
C GLY A 1630 -48.92 4.99 30.22
N ILE A 1631 -47.74 5.01 30.86
CA ILE A 1631 -46.54 5.48 30.17
C ILE A 1631 -46.27 4.64 28.93
N MET A 1632 -46.21 3.31 29.11
CA MET A 1632 -45.87 2.44 28.00
C MET A 1632 -46.89 2.54 26.88
N HIS A 1633 -48.18 2.55 27.24
CA HIS A 1633 -49.21 2.69 26.23
C HIS A 1633 -49.06 4.01 25.48
N LEU A 1634 -48.78 5.08 26.20
CA LEU A 1634 -48.59 6.38 25.55
C LEU A 1634 -47.46 6.32 24.55
N LEU A 1635 -46.30 5.81 24.96
CA LEU A 1635 -45.16 5.76 24.06
C LEU A 1635 -45.46 4.91 22.84
N LEU A 1636 -46.06 3.73 23.05
CA LEU A 1636 -46.34 2.86 21.93
C LEU A 1636 -47.35 3.49 20.97
N SER A 1637 -48.37 4.16 21.51
CA SER A 1637 -49.36 4.80 20.66
C SER A 1637 -48.72 5.93 19.85
N GLN A 1638 -47.83 6.70 20.48
CA GLN A 1638 -47.14 7.75 19.75
C GLN A 1638 -46.30 7.16 18.62
N LEU A 1639 -45.60 6.06 18.90
CA LEU A 1639 -44.83 5.41 17.84
C LEU A 1639 -45.74 4.93 16.72
N MET A 1640 -46.88 4.34 17.08
CA MET A 1640 -47.82 3.85 16.07
C MET A 1640 -48.27 4.99 15.17
N ALA A 1641 -48.61 6.13 15.79
CA ALA A 1641 -49.00 7.29 15.01
C ALA A 1641 -47.88 7.73 14.08
N ALA A 1642 -46.66 7.84 14.62
CA ALA A 1642 -45.54 8.31 13.82
C ALA A 1642 -45.16 7.35 12.72
N SER A 1643 -45.55 6.08 12.83
CA SER A 1643 -45.14 5.08 11.83
C SER A 1643 -45.58 5.49 10.43
N GLU A 1644 -46.81 5.98 10.30
CA GLU A 1644 -47.38 6.33 9.00
C GLU A 1644 -47.23 7.83 8.74
N LYS A 1645 -45.98 8.29 8.74
CA LYS A 1645 -45.68 9.70 8.50
C LYS A 1645 -44.63 9.86 7.41
N ASP A 1646 -44.53 8.90 6.51
CA ASP A 1646 -43.69 9.03 5.31
C ASP A 1646 -42.25 9.34 5.69
N TRP A 1647 -41.66 8.49 6.52
CA TRP A 1647 -40.29 8.70 6.97
C TRP A 1647 -39.29 8.18 5.94
N LEU A 1648 -39.46 8.56 4.68
CA LEU A 1648 -38.56 8.11 3.63
C LEU A 1648 -38.08 9.28 2.78
N SER A 1649 -38.93 10.30 2.63
CA SER A 1649 -38.60 11.44 1.80
C SER A 1649 -37.65 12.36 2.55
N GLU A 1650 -36.47 12.60 1.97
CA GLU A 1650 -35.51 13.51 2.56
C GLU A 1650 -36.03 14.95 2.44
N PRO A 1651 -35.48 15.87 3.23
CA PRO A 1651 -36.01 17.24 3.23
C PRO A 1651 -36.00 17.85 1.84
N ALA A 1652 -37.01 18.69 1.59
CA ALA A 1652 -37.23 19.25 0.26
C ALA A 1652 -35.93 19.62 -0.44
N ASN A 1653 -35.09 20.41 0.22
CA ASN A 1653 -33.80 20.80 -0.35
C ASN A 1653 -32.77 20.92 0.76
N SER A 1654 -31.53 20.54 0.43
CA SER A 1654 -30.41 20.62 1.35
C SER A 1654 -29.31 21.55 0.85
N SER A 1655 -29.63 22.43 -0.10
CA SER A 1655 -28.67 23.36 -0.66
C SER A 1655 -27.41 22.63 -1.13
N ASP A 1656 -26.25 22.99 -0.61
CA ASP A 1656 -24.97 22.44 -1.06
C ASP A 1656 -24.58 21.20 -0.26
N LEU A 1657 -25.51 20.24 -0.17
CA LEU A 1657 -25.20 18.97 0.48
C LEU A 1657 -23.97 18.29 -0.12
N PRO A 1658 -23.81 18.20 -1.44
CA PRO A 1658 -22.56 17.62 -1.96
C PRO A 1658 -21.32 18.42 -1.60
N GLU A 1659 -21.48 19.69 -1.24
CA GLU A 1659 -20.40 20.51 -0.71
C GLU A 1659 -20.39 20.47 0.82
N ASN A 1660 -20.38 19.28 1.39
CA ASN A 1660 -20.39 19.13 2.84
C ASN A 1660 -18.97 19.22 3.40
N LYS A 1661 -18.82 18.91 4.68
CA LYS A 1661 -17.54 19.02 5.37
C LYS A 1661 -16.98 17.70 5.89
N LYS A 1662 -17.81 16.87 6.53
CA LYS A 1662 -17.30 15.64 7.14
C LYS A 1662 -17.83 14.40 6.43
N ALA A 1663 -19.15 14.27 6.33
CA ALA A 1663 -19.76 13.08 5.72
C ALA A 1663 -21.24 13.33 5.55
N GLN A 1664 -21.76 13.06 4.36
CA GLN A 1664 -23.19 13.19 4.11
C GLN A 1664 -23.89 11.88 4.46
N LEU A 1665 -25.17 11.76 4.10
CA LEU A 1665 -25.93 10.54 4.33
C LEU A 1665 -26.20 10.34 5.82
N ASP A 1666 -26.39 11.43 6.53
CA ASP A 1666 -26.72 11.35 7.95
C ASP A 1666 -28.17 10.92 8.11
N PRO A 1667 -28.47 10.00 9.03
CA PRO A 1667 -29.88 9.64 9.26
C PRO A 1667 -30.73 10.79 9.74
N SER A 1668 -30.11 11.83 10.28
CA SER A 1668 -30.86 12.95 10.85
C SER A 1668 -31.57 13.70 9.73
N ARG A 1669 -32.19 14.82 10.08
CA ARG A 1669 -33.11 15.51 9.19
C ARG A 1669 -34.34 14.63 9.02
N ASN A 1670 -35.33 15.09 8.26
CA ASN A 1670 -36.59 14.37 8.20
C ASN A 1670 -37.06 14.14 9.63
N PRO A 1671 -37.51 15.20 10.32
CA PRO A 1671 -37.67 15.15 11.78
C PRO A 1671 -38.26 13.85 12.30
N VAL A 1672 -39.13 13.21 11.53
CA VAL A 1672 -39.75 11.97 11.97
C VAL A 1672 -38.69 10.95 12.34
N CYS A 1673 -37.63 10.85 11.54
CA CYS A 1673 -36.61 9.84 11.77
C CYS A 1673 -35.99 10.01 13.16
N ALA A 1674 -35.63 11.25 13.50
CA ALA A 1674 -35.11 11.50 14.84
C ALA A 1674 -36.17 11.20 15.89
N TYR A 1675 -37.41 11.61 15.64
CA TYR A 1675 -38.50 11.31 16.56
C TYR A 1675 -38.61 9.80 16.78
N MET A 1676 -38.68 9.04 15.70
CA MET A 1676 -38.76 7.59 15.82
C MET A 1676 -37.50 7.04 16.47
N ILE A 1677 -36.34 7.62 16.14
CA ILE A 1677 -35.10 7.19 16.78
C ILE A 1677 -35.19 7.41 18.28
N PHE A 1678 -35.72 8.56 18.69
CA PHE A 1678 -35.85 8.84 20.12
C PHE A 1678 -36.78 7.83 20.80
N LEU A 1679 -37.92 7.54 20.17
CA LEU A 1679 -38.86 6.59 20.78
C LEU A 1679 -38.25 5.21 20.87
N LEU A 1680 -37.54 4.79 19.83
CA LEU A 1680 -36.91 3.47 19.87
C LEU A 1680 -35.84 3.41 20.95
N LYS A 1681 -35.09 4.49 21.13
CA LYS A 1681 -34.15 4.53 22.25
C LYS A 1681 -34.89 4.37 23.57
N LEU A 1682 -35.97 5.12 23.75
CA LEU A 1682 -36.76 5.02 24.97
C LEU A 1682 -37.14 3.57 25.24
N LEU A 1683 -37.73 2.91 24.25
CA LEU A 1683 -38.22 1.55 24.45
C LEU A 1683 -37.08 0.57 24.68
N VAL A 1684 -36.06 0.60 23.80
CA VAL A 1684 -34.99 -0.37 23.91
C VAL A 1684 -34.21 -0.19 25.20
N GLU A 1685 -34.31 0.97 25.84
CA GLU A 1685 -33.72 1.13 27.17
C GLU A 1685 -34.67 0.64 28.25
N LEU A 1686 -35.91 1.11 28.24
CA LEU A 1686 -36.85 0.78 29.31
C LEU A 1686 -37.10 -0.71 29.39
N VAL A 1687 -37.45 -1.33 28.27
CA VAL A 1687 -37.91 -2.72 28.28
C VAL A 1687 -36.83 -3.62 28.84
N SER A 1688 -35.59 -3.44 28.39
CA SER A 1688 -34.50 -4.27 28.87
C SER A 1688 -34.04 -3.87 30.27
N SER A 1689 -34.27 -2.63 30.68
CA SER A 1689 -33.75 -2.15 31.96
C SER A 1689 -34.65 -2.53 33.14
N TYR A 1690 -35.90 -2.05 33.15
CA TYR A 1690 -36.79 -2.21 34.29
C TYR A 1690 -37.75 -3.37 34.06
N ASN A 1691 -37.83 -4.27 35.05
CA ASN A 1691 -38.57 -5.51 34.88
C ASN A 1691 -40.04 -5.23 34.56
N GLN A 1692 -40.68 -4.39 35.36
CA GLN A 1692 -42.14 -4.24 35.24
C GLN A 1692 -42.55 -3.75 33.87
N CYS A 1693 -41.65 -3.10 33.13
CA CYS A 1693 -42.03 -2.54 31.85
C CYS A 1693 -42.54 -3.61 30.89
N LYS A 1694 -42.04 -4.83 31.00
CA LYS A 1694 -42.41 -5.87 30.05
C LYS A 1694 -43.91 -6.14 30.07
N PHE A 1695 -44.49 -6.24 31.27
CA PHE A 1695 -45.92 -6.54 31.38
C PHE A 1695 -46.73 -5.57 30.53
N GLU A 1696 -46.43 -4.29 30.62
CA GLU A 1696 -47.13 -3.32 29.78
C GLU A 1696 -46.89 -3.60 28.30
N PHE A 1697 -45.63 -3.86 27.94
CA PHE A 1697 -45.32 -4.18 26.55
C PHE A 1697 -46.02 -5.46 26.11
N LEU A 1698 -46.36 -6.33 27.05
CA LEU A 1698 -47.09 -7.55 26.71
C LEU A 1698 -48.57 -7.27 26.54
N THR A 1699 -49.16 -6.52 27.47
CA THR A 1699 -50.61 -6.29 27.48
C THR A 1699 -50.95 -4.97 26.79
N PHE A 1700 -50.52 -4.85 25.54
CA PHE A 1700 -50.88 -3.70 24.74
C PHE A 1700 -52.33 -3.82 24.27
N SER A 1701 -52.86 -2.72 23.74
CA SER A 1701 -54.17 -2.71 23.13
C SER A 1701 -54.35 -1.35 22.45
N ARG A 1702 -55.53 -1.14 21.87
CA ARG A 1702 -55.90 0.16 21.32
C ARG A 1702 -57.07 0.79 22.07
N ARG A 1703 -57.48 0.19 23.20
CA ARG A 1703 -58.55 0.75 24.00
C ARG A 1703 -58.27 0.70 25.49
N ASN A 1704 -57.08 0.25 25.90
CA ASN A 1704 -56.70 0.23 27.31
C ASN A 1704 -57.73 -0.52 28.15
N THR A 1705 -58.11 -1.71 27.69
CA THR A 1705 -59.03 -2.55 28.44
C THR A 1705 -58.51 -2.70 29.87
N TYR A 1706 -59.40 -3.02 30.80
CA TYR A 1706 -59.09 -2.95 32.23
C TYR A 1706 -59.19 -4.34 32.86
N ALA A 1707 -59.12 -4.37 34.19
CA ALA A 1707 -59.26 -5.58 34.99
C ALA A 1707 -57.90 -6.26 35.19
N GLU A 1708 -57.78 -7.02 36.27
CA GLU A 1708 -56.51 -7.65 36.61
C GLU A 1708 -56.04 -8.56 35.50
N ARG A 1709 -54.76 -8.39 35.11
CA ARG A 1709 -54.11 -9.26 34.13
C ARG A 1709 -55.07 -9.52 32.98
N PRO A 1710 -55.49 -8.49 32.25
CA PRO A 1710 -56.66 -8.64 31.36
C PRO A 1710 -56.58 -9.87 30.48
N ARG A 1711 -55.58 -9.93 29.61
CA ARG A 1711 -55.24 -11.12 28.84
C ARG A 1711 -53.94 -10.85 28.09
N PRO A 1712 -52.99 -11.78 28.06
CA PRO A 1712 -51.81 -11.58 27.21
C PRO A 1712 -52.19 -11.52 25.74
N ARG A 1713 -52.04 -10.36 25.12
CA ARG A 1713 -52.36 -10.19 23.72
C ARG A 1713 -51.12 -10.40 22.86
N THR A 1714 -51.27 -10.20 21.55
CA THR A 1714 -50.18 -10.38 20.60
C THR A 1714 -50.18 -9.29 19.54
N THR A 1715 -50.60 -8.08 19.90
CA THR A 1715 -50.68 -6.98 18.94
C THR A 1715 -49.43 -6.12 18.92
N ALA A 1716 -48.41 -6.44 19.73
CA ALA A 1716 -47.16 -5.71 19.76
C ALA A 1716 -46.03 -6.44 19.06
N ILE A 1717 -45.83 -7.72 19.40
CA ILE A 1717 -44.82 -8.51 18.69
C ILE A 1717 -45.17 -8.57 17.21
N ASN A 1718 -46.44 -8.80 16.90
CA ASN A 1718 -46.87 -8.80 15.51
C ASN A 1718 -46.54 -7.48 14.83
N PHE A 1719 -46.77 -6.37 15.52
CA PHE A 1719 -46.45 -5.07 14.93
C PHE A 1719 -44.96 -4.95 14.65
N PHE A 1720 -44.13 -5.36 15.60
CA PHE A 1720 -42.68 -5.23 15.40
C PHE A 1720 -42.18 -6.17 14.31
N LEU A 1721 -42.86 -7.28 14.08
CA LEU A 1721 -42.46 -8.21 13.03
C LEU A 1721 -43.14 -7.90 11.70
N TYR A 1722 -44.45 -7.71 11.72
CA TYR A 1722 -45.24 -7.63 10.49
C TYR A 1722 -45.46 -6.20 10.03
N ARG A 1723 -46.00 -5.35 10.91
CA ARG A 1723 -46.48 -4.03 10.47
C ARG A 1723 -45.33 -3.13 10.07
N LEU A 1724 -44.33 -2.97 10.93
CA LEU A 1724 -43.23 -2.06 10.67
C LEU A 1724 -42.57 -2.38 9.35
N LEU A 1725 -41.89 -1.40 8.74
CA LEU A 1725 -41.17 -1.59 7.49
C LEU A 1725 -42.10 -2.08 6.37
N ASP A 1726 -43.37 -1.68 6.45
CA ASP A 1726 -44.33 -2.00 5.39
C ASP A 1726 -44.25 -1.04 4.21
N LYS A 1727 -43.46 0.02 4.32
CA LYS A 1727 -43.42 1.03 3.28
C LYS A 1727 -42.99 0.41 1.96
N PRO A 1728 -43.77 0.56 0.89
CA PRO A 1728 -43.34 0.09 -0.43
C PRO A 1728 -42.38 1.08 -1.07
N VAL A 1729 -41.11 0.70 -1.17
CA VAL A 1729 -40.06 1.56 -1.68
C VAL A 1729 -39.19 0.74 -2.62
N GLY A 1730 -38.18 1.39 -3.20
CA GLY A 1730 -37.33 0.75 -4.20
C GLY A 1730 -37.28 1.54 -5.49
N THR A 1731 -37.51 2.85 -5.39
CA THR A 1731 -37.47 3.74 -6.55
C THR A 1731 -36.01 3.93 -6.95
N ASP A 1732 -35.48 2.94 -7.65
CA ASP A 1732 -34.09 2.95 -8.10
C ASP A 1732 -33.15 2.91 -6.90
N HIS A 1733 -31.93 3.42 -7.06
CA HIS A 1733 -30.92 3.40 -6.02
C HIS A 1733 -30.89 4.76 -5.32
N ASP A 1734 -31.00 4.74 -4.00
CA ASP A 1734 -30.97 5.97 -3.20
C ASP A 1734 -30.35 5.62 -1.86
N LYS A 1735 -29.07 5.94 -1.69
CA LYS A 1735 -28.37 5.59 -0.46
C LYS A 1735 -29.10 6.10 0.77
N HIS A 1736 -29.74 7.26 0.67
CA HIS A 1736 -30.50 7.78 1.80
C HIS A 1736 -31.57 6.79 2.22
N GLU A 1737 -32.35 6.31 1.26
CA GLU A 1737 -33.41 5.34 1.58
C GLU A 1737 -32.82 4.09 2.20
N ALA A 1738 -31.74 3.56 1.60
CA ALA A 1738 -31.13 2.35 2.13
C ALA A 1738 -30.62 2.56 3.54
N LYS A 1739 -29.94 3.68 3.79
CA LYS A 1739 -29.39 3.92 5.12
C LYS A 1739 -30.51 4.06 6.15
N ARG A 1740 -31.55 4.82 5.83
CA ARG A 1740 -32.66 4.98 6.76
C ARG A 1740 -33.29 3.62 7.08
N ARG A 1741 -33.56 2.83 6.03
CA ARG A 1741 -34.18 1.53 6.24
C ARG A 1741 -33.30 0.65 7.10
N GLU A 1742 -31.99 0.63 6.83
CA GLU A 1742 -31.10 -0.25 7.57
C GLU A 1742 -31.02 0.16 9.03
N VAL A 1743 -30.93 1.47 9.30
CA VAL A 1743 -30.84 1.93 10.69
C VAL A 1743 -32.11 1.55 11.44
N ILE A 1744 -33.27 1.84 10.85
CA ILE A 1744 -34.52 1.58 11.55
C ILE A 1744 -34.71 0.09 11.77
N GLY A 1745 -34.38 -0.73 10.76
CA GLY A 1745 -34.48 -2.17 10.93
C GLY A 1745 -33.54 -2.69 11.99
N MET A 1746 -32.31 -2.17 12.04
CA MET A 1746 -31.38 -2.58 13.07
C MET A 1746 -31.93 -2.27 14.45
N LEU A 1747 -32.52 -1.08 14.60
CA LEU A 1747 -33.10 -0.72 15.89
C LEU A 1747 -34.28 -1.62 16.24
N ALA A 1748 -35.10 -1.95 15.23
CA ALA A 1748 -36.22 -2.85 15.47
C ALA A 1748 -35.75 -4.21 15.97
N ARG A 1749 -34.73 -4.76 15.29
CA ARG A 1749 -34.17 -6.02 15.75
C ARG A 1749 -33.62 -5.88 17.16
N SER A 1750 -32.98 -4.75 17.45
CA SER A 1750 -32.45 -4.53 18.79
C SER A 1750 -33.56 -4.60 19.84
N VAL A 1751 -34.68 -3.92 19.58
CA VAL A 1751 -35.74 -3.89 20.58
C VAL A 1751 -36.36 -5.28 20.75
N ILE A 1752 -36.62 -5.98 19.64
CA ILE A 1752 -37.23 -7.30 19.78
C ILE A 1752 -36.29 -8.23 20.52
N ILE A 1753 -35.00 -8.16 20.23
CA ILE A 1753 -34.04 -9.01 20.93
C ILE A 1753 -34.00 -8.67 22.41
N GLY A 1754 -33.96 -7.37 22.74
CA GLY A 1754 -33.95 -6.95 24.13
C GLY A 1754 -35.21 -7.31 24.87
N PHE A 1755 -36.31 -7.53 24.14
CA PHE A 1755 -37.53 -8.02 24.78
C PHE A 1755 -37.24 -9.24 25.65
N LEU A 1756 -36.51 -10.22 25.11
CA LEU A 1756 -36.30 -11.49 25.77
C LEU A 1756 -35.11 -11.50 26.72
N ALA A 1757 -34.25 -10.50 26.66
CA ALA A 1757 -33.08 -10.48 27.53
C ALA A 1757 -33.51 -10.49 29.00
N THR A 1758 -32.54 -10.71 29.88
CA THR A 1758 -32.78 -10.76 31.31
C THR A 1758 -32.32 -9.47 31.95
N VAL A 1759 -33.16 -8.89 32.81
CA VAL A 1759 -32.84 -7.61 33.43
C VAL A 1759 -31.80 -7.81 34.51
N GLN A 1760 -30.79 -6.94 34.52
CA GLN A 1760 -29.77 -6.98 35.55
C GLN A 1760 -30.40 -6.70 36.91
N ASP A 1761 -29.87 -7.38 37.94
CA ASP A 1761 -30.38 -7.24 39.29
C ASP A 1761 -29.31 -7.76 40.25
N ASP A 1762 -29.70 -7.97 41.51
CA ASP A 1762 -28.76 -8.42 42.54
C ASP A 1762 -28.10 -9.74 42.19
N ARG A 1763 -28.59 -10.46 41.17
CA ARG A 1763 -27.97 -11.73 40.82
C ARG A 1763 -26.61 -11.47 40.17
N THR A 1764 -25.64 -11.07 40.98
CA THR A 1764 -24.31 -10.73 40.49
C THR A 1764 -23.28 -11.27 41.45
N THR A 1765 -22.04 -11.39 40.96
CA THR A 1765 -20.91 -11.89 41.75
C THR A 1765 -21.25 -13.23 42.39
N LYS A 1766 -21.92 -14.09 41.63
CA LYS A 1766 -22.24 -15.43 42.10
C LYS A 1766 -21.83 -16.45 41.05
N THR A 1767 -22.24 -17.70 41.24
CA THR A 1767 -21.87 -18.78 40.32
C THR A 1767 -23.02 -19.19 39.39
N ASP A 1768 -24.23 -19.30 39.91
CA ASP A 1768 -25.36 -19.79 39.13
C ASP A 1768 -25.14 -21.25 38.75
N VAL A 1769 -26.22 -22.02 38.61
CA VAL A 1769 -26.12 -23.33 38.00
C VAL A 1769 -27.06 -23.36 36.81
N LYS A 1770 -28.37 -23.35 37.08
CA LYS A 1770 -29.40 -23.23 36.06
C LYS A 1770 -30.76 -23.06 36.73
N LEU A 1771 -31.58 -22.15 36.23
CA LEU A 1771 -32.94 -21.98 36.74
C LEU A 1771 -33.81 -21.43 35.62
N ALA A 1772 -35.10 -21.72 35.70
CA ALA A 1772 -36.08 -21.23 34.73
C ALA A 1772 -36.94 -20.18 35.41
N ASP A 1773 -36.94 -18.97 34.86
CA ASP A 1773 -37.71 -17.87 35.43
C ASP A 1773 -39.20 -18.18 35.33
N PRO A 1774 -39.89 -18.45 36.45
CA PRO A 1774 -41.30 -18.85 36.33
C PRO A 1774 -42.16 -17.86 35.56
N HIS A 1775 -41.93 -16.56 35.74
CA HIS A 1775 -42.70 -15.56 35.01
C HIS A 1775 -42.14 -15.35 33.61
N MET A 1776 -40.90 -14.90 33.52
CA MET A 1776 -40.29 -14.59 32.23
C MET A 1776 -40.44 -15.77 31.27
N ASN A 1777 -40.19 -16.99 31.77
CA ASN A 1777 -40.31 -18.18 30.93
C ASN A 1777 -41.67 -18.20 30.23
N PHE A 1778 -42.74 -17.95 30.99
CA PHE A 1778 -44.05 -17.84 30.37
C PHE A 1778 -44.03 -16.80 29.27
N ILE A 1779 -43.28 -15.71 29.47
CA ILE A 1779 -43.14 -14.71 28.41
C ILE A 1779 -42.30 -15.26 27.27
N ARG A 1780 -41.24 -16.02 27.60
CA ARG A 1780 -40.37 -16.56 26.56
C ARG A 1780 -41.17 -17.37 25.55
N LYS A 1781 -42.01 -18.29 26.04
CA LYS A 1781 -42.75 -19.16 25.13
C LYS A 1781 -43.65 -18.34 24.22
N PHE A 1782 -44.33 -17.33 24.76
CA PHE A 1782 -45.15 -16.47 23.93
C PHE A 1782 -44.30 -15.77 22.88
N ALA A 1783 -43.12 -15.30 23.27
CA ALA A 1783 -42.25 -14.64 22.31
C ALA A 1783 -41.91 -15.57 21.16
N ILE A 1784 -41.42 -16.77 21.46
CA ILE A 1784 -41.08 -17.71 20.41
C ILE A 1784 -42.33 -18.13 19.65
N GLU A 1785 -43.40 -18.44 20.38
CA GLU A 1785 -44.63 -18.88 19.72
C GLU A 1785 -45.10 -17.90 18.68
N ALA A 1786 -44.86 -16.61 18.89
CA ALA A 1786 -45.18 -15.62 17.87
C ALA A 1786 -44.36 -15.85 16.61
N ILE A 1787 -43.06 -16.16 16.78
CA ILE A 1787 -42.18 -16.31 15.63
C ILE A 1787 -42.60 -17.51 14.79
N ILE A 1788 -42.87 -18.64 15.44
CA ILE A 1788 -43.06 -19.89 14.71
C ILE A 1788 -44.25 -19.79 13.76
N LYS A 1789 -45.32 -19.11 14.20
CA LYS A 1789 -46.49 -18.98 13.35
C LYS A 1789 -46.15 -18.24 12.06
N ALA A 1790 -45.37 -17.16 12.15
CA ALA A 1790 -44.99 -16.43 10.96
C ALA A 1790 -44.25 -17.33 9.97
N ILE A 1791 -43.49 -18.31 10.48
CA ILE A 1791 -42.74 -19.19 9.61
C ILE A 1791 -43.70 -20.03 8.76
N ARG A 1792 -44.67 -20.68 9.39
CA ARG A 1792 -45.59 -21.53 8.65
C ARG A 1792 -46.36 -20.72 7.63
N ASN A 1793 -46.88 -19.57 8.03
CA ASN A 1793 -47.48 -18.66 7.07
C ASN A 1793 -46.41 -18.11 6.13
N ALA A 1794 -46.82 -17.81 4.91
CA ALA A 1794 -45.97 -17.32 3.83
C ALA A 1794 -45.05 -18.41 3.30
N THR A 1795 -45.03 -19.60 3.88
CA THR A 1795 -44.27 -20.72 3.34
C THR A 1795 -45.13 -21.54 2.39
N SER A 1796 -46.24 -22.08 2.89
CA SER A 1796 -47.26 -22.66 2.03
C SER A 1796 -47.89 -21.53 1.23
N SER A 1797 -48.80 -21.85 0.31
CA SER A 1797 -49.46 -20.84 -0.50
C SER A 1797 -48.44 -19.97 -1.23
N SER A 1798 -47.78 -20.61 -2.19
CA SER A 1798 -46.61 -20.06 -2.88
C SER A 1798 -46.71 -18.56 -3.07
N LYS A 1799 -47.88 -18.06 -3.47
CA LYS A 1799 -48.05 -16.62 -3.63
C LYS A 1799 -47.65 -15.88 -2.35
N LEU A 1800 -48.03 -16.41 -1.19
CA LEU A 1800 -47.62 -15.82 0.07
C LEU A 1800 -46.13 -16.00 0.33
N LEU A 1801 -45.45 -16.86 -0.41
CA LEU A 1801 -44.00 -17.01 -0.32
C LEU A 1801 -43.26 -16.15 -1.33
N GLU A 1802 -43.99 -15.36 -2.13
CA GLU A 1802 -43.35 -14.45 -3.07
C GLU A 1802 -43.15 -13.06 -2.48
N SER A 1803 -44.15 -12.55 -1.76
CA SER A 1803 -44.11 -11.21 -1.18
C SER A 1803 -43.83 -11.26 0.31
N ASN A 1804 -42.99 -12.20 0.75
CA ASN A 1804 -42.62 -12.31 2.15
C ASN A 1804 -41.15 -12.55 2.38
N HIS A 1805 -40.34 -12.68 1.32
CA HIS A 1805 -38.92 -12.93 1.51
C HIS A 1805 -38.25 -11.78 2.24
N LEU A 1806 -38.65 -10.54 1.92
CA LEU A 1806 -38.11 -9.38 2.65
C LEU A 1806 -38.31 -9.57 4.14
N LYS A 1807 -39.54 -9.86 4.56
CA LYS A 1807 -39.77 -10.19 5.96
C LYS A 1807 -39.01 -11.45 6.34
N LEU A 1808 -38.99 -12.44 5.45
CA LEU A 1808 -38.28 -13.68 5.74
C LEU A 1808 -36.77 -13.42 5.89
N ASP A 1809 -36.21 -12.56 5.04
CA ASP A 1809 -34.80 -12.23 5.13
C ASP A 1809 -34.42 -11.90 6.56
N MET A 1810 -35.02 -10.85 7.12
CA MET A 1810 -34.75 -10.49 8.50
C MET A 1810 -35.14 -11.62 9.44
N TRP A 1811 -36.32 -12.20 9.22
CA TRP A 1811 -36.93 -13.10 10.20
C TRP A 1811 -35.92 -14.12 10.73
N PHE A 1812 -35.32 -14.92 9.85
CA PHE A 1812 -34.39 -15.93 10.31
C PHE A 1812 -33.23 -15.33 11.09
N ARG A 1813 -32.91 -14.05 10.84
CA ARG A 1813 -31.79 -13.44 11.53
C ARG A 1813 -32.07 -13.24 13.01
N ILE A 1814 -33.33 -12.93 13.36
CA ILE A 1814 -33.65 -12.71 14.77
C ILE A 1814 -33.38 -13.96 15.58
N ILE A 1815 -33.64 -15.15 15.02
CA ILE A 1815 -33.37 -16.38 15.75
C ILE A 1815 -31.88 -16.49 16.05
N THR A 1816 -31.05 -16.17 15.06
CA THR A 1816 -29.60 -16.18 15.29
C THR A 1816 -29.23 -15.22 16.38
N SER A 1817 -29.67 -13.97 16.27
CA SER A 1817 -29.35 -12.95 17.25
C SER A 1817 -29.97 -13.24 18.61
N MET A 1818 -30.91 -14.17 18.68
CA MET A 1818 -31.51 -14.56 19.95
C MET A 1818 -30.74 -15.68 20.62
N VAL A 1819 -30.46 -16.76 19.88
CA VAL A 1819 -29.63 -17.82 20.45
C VAL A 1819 -28.29 -17.24 20.88
N TYR A 1820 -27.70 -16.40 20.04
CA TYR A 1820 -26.67 -15.49 20.51
C TYR A 1820 -27.30 -14.47 21.43
N VAL A 1821 -26.69 -14.24 22.59
CA VAL A 1821 -27.10 -13.13 23.46
C VAL A 1821 -26.26 -11.93 23.01
N GLN A 1822 -26.69 -11.31 21.92
CA GLN A 1822 -25.95 -10.22 21.30
C GLN A 1822 -26.88 -9.50 20.33
N ALA A 1823 -26.78 -8.18 20.30
CA ALA A 1823 -27.59 -7.33 19.44
C ALA A 1823 -26.68 -6.27 18.84
N PRO A 1824 -27.10 -5.64 17.74
CA PRO A 1824 -26.25 -4.61 17.11
C PRO A 1824 -25.66 -3.63 18.11
N TYR A 1825 -26.51 -2.99 18.91
CA TYR A 1825 -26.05 -2.00 19.89
C TYR A 1825 -26.07 -2.51 21.32
N LEU A 1826 -26.99 -3.42 21.64
CA LEU A 1826 -27.13 -3.86 23.03
C LEU A 1826 -25.96 -4.77 23.40
N ARG A 1827 -24.91 -4.18 23.97
CA ARG A 1827 -23.75 -4.94 24.41
C ARG A 1827 -23.29 -4.60 25.82
N GLN A 1828 -23.70 -3.46 26.37
CA GLN A 1828 -23.25 -3.03 27.69
C GLN A 1828 -24.41 -2.78 28.65
N LEU A 1829 -25.63 -3.13 28.27
CA LEU A 1829 -26.80 -3.00 29.13
C LEU A 1829 -27.15 -4.28 29.86
N LEU A 1830 -26.34 -5.32 29.72
CA LEU A 1830 -26.68 -6.65 30.21
C LEU A 1830 -25.64 -7.12 31.22
N ASP A 1831 -26.07 -8.04 32.09
CA ASP A 1831 -25.19 -8.62 33.10
C ASP A 1831 -24.42 -9.78 32.47
N SER A 1832 -23.14 -9.56 32.19
CA SER A 1832 -22.36 -10.55 31.45
C SER A 1832 -22.31 -11.88 32.18
N ASN A 1833 -21.97 -11.86 33.47
CA ASN A 1833 -21.84 -13.11 34.21
C ASN A 1833 -23.15 -13.86 34.30
N LYS A 1834 -24.27 -13.20 34.05
CA LYS A 1834 -25.59 -13.82 34.10
C LYS A 1834 -26.04 -14.39 32.76
N VAL A 1835 -25.21 -14.28 31.73
CA VAL A 1835 -25.60 -14.74 30.40
C VAL A 1835 -25.45 -16.25 30.28
N GLU A 1836 -25.01 -16.88 31.36
CA GLU A 1836 -24.82 -18.33 31.33
C GLU A 1836 -26.15 -19.05 31.17
N ALA A 1837 -27.06 -18.89 32.13
CA ALA A 1837 -28.34 -19.56 32.05
C ALA A 1837 -29.13 -19.11 30.83
N ASP A 1838 -28.87 -17.90 30.33
CA ASP A 1838 -29.63 -17.38 29.20
C ASP A 1838 -29.52 -18.32 28.00
N GLN A 1839 -28.29 -18.65 27.61
CA GLN A 1839 -28.12 -19.56 26.48
C GLN A 1839 -28.72 -20.93 26.79
N TYR A 1840 -28.54 -21.40 28.03
CA TYR A 1840 -29.07 -22.70 28.41
C TYR A 1840 -30.59 -22.76 28.21
N GLN A 1841 -31.31 -21.80 28.79
CA GLN A 1841 -32.77 -21.81 28.67
C GLN A 1841 -33.22 -21.54 27.25
N LEU A 1842 -32.57 -20.61 26.57
CA LEU A 1842 -32.98 -20.25 25.22
C LEU A 1842 -32.49 -21.25 24.18
N CYS A 1843 -31.78 -22.29 24.60
CA CYS A 1843 -31.57 -23.47 23.77
C CYS A 1843 -32.52 -24.61 24.12
N LYS A 1844 -32.74 -24.85 25.42
CA LYS A 1844 -33.63 -25.93 25.82
C LYS A 1844 -35.05 -25.67 25.33
N LEU A 1845 -35.56 -24.47 25.56
CA LEU A 1845 -36.92 -24.15 25.13
C LEU A 1845 -37.05 -24.26 23.62
N VAL A 1846 -36.02 -23.81 22.89
CA VAL A 1846 -36.03 -23.92 21.44
C VAL A 1846 -36.08 -25.38 21.01
N ILE A 1847 -35.36 -26.25 21.75
CA ILE A 1847 -35.38 -27.66 21.41
C ILE A 1847 -36.76 -28.26 21.68
N ASP A 1848 -37.42 -27.82 22.76
CA ASP A 1848 -38.72 -28.39 23.08
C ASP A 1848 -39.68 -28.32 21.91
N LEU A 1849 -39.84 -27.13 21.33
CA LEU A 1849 -40.64 -26.99 20.13
C LEU A 1849 -39.93 -27.53 18.89
N GLY A 1850 -38.67 -27.92 19.02
CA GLY A 1850 -37.93 -28.42 17.88
C GLY A 1850 -37.74 -27.39 16.79
N LEU A 1851 -37.43 -26.15 17.18
CA LEU A 1851 -37.19 -25.11 16.17
C LEU A 1851 -36.21 -25.57 15.10
N PRO A 1852 -35.10 -26.24 15.43
CA PRO A 1852 -34.33 -26.90 14.37
C PRO A 1852 -35.21 -27.73 13.45
N SER A 1853 -36.01 -28.63 14.03
CA SER A 1853 -36.95 -29.40 13.23
C SER A 1853 -37.94 -28.49 12.53
N VAL A 1854 -38.25 -27.33 13.11
CA VAL A 1854 -39.15 -26.39 12.45
C VAL A 1854 -38.47 -25.76 11.24
N ILE A 1855 -37.21 -25.35 11.39
CA ILE A 1855 -36.54 -24.60 10.33
C ILE A 1855 -36.42 -25.45 9.08
N THR A 1856 -36.01 -26.72 9.23
CA THR A 1856 -35.76 -27.55 8.07
C THR A 1856 -37.02 -27.69 7.22
N GLU A 1857 -38.17 -27.88 7.85
CA GLU A 1857 -39.43 -27.86 7.11
C GLU A 1857 -39.61 -26.51 6.42
N ALA A 1858 -39.33 -25.42 7.13
CA ALA A 1858 -39.36 -24.11 6.50
C ALA A 1858 -38.34 -24.03 5.37
N MET A 1859 -37.14 -24.60 5.59
CA MET A 1859 -36.14 -24.61 4.53
C MET A 1859 -36.65 -25.38 3.32
N ALA A 1860 -37.30 -26.51 3.54
CA ALA A 1860 -37.88 -27.26 2.44
C ALA A 1860 -38.98 -26.44 1.77
N SER A 1861 -39.39 -26.88 0.59
CA SER A 1861 -40.45 -26.23 -0.17
C SER A 1861 -39.96 -24.93 -0.80
N ILE A 1862 -38.72 -24.55 -0.51
CA ILE A 1862 -38.13 -23.34 -1.07
C ILE A 1862 -37.59 -23.66 -2.44
N ASP A 1863 -38.41 -23.46 -3.48
CA ASP A 1863 -38.00 -23.84 -4.82
C ASP A 1863 -36.70 -23.14 -5.21
N LEU A 1864 -35.79 -23.89 -5.82
CA LEU A 1864 -34.46 -23.37 -6.10
C LEU A 1864 -34.47 -22.39 -7.27
N ASN A 1865 -35.41 -22.52 -8.19
CA ASN A 1865 -35.40 -21.69 -9.39
C ASN A 1865 -35.60 -20.22 -9.09
N TYR A 1866 -36.12 -19.86 -7.92
CA TYR A 1866 -36.37 -18.47 -7.61
C TYR A 1866 -35.07 -17.74 -7.30
N PRO A 1867 -34.97 -16.46 -7.66
CA PRO A 1867 -33.71 -15.74 -7.44
C PRO A 1867 -33.30 -15.65 -5.98
N PHE A 1868 -34.26 -15.53 -5.07
CA PHE A 1868 -33.91 -15.44 -3.65
C PHE A 1868 -33.42 -16.78 -3.10
N SER A 1869 -33.52 -17.85 -3.88
CA SER A 1869 -33.18 -19.19 -3.42
C SER A 1869 -31.90 -19.21 -2.59
N LYS A 1870 -30.79 -18.77 -3.17
CA LYS A 1870 -29.53 -18.78 -2.44
C LYS A 1870 -29.63 -17.93 -1.18
N LYS A 1871 -30.16 -16.71 -1.32
CA LYS A 1871 -30.26 -15.80 -0.18
C LYS A 1871 -30.86 -16.49 1.03
N ILE A 1872 -32.08 -17.01 0.88
CA ILE A 1872 -32.80 -17.57 2.01
C ILE A 1872 -32.13 -18.84 2.53
N PHE A 1873 -31.50 -19.62 1.65
CA PHE A 1873 -30.75 -20.77 2.13
C PHE A 1873 -29.57 -20.34 2.99
N ASN A 1874 -28.95 -19.20 2.64
CA ASN A 1874 -27.77 -18.77 3.37
C ASN A 1874 -28.09 -18.49 4.83
N VAL A 1875 -29.21 -17.83 5.10
CA VAL A 1875 -29.46 -17.34 6.46
C VAL A 1875 -29.63 -18.50 7.43
N ALA A 1876 -30.40 -19.52 7.04
CA ALA A 1876 -30.77 -20.57 7.99
C ALA A 1876 -29.58 -21.43 8.38
N VAL A 1877 -28.69 -21.72 7.44
CA VAL A 1877 -27.68 -22.74 7.67
C VAL A 1877 -26.86 -22.42 8.91
N GLU A 1878 -26.44 -21.17 9.09
CA GLU A 1878 -25.72 -20.82 10.30
C GLU A 1878 -26.59 -20.99 11.53
N ALA A 1879 -27.90 -20.77 11.41
CA ALA A 1879 -28.78 -20.87 12.56
C ALA A 1879 -28.66 -22.23 13.21
N LEU A 1880 -28.75 -23.30 12.43
CA LEU A 1880 -28.59 -24.64 12.99
C LEU A 1880 -27.21 -24.80 13.61
N ASN A 1881 -26.17 -24.29 12.95
CA ASN A 1881 -24.84 -24.36 13.52
C ASN A 1881 -24.78 -23.65 14.86
N THR A 1882 -25.40 -22.46 14.95
CA THR A 1882 -25.44 -21.75 16.22
C THR A 1882 -26.16 -22.57 17.28
N ILE A 1883 -27.29 -23.18 16.91
CA ILE A 1883 -28.02 -24.00 17.87
C ILE A 1883 -27.16 -25.16 18.34
N SER A 1884 -26.49 -25.84 17.40
CA SER A 1884 -25.68 -26.99 17.76
C SER A 1884 -24.41 -26.58 18.51
N SER A 1885 -23.75 -25.51 18.06
CA SER A 1885 -22.50 -25.11 18.69
C SER A 1885 -22.67 -24.93 20.19
N THR A 1886 -23.66 -24.15 20.59
CA THR A 1886 -23.96 -24.02 22.01
C THR A 1886 -24.41 -25.34 22.61
N ARG A 1887 -25.06 -26.19 21.81
CA ARG A 1887 -25.54 -27.46 22.31
C ARG A 1887 -24.41 -28.34 22.80
N ASN A 1888 -23.17 -28.07 22.38
CA ASN A 1888 -22.05 -28.91 22.77
C ASN A 1888 -21.97 -29.12 24.27
N ASN A 1889 -22.57 -28.24 25.06
CA ASN A 1889 -22.45 -28.27 26.51
C ASN A 1889 -23.70 -28.91 27.10
N PHE A 1890 -23.61 -30.22 27.39
CA PHE A 1890 -24.61 -30.94 28.17
C PHE A 1890 -23.82 -31.74 29.20
N SER A 1891 -23.55 -31.11 30.34
CA SER A 1891 -22.70 -31.72 31.36
C SER A 1891 -22.50 -30.77 32.52
N ASP A 2239 -25.01 4.06 13.38
CA ASP A 2239 -23.74 4.62 12.91
C ASP A 2239 -22.96 5.22 14.08
N GLY A 2240 -23.40 6.39 14.55
CA GLY A 2240 -22.74 7.06 15.66
C GLY A 2240 -23.69 7.32 16.80
N ILE A 2241 -24.59 6.38 17.06
CA ILE A 2241 -25.57 6.53 18.13
C ILE A 2241 -25.00 5.96 19.42
N ILE A 2242 -25.33 6.59 20.53
CA ILE A 2242 -24.77 6.26 21.84
C ILE A 2242 -25.88 5.86 22.79
N LEU A 2243 -25.63 4.83 23.59
CA LEU A 2243 -26.58 4.32 24.56
C LEU A 2243 -25.86 4.04 25.87
N LYS A 2244 -26.60 4.07 26.97
CA LYS A 2244 -26.04 3.96 28.30
C LYS A 2244 -26.83 2.95 29.13
N SER A 2245 -26.44 2.80 30.39
CA SER A 2245 -27.01 1.81 31.30
C SER A 2245 -27.66 2.54 32.49
N THR A 2246 -28.05 1.75 33.50
CA THR A 2246 -28.76 2.31 34.64
C THR A 2246 -27.82 3.11 35.53
N VAL A 2247 -26.79 2.47 36.09
CA VAL A 2247 -25.87 3.17 36.97
C VAL A 2247 -25.23 4.34 36.24
N SER A 2248 -25.10 4.25 34.92
CA SER A 2248 -24.47 5.31 34.16
C SER A 2248 -25.37 6.53 33.98
N ARG A 2249 -26.68 6.32 33.84
CA ARG A 2249 -27.57 7.46 33.61
C ARG A 2249 -27.67 8.37 34.82
N TRP A 2250 -27.43 7.82 36.02
CA TRP A 2250 -27.49 8.65 37.22
C TRP A 2250 -26.40 9.71 37.24
N LYS A 2251 -25.22 9.41 36.68
CA LYS A 2251 -24.12 10.36 36.69
C LYS A 2251 -24.50 11.63 35.93
N ASP A 2252 -25.23 11.49 34.82
CA ASP A 2252 -25.66 12.65 34.07
C ASP A 2252 -26.51 13.57 34.94
N ILE A 2253 -27.44 12.99 35.71
CA ILE A 2253 -28.27 13.80 36.59
C ILE A 2253 -27.43 14.45 37.67
N PHE A 2254 -26.47 13.71 38.23
CA PHE A 2254 -25.64 14.29 39.28
C PHE A 2254 -24.88 15.50 38.75
N ASP A 2255 -24.30 15.39 37.56
CA ASP A 2255 -23.40 16.42 37.08
C ASP A 2255 -24.14 17.59 36.40
N MET A 2256 -25.33 17.34 35.85
CA MET A 2256 -26.05 18.43 35.20
C MET A 2256 -26.34 19.56 36.17
N PHE A 2257 -26.77 19.22 37.37
CA PHE A 2257 -26.94 20.17 38.46
C PHE A 2257 -25.63 20.22 39.25
N TYR A 2258 -25.69 20.72 40.49
CA TYR A 2258 -24.51 21.00 41.31
C TYR A 2258 -23.38 20.02 41.04
N ASP A 2259 -22.18 20.54 40.78
CA ASP A 2259 -21.07 19.77 40.25
C ASP A 2259 -19.99 19.46 41.28
N SER A 2260 -19.75 20.37 42.22
CA SER A 2260 -18.64 20.19 43.16
C SER A 2260 -18.64 18.78 43.73
N LYS A 2261 -17.61 18.03 43.40
CA LYS A 2261 -17.53 16.60 43.77
C LYS A 2261 -16.98 16.43 45.18
N THR A 2262 -17.59 17.14 46.14
CA THR A 2262 -17.19 17.02 47.53
C THR A 2262 -18.38 17.08 48.48
N TYR A 2263 -19.60 17.02 47.96
CA TYR A 2263 -20.79 17.11 48.81
C TYR A 2263 -20.93 15.91 49.74
N ALA A 2264 -20.13 14.85 49.54
CA ALA A 2264 -20.17 13.73 50.46
C ALA A 2264 -19.90 14.18 51.89
N ASN A 2265 -19.20 15.30 52.06
CA ASN A 2265 -19.01 15.86 53.40
C ASN A 2265 -20.35 16.10 54.08
N CYS A 2266 -21.40 16.37 53.31
CA CYS A 2266 -22.72 16.53 53.90
C CYS A 2266 -23.17 15.24 54.59
N ILE A 2267 -22.67 14.09 54.16
CA ILE A 2267 -23.03 12.82 54.75
C ILE A 2267 -21.86 12.15 55.45
N ILE A 2268 -20.63 12.60 55.23
CA ILE A 2268 -19.48 11.99 55.90
C ILE A 2268 -19.68 11.92 57.40
N PRO A 2269 -20.08 13.00 58.08
CA PRO A 2269 -20.38 12.86 59.52
C PRO A 2269 -21.50 11.88 59.80
N THR A 2270 -22.52 11.86 58.95
CA THR A 2270 -23.71 11.08 59.25
C THR A 2270 -23.38 9.60 59.42
N VAL A 2271 -22.56 9.05 58.52
CA VAL A 2271 -22.19 7.64 58.61
C VAL A 2271 -21.47 7.36 59.92
N ILE A 2272 -20.80 8.37 60.48
CA ILE A 2272 -20.05 8.16 61.70
C ILE A 2272 -20.95 7.77 62.86
N ASN A 2273 -22.23 8.14 62.81
CA ASN A 2273 -23.14 7.77 63.88
C ASN A 2273 -23.23 6.26 64.06
N ARG A 2274 -22.89 5.49 63.03
CA ARG A 2274 -22.76 4.05 63.15
C ARG A 2274 -21.53 3.51 62.45
N LEU A 2275 -20.71 4.37 61.83
CA LEU A 2275 -19.54 3.89 61.10
C LEU A 2275 -18.57 3.18 62.02
N TYR A 2276 -18.34 3.73 63.22
CA TYR A 2276 -17.42 3.14 64.18
C TYR A 2276 -18.03 2.93 65.56
N LYS A 2277 -19.19 3.52 65.84
CA LYS A 2277 -19.75 3.46 67.19
C LYS A 2277 -19.84 2.03 67.69
N VAL A 2278 -20.40 1.14 66.88
CA VAL A 2278 -20.53 -0.28 67.20
C VAL A 2278 -19.73 -1.15 66.25
N SER A 2279 -18.98 -0.55 65.32
CA SER A 2279 -18.16 -1.29 64.38
C SER A 2279 -16.72 -1.43 64.86
N LEU A 2280 -16.08 -0.31 65.20
CA LEU A 2280 -14.71 -0.33 65.71
C LEU A 2280 -14.64 -0.42 67.22
N ALA A 2281 -15.78 -0.45 67.91
CA ALA A 2281 -15.81 -0.66 69.35
C ALA A 2281 -16.27 -2.08 69.70
N LEU A 2282 -17.48 -2.46 69.28
CA LEU A 2282 -18.01 -3.77 69.64
C LEU A 2282 -17.17 -4.88 69.02
N GLN A 2283 -17.03 -4.86 67.69
CA GLN A 2283 -16.28 -5.91 67.01
C GLN A 2283 -14.84 -5.94 67.47
N LYS A 2284 -14.22 -4.77 67.62
CA LYS A 2284 -12.82 -4.73 68.02
C LYS A 2284 -12.62 -5.30 69.42
N ASP A 2285 -13.39 -4.80 70.40
CA ASP A 2285 -13.21 -5.25 71.77
C ASP A 2285 -13.54 -6.72 71.92
N LEU A 2286 -14.68 -7.15 71.36
CA LEU A 2286 -15.04 -8.56 71.45
C LEU A 2286 -14.02 -9.44 70.75
N GLU A 2287 -13.52 -9.00 69.60
CA GLU A 2287 -12.57 -9.80 68.83
C GLU A 2287 -11.15 -9.61 69.37
N ASN A 2288 -10.65 -8.38 69.35
CA ASN A 2288 -9.24 -8.15 69.67
C ASN A 2288 -8.92 -8.56 71.09
N LYS A 2289 -9.77 -8.17 72.05
CA LYS A 2289 -9.47 -8.43 73.45
C LYS A 2289 -9.32 -9.91 73.74
N ARG A 2290 -10.37 -10.69 73.45
CA ARG A 2290 -10.32 -12.12 73.73
C ARG A 2290 -9.25 -12.80 72.89
N GLU A 2291 -9.01 -12.32 71.67
CA GLU A 2291 -7.99 -12.93 70.83
C GLU A 2291 -6.62 -12.84 71.48
N GLN A 2292 -6.27 -11.69 72.05
CA GLN A 2292 -5.01 -11.55 72.76
C GLN A 2292 -4.93 -12.46 73.97
N GLU A 2293 -6.08 -12.86 74.53
CA GLU A 2293 -6.07 -13.76 75.67
C GLU A 2293 -5.45 -15.10 75.32
N LYS A 2294 -5.80 -15.65 74.16
CA LYS A 2294 -5.28 -16.92 73.69
C LYS A 2294 -4.05 -16.76 72.81
N LEU A 2295 -3.65 -15.53 72.48
CA LEU A 2295 -2.49 -15.30 71.63
C LEU A 2295 -1.36 -14.67 72.45
N TYR A 2469 -25.77 -34.59 23.61
CA TYR A 2469 -25.77 -35.96 24.15
C TYR A 2469 -25.85 -36.95 22.98
N PHE A 2470 -25.40 -36.51 21.81
CA PHE A 2470 -25.47 -37.34 20.61
C PHE A 2470 -26.92 -37.72 20.30
N ALA A 2471 -27.84 -36.85 20.71
CA ALA A 2471 -29.25 -37.14 20.52
C ALA A 2471 -29.70 -36.74 19.11
N PRO A 2472 -30.67 -37.44 18.53
CA PRO A 2472 -31.15 -37.06 17.20
C PRO A 2472 -31.55 -35.59 17.14
N LEU A 2473 -30.85 -34.80 16.34
CA LEU A 2473 -31.07 -33.37 16.33
C LEU A 2473 -32.11 -32.93 15.31
N ILE A 2474 -32.22 -33.63 14.18
CA ILE A 2474 -33.26 -33.38 13.19
C ILE A 2474 -33.78 -34.73 12.69
N ASP A 2475 -34.74 -34.68 11.78
CA ASP A 2475 -35.48 -35.85 11.34
C ASP A 2475 -34.79 -36.52 10.15
N ARG A 2476 -35.25 -37.75 9.87
CA ARG A 2476 -34.73 -38.51 8.74
C ARG A 2476 -35.16 -37.96 7.40
N ALA A 2477 -36.22 -37.15 7.36
CA ALA A 2477 -36.69 -36.55 6.11
C ALA A 2477 -36.28 -35.10 5.97
N GLY A 2478 -35.57 -34.56 6.96
CA GLY A 2478 -35.07 -33.20 6.89
C GLY A 2478 -33.65 -33.16 6.37
N ILE A 2479 -32.77 -33.95 6.99
CA ILE A 2479 -31.39 -34.02 6.51
C ILE A 2479 -31.38 -34.37 5.03
N ALA A 2480 -32.30 -35.24 4.61
CA ALA A 2480 -32.52 -35.46 3.19
C ALA A 2480 -32.89 -34.14 2.52
N SER A 2481 -33.80 -33.39 3.15
CA SER A 2481 -34.12 -32.06 2.66
C SER A 2481 -32.92 -31.13 2.73
N LEU A 2482 -32.05 -31.31 3.72
CA LEU A 2482 -30.81 -30.55 3.77
C LEU A 2482 -29.89 -30.87 2.61
N MET A 2483 -29.94 -32.10 2.10
CA MET A 2483 -29.14 -32.47 0.94
C MET A 2483 -29.62 -31.82 -0.35
N LYS A 2484 -30.78 -31.17 -0.32
CA LYS A 2484 -31.15 -30.28 -1.43
C LYS A 2484 -30.08 -29.23 -1.67
N SER A 2485 -29.17 -29.05 -0.72
CA SER A 2485 -28.00 -28.20 -0.88
C SER A 2485 -27.03 -28.81 -1.88
N VAL A 2486 -25.85 -28.19 -2.01
CA VAL A 2486 -24.75 -28.70 -2.82
C VAL A 2486 -25.23 -29.00 -4.23
N PHE A 2487 -26.21 -28.24 -4.70
CA PHE A 2487 -26.70 -28.35 -6.07
C PHE A 2487 -26.66 -27.03 -6.81
N ILE A 2488 -26.98 -25.92 -6.15
CA ILE A 2488 -26.94 -24.63 -6.81
C ILE A 2488 -25.51 -24.27 -7.16
N SER A 2489 -25.33 -23.47 -8.21
CA SER A 2489 -23.99 -23.09 -8.65
C SER A 2489 -23.39 -22.10 -7.67
N LYS A 2490 -22.74 -22.61 -6.64
CA LYS A 2490 -22.32 -21.82 -5.50
C LYS A 2490 -20.85 -21.43 -5.61
N PRO A 2491 -20.47 -20.23 -5.15
CA PRO A 2491 -19.03 -19.88 -5.10
C PRO A 2491 -18.37 -20.32 -3.81
N TYR A 2492 -17.10 -19.97 -3.64
CA TYR A 2492 -16.32 -20.43 -2.49
C TYR A 2492 -16.68 -19.61 -1.25
N ILE A 2493 -16.03 -19.97 -0.13
CA ILE A 2493 -16.22 -19.33 1.17
C ILE A 2493 -17.48 -19.88 1.82
N GLN A 2494 -18.60 -19.80 1.10
CA GLN A 2494 -19.85 -20.33 1.64
C GLN A 2494 -19.69 -21.77 2.08
N ARG A 2495 -18.90 -22.55 1.34
CA ARG A 2495 -18.75 -23.97 1.65
C ARG A 2495 -18.21 -24.19 3.06
N GLU A 2496 -17.55 -23.19 3.65
CA GLU A 2496 -17.00 -23.35 4.98
C GLU A 2496 -18.09 -23.65 6.00
N ILE A 2497 -19.13 -22.82 6.04
CA ILE A 2497 -20.18 -23.01 7.04
C ILE A 2497 -20.86 -24.34 6.84
N TYR A 2498 -21.05 -24.76 5.59
CA TYR A 2498 -21.62 -26.07 5.35
C TYR A 2498 -20.74 -27.18 5.93
N HIS A 2499 -19.43 -27.06 5.76
CA HIS A 2499 -18.54 -28.07 6.32
C HIS A 2499 -18.66 -28.10 7.84
N GLU A 2500 -18.67 -26.93 8.48
CA GLU A 2500 -18.78 -26.89 9.93
C GLU A 2500 -20.09 -27.53 10.39
N LEU A 2501 -21.19 -27.18 9.74
CA LEU A 2501 -22.48 -27.77 10.10
C LEU A 2501 -22.44 -29.28 9.94
N PHE A 2502 -22.00 -29.76 8.78
CA PHE A 2502 -22.04 -31.19 8.53
C PHE A 2502 -21.15 -31.95 9.50
N TYR A 2503 -19.97 -31.41 9.80
CA TYR A 2503 -19.08 -32.08 10.75
C TYR A 2503 -19.71 -32.10 12.14
N ARG A 2504 -20.26 -30.96 12.59
CA ARG A 2504 -20.85 -30.91 13.92
C ARG A 2504 -22.17 -31.67 13.96
N LEU A 2505 -22.94 -31.61 12.87
CA LEU A 2505 -24.20 -32.34 12.85
C LEU A 2505 -24.01 -33.83 13.05
N CYS A 2506 -22.82 -34.35 12.80
CA CYS A 2506 -22.52 -35.73 13.11
C CYS A 2506 -22.50 -35.91 14.63
N SER A 2507 -22.23 -37.15 15.06
CA SER A 2507 -22.36 -37.63 16.43
C SER A 2507 -23.80 -37.98 16.72
N SER A 2508 -24.72 -37.74 15.78
CA SER A 2508 -26.10 -38.23 15.89
C SER A 2508 -26.11 -39.63 15.30
N LYS A 2509 -25.87 -40.63 16.16
CA LYS A 2509 -25.68 -41.99 15.68
C LYS A 2509 -26.83 -42.42 14.77
N GLN A 2510 -28.06 -42.07 15.13
CA GLN A 2510 -29.19 -42.40 14.28
C GLN A 2510 -29.10 -41.70 12.92
N ASN A 2511 -28.34 -40.61 12.83
CA ASN A 2511 -28.16 -39.91 11.57
C ASN A 2511 -26.81 -40.13 10.93
N ARG A 2512 -25.77 -40.40 11.74
CA ARG A 2512 -24.46 -40.71 11.17
C ARG A 2512 -24.57 -41.84 10.16
N ASN A 2513 -25.40 -42.84 10.44
CA ASN A 2513 -25.59 -43.94 9.50
C ASN A 2513 -26.26 -43.47 8.22
N ASP A 2514 -27.38 -42.74 8.35
CA ASP A 2514 -28.13 -42.33 7.17
C ASP A 2514 -27.47 -41.16 6.44
N LEU A 2515 -26.80 -40.27 7.18
CA LEU A 2515 -26.21 -39.09 6.57
C LEU A 2515 -25.39 -39.47 5.33
N MET A 2516 -24.35 -40.27 5.52
CA MET A 2516 -23.48 -40.63 4.41
C MET A 2516 -24.21 -41.50 3.39
N ASN A 2517 -25.08 -42.39 3.86
CA ASN A 2517 -25.75 -43.32 2.96
C ASN A 2517 -26.47 -42.59 1.84
N THR A 2518 -26.93 -41.36 2.10
CA THR A 2518 -27.53 -40.57 1.04
C THR A 2518 -26.54 -40.29 -0.08
N PHE A 2519 -25.29 -39.97 0.27
CA PHE A 2519 -24.34 -39.51 -0.72
C PHE A 2519 -23.89 -40.64 -1.62
N LEU A 2520 -23.28 -41.69 -1.06
CA LEU A 2520 -22.74 -42.78 -1.85
C LEU A 2520 -23.73 -43.19 -2.94
N PHE A 2521 -25.02 -43.15 -2.61
CA PHE A 2521 -26.05 -43.39 -3.61
C PHE A 2521 -25.99 -42.34 -4.71
N ILE A 2522 -25.95 -41.06 -4.32
CA ILE A 2522 -25.92 -39.98 -5.30
C ILE A 2522 -24.70 -40.10 -6.20
N LEU A 2523 -23.63 -40.72 -5.70
CA LEU A 2523 -22.42 -40.91 -6.50
C LEU A 2523 -22.59 -42.08 -7.46
N SER A 2524 -22.82 -43.28 -6.91
CA SER A 2524 -22.85 -44.48 -7.75
C SER A 2524 -23.94 -44.39 -8.80
N GLU A 2525 -25.14 -43.94 -8.42
CA GLU A 2525 -26.26 -43.91 -9.35
C GLU A 2525 -26.49 -42.55 -9.99
N GLY A 2526 -26.09 -41.47 -9.35
CA GLY A 2526 -26.41 -40.15 -9.84
C GLY A 2526 -25.60 -39.69 -11.04
N ILE A 2527 -24.29 -39.53 -10.84
CA ILE A 2527 -23.45 -38.82 -11.82
C ILE A 2527 -22.99 -39.86 -12.83
N ILE A 2528 -23.83 -40.11 -13.82
CA ILE A 2528 -23.43 -40.93 -14.97
C ILE A 2528 -23.77 -40.23 -16.27
N ASP A 2529 -24.75 -39.34 -16.25
CA ASP A 2529 -25.23 -38.69 -17.47
C ASP A 2529 -26.23 -37.62 -17.09
N GLN A 2530 -26.73 -36.91 -18.11
CA GLN A 2530 -27.70 -35.85 -17.87
C GLN A 2530 -28.99 -36.38 -17.28
N HIS A 2531 -29.48 -37.52 -17.78
CA HIS A 2531 -30.76 -38.07 -17.37
C HIS A 2531 -30.65 -39.00 -16.16
N SER A 2532 -29.62 -38.85 -15.34
CA SER A 2532 -29.50 -39.58 -14.10
C SER A 2532 -29.63 -38.69 -12.87
N LEU A 2533 -29.10 -37.47 -12.91
CA LEU A 2533 -29.16 -36.60 -11.75
C LEU A 2533 -30.60 -36.31 -11.36
N GLU A 2534 -31.45 -35.97 -12.32
CA GLU A 2534 -32.83 -35.62 -12.01
C GLU A 2534 -33.50 -36.72 -11.20
N LYS A 2535 -33.22 -37.97 -11.54
CA LYS A 2535 -33.85 -39.12 -10.90
C LYS A 2535 -33.30 -39.40 -9.51
N VAL A 2536 -32.45 -38.53 -8.97
CA VAL A 2536 -32.06 -38.63 -7.57
C VAL A 2536 -32.34 -37.29 -6.90
N TYR A 2537 -32.32 -36.21 -7.68
CA TYR A 2537 -32.76 -34.92 -7.17
C TYR A 2537 -34.22 -34.98 -6.75
N ASN A 2538 -35.06 -35.61 -7.57
CA ASN A 2538 -36.44 -35.81 -7.16
C ASN A 2538 -36.54 -36.68 -5.93
N ILE A 2539 -35.78 -37.78 -5.89
CA ILE A 2539 -35.89 -38.72 -4.77
C ILE A 2539 -35.52 -38.03 -3.46
N ILE A 2540 -34.42 -37.28 -3.45
CA ILE A 2540 -34.08 -36.52 -2.26
C ILE A 2540 -35.19 -35.53 -1.94
N SER A 2541 -35.76 -34.91 -2.97
CA SER A 2541 -36.89 -34.02 -2.77
C SER A 2541 -38.07 -34.78 -2.16
N SER A 2542 -38.39 -35.95 -2.70
CA SER A 2542 -39.48 -36.74 -2.16
C SER A 2542 -39.23 -37.12 -0.71
N ARG A 2543 -37.98 -37.14 -0.27
CA ARG A 2543 -37.64 -37.43 1.11
C ARG A 2543 -37.72 -36.19 1.99
N ALA A 2544 -38.12 -35.05 1.43
CA ALA A 2544 -38.32 -33.83 2.20
C ALA A 2544 -39.80 -33.58 2.47
N MET A 2545 -40.62 -33.52 1.42
CA MET A 2545 -42.07 -33.39 1.57
C MET A 2545 -42.70 -34.78 1.46
N GLY A 2546 -42.52 -35.56 2.51
CA GLY A 2546 -42.83 -36.98 2.45
C GLY A 2546 -44.23 -37.28 1.96
N HIS A 2547 -44.31 -37.80 0.73
CA HIS A 2547 -45.59 -38.22 0.15
C HIS A 2547 -45.35 -39.04 -1.11
N ALA A 2548 -45.91 -40.25 -1.15
CA ALA A 2548 -45.74 -41.12 -2.32
C ALA A 2548 -44.27 -41.26 -2.68
N LYS A 2549 -43.98 -41.60 -3.93
CA LYS A 2549 -42.61 -41.66 -4.44
C LYS A 2549 -42.60 -41.08 -5.84
N THR A 2550 -42.04 -39.88 -5.98
CA THR A 2550 -41.96 -39.19 -7.26
C THR A 2550 -43.34 -39.09 -7.92
N THR A 2551 -44.35 -38.75 -7.12
CA THR A 2551 -45.68 -38.51 -7.68
C THR A 2551 -45.68 -37.32 -8.62
N THR A 2552 -44.67 -36.45 -8.52
CA THR A 2552 -44.54 -35.31 -9.41
C THR A 2552 -43.06 -35.03 -9.61
N VAL A 2553 -42.76 -34.30 -10.69
CA VAL A 2553 -41.38 -34.04 -11.11
C VAL A 2553 -40.96 -32.67 -10.61
N ARG A 2554 -39.79 -32.60 -9.98
CA ARG A 2554 -39.17 -31.33 -9.62
C ARG A 2554 -38.09 -31.03 -10.65
N GLN A 2555 -38.23 -29.92 -11.35
CA GLN A 2555 -37.29 -29.58 -12.42
C GLN A 2555 -35.96 -29.13 -11.85
N LEU A 2556 -34.89 -29.44 -12.58
CA LEU A 2556 -33.57 -28.97 -12.21
C LEU A 2556 -33.43 -27.48 -12.54
N PRO A 2557 -32.52 -26.78 -11.86
CA PRO A 2557 -32.40 -25.33 -12.03
C PRO A 2557 -31.54 -24.89 -13.22
N SER A 2558 -31.78 -25.50 -14.38
CA SER A 2558 -31.16 -25.07 -15.64
C SER A 2558 -29.64 -25.03 -15.55
N ASP A 2559 -29.05 -25.76 -14.60
CA ASP A 2559 -27.61 -25.72 -14.36
C ASP A 2559 -27.24 -27.00 -13.63
N CYS A 2560 -26.07 -27.03 -13.00
CA CYS A 2560 -25.65 -28.16 -12.18
C CYS A 2560 -25.37 -29.39 -13.03
N THR A 2561 -24.51 -29.24 -14.03
CA THR A 2561 -24.07 -30.39 -14.79
C THR A 2561 -23.37 -31.38 -13.86
N PRO A 2562 -23.43 -32.68 -14.17
CA PRO A 2562 -22.91 -33.68 -13.21
C PRO A 2562 -21.51 -33.39 -12.74
N LEU A 2563 -20.70 -32.75 -13.58
CA LEU A 2563 -19.35 -32.39 -13.15
C LEU A 2563 -19.39 -31.47 -11.94
N THR A 2564 -20.28 -30.47 -11.95
CA THR A 2564 -20.37 -29.54 -10.83
C THR A 2564 -20.82 -30.24 -9.56
N VAL A 2565 -21.85 -31.07 -9.67
CA VAL A 2565 -22.35 -31.79 -8.50
C VAL A 2565 -21.24 -32.66 -7.94
N ALA A 2566 -20.50 -33.35 -8.81
CA ALA A 2566 -19.41 -34.18 -8.34
C ALA A 2566 -18.32 -33.35 -7.69
N ASN A 2567 -18.01 -32.19 -8.25
CA ASN A 2567 -17.01 -31.33 -7.66
C ASN A 2567 -17.38 -31.00 -6.22
N GLN A 2568 -18.60 -30.49 -6.02
CA GLN A 2568 -19.03 -30.12 -4.68
C GLN A 2568 -19.07 -31.34 -3.77
N THR A 2569 -19.55 -32.47 -4.29
CA THR A 2569 -19.72 -33.65 -3.45
C THR A 2569 -18.39 -34.20 -2.98
N ILE A 2570 -17.40 -34.28 -3.88
CA ILE A 2570 -16.09 -34.78 -3.48
C ILE A 2570 -15.40 -33.78 -2.57
N GLU A 2571 -15.57 -32.49 -2.82
CA GLU A 2571 -15.07 -31.49 -1.87
C GLU A 2571 -15.59 -31.80 -0.48
N ILE A 2572 -16.90 -31.98 -0.35
CA ILE A 2572 -17.50 -32.21 0.95
C ILE A 2572 -17.03 -33.53 1.55
N LEU A 2573 -16.90 -34.57 0.72
CA LEU A 2573 -16.46 -35.86 1.23
C LEU A 2573 -15.05 -35.75 1.82
N GLN A 2574 -14.15 -35.08 1.10
CA GLN A 2574 -12.82 -34.83 1.64
C GLN A 2574 -12.93 -34.08 2.95
N SER A 2575 -13.79 -33.05 3.00
CA SER A 2575 -13.95 -32.29 4.24
C SER A 2575 -14.33 -33.21 5.40
N LEU A 2576 -15.38 -34.00 5.21
CA LEU A 2576 -15.84 -34.86 6.31
C LEU A 2576 -14.74 -35.83 6.73
N ILE A 2577 -14.19 -36.57 5.78
CA ILE A 2577 -13.19 -37.57 6.12
C ILE A 2577 -11.94 -36.95 6.70
N ASP A 2578 -11.77 -35.64 6.56
CA ASP A 2578 -10.66 -34.96 7.20
C ASP A 2578 -10.89 -34.68 8.68
N ALA A 2579 -12.04 -35.09 9.22
CA ALA A 2579 -12.41 -34.70 10.58
C ALA A 2579 -12.71 -35.88 11.50
N ASP A 2580 -13.36 -36.92 11.01
CA ASP A 2580 -13.90 -37.99 11.85
C ASP A 2580 -12.91 -39.14 11.90
N SER A 2581 -12.27 -39.32 13.05
CA SER A 2581 -11.37 -40.46 13.23
C SER A 2581 -12.11 -41.78 13.09
N ARG A 2582 -13.41 -41.79 13.38
CA ARG A 2582 -14.20 -43.01 13.34
C ARG A 2582 -14.92 -43.22 12.02
N LEU A 2583 -14.89 -42.24 11.11
CA LEU A 2583 -15.63 -42.39 9.85
C LEU A 2583 -14.92 -43.36 8.91
N LYS A 2584 -13.58 -43.34 8.87
CA LYS A 2584 -12.85 -44.19 7.94
C LYS A 2584 -13.26 -45.64 8.10
N TYR A 2585 -13.51 -46.07 9.34
CA TYR A 2585 -13.87 -47.47 9.58
C TYR A 2585 -15.16 -47.83 8.87
N PHE A 2586 -16.18 -46.98 9.00
CA PHE A 2586 -17.43 -47.23 8.29
C PHE A 2586 -17.24 -47.09 6.78
N LEU A 2587 -16.26 -46.31 6.36
CA LEU A 2587 -16.06 -46.12 4.92
C LEU A 2587 -15.72 -47.43 4.23
N ILE A 2588 -14.88 -48.25 4.87
CA ILE A 2588 -14.48 -49.55 4.33
C ILE A 2588 -15.10 -50.62 5.20
N ALA A 2589 -16.11 -51.31 4.68
CA ALA A 2589 -16.72 -52.42 5.39
C ALA A 2589 -17.73 -53.12 4.49
N GLU A 2590 -18.45 -54.09 5.05
CA GLU A 2590 -19.68 -54.59 4.46
C GLU A 2590 -20.84 -53.98 5.24
N HIS A 2591 -21.79 -53.38 4.52
CA HIS A 2591 -22.85 -52.64 5.18
C HIS A 2591 -23.62 -53.52 6.15
N ASP A 2592 -23.63 -54.83 5.93
CA ASP A 2592 -24.46 -55.77 6.68
C ASP A 2592 -25.94 -55.56 6.39
N ASN A 2593 -26.27 -54.81 5.35
CA ASN A 2593 -27.66 -54.55 4.97
C ASN A 2593 -28.42 -53.89 6.13
N PRO A 2609 -24.13 -60.77 -6.18
CA PRO A 2609 -24.25 -59.54 -5.40
C PRO A 2609 -23.58 -58.35 -6.07
N ASP A 2610 -22.48 -58.59 -6.76
CA ASP A 2610 -21.67 -57.59 -7.44
C ASP A 2610 -20.84 -56.77 -6.47
N LYS A 2611 -21.03 -56.93 -5.16
CA LYS A 2611 -20.21 -56.24 -4.16
C LYS A 2611 -20.47 -54.74 -4.12
N LYS A 2612 -21.29 -54.24 -5.03
CA LYS A 2612 -21.54 -52.80 -5.08
C LYS A 2612 -22.24 -52.33 -3.80
N LEU A 2613 -23.25 -53.09 -3.36
CA LEU A 2613 -23.97 -52.75 -2.14
C LEU A 2613 -23.40 -53.45 -0.91
N ARG A 2614 -22.57 -54.47 -1.08
CA ARG A 2614 -21.96 -55.17 0.04
C ARG A 2614 -20.60 -54.60 0.43
N TRP A 2615 -20.15 -53.54 -0.23
CA TRP A 2615 -18.92 -52.86 0.13
C TRP A 2615 -18.97 -51.43 -0.35
N PRO A 2616 -18.98 -50.44 0.56
CA PRO A 2616 -19.03 -49.04 0.09
C PRO A 2616 -17.87 -48.66 -0.80
N LEU A 2617 -16.69 -49.21 -0.52
CA LEU A 2617 -15.48 -48.78 -1.21
C LEU A 2617 -15.61 -48.95 -2.72
N TRP A 2618 -16.13 -50.10 -3.15
CA TRP A 2618 -16.17 -50.39 -4.58
C TRP A 2618 -16.91 -49.32 -5.35
N HIS A 2619 -17.83 -48.60 -4.70
CA HIS A 2619 -18.49 -47.49 -5.36
C HIS A 2619 -17.46 -46.50 -5.90
N LEU A 2620 -16.51 -46.10 -5.05
CA LEU A 2620 -15.49 -45.17 -5.50
C LEU A 2620 -14.69 -45.73 -6.66
N PHE A 2621 -14.18 -46.96 -6.51
CA PHE A 2621 -13.40 -47.57 -7.58
C PHE A 2621 -14.20 -47.58 -8.87
N SER A 2622 -15.50 -47.80 -8.79
CA SER A 2622 -16.33 -47.75 -9.99
C SER A 2622 -16.27 -46.39 -10.67
N LEU A 2623 -15.94 -45.34 -9.93
CA LEU A 2623 -15.78 -44.03 -10.55
C LEU A 2623 -14.62 -44.01 -11.54
N LEU A 2624 -13.50 -44.65 -11.17
CA LEU A 2624 -12.26 -44.49 -11.94
C LEU A 2624 -12.48 -44.77 -13.41
N ASP A 2625 -13.29 -45.77 -13.74
CA ASP A 2625 -13.54 -46.14 -15.13
C ASP A 2625 -14.83 -45.49 -15.63
N ARG A 2626 -14.84 -44.15 -15.61
CA ARG A 2626 -15.93 -43.35 -16.14
C ARG A 2626 -15.33 -42.24 -16.99
N LYS A 2627 -15.53 -42.30 -18.31
CA LYS A 2627 -14.97 -41.29 -19.18
C LYS A 2627 -15.41 -39.89 -18.77
N LEU A 2628 -16.64 -39.74 -18.28
CA LEU A 2628 -17.11 -38.41 -17.88
C LEU A 2628 -16.21 -37.79 -16.84
N ILE A 2629 -15.52 -38.61 -16.05
CA ILE A 2629 -14.57 -38.14 -15.06
C ILE A 2629 -13.20 -38.66 -15.48
N THR A 2630 -12.15 -38.29 -14.76
CA THR A 2630 -10.77 -38.65 -15.06
C THR A 2630 -10.20 -37.80 -16.19
N ASP A 2631 -10.83 -36.67 -16.49
CA ASP A 2631 -10.28 -35.67 -17.41
C ASP A 2631 -10.11 -34.35 -16.67
N GLU A 2632 -9.60 -34.43 -15.45
CA GLU A 2632 -9.42 -33.26 -14.61
C GLU A 2632 -8.48 -33.62 -13.47
N SER A 2633 -7.81 -32.61 -12.93
CA SER A 2633 -6.88 -32.83 -11.84
C SER A 2633 -7.60 -32.92 -10.49
N VAL A 2634 -8.46 -31.95 -10.19
CA VAL A 2634 -9.06 -31.88 -8.86
C VAL A 2634 -9.84 -33.15 -8.55
N LEU A 2635 -10.66 -33.60 -9.49
CA LEU A 2635 -11.42 -34.83 -9.26
C LEU A 2635 -10.49 -36.00 -9.00
N MET A 2636 -9.51 -36.20 -9.88
CA MET A 2636 -8.55 -37.27 -9.68
C MET A 2636 -7.75 -37.04 -8.41
N ASP A 2637 -7.28 -35.81 -8.20
CA ASP A 2637 -6.49 -35.53 -7.00
C ASP A 2637 -7.32 -35.79 -5.74
N LEU A 2638 -8.58 -35.36 -5.72
CA LEU A 2638 -9.37 -35.53 -4.52
C LEU A 2638 -9.73 -36.99 -4.28
N LEU A 2639 -10.09 -37.72 -5.33
CA LEU A 2639 -10.38 -39.14 -5.15
C LEU A 2639 -9.15 -39.89 -4.65
N THR A 2640 -7.98 -39.58 -5.21
CA THR A 2640 -6.76 -40.22 -4.73
C THR A 2640 -6.48 -39.84 -3.29
N ARG A 2641 -6.74 -38.58 -2.93
CA ARG A 2641 -6.58 -38.16 -1.55
C ARG A 2641 -7.45 -39.00 -0.63
N ILE A 2642 -8.70 -39.22 -1.02
CA ILE A 2642 -9.60 -40.04 -0.19
C ILE A 2642 -9.05 -41.45 -0.07
N LEU A 2643 -8.70 -42.08 -1.19
CA LEU A 2643 -8.23 -43.45 -1.15
C LEU A 2643 -6.93 -43.58 -0.36
N GLN A 2644 -6.15 -42.51 -0.25
CA GLN A 2644 -4.90 -42.58 0.50
C GLN A 2644 -5.13 -42.95 1.96
N VAL A 2645 -6.32 -42.71 2.49
CA VAL A 2645 -6.58 -42.92 3.91
C VAL A 2645 -7.02 -44.36 4.20
N CYS A 2646 -8.05 -44.84 3.48
CA CYS A 2646 -8.50 -46.21 3.70
C CYS A 2646 -7.38 -47.19 3.43
N THR A 2647 -6.74 -47.09 2.26
CA THR A 2647 -5.68 -48.03 1.92
C THR A 2647 -4.55 -47.99 2.94
N LYS A 2648 -4.27 -46.81 3.48
CA LYS A 2648 -3.25 -46.71 4.53
C LYS A 2648 -3.60 -47.61 5.70
N THR A 2649 -4.82 -47.47 6.23
CA THR A 2649 -5.23 -48.32 7.34
C THR A 2649 -5.53 -49.74 6.87
N LEU A 2650 -6.14 -49.88 5.70
CA LEU A 2650 -6.49 -51.20 5.20
C LEU A 2650 -5.28 -52.11 5.15
N ALA A 2651 -4.16 -51.59 4.64
CA ALA A 2651 -2.92 -52.35 4.68
C ALA A 2651 -2.46 -52.58 6.11
N VAL A 2652 -2.57 -51.56 6.96
CA VAL A 2652 -2.13 -51.70 8.34
C VAL A 2652 -3.01 -52.70 9.08
N LEU A 2653 -4.32 -52.59 8.93
CA LEU A 2653 -5.24 -53.38 9.75
C LEU A 2653 -4.96 -54.87 9.60
N SER A 2654 -5.12 -55.39 8.38
CA SER A 2654 -4.95 -56.83 8.18
C SER A 2654 -3.54 -57.27 8.57
N THR A 2655 -2.54 -56.49 8.17
CA THR A 2655 -1.17 -56.82 8.54
C THR A 2655 -0.95 -56.73 10.04
N SER A 2656 -1.70 -55.85 10.72
CA SER A 2656 -1.55 -55.65 12.16
C SER A 2656 -2.46 -56.54 12.99
N SER A 2657 -3.36 -57.29 12.36
CA SER A 2657 -4.29 -58.19 13.07
C SER A 2657 -3.88 -59.62 12.75
N ASN A 2658 -3.11 -60.23 13.65
CA ASN A 2658 -2.66 -61.61 13.48
C ASN A 2658 -3.40 -62.56 14.43
N GLY A 2659 -3.36 -62.29 15.73
CA GLY A 2659 -4.07 -63.12 16.69
C GLY A 2659 -5.38 -62.50 17.13
N LYS A 2660 -5.35 -61.21 17.45
CA LYS A 2660 -6.55 -60.48 17.86
C LYS A 2660 -7.24 -59.92 16.61
N GLU A 2661 -7.75 -60.83 15.79
CA GLU A 2661 -8.43 -60.49 14.54
C GLU A 2661 -9.94 -60.65 14.75
N ASN A 2662 -10.56 -59.62 15.31
CA ASN A 2662 -12.00 -59.54 15.45
C ASN A 2662 -12.59 -58.40 14.64
N LEU A 2663 -11.84 -57.87 13.67
CA LEU A 2663 -12.28 -56.73 12.87
C LEU A 2663 -12.54 -57.10 11.42
N SER A 2664 -11.83 -58.08 10.87
CA SER A 2664 -12.11 -58.51 9.51
C SER A 2664 -13.50 -59.12 9.42
N LYS A 2665 -13.93 -59.85 10.45
CA LYS A 2665 -15.28 -60.38 10.50
C LYS A 2665 -16.34 -59.29 10.65
N LYS A 2666 -15.93 -58.07 10.98
CA LYS A 2666 -16.86 -56.95 11.16
C LYS A 2666 -16.94 -56.06 9.92
N PHE A 2667 -15.80 -55.70 9.34
CA PHE A 2667 -15.79 -54.91 8.12
C PHE A 2667 -15.69 -55.75 6.85
N HIS A 2668 -15.32 -57.03 6.97
CA HIS A 2668 -15.15 -57.91 5.81
C HIS A 2668 -14.07 -57.35 4.87
N LEU A 2669 -12.84 -57.32 5.40
CA LEU A 2669 -11.70 -56.85 4.64
C LEU A 2669 -11.72 -57.49 3.26
N PRO A 2670 -11.96 -56.73 2.19
CA PRO A 2670 -12.22 -57.34 0.89
C PRO A 2670 -11.08 -58.24 0.43
N SER A 2671 -11.38 -59.01 -0.61
CA SER A 2671 -10.39 -59.81 -1.32
C SER A 2671 -10.15 -59.18 -2.68
N PHE A 2672 -8.89 -59.12 -3.08
CA PHE A 2672 -8.48 -58.39 -4.27
C PHE A 2672 -8.37 -59.33 -5.46
N ASP A 2673 -9.11 -59.03 -6.51
CA ASP A 2673 -9.17 -59.83 -7.71
C ASP A 2673 -8.26 -59.24 -8.79
N GLU A 2674 -8.34 -59.80 -10.00
CA GLU A 2674 -7.58 -59.24 -11.11
C GLU A 2674 -7.94 -57.78 -11.35
N ASP A 2675 -9.24 -57.51 -11.49
CA ASP A 2675 -9.70 -56.15 -11.78
C ASP A 2675 -9.71 -55.26 -10.56
N ASP A 2676 -9.49 -55.82 -9.36
CA ASP A 2676 -9.35 -54.99 -8.17
C ASP A 2676 -7.98 -54.31 -8.14
N LEU A 2677 -6.97 -54.95 -8.73
CA LEU A 2677 -5.63 -54.41 -8.70
C LEU A 2677 -5.33 -53.56 -9.93
N MET A 2678 -5.66 -54.06 -11.12
CA MET A 2678 -5.30 -53.36 -12.34
C MET A 2678 -5.92 -51.98 -12.39
N LYS A 2679 -7.09 -51.80 -11.79
CA LYS A 2679 -7.81 -50.54 -11.93
C LYS A 2679 -7.07 -49.40 -11.25
N ILE A 2680 -6.39 -49.67 -10.14
CA ILE A 2680 -5.69 -48.61 -9.42
C ILE A 2680 -4.61 -47.99 -10.31
N LEU A 2681 -3.82 -48.84 -10.97
CA LEU A 2681 -2.68 -48.37 -11.76
C LEU A 2681 -3.01 -48.25 -13.24
N SER A 2682 -4.27 -48.44 -13.64
CA SER A 2682 -4.64 -48.25 -15.04
C SER A 2682 -4.56 -46.78 -15.47
N ILE A 2683 -4.40 -45.85 -14.53
CA ILE A 2683 -4.40 -44.43 -14.87
C ILE A 2683 -3.00 -43.81 -14.87
N ILE A 2684 -2.00 -44.50 -14.32
CA ILE A 2684 -0.64 -43.97 -14.37
C ILE A 2684 -0.23 -43.68 -15.80
N MET A 2685 -0.84 -44.36 -16.77
CA MET A 2685 -0.64 -44.09 -18.19
C MET A 2685 -1.75 -43.22 -18.76
N LEU A 2686 -2.41 -42.42 -17.92
CA LEU A 2686 -3.51 -41.59 -18.36
C LEU A 2686 -3.00 -40.20 -18.77
N ASP A 2687 -3.85 -39.46 -19.48
CA ASP A 2687 -3.49 -38.14 -20.00
C ASP A 2687 -3.90 -37.02 -19.06
N SER A 2688 -3.96 -37.27 -17.76
CA SER A 2688 -4.40 -36.26 -16.80
C SER A 2688 -3.49 -36.15 -15.58
N CYS A 2689 -2.68 -37.17 -15.27
CA CYS A 2689 -1.84 -37.09 -14.10
C CYS A 2689 -0.82 -35.97 -14.24
N THR A 2690 -0.69 -35.16 -13.20
CA THR A 2690 0.31 -34.12 -13.10
C THR A 2690 1.38 -34.57 -12.12
N THR A 2691 2.30 -33.68 -11.79
CA THR A 2691 3.26 -34.00 -10.73
C THR A 2691 2.70 -33.69 -9.35
N ARG A 2692 1.46 -34.08 -9.12
CA ARG A 2692 0.82 -34.25 -7.82
C ARG A 2692 0.05 -35.57 -7.76
N VAL A 2693 -0.58 -35.96 -8.87
CA VAL A 2693 -1.33 -37.20 -8.91
C VAL A 2693 -0.39 -38.40 -8.79
N PHE A 2694 0.72 -38.37 -9.51
CA PHE A 2694 1.66 -39.49 -9.46
C PHE A 2694 2.24 -39.65 -8.06
N GLN A 2695 2.59 -38.54 -7.41
CA GLN A 2695 3.24 -38.62 -6.11
C GLN A 2695 2.38 -39.32 -5.07
N GLN A 2696 1.08 -39.40 -5.30
CA GLN A 2696 0.17 -40.11 -4.40
C GLN A 2696 -0.27 -41.45 -4.96
N THR A 2697 -0.38 -41.60 -6.28
CA THR A 2697 -0.65 -42.92 -6.84
C THR A 2697 0.45 -43.89 -6.48
N LEU A 2698 1.71 -43.42 -6.47
CA LEU A 2698 2.82 -44.27 -6.06
C LEU A 2698 2.64 -44.73 -4.62
N ASN A 2699 2.27 -43.82 -3.73
CA ASN A 2699 2.08 -44.21 -2.33
C ASN A 2699 0.91 -45.16 -2.17
N ILE A 2700 -0.17 -44.94 -2.93
CA ILE A 2700 -1.30 -45.86 -2.90
C ILE A 2700 -0.84 -47.25 -3.27
N ILE A 2701 -0.12 -47.38 -4.38
CA ILE A 2701 0.32 -48.69 -4.83
C ILE A 2701 1.24 -49.32 -3.80
N TYR A 2702 2.16 -48.54 -3.25
CA TYR A 2702 3.08 -49.08 -2.25
C TYR A 2702 2.32 -49.62 -1.04
N ASN A 2703 1.44 -48.81 -0.46
CA ASN A 2703 0.70 -49.26 0.71
C ASN A 2703 -0.13 -50.49 0.40
N LEU A 2704 -0.78 -50.52 -0.76
CA LEU A 2704 -1.58 -51.67 -1.13
C LEU A 2704 -0.73 -52.92 -1.30
N SER A 2705 0.52 -52.75 -1.71
CA SER A 2705 1.37 -53.91 -2.00
C SER A 2705 1.42 -54.89 -0.84
N LYS A 2706 1.43 -54.37 0.39
CA LYS A 2706 1.66 -55.24 1.54
C LYS A 2706 0.55 -56.27 1.73
N LEU A 2707 -0.60 -56.07 1.12
CA LEU A 2707 -1.67 -57.07 1.22
C LEU A 2707 -1.31 -58.30 0.40
N GLN A 2708 -1.67 -59.46 0.93
CA GLN A 2708 -1.26 -60.73 0.32
C GLN A 2708 -1.86 -60.90 -1.06
N GLY A 2709 -1.11 -61.58 -1.93
CA GLY A 2709 -1.61 -61.97 -3.24
C GLY A 2709 -1.58 -60.89 -4.29
N CYS A 2710 -0.86 -59.79 -4.07
CA CYS A 2710 -0.85 -58.67 -5.00
C CYS A 2710 0.44 -58.54 -5.79
N MET A 2711 1.60 -58.73 -5.14
CA MET A 2711 2.88 -58.45 -5.79
C MET A 2711 2.98 -59.13 -7.15
N SER A 2712 2.59 -60.41 -7.22
CA SER A 2712 2.66 -61.12 -8.48
C SER A 2712 1.76 -60.48 -9.53
N ILE A 2713 0.53 -60.12 -9.14
CA ILE A 2713 -0.38 -59.48 -10.08
C ILE A 2713 0.18 -58.14 -10.53
N PHE A 2714 0.72 -57.36 -9.58
CA PHE A 2714 1.31 -56.07 -9.92
C PHE A 2714 2.41 -56.24 -10.96
N THR A 2715 3.35 -57.15 -10.70
CA THR A 2715 4.47 -57.33 -11.62
C THR A 2715 4.00 -57.82 -12.98
N LYS A 2716 3.06 -58.77 -13.01
CA LYS A 2716 2.57 -59.27 -14.29
C LYS A 2716 1.91 -58.16 -15.10
N HIS A 2717 1.07 -57.36 -14.44
CA HIS A 2717 0.43 -56.25 -15.15
C HIS A 2717 1.47 -55.25 -15.63
N LEU A 2718 2.48 -54.97 -14.81
CA LEU A 2718 3.48 -53.98 -15.20
C LEU A 2718 4.25 -54.44 -16.43
N VAL A 2719 4.68 -55.70 -16.44
CA VAL A 2719 5.42 -56.18 -17.60
C VAL A 2719 4.51 -56.23 -18.82
N SER A 2720 3.24 -56.57 -18.63
CA SER A 2720 2.30 -56.51 -19.75
C SER A 2720 2.23 -55.11 -20.33
N LEU A 2721 2.12 -54.11 -19.45
CA LEU A 2721 2.08 -52.73 -19.92
C LEU A 2721 3.36 -52.36 -20.66
N ALA A 2722 4.51 -52.76 -20.12
CA ALA A 2722 5.78 -52.43 -20.76
C ALA A 2722 5.85 -53.02 -22.15
N ILE A 2723 5.52 -54.31 -22.29
CA ILE A 2723 5.57 -54.92 -23.62
C ILE A 2723 4.56 -54.25 -24.55
N SER A 2724 3.41 -53.85 -24.02
CA SER A 2724 2.42 -53.18 -24.85
C SER A 2724 2.95 -51.85 -25.38
N ILE A 2725 3.68 -51.10 -24.55
CA ILE A 2725 4.05 -49.74 -24.91
C ILE A 2725 5.34 -49.70 -25.72
N MET A 2726 6.32 -50.54 -25.39
CA MET A 2726 7.60 -50.47 -26.11
C MET A 2726 7.51 -51.21 -27.43
N SER A 2727 6.51 -50.83 -28.23
CA SER A 2727 6.39 -51.28 -29.61
C SER A 2727 5.96 -50.17 -30.55
N LYS A 2728 5.29 -49.14 -30.04
CA LYS A 2728 4.99 -47.96 -30.85
C LYS A 2728 6.22 -47.08 -31.01
N LEU A 2729 7.12 -47.09 -30.03
CA LEU A 2729 8.32 -46.28 -30.11
C LEU A 2729 9.11 -46.60 -31.37
N LYS A 2730 9.61 -47.83 -31.48
CA LYS A 2730 10.42 -48.20 -32.63
C LYS A 2730 9.68 -47.93 -33.93
N SER A 2731 8.37 -48.13 -33.94
CA SER A 2731 7.58 -47.77 -35.11
C SER A 2731 7.67 -46.28 -35.41
N ALA A 2732 7.99 -45.45 -34.41
CA ALA A 2732 8.14 -44.02 -34.57
C ALA A 2732 9.58 -43.55 -34.51
N LEU A 2733 10.39 -44.14 -33.63
CA LEU A 2733 11.78 -43.72 -33.52
C LEU A 2733 12.53 -43.92 -34.83
N ASP A 2734 12.30 -45.05 -35.48
CA ASP A 2734 12.89 -45.29 -36.80
C ASP A 2734 12.52 -44.16 -37.76
N GLY A 2735 11.30 -43.64 -37.63
CA GLY A 2735 10.91 -42.53 -38.47
C GLY A 2735 11.76 -41.29 -38.24
N LEU A 2736 12.05 -40.99 -36.97
CA LEU A 2736 12.80 -39.78 -36.65
C LEU A 2736 14.26 -39.93 -36.99
N SER A 2737 14.93 -40.91 -36.37
CA SER A 2737 16.38 -41.05 -36.57
C SER A 2737 16.72 -41.27 -38.04
N ARG A 2738 15.76 -41.71 -38.85
CA ARG A 2738 15.96 -41.80 -40.29
C ARG A 2738 15.77 -40.45 -40.99
N GLU A 2739 15.29 -39.42 -40.28
CA GLU A 2739 15.11 -38.11 -40.87
C GLU A 2739 16.31 -37.19 -40.66
N VAL A 2740 16.90 -37.21 -39.46
CA VAL A 2740 18.04 -36.36 -39.18
C VAL A 2740 19.15 -36.66 -40.18
N GLY A 2741 19.75 -35.62 -40.72
CA GLY A 2741 20.79 -35.79 -41.73
C GLY A 2741 20.28 -36.41 -43.01
N THR A 2742 19.11 -35.98 -43.48
CA THR A 2742 18.54 -36.52 -44.71
C THR A 2742 17.93 -35.48 -45.63
N ILE A 2743 17.93 -34.19 -45.27
CA ILE A 2743 17.33 -33.17 -46.11
C ILE A 2743 18.34 -32.09 -46.47
N THR A 2744 18.79 -31.33 -45.47
CA THR A 2744 19.68 -30.19 -45.69
C THR A 2744 20.00 -29.60 -44.32
N THR A 2745 20.91 -28.63 -44.30
CA THR A 2745 21.12 -27.77 -43.15
C THR A 2745 20.45 -26.44 -43.42
N GLY A 2746 19.54 -26.04 -42.54
CA GLY A 2746 18.70 -24.87 -42.76
C GLY A 2746 17.24 -25.18 -42.99
N MET A 2747 16.87 -26.45 -43.09
CA MET A 2747 15.49 -26.86 -43.31
C MET A 2747 14.84 -27.17 -41.96
N GLU A 2748 13.63 -27.74 -42.00
CA GLU A 2748 12.85 -28.02 -40.81
C GLU A 2748 12.34 -29.45 -40.86
N ILE A 2749 11.80 -29.90 -39.73
CA ILE A 2749 11.27 -31.25 -39.57
C ILE A 2749 9.76 -31.17 -39.42
N ASN A 2750 9.05 -32.02 -40.16
CA ASN A 2750 7.60 -32.07 -40.04
C ASN A 2750 7.19 -32.28 -38.60
N SER A 2751 6.47 -31.31 -38.04
CA SER A 2751 6.17 -31.32 -36.61
C SER A 2751 5.53 -32.62 -36.18
N GLU A 2752 4.71 -33.23 -37.05
CA GLU A 2752 3.98 -34.43 -36.66
C GLU A 2752 4.92 -35.47 -36.07
N LEU A 2753 6.09 -35.66 -36.68
CA LEU A 2753 7.07 -36.56 -36.11
C LEU A 2753 7.50 -36.07 -34.73
N LEU A 2754 7.74 -34.76 -34.59
CA LEU A 2754 8.07 -34.20 -33.29
C LEU A 2754 6.85 -34.06 -32.40
N GLN A 2755 5.65 -34.00 -32.97
CA GLN A 2755 4.45 -33.84 -32.17
C GLN A 2755 4.28 -34.99 -31.17
N LYS A 2756 4.91 -36.13 -31.41
CA LYS A 2756 4.80 -37.27 -30.52
C LYS A 2756 5.82 -37.26 -29.40
N PHE A 2757 6.79 -36.33 -29.42
CA PHE A 2757 7.78 -36.22 -28.37
C PHE A 2757 7.64 -34.98 -27.51
N THR A 2758 6.89 -33.97 -27.96
CA THR A 2758 6.87 -32.67 -27.30
C THR A 2758 5.81 -32.60 -26.21
N LEU A 2759 4.59 -33.04 -26.50
CA LEU A 2759 3.50 -32.88 -25.56
C LEU A 2759 3.78 -33.68 -24.29
N PRO A 2760 3.34 -33.20 -23.13
CA PRO A 2760 3.40 -34.06 -21.93
C PRO A 2760 2.59 -35.33 -22.07
N SER A 2761 1.60 -35.34 -22.97
CA SER A 2761 0.84 -36.56 -23.26
C SER A 2761 1.53 -37.40 -24.32
N SER A 2762 2.82 -37.66 -24.10
CA SER A 2762 3.61 -38.47 -25.01
C SER A 2762 3.58 -39.92 -24.57
N ASP A 2763 4.46 -40.73 -25.14
CA ASP A 2763 4.67 -42.10 -24.70
C ASP A 2763 5.89 -42.26 -23.81
N GLN A 2764 6.91 -41.42 -24.00
CA GLN A 2764 8.14 -41.57 -23.23
C GLN A 2764 7.87 -41.44 -21.74
N ALA A 2765 7.10 -40.42 -21.35
CA ALA A 2765 6.85 -40.19 -19.93
C ALA A 2765 6.27 -41.44 -19.28
N LYS A 2766 5.43 -42.18 -20.01
CA LYS A 2766 4.92 -43.43 -19.48
C LYS A 2766 6.05 -44.44 -19.30
N LEU A 2767 6.95 -44.52 -20.27
CA LEU A 2767 8.06 -45.47 -20.20
C LEU A 2767 9.04 -45.10 -19.10
N LEU A 2768 8.97 -43.87 -18.59
CA LEU A 2768 9.76 -43.48 -17.43
C LEU A 2768 9.02 -43.74 -16.13
N LYS A 2769 7.72 -43.42 -16.11
CA LYS A 2769 6.92 -43.63 -14.90
C LYS A 2769 6.85 -45.10 -14.53
N ILE A 2770 6.69 -45.97 -15.52
CA ILE A 2770 6.57 -47.40 -15.25
C ILE A 2770 7.81 -47.92 -14.54
N LEU A 2771 8.99 -47.62 -15.09
CA LEU A 2771 10.22 -48.07 -14.46
C LEU A 2771 10.43 -47.40 -13.11
N THR A 2772 10.06 -46.12 -12.99
CA THR A 2772 10.15 -45.45 -11.70
C THR A 2772 9.37 -46.22 -10.65
N THR A 2773 8.14 -46.59 -10.97
CA THR A 2773 7.31 -47.27 -9.97
C THR A 2773 7.82 -48.68 -9.71
N VAL A 2774 8.35 -49.36 -10.72
CA VAL A 2774 8.91 -50.69 -10.46
C VAL A 2774 10.05 -50.58 -9.45
N ASP A 2775 10.98 -49.66 -9.71
CA ASP A 2775 12.07 -49.46 -8.75
C ASP A 2775 11.52 -49.14 -7.37
N PHE A 2776 10.60 -48.17 -7.30
CA PHE A 2776 10.04 -47.77 -6.02
C PHE A 2776 9.46 -48.96 -5.27
N LEU A 2777 8.71 -49.81 -5.97
CA LEU A 2777 8.17 -51.01 -5.36
C LEU A 2777 9.29 -51.87 -4.79
N TYR A 2778 10.35 -52.09 -5.57
CA TYR A 2778 11.47 -52.89 -5.09
C TYR A 2778 12.56 -52.04 -4.44
N THR A 2779 12.34 -50.74 -4.29
CA THR A 2779 13.35 -49.87 -3.70
C THR A 2779 12.88 -49.26 -2.39
N HIS A 2780 11.73 -48.58 -2.43
CA HIS A 2780 11.32 -47.70 -1.33
C HIS A 2780 11.35 -48.43 -0.01
N LYS A 2781 12.02 -47.85 0.98
CA LYS A 2781 12.14 -48.45 2.32
C LYS A 2781 12.81 -49.81 2.16
N ARG A 2782 12.41 -50.81 2.92
CA ARG A 2782 13.10 -52.11 2.91
C ARG A 2782 14.57 -51.84 3.22
N LYS A 2783 15.46 -52.69 2.72
CA LYS A 2783 16.90 -52.49 2.89
C LYS A 2783 17.58 -52.69 1.55
N GLU A 2784 18.43 -51.74 1.17
CA GLU A 2784 19.13 -51.84 -0.11
C GLU A 2784 19.97 -53.11 -0.15
N GLU A 2785 20.70 -53.40 0.92
CA GLU A 2785 21.42 -54.67 1.01
C GLU A 2785 20.44 -55.85 1.00
N GLU A 2786 19.34 -55.72 1.75
CA GLU A 2786 18.32 -56.77 1.73
C GLU A 2786 17.68 -56.92 0.36
N ARG A 2787 17.84 -55.94 -0.51
CA ARG A 2787 17.25 -56.02 -1.84
C ARG A 2787 17.79 -57.25 -2.58
N ASN A 2788 17.15 -57.55 -3.70
CA ASN A 2788 17.47 -58.72 -4.50
C ASN A 2788 17.78 -58.32 -5.94
N VAL A 2789 18.70 -57.36 -6.09
CA VAL A 2789 18.94 -56.67 -7.35
C VAL A 2789 18.92 -57.61 -8.54
N LYS A 2790 19.37 -58.85 -8.33
CA LYS A 2790 19.42 -59.82 -9.43
C LYS A 2790 18.10 -59.87 -10.18
N ASP A 2791 17.02 -60.25 -9.49
CA ASP A 2791 15.74 -60.40 -10.18
C ASP A 2791 15.28 -59.10 -10.82
N LEU A 2792 15.61 -57.95 -10.22
CA LEU A 2792 15.26 -56.68 -10.82
C LEU A 2792 15.74 -56.63 -12.28
N GLN A 2793 16.94 -57.16 -12.53
CA GLN A 2793 17.45 -57.17 -13.89
C GLN A 2793 16.51 -57.92 -14.83
N SER A 2794 15.96 -59.05 -14.36
CA SER A 2794 15.14 -59.88 -15.23
C SER A 2794 13.91 -59.13 -15.73
N LEU A 2795 13.25 -58.38 -14.84
CA LEU A 2795 11.99 -57.74 -15.22
C LEU A 2795 12.16 -56.89 -16.48
N TYR A 2796 13.16 -55.99 -16.46
CA TYR A 2796 13.47 -55.26 -17.68
C TYR A 2796 13.87 -56.22 -18.78
N ASP A 2797 14.59 -57.29 -18.42
CA ASP A 2797 14.96 -58.30 -19.41
C ASP A 2797 13.71 -58.94 -20.02
N LYS A 2798 12.72 -59.26 -19.19
CA LYS A 2798 11.48 -59.81 -19.71
C LYS A 2798 10.85 -58.86 -20.72
N MET A 2799 10.96 -57.55 -20.47
CA MET A 2799 10.51 -56.59 -21.45
C MET A 2799 11.31 -56.76 -22.74
N ASN A 2800 10.64 -56.53 -23.87
CA ASN A 2800 11.29 -56.77 -25.15
C ASN A 2800 12.56 -55.93 -25.29
N GLY A 2801 12.50 -54.67 -24.88
CA GLY A 2801 13.67 -53.80 -24.89
C GLY A 2801 14.49 -53.93 -26.14
N GLY A 2802 15.81 -54.05 -25.99
CA GLY A 2802 16.67 -54.36 -27.10
C GLY A 2802 16.53 -53.36 -28.23
N PRO A 2803 15.84 -53.76 -29.31
CA PRO A 2803 15.71 -52.87 -30.48
C PRO A 2803 15.53 -51.41 -30.14
N VAL A 2804 14.74 -51.09 -29.11
CA VAL A 2804 14.54 -49.68 -28.76
C VAL A 2804 15.85 -49.04 -28.35
N TRP A 2805 16.58 -49.67 -27.42
CA TRP A 2805 17.89 -49.16 -27.05
C TRP A 2805 18.80 -49.07 -28.26
N SER A 2806 18.93 -50.18 -28.99
CA SER A 2806 19.83 -50.20 -30.14
C SER A 2806 19.40 -49.20 -31.20
N SER A 2807 18.09 -49.11 -31.45
CA SER A 2807 17.60 -48.13 -32.41
C SER A 2807 17.76 -46.70 -31.92
N LEU A 2808 18.03 -46.50 -30.63
CA LEU A 2808 18.28 -45.15 -30.14
C LEU A 2808 19.69 -44.68 -30.50
N SER A 2809 20.68 -45.58 -30.45
CA SER A 2809 22.03 -45.19 -30.81
C SER A 2809 22.09 -44.59 -32.20
N GLU A 2810 21.21 -45.03 -33.10
CA GLU A 2810 21.11 -44.45 -34.42
C GLU A 2810 20.35 -43.13 -34.42
N CYS A 2811 20.10 -42.55 -33.25
CA CYS A 2811 19.43 -41.25 -33.15
C CYS A 2811 20.26 -40.30 -32.29
N LEU A 2812 20.98 -40.84 -31.30
CA LEU A 2812 21.85 -40.03 -30.47
C LEU A 2812 23.24 -39.86 -31.07
N SER A 2813 23.54 -40.54 -32.17
CA SER A 2813 24.75 -40.29 -32.95
C SER A 2813 24.43 -39.76 -34.35
N GLN A 2814 23.16 -39.48 -34.63
CA GLN A 2814 22.76 -38.91 -35.90
C GLN A 2814 22.75 -37.39 -35.90
N PHE A 2815 22.94 -36.77 -34.73
CA PHE A 2815 23.05 -35.32 -34.66
C PHE A 2815 24.50 -34.84 -34.80
N GLU A 2816 25.47 -35.68 -34.43
CA GLU A 2816 26.87 -35.33 -34.61
C GLU A 2816 27.29 -35.33 -36.06
N LYS A 2817 26.45 -35.83 -36.97
CA LYS A 2817 26.77 -35.95 -38.39
C LYS A 2817 25.79 -35.17 -39.25
N SER A 2818 25.29 -34.05 -38.75
CA SER A 2818 24.39 -33.21 -39.52
C SER A 2818 24.17 -31.91 -38.75
N GLN A 2819 23.42 -31.01 -39.39
CA GLN A 2819 23.02 -29.75 -38.76
C GLN A 2819 21.59 -29.44 -39.19
N ALA A 2820 20.85 -28.79 -38.29
CA ALA A 2820 19.46 -28.47 -38.58
C ALA A 2820 19.04 -27.27 -37.74
N ILE A 2821 18.12 -26.47 -38.28
CA ILE A 2821 17.61 -25.32 -37.54
C ILE A 2821 16.97 -25.78 -36.25
N ASN A 2822 16.11 -26.79 -36.32
CA ASN A 2822 15.54 -27.37 -35.11
C ASN A 2822 16.65 -27.91 -34.21
N THR A 2823 17.53 -28.73 -34.78
CA THR A 2823 18.62 -29.34 -34.00
C THR A 2823 18.06 -29.82 -32.67
N SER A 2824 18.35 -29.07 -31.60
CA SER A 2824 17.70 -29.28 -30.31
C SER A 2824 17.70 -30.75 -29.93
N ALA A 2825 18.89 -31.28 -29.72
CA ALA A 2825 19.04 -32.67 -29.33
C ALA A 2825 18.49 -32.96 -27.95
N THR A 2826 17.85 -31.99 -27.30
CA THR A 2826 17.20 -32.23 -26.02
C THR A 2826 15.82 -32.86 -26.16
N ILE A 2827 15.28 -32.98 -27.38
CA ILE A 2827 13.95 -33.57 -27.52
C ILE A 2827 13.96 -35.01 -27.02
N LEU A 2828 15.01 -35.75 -27.33
CA LEU A 2828 15.14 -37.12 -26.82
C LEU A 2828 15.78 -37.09 -25.44
N LEU A 2829 15.29 -36.24 -24.56
CA LEU A 2829 15.74 -36.18 -23.18
C LEU A 2829 15.03 -37.23 -22.33
N PRO A 2830 13.71 -37.42 -22.48
CA PRO A 2830 13.00 -38.36 -21.60
C PRO A 2830 13.63 -39.75 -21.60
N LEU A 2831 13.76 -40.36 -22.78
CA LEU A 2831 14.32 -41.70 -22.87
C LEU A 2831 15.62 -41.80 -22.11
N ILE A 2832 16.61 -40.98 -22.49
CA ILE A 2832 17.95 -41.09 -21.93
C ILE A 2832 17.90 -41.14 -20.42
N GLU A 2833 16.93 -40.46 -19.81
CA GLU A 2833 16.74 -40.62 -18.37
C GLU A 2833 16.39 -42.07 -18.04
N SER A 2834 15.45 -42.64 -18.78
CA SER A 2834 15.06 -44.03 -18.54
C SER A 2834 16.23 -44.97 -18.79
N LEU A 2835 16.95 -44.76 -19.88
CA LEU A 2835 18.10 -45.61 -20.18
C LEU A 2835 19.14 -45.55 -19.08
N MET A 2836 19.12 -44.49 -18.27
CA MET A 2836 19.96 -44.46 -17.09
C MET A 2836 19.26 -45.01 -15.87
N VAL A 2837 17.92 -44.96 -15.85
CA VAL A 2837 17.17 -45.62 -14.79
C VAL A 2837 17.43 -47.12 -14.81
N VAL A 2838 17.41 -47.71 -16.01
CA VAL A 2838 17.62 -49.15 -16.14
C VAL A 2838 18.95 -49.53 -15.50
N CYS A 2839 20.01 -48.79 -15.83
CA CYS A 2839 21.33 -49.06 -15.29
C CYS A 2839 21.54 -48.45 -13.92
N ARG A 2840 20.55 -47.75 -13.37
CA ARG A 2840 20.75 -46.96 -12.17
C ARG A 2840 21.40 -47.78 -11.06
N ARG A 2841 20.94 -49.02 -10.86
CA ARG A 2841 21.40 -49.83 -9.75
C ARG A 2841 22.13 -51.10 -10.20
N SER A 2842 22.27 -51.35 -11.49
CA SER A 2842 22.72 -52.66 -11.91
C SER A 2842 24.10 -52.98 -11.35
N ASP A 2843 25.15 -52.36 -11.90
CA ASP A 2843 26.40 -52.27 -11.18
C ASP A 2843 27.01 -50.88 -11.32
N LEU A 2844 26.95 -50.33 -12.54
CA LEU A 2844 27.58 -49.06 -12.88
C LEU A 2844 28.90 -48.90 -12.14
N SER A 2845 29.69 -49.97 -12.07
CA SER A 2845 30.96 -49.92 -11.33
C SER A 2845 31.80 -51.15 -11.65
N GLN A 2846 33.07 -50.92 -11.98
CA GLN A 2846 34.02 -51.99 -12.28
C GLN A 2846 33.69 -52.71 -13.58
N ASN A 2847 32.58 -52.34 -14.22
CA ASN A 2847 32.27 -52.86 -15.54
C ASN A 2847 32.92 -52.03 -16.65
N ARG A 2848 33.39 -50.83 -16.33
CA ARG A 2848 34.04 -49.98 -17.32
C ARG A 2848 35.33 -50.61 -17.85
N ASN A 2849 35.94 -51.51 -17.08
CA ASN A 2849 37.24 -52.07 -17.44
C ASN A 2849 37.17 -52.75 -18.80
N THR A 2850 37.86 -52.18 -19.79
CA THR A 2850 37.89 -52.72 -21.13
C THR A 2850 39.21 -52.36 -21.81
N ALA A 2851 39.19 -51.42 -22.74
CA ALA A 2851 40.41 -50.92 -23.39
C ALA A 2851 41.06 -52.10 -24.12
N VAL A 2852 42.31 -52.45 -23.81
CA VAL A 2852 43.01 -53.55 -24.46
C VAL A 2852 43.39 -53.14 -25.87
N LYS A 2853 42.39 -52.95 -26.73
CA LYS A 2853 42.61 -52.61 -28.13
C LYS A 2853 41.69 -51.46 -28.53
N TYR A 2854 42.13 -50.73 -29.55
CA TYR A 2854 41.34 -49.63 -30.10
C TYR A 2854 40.41 -50.17 -31.18
N GLU A 2855 39.10 -50.03 -30.96
CA GLU A 2855 38.13 -50.63 -31.86
C GLU A 2855 38.09 -49.90 -33.20
N ASP A 2856 38.06 -48.56 -33.17
CA ASP A 2856 38.09 -47.74 -34.38
C ASP A 2856 36.92 -48.04 -35.31
N ALA A 2857 35.75 -48.31 -34.75
CA ALA A 2857 34.55 -48.56 -35.54
C ALA A 2857 33.37 -48.63 -34.58
N LYS A 2858 32.23 -48.10 -35.01
CA LYS A 2858 31.10 -47.97 -34.10
C LYS A 2858 30.22 -49.22 -34.09
N LEU A 2859 29.57 -49.52 -35.22
CA LEU A 2859 28.70 -50.69 -35.31
C LEU A 2859 27.56 -50.60 -34.30
N LEU A 2860 27.86 -50.65 -33.01
CA LEU A 2860 26.87 -50.52 -31.94
C LEU A 2860 25.75 -51.55 -32.11
N ASP A 2861 26.14 -52.82 -31.96
CA ASP A 2861 25.16 -53.90 -31.84
C ASP A 2861 24.68 -53.93 -30.41
N PHE A 2862 23.38 -53.72 -30.21
CA PHE A 2862 22.76 -53.72 -28.89
C PHE A 2862 21.49 -54.56 -28.88
N SER A 2863 21.56 -55.76 -29.43
CA SER A 2863 20.40 -56.63 -29.46
C SER A 2863 19.89 -56.87 -28.05
N LYS A 2864 20.68 -57.58 -27.24
CA LYS A 2864 20.32 -57.84 -25.86
C LYS A 2864 21.36 -57.31 -24.87
N THR A 2865 22.62 -57.71 -25.02
CA THR A 2865 23.71 -57.35 -24.11
C THR A 2865 23.23 -57.36 -22.66
N ARG A 2866 22.34 -58.30 -22.31
CA ARG A 2866 21.73 -58.33 -20.99
C ARG A 2866 21.33 -56.91 -20.57
N VAL A 2867 21.39 -56.62 -19.28
CA VAL A 2867 21.05 -55.29 -18.79
C VAL A 2867 22.12 -54.80 -17.82
N GLU A 2868 23.25 -55.49 -17.77
CA GLU A 2868 24.39 -55.07 -16.98
C GLU A 2868 25.62 -54.77 -17.82
N ASN A 2869 25.59 -55.08 -19.11
CA ASN A 2869 26.63 -54.73 -20.06
C ASN A 2869 26.09 -53.75 -21.09
N LEU A 2870 25.17 -52.89 -20.64
CA LEU A 2870 24.60 -51.85 -21.49
C LEU A 2870 25.05 -50.45 -21.13
N PHE A 2871 25.66 -50.26 -19.95
CA PHE A 2871 25.98 -48.93 -19.47
C PHE A 2871 27.24 -48.39 -20.13
N PHE A 2872 28.36 -49.08 -19.95
CA PHE A 2872 29.66 -48.53 -20.34
C PHE A 2872 29.89 -48.64 -21.84
N PRO A 2873 29.57 -49.77 -22.48
CA PRO A 2873 29.65 -49.79 -23.95
C PRO A 2873 28.83 -48.68 -24.57
N PHE A 2874 27.64 -48.41 -24.04
CA PHE A 2874 26.93 -47.19 -24.36
C PHE A 2874 27.56 -46.03 -23.61
N THR A 2875 27.20 -44.81 -24.02
CA THR A 2875 27.67 -43.56 -23.46
C THR A 2875 29.10 -43.26 -23.92
N ASP A 2876 29.78 -44.16 -24.61
CA ASP A 2876 31.09 -43.92 -25.16
C ASP A 2876 31.03 -43.53 -26.64
N ALA A 2877 30.29 -44.30 -27.44
CA ALA A 2877 30.08 -43.93 -28.83
C ALA A 2877 29.45 -42.54 -28.93
N HIS A 2878 28.67 -42.16 -27.93
CA HIS A 2878 28.09 -40.82 -27.82
C HIS A 2878 28.75 -40.13 -26.63
N LYS A 2879 29.87 -39.45 -26.90
CA LYS A 2879 30.52 -38.58 -25.92
C LYS A 2879 30.49 -37.12 -26.33
N LYS A 2880 30.68 -36.83 -27.61
CA LYS A 2880 30.65 -35.44 -28.06
C LYS A 2880 29.29 -34.81 -27.79
N LEU A 2881 28.22 -35.45 -28.25
CA LEU A 2881 26.89 -34.88 -28.05
C LEU A 2881 26.58 -34.76 -26.57
N LEU A 2882 26.87 -35.81 -25.79
CA LEU A 2882 26.56 -35.76 -24.37
C LEU A 2882 27.32 -34.62 -23.69
N ASN A 2883 28.61 -34.46 -24.00
CA ASN A 2883 29.37 -33.38 -23.40
C ASN A 2883 28.81 -32.02 -23.80
N GLN A 2884 28.42 -31.87 -25.06
CA GLN A 2884 27.87 -30.60 -25.50
C GLN A 2884 26.38 -30.53 -25.16
N MET A 2885 26.04 -30.85 -23.92
CA MET A 2885 24.72 -30.59 -23.38
C MET A 2885 24.84 -29.99 -21.99
N ILE A 2886 25.88 -30.40 -21.26
CA ILE A 2886 26.13 -29.84 -19.94
C ILE A 2886 26.59 -28.40 -20.04
N ARG A 2887 27.51 -28.13 -20.98
CA ARG A 2887 28.04 -26.78 -21.16
C ARG A 2887 26.98 -25.80 -21.64
N SER A 2888 25.84 -26.28 -22.13
CA SER A 2888 24.73 -25.41 -22.50
C SER A 2888 23.67 -25.32 -21.42
N ASN A 2889 23.63 -26.27 -20.48
CA ASN A 2889 22.63 -26.29 -19.41
C ASN A 2889 23.25 -26.93 -18.18
N PRO A 2890 24.24 -26.28 -17.57
CA PRO A 2890 25.00 -26.93 -16.49
C PRO A 2890 24.14 -27.46 -15.35
N LYS A 2891 22.88 -27.03 -15.23
CA LYS A 2891 22.03 -27.58 -14.18
C LYS A 2891 21.67 -29.04 -14.44
N LEU A 2892 21.97 -29.58 -15.61
CA LEU A 2892 21.71 -30.98 -15.90
C LEU A 2892 22.80 -31.85 -15.32
N MET A 2893 23.10 -31.67 -14.04
CA MET A 2893 23.95 -32.60 -13.31
C MET A 2893 23.41 -32.85 -11.91
N SER A 2894 22.16 -32.47 -11.65
CA SER A 2894 21.49 -32.68 -10.37
C SER A 2894 20.13 -33.30 -10.60
N GLY A 2895 20.11 -34.37 -11.38
CA GLY A 2895 18.88 -34.97 -11.84
C GLY A 2895 19.11 -35.87 -13.04
N PRO A 2896 18.40 -35.62 -14.16
CA PRO A 2896 18.42 -36.55 -15.29
C PRO A 2896 19.75 -37.26 -15.53
N PHE A 2897 20.86 -36.53 -15.54
CA PHE A 2897 22.17 -37.11 -15.79
C PHE A 2897 23.00 -37.27 -14.53
N ALA A 2898 22.37 -37.28 -13.36
CA ALA A 2898 23.12 -37.28 -12.11
C ALA A 2898 24.05 -38.47 -11.99
N LEU A 2899 23.78 -39.56 -12.72
CA LEU A 2899 24.56 -40.78 -12.55
C LEU A 2899 25.92 -40.71 -13.23
N LEU A 2900 26.05 -39.95 -14.31
CA LEU A 2900 27.31 -39.92 -15.05
C LEU A 2900 28.51 -39.64 -14.17
N VAL A 2901 28.30 -39.05 -13.00
CA VAL A 2901 29.41 -38.75 -12.10
C VAL A 2901 30.26 -39.99 -11.86
N LYS A 2902 29.65 -41.17 -11.87
CA LYS A 2902 30.38 -42.42 -11.67
C LYS A 2902 31.10 -42.89 -12.94
N ASN A 2903 31.19 -42.04 -13.96
CA ASN A 2903 31.94 -42.33 -15.17
C ASN A 2903 32.86 -41.14 -15.45
N PRO A 2904 33.88 -40.92 -14.63
CA PRO A 2904 34.76 -39.77 -14.85
C PRO A 2904 35.34 -39.72 -16.24
N LYS A 2905 35.70 -40.87 -16.82
CA LYS A 2905 36.34 -40.88 -18.12
C LYS A 2905 35.50 -40.20 -19.20
N VAL A 2906 34.18 -40.15 -19.03
CA VAL A 2906 33.30 -39.65 -20.08
C VAL A 2906 33.10 -38.15 -20.02
N LEU A 2907 33.60 -37.48 -19.00
CA LEU A 2907 33.46 -36.03 -18.85
C LEU A 2907 34.77 -35.34 -19.21
N ASP A 2908 34.71 -34.40 -20.14
CA ASP A 2908 35.88 -33.64 -20.55
C ASP A 2908 36.32 -32.71 -19.42
N PHE A 2909 37.39 -31.96 -19.66
CA PHE A 2909 37.97 -31.13 -18.61
C PHE A 2909 37.06 -29.96 -18.27
N ASP A 2910 36.57 -29.24 -19.29
CA ASP A 2910 35.91 -27.96 -19.05
C ASP A 2910 34.68 -28.13 -18.16
N ASN A 2911 33.77 -29.04 -18.54
CA ASN A 2911 32.58 -29.25 -17.73
C ASN A 2911 32.95 -29.64 -16.31
N LYS A 2912 34.02 -30.44 -16.16
CA LYS A 2912 34.42 -30.90 -14.84
C LYS A 2912 34.78 -29.74 -13.94
N ARG A 2913 35.55 -28.78 -14.46
CA ARG A 2913 35.97 -27.65 -13.62
C ARG A 2913 34.77 -26.84 -13.16
N TYR A 2914 33.83 -26.55 -14.06
CA TYR A 2914 32.65 -25.81 -13.65
C TYR A 2914 31.84 -26.58 -12.60
N PHE A 2915 31.51 -27.83 -12.90
CA PHE A 2915 30.74 -28.62 -11.95
C PHE A 2915 31.45 -28.68 -10.60
N PHE A 2916 32.78 -28.61 -10.61
CA PHE A 2916 33.53 -28.55 -9.36
C PHE A 2916 33.33 -27.20 -8.68
N ASN A 2917 33.29 -26.12 -9.46
CA ASN A 2917 33.25 -24.78 -8.90
C ASN A 2917 31.95 -24.53 -8.15
N ALA A 2918 30.81 -24.62 -8.84
CA ALA A 2918 29.55 -24.22 -8.25
C ALA A 2918 29.24 -25.04 -6.99
N LYS A 2919 29.49 -26.35 -7.06
CA LYS A 2919 29.21 -27.20 -5.91
C LYS A 2919 30.20 -27.01 -4.77
N LEU A 2920 31.34 -26.36 -5.02
CA LEU A 2920 32.45 -26.44 -4.09
C LEU A 2920 32.06 -25.98 -2.69
N LYS A 2921 31.87 -24.67 -2.49
CA LYS A 2921 31.42 -24.18 -1.20
C LYS A 2921 30.58 -22.92 -1.30
N SER A 2922 29.81 -22.76 -2.37
CA SER A 2922 29.12 -21.49 -2.58
C SER A 2922 27.99 -21.33 -1.57
N ASP A 2923 28.34 -21.29 -0.28
CA ASP A 2923 27.38 -21.07 0.78
C ASP A 2923 27.93 -20.20 1.91
N ASN A 2924 29.10 -19.59 1.72
CA ASN A 2924 29.76 -18.86 2.80
C ASN A 2924 29.28 -17.41 2.83
N GLN A 2925 29.82 -16.65 3.79
CA GLN A 2925 29.50 -15.22 3.94
C GLN A 2925 30.82 -14.46 4.02
N GLU A 2926 31.38 -14.11 2.87
CA GLU A 2926 32.60 -13.32 2.81
C GLU A 2926 33.71 -13.94 3.64
N ARG A 2927 34.79 -13.20 3.87
CA ARG A 2927 35.91 -13.65 4.68
C ARG A 2927 36.27 -12.55 5.67
N PRO A 2928 36.26 -12.81 6.98
CA PRO A 2928 36.50 -11.72 7.94
C PRO A 2928 37.82 -11.00 7.74
N LYS A 2929 38.95 -11.72 7.84
CA LYS A 2929 40.25 -11.07 7.71
C LYS A 2929 41.40 -12.06 7.86
N LEU A 2930 42.63 -11.55 7.72
CA LEU A 2930 43.84 -12.30 7.97
C LEU A 2930 45.00 -11.34 8.20
N PRO A 2931 45.11 -10.76 9.40
CA PRO A 2931 46.16 -9.75 9.63
C PRO A 2931 47.55 -10.36 9.71
N ILE A 2932 48.15 -10.62 8.54
CA ILE A 2932 49.50 -11.15 8.45
C ILE A 2932 50.39 -10.07 7.84
N THR A 2933 51.55 -9.83 8.46
CA THR A 2933 52.41 -8.71 8.10
C THR A 2933 53.77 -9.20 7.61
N VAL A 2934 53.78 -10.21 6.75
CA VAL A 2934 55.04 -10.73 6.24
C VAL A 2934 55.83 -9.60 5.57
N ARG A 2935 57.14 -9.61 5.79
CA ARG A 2935 58.02 -8.57 5.29
C ARG A 2935 58.52 -8.84 3.87
N ARG A 2936 58.08 -9.93 3.24
CA ARG A 2936 58.40 -10.32 1.87
C ARG A 2936 59.79 -10.93 1.74
N GLU A 2937 60.61 -10.93 2.80
CA GLU A 2937 61.89 -11.61 2.76
C GLU A 2937 61.91 -12.88 3.59
N GLN A 2938 60.93 -13.08 4.47
CA GLN A 2938 60.81 -14.32 5.22
C GLN A 2938 59.65 -15.16 4.71
N VAL A 2939 58.45 -14.57 4.63
CA VAL A 2939 57.29 -15.23 4.02
C VAL A 2939 57.08 -16.59 4.66
N PHE A 2940 57.66 -17.64 4.07
CA PHE A 2940 57.36 -19.02 4.42
C PHE A 2940 57.29 -19.22 5.93
N LEU A 2941 58.39 -18.99 6.63
CA LEU A 2941 58.43 -19.28 8.07
C LEU A 2941 57.54 -18.31 8.84
N ASP A 2942 57.51 -17.05 8.40
CA ASP A 2942 56.70 -16.05 9.10
C ASP A 2942 55.24 -16.45 9.11
N SER A 2943 54.75 -16.98 7.99
CA SER A 2943 53.37 -17.45 7.93
C SER A 2943 53.21 -18.79 8.64
N TYR A 2944 54.22 -19.67 8.57
CA TYR A 2944 54.14 -20.92 9.30
C TYR A 2944 53.98 -20.67 10.80
N ARG A 2945 54.50 -19.55 11.29
CA ARG A 2945 54.36 -19.17 12.69
C ARG A 2945 53.24 -18.19 12.96
N ALA A 2946 52.72 -17.50 11.94
CA ALA A 2946 51.77 -16.42 12.18
C ALA A 2946 50.33 -16.88 12.01
N LEU A 2947 50.07 -17.80 11.08
CA LEU A 2947 48.73 -18.32 10.86
C LEU A 2947 48.30 -19.30 11.94
N PHE A 2948 49.22 -19.68 12.84
CA PHE A 2948 48.97 -20.64 13.91
C PHE A 2948 47.81 -21.57 13.59
N PHE A 2949 46.65 -21.33 14.18
CA PHE A 2949 45.42 -22.06 13.86
C PHE A 2949 44.35 -21.00 13.59
N LYS A 2950 44.29 -20.53 12.35
CA LYS A 2950 43.34 -19.50 11.94
C LYS A 2950 42.03 -20.18 11.53
N THR A 2951 41.29 -20.65 12.54
CA THR A 2951 40.02 -21.33 12.35
C THR A 2951 40.08 -22.29 11.17
N ASN A 2952 40.93 -23.31 11.28
CA ASN A 2952 41.17 -24.27 10.21
C ASN A 2952 39.92 -24.57 9.39
N ASP A 2953 38.80 -24.81 10.08
CA ASP A 2953 37.55 -25.06 9.36
C ASP A 2953 37.17 -23.88 8.48
N GLU A 2954 37.22 -22.67 9.03
CA GLU A 2954 36.90 -21.45 8.29
C GLU A 2954 38.16 -20.68 7.91
N ILE A 2955 39.34 -21.29 8.03
CA ILE A 2955 40.58 -20.63 7.64
C ILE A 2955 40.49 -20.11 6.21
N LYS A 2956 39.69 -20.76 5.37
CA LYS A 2956 39.40 -20.23 4.05
C LYS A 2956 38.88 -18.81 4.12
N ASN A 2957 38.08 -18.52 5.16
CA ASN A 2957 37.49 -17.19 5.33
C ASN A 2957 38.51 -16.26 5.97
N SER A 2958 39.49 -15.87 5.16
CA SER A 2958 40.54 -14.95 5.62
C SER A 2958 41.20 -14.32 4.41
N LYS A 2959 41.00 -13.01 4.22
CA LYS A 2959 41.65 -12.30 3.14
C LYS A 2959 43.08 -11.94 3.55
N LEU A 2960 43.99 -11.97 2.59
CA LEU A 2960 45.40 -11.74 2.85
C LEU A 2960 45.64 -10.26 3.10
N GLU A 2961 45.68 -9.87 4.37
CA GLU A 2961 46.00 -8.49 4.75
C GLU A 2961 47.53 -8.35 4.86
N ILE A 2962 48.18 -8.48 3.72
CA ILE A 2962 49.63 -8.58 3.63
C ILE A 2962 50.16 -7.49 2.72
N THR A 2963 51.19 -6.78 3.18
CA THR A 2963 51.95 -5.84 2.36
C THR A 2963 53.40 -6.28 2.36
N PHE A 2964 54.12 -5.96 1.28
CA PHE A 2964 55.49 -6.44 1.14
C PHE A 2964 56.33 -5.97 2.32
N LYS A 2965 56.61 -4.68 2.41
CA LYS A 2965 57.15 -4.11 3.64
C LYS A 2965 56.44 -2.83 4.07
N GLY A 2966 56.12 -1.94 3.13
CA GLY A 2966 55.42 -0.72 3.46
C GLY A 2966 54.52 -0.24 2.34
N GLU A 2967 54.23 -1.11 1.37
CA GLU A 2967 53.54 -0.69 0.16
C GLU A 2967 52.08 -0.39 0.46
N SER A 2968 51.33 -0.02 -0.59
CA SER A 2968 49.95 0.42 -0.45
C SER A 2968 49.05 -0.37 -1.38
N GLY A 2969 47.79 0.05 -1.49
CA GLY A 2969 46.81 -0.63 -2.33
C GLY A 2969 46.77 -0.10 -3.75
N VAL A 2970 47.44 -0.78 -4.66
CA VAL A 2970 47.46 -0.41 -6.07
C VAL A 2970 47.24 -1.67 -6.90
N ASP A 2971 46.82 -1.48 -8.15
CA ASP A 2971 46.49 -2.58 -9.04
C ASP A 2971 45.42 -3.47 -8.41
N ALA A 2972 44.45 -2.84 -7.74
CA ALA A 2972 43.38 -3.55 -7.06
C ALA A 2972 43.93 -4.39 -5.91
N GLY A 2973 43.04 -4.90 -5.06
CA GLY A 2973 43.44 -5.74 -3.95
C GLY A 2973 43.80 -7.14 -4.42
N GLY A 2974 44.22 -7.95 -3.44
CA GLY A 2974 44.60 -9.31 -3.76
C GLY A 2974 45.91 -9.43 -4.52
N VAL A 2975 46.76 -8.40 -4.45
CA VAL A 2975 48.05 -8.44 -5.13
C VAL A 2975 48.91 -9.61 -4.67
N THR A 2976 48.52 -10.28 -3.58
CA THR A 2976 49.20 -11.50 -3.17
C THR A 2976 49.16 -12.58 -4.24
N ARG A 2977 48.37 -12.38 -5.31
CA ARG A 2977 48.42 -13.28 -6.45
C ARG A 2977 49.86 -13.61 -6.81
N GLU A 2978 50.73 -12.59 -6.82
CA GLU A 2978 52.15 -12.84 -6.99
C GLU A 2978 52.77 -13.44 -5.74
N TRP A 2979 52.28 -13.05 -4.56
CA TRP A 2979 52.81 -13.60 -3.32
C TRP A 2979 52.77 -15.12 -3.34
N TYR A 2980 51.67 -15.71 -3.81
CA TYR A 2980 51.61 -17.15 -3.96
C TYR A 2980 52.64 -17.66 -4.97
N GLN A 2981 52.75 -16.99 -6.12
CA GLN A 2981 53.71 -17.42 -7.13
C GLN A 2981 55.12 -17.40 -6.58
N VAL A 2982 55.53 -16.29 -5.99
CA VAL A 2982 56.85 -16.23 -5.37
C VAL A 2982 56.92 -17.22 -4.21
N LEU A 2983 55.82 -17.38 -3.47
CA LEU A 2983 55.78 -18.45 -2.47
C LEU A 2983 56.10 -19.79 -3.09
N SER A 2984 55.45 -20.14 -4.20
CA SER A 2984 55.75 -21.38 -4.90
C SER A 2984 57.21 -21.41 -5.34
N ARG A 2985 57.70 -20.29 -5.86
CA ARG A 2985 59.12 -20.20 -6.17
C ARG A 2985 59.95 -20.35 -4.90
N GLN A 2986 59.52 -19.72 -3.81
CA GLN A 2986 60.18 -19.85 -2.52
C GLN A 2986 59.71 -21.09 -1.75
N MET A 2987 58.63 -21.73 -2.18
CA MET A 2987 58.17 -22.94 -1.49
C MET A 2987 59.23 -24.03 -1.57
N PHE A 2988 59.82 -24.21 -2.75
CA PHE A 2988 60.87 -25.21 -2.91
C PHE A 2988 62.02 -24.95 -1.95
N ASN A 2989 62.48 -23.70 -1.85
CA ASN A 2989 63.54 -23.31 -0.94
C ASN A 2989 64.68 -24.32 -1.01
N PRO A 2990 65.46 -24.32 -2.10
CA PRO A 2990 66.51 -25.33 -2.24
C PRO A 2990 67.40 -25.47 -1.03
N ASP A 2991 67.50 -24.43 -0.19
CA ASP A 2991 68.27 -24.55 1.05
C ASP A 2991 67.71 -25.66 1.93
N TYR A 2992 66.39 -25.68 2.10
CA TYR A 2992 65.74 -26.77 2.83
C TYR A 2992 65.68 -28.01 1.95
N ALA A 2993 65.76 -29.17 2.59
CA ALA A 2993 65.73 -30.46 1.90
C ALA A 2993 64.34 -31.09 1.93
N LEU A 2994 63.29 -30.27 2.03
CA LEU A 2994 61.93 -30.80 2.05
C LEU A 2994 61.60 -31.58 0.77
N PHE A 2995 62.22 -31.23 -0.34
CA PHE A 2995 62.00 -31.92 -1.61
C PHE A 2995 63.31 -31.99 -2.37
N LEU A 2996 63.27 -32.63 -3.53
CA LEU A 2996 64.41 -32.80 -4.42
C LEU A 2996 63.96 -32.50 -5.83
N PRO A 2997 64.80 -31.83 -6.64
CA PRO A 2997 64.41 -31.43 -7.99
C PRO A 2997 64.43 -32.58 -9.00
N VAL A 2998 63.84 -33.72 -8.63
CA VAL A 2998 63.71 -34.86 -9.52
C VAL A 2998 65.04 -35.10 -10.22
N PRO A 2999 66.04 -35.70 -9.54
CA PRO A 2999 67.35 -35.92 -10.16
C PRO A 2999 67.27 -36.26 -11.64
N SER A 3000 66.24 -37.00 -12.04
CA SER A 3000 66.03 -37.27 -13.46
C SER A 3000 65.96 -35.98 -14.28
N ASP A 3001 65.45 -34.90 -13.68
CA ASP A 3001 65.43 -33.61 -14.35
C ASP A 3001 65.04 -32.54 -13.35
N LYS A 3002 65.73 -31.40 -13.40
CA LYS A 3002 65.44 -30.31 -12.48
C LYS A 3002 64.06 -29.72 -12.69
N THR A 3003 63.43 -29.96 -13.84
CA THR A 3003 62.17 -29.32 -14.16
C THR A 3003 61.07 -29.66 -13.18
N THR A 3004 61.22 -30.72 -12.41
CA THR A 3004 60.19 -31.17 -11.47
C THR A 3004 60.82 -31.40 -10.10
N PHE A 3005 59.96 -31.51 -9.08
CA PHE A 3005 60.38 -31.74 -7.71
C PHE A 3005 59.94 -33.13 -7.26
N HIS A 3006 60.68 -33.69 -6.30
CA HIS A 3006 60.59 -35.10 -5.95
C HIS A 3006 60.26 -35.28 -4.47
N PRO A 3007 59.68 -36.42 -4.08
CA PRO A 3007 59.39 -36.63 -2.65
C PRO A 3007 60.61 -36.53 -1.75
N ASN A 3008 61.81 -36.81 -2.27
CA ASN A 3008 63.02 -36.53 -1.52
C ASN A 3008 63.07 -37.28 -0.19
N ARG A 3009 63.26 -38.60 -0.24
CA ARG A 3009 63.32 -39.42 0.97
C ARG A 3009 64.22 -38.82 2.04
N THR A 3010 65.13 -37.90 1.70
CA THR A 3010 65.96 -37.21 2.66
C THR A 3010 65.26 -35.99 3.26
N SER A 3011 63.93 -35.94 3.17
CA SER A 3011 63.18 -34.81 3.71
C SER A 3011 62.95 -34.91 5.22
N GLY A 3012 63.22 -36.07 5.81
CA GLY A 3012 63.03 -36.23 7.24
C GLY A 3012 64.07 -35.54 8.10
N ILE A 3013 65.16 -35.08 7.50
CA ILE A 3013 66.22 -34.45 8.28
C ILE A 3013 65.76 -33.12 8.85
N ASN A 3014 64.91 -32.39 8.14
CA ASN A 3014 64.49 -31.08 8.60
C ASN A 3014 63.79 -31.21 9.95
N PRO A 3015 64.23 -30.48 10.98
CA PRO A 3015 63.67 -30.70 12.32
C PRO A 3015 62.18 -30.45 12.43
N GLU A 3016 61.66 -29.47 11.70
CA GLU A 3016 60.26 -29.05 11.84
C GLU A 3016 59.53 -29.14 10.51
N HIS A 3017 59.84 -30.17 9.71
CA HIS A 3017 59.14 -30.37 8.45
C HIS A 3017 57.66 -30.69 8.66
N LEU A 3018 57.30 -31.20 9.84
CA LEU A 3018 55.94 -31.64 10.09
C LEU A 3018 54.92 -30.52 9.84
N SER A 3019 54.99 -29.45 10.63
CA SER A 3019 54.03 -28.37 10.50
C SER A 3019 54.14 -27.69 9.14
N PHE A 3020 55.33 -27.74 8.53
CA PHE A 3020 55.50 -27.11 7.22
C PHE A 3020 54.59 -27.75 6.18
N PHE A 3021 54.47 -29.09 6.19
CA PHE A 3021 53.66 -29.75 5.19
C PHE A 3021 52.21 -29.28 5.23
N LYS A 3022 51.65 -29.15 6.44
CA LYS A 3022 50.27 -28.71 6.56
C LYS A 3022 50.08 -27.31 5.98
N PHE A 3023 51.01 -26.40 6.25
CA PHE A 3023 50.93 -25.05 5.71
C PHE A 3023 50.82 -25.09 4.19
N ILE A 3024 51.85 -25.60 3.52
CA ILE A 3024 51.77 -25.77 2.07
C ILE A 3024 50.65 -26.72 1.72
N GLY A 3025 50.35 -27.68 2.59
CA GLY A 3025 49.26 -28.61 2.31
C GLY A 3025 47.93 -27.91 2.18
N MET A 3026 47.65 -26.98 3.09
CA MET A 3026 46.41 -26.21 2.99
C MET A 3026 46.57 -24.99 2.09
N ILE A 3027 47.77 -24.40 2.04
CA ILE A 3027 47.97 -23.21 1.22
C ILE A 3027 47.70 -23.53 -0.24
N ILE A 3028 48.20 -24.67 -0.72
CA ILE A 3028 47.91 -25.07 -2.10
C ILE A 3028 46.41 -25.16 -2.31
N GLY A 3029 45.69 -25.67 -1.30
CA GLY A 3029 44.25 -25.70 -1.38
C GLY A 3029 43.64 -24.31 -1.47
N LYS A 3030 44.28 -23.32 -0.84
CA LYS A 3030 43.76 -21.96 -0.92
C LYS A 3030 43.76 -21.47 -2.36
N ALA A 3031 44.85 -21.72 -3.10
CA ALA A 3031 44.85 -21.41 -4.52
C ALA A 3031 43.74 -22.18 -5.24
N ILE A 3032 43.58 -23.46 -4.91
CA ILE A 3032 42.43 -24.21 -5.41
C ILE A 3032 41.14 -23.61 -4.87
N ARG A 3033 41.16 -23.16 -3.61
CA ARG A 3033 39.99 -22.50 -3.04
C ARG A 3033 39.61 -21.25 -3.82
N ASP A 3034 40.55 -20.67 -4.55
CA ASP A 3034 40.32 -19.54 -5.43
C ASP A 3034 40.65 -19.97 -6.86
N GLN A 3035 40.69 -19.00 -7.77
CA GLN A 3035 41.04 -19.23 -9.16
C GLN A 3035 42.45 -18.69 -9.39
N CYS A 3036 43.44 -19.54 -9.14
CA CYS A 3036 44.85 -19.21 -9.32
C CYS A 3036 45.51 -20.29 -10.16
N PHE A 3037 46.68 -19.97 -10.69
CA PHE A 3037 47.44 -20.89 -11.53
C PHE A 3037 48.91 -20.89 -11.11
N LEU A 3038 49.16 -21.02 -9.81
CA LEU A 3038 50.54 -21.07 -9.34
C LEU A 3038 51.27 -22.25 -9.97
N ASP A 3039 52.55 -22.04 -10.28
CA ASP A 3039 53.35 -23.04 -10.98
C ASP A 3039 53.96 -24.00 -9.96
N CYS A 3040 53.69 -25.29 -10.16
CA CYS A 3040 54.30 -26.34 -9.35
C CYS A 3040 54.21 -27.65 -10.13
N HIS A 3041 55.15 -28.55 -9.84
CA HIS A 3041 55.22 -29.82 -10.55
C HIS A 3041 55.82 -30.88 -9.64
N PHE A 3042 55.21 -32.06 -9.63
CA PHE A 3042 55.67 -33.15 -8.78
C PHE A 3042 55.72 -34.49 -9.49
N SER A 3043 55.55 -34.53 -10.82
CA SER A 3043 55.60 -35.79 -11.56
C SER A 3043 54.41 -36.67 -11.23
N ARG A 3044 54.16 -37.67 -12.09
CA ARG A 3044 52.91 -38.44 -11.99
C ARG A 3044 52.80 -39.19 -10.68
N GLU A 3045 53.88 -39.81 -10.22
CA GLU A 3045 53.80 -40.67 -9.04
C GLU A 3045 53.33 -39.88 -7.82
N VAL A 3046 53.82 -38.65 -7.65
CA VAL A 3046 53.40 -37.85 -6.51
C VAL A 3046 51.92 -37.56 -6.59
N TYR A 3047 51.43 -37.22 -7.78
CA TYR A 3047 49.99 -36.98 -7.95
C TYR A 3047 49.18 -38.21 -7.58
N LYS A 3048 49.63 -39.38 -8.02
CA LYS A 3048 48.87 -40.60 -7.80
C LYS A 3048 48.71 -40.91 -6.31
N ASN A 3049 49.60 -40.38 -5.46
CA ASN A 3049 49.42 -40.59 -4.02
C ASN A 3049 48.15 -39.93 -3.52
N ILE A 3050 47.69 -38.88 -4.20
CA ILE A 3050 46.47 -38.18 -3.78
C ILE A 3050 45.24 -38.96 -4.22
N LEU A 3051 45.06 -39.11 -5.54
CA LEU A 3051 43.94 -39.87 -6.05
C LEU A 3051 44.11 -41.34 -5.72
N GLY A 3052 43.03 -41.98 -5.25
CA GLY A 3052 43.12 -43.39 -4.90
C GLY A 3052 43.53 -44.23 -6.09
N ARG A 3053 44.79 -44.68 -6.08
CA ARG A 3053 45.34 -45.47 -7.17
C ARG A 3053 46.62 -46.13 -6.69
N PRO A 3054 46.89 -47.37 -7.06
CA PRO A 3054 48.18 -47.98 -6.70
C PRO A 3054 49.31 -47.42 -7.55
N VAL A 3055 50.53 -47.74 -7.13
CA VAL A 3055 51.70 -47.27 -7.88
C VAL A 3055 51.75 -47.93 -9.25
N SER A 3056 52.55 -47.34 -10.14
CA SER A 3056 52.72 -47.82 -11.49
C SER A 3056 54.04 -48.57 -11.61
N LEU A 3057 54.10 -49.49 -12.58
CA LEU A 3057 55.31 -50.27 -12.80
C LEU A 3057 56.20 -49.68 -13.88
N LYS A 3058 55.61 -49.26 -15.00
CA LYS A 3058 56.40 -48.73 -16.11
C LYS A 3058 57.05 -47.40 -15.78
N ASP A 3059 56.60 -46.72 -14.72
CA ASP A 3059 57.19 -45.43 -14.36
C ASP A 3059 58.66 -45.59 -13.99
N MET A 3060 59.03 -46.72 -13.39
CA MET A 3060 60.43 -46.93 -13.02
C MET A 3060 61.35 -46.74 -14.20
N GLU A 3061 61.00 -47.30 -15.37
CA GLU A 3061 61.87 -47.22 -16.53
C GLU A 3061 62.23 -45.76 -16.82
N SER A 3062 61.24 -44.88 -16.84
CA SER A 3062 61.50 -43.48 -17.13
C SER A 3062 61.80 -42.67 -15.88
N LEU A 3063 61.05 -42.89 -14.80
CA LEU A 3063 61.27 -42.13 -13.58
C LEU A 3063 62.67 -42.37 -13.02
N ASP A 3064 63.12 -43.62 -13.03
CA ASP A 3064 64.42 -43.96 -12.45
C ASP A 3064 64.93 -45.26 -13.06
N PRO A 3065 65.66 -45.20 -14.17
CA PRO A 3065 66.21 -46.44 -14.75
C PRO A 3065 67.10 -47.22 -13.79
N ASP A 3066 67.72 -46.55 -12.82
CA ASP A 3066 68.63 -47.20 -11.88
C ASP A 3066 68.06 -48.51 -11.36
N TYR A 3067 66.92 -48.46 -10.66
CA TYR A 3067 66.32 -49.67 -10.13
C TYR A 3067 65.58 -50.46 -11.20
N TYR A 3068 64.97 -49.79 -12.17
CA TYR A 3068 64.34 -50.52 -13.26
C TYR A 3068 65.37 -51.35 -14.02
N LYS A 3069 66.55 -50.78 -14.28
CA LYS A 3069 67.63 -51.55 -14.87
C LYS A 3069 67.99 -52.74 -14.01
N SER A 3070 67.89 -52.60 -12.69
CA SER A 3070 68.09 -53.74 -11.80
C SER A 3070 67.06 -54.83 -12.07
N LEU A 3071 65.89 -54.45 -12.57
CA LEU A 3071 64.82 -55.39 -12.92
C LEU A 3071 64.48 -55.32 -14.40
N VAL A 3072 65.21 -54.52 -15.18
CA VAL A 3072 64.92 -54.42 -16.61
C VAL A 3072 65.10 -55.79 -17.27
N TRP A 3073 66.22 -56.45 -16.98
CA TRP A 3073 66.42 -57.80 -17.48
C TRP A 3073 65.37 -58.76 -16.91
N ILE A 3074 65.12 -58.65 -15.60
CA ILE A 3074 64.11 -59.50 -14.98
C ILE A 3074 62.73 -59.10 -15.49
N LEU A 3075 61.78 -60.02 -15.33
CA LEU A 3075 60.40 -59.97 -15.81
C LEU A 3075 60.37 -60.37 -17.29
N GLU A 3076 61.51 -60.73 -17.89
CA GLU A 3076 61.55 -61.27 -19.24
C GLU A 3076 62.93 -61.85 -19.47
N ASN A 3077 63.04 -62.66 -20.52
CA ASN A 3077 64.34 -63.18 -20.94
C ASN A 3077 64.94 -64.08 -19.88
N ASP A 3078 65.41 -63.48 -18.78
CA ASP A 3078 66.13 -64.21 -17.74
C ASP A 3078 65.26 -64.54 -16.53
N ILE A 3079 63.96 -64.31 -16.61
CA ILE A 3079 63.06 -64.59 -15.47
C ILE A 3079 62.67 -66.06 -15.58
N THR A 3080 63.54 -66.93 -15.07
CA THR A 3080 63.29 -68.36 -15.06
C THR A 3080 63.78 -68.99 -13.75
N ASP A 3081 63.72 -68.22 -12.66
CA ASP A 3081 64.28 -68.62 -11.37
C ASP A 3081 65.78 -68.84 -11.43
N ILE A 3082 66.44 -68.44 -12.53
CA ILE A 3082 67.88 -68.61 -12.64
C ILE A 3082 68.59 -67.78 -11.56
N ILE A 3083 68.07 -66.59 -11.28
CA ILE A 3083 68.55 -65.77 -10.19
C ILE A 3083 67.67 -66.01 -8.98
N GLU A 3084 68.19 -65.70 -7.80
CA GLU A 3084 67.45 -65.88 -6.56
C GLU A 3084 66.81 -64.58 -6.10
N GLU A 3085 67.61 -63.55 -5.85
CA GLU A 3085 67.10 -62.22 -5.48
C GLU A 3085 66.01 -62.33 -4.41
N THR A 3086 66.44 -62.78 -3.24
CA THR A 3086 65.54 -62.96 -2.11
C THR A 3086 64.56 -61.80 -2.00
N PHE A 3087 63.32 -62.10 -1.62
CA PHE A 3087 62.26 -61.10 -1.60
C PHE A 3087 62.57 -60.00 -0.61
N SER A 3088 61.70 -58.99 -0.56
CA SER A 3088 61.91 -57.79 0.25
C SER A 3088 62.78 -56.80 -0.52
N VAL A 3089 62.54 -55.51 -0.30
CA VAL A 3089 63.19 -54.45 -1.07
C VAL A 3089 64.31 -53.83 -0.24
N GLU A 3090 65.34 -53.36 -0.93
CA GLU A 3090 66.43 -52.66 -0.26
C GLU A 3090 65.89 -51.45 0.50
N THR A 3091 66.38 -51.27 1.72
CA THR A 3091 65.89 -50.24 2.63
C THR A 3091 67.02 -49.28 2.98
N ASP A 3092 66.74 -47.99 2.85
CA ASP A 3092 67.65 -46.93 3.28
C ASP A 3092 67.08 -46.27 4.51
N ASP A 3093 67.87 -46.19 5.58
CA ASP A 3093 67.41 -45.65 6.85
C ASP A 3093 68.47 -44.74 7.49
N TYR A 3094 69.28 -44.07 6.67
CA TYR A 3094 70.33 -43.20 7.19
C TYR A 3094 71.24 -43.95 8.15
N GLY A 3095 71.62 -45.18 7.77
CA GLY A 3095 72.42 -46.03 8.63
C GLY A 3095 72.53 -47.43 8.09
N GLU A 3096 72.29 -48.43 8.95
CA GLU A 3096 72.37 -49.82 8.51
C GLU A 3096 71.36 -50.08 7.40
N HIS A 3097 71.86 -50.51 6.24
CA HIS A 3097 71.02 -50.76 5.08
C HIS A 3097 70.37 -52.16 5.19
N LYS A 3098 69.55 -52.31 6.22
CA LYS A 3098 68.90 -53.59 6.50
C LYS A 3098 67.69 -53.73 5.60
N VAL A 3099 67.75 -54.67 4.66
CA VAL A 3099 66.60 -54.92 3.78
C VAL A 3099 65.41 -55.29 4.64
N ILE A 3100 64.38 -54.46 4.61
CA ILE A 3100 63.22 -54.65 5.47
C ILE A 3100 62.28 -55.65 4.82
N ASN A 3101 61.86 -56.65 5.59
CA ASN A 3101 60.96 -57.68 5.07
C ASN A 3101 59.67 -57.04 4.55
N LEU A 3102 59.49 -57.05 3.23
CA LEU A 3102 58.25 -56.56 2.66
C LEU A 3102 57.07 -57.42 3.09
N ILE A 3103 57.07 -58.69 2.67
CA ILE A 3103 56.14 -59.67 3.19
C ILE A 3103 56.72 -60.21 4.49
N GLU A 3104 55.92 -60.96 5.24
CA GLU A 3104 56.38 -61.47 6.53
C GLU A 3104 57.70 -62.23 6.39
N GLY A 3105 57.85 -62.97 5.29
CA GLY A 3105 59.07 -63.72 5.04
C GLY A 3105 59.82 -63.23 3.83
N GLY A 3106 59.91 -61.91 3.65
CA GLY A 3106 60.54 -61.36 2.46
C GLY A 3106 61.96 -61.86 2.29
N LYS A 3107 62.75 -61.82 3.37
CA LYS A 3107 64.12 -62.32 3.30
C LYS A 3107 64.14 -63.82 3.01
N ASP A 3108 63.36 -64.59 3.77
CA ASP A 3108 63.35 -66.03 3.59
C ASP A 3108 62.73 -66.42 2.25
N ILE A 3109 61.59 -65.81 1.92
CA ILE A 3109 60.91 -66.13 0.67
C ILE A 3109 61.68 -65.53 -0.50
N ILE A 3110 61.95 -66.34 -1.51
CA ILE A 3110 62.68 -65.89 -2.69
C ILE A 3110 61.68 -65.39 -3.71
N VAL A 3111 62.16 -64.54 -4.62
CA VAL A 3111 61.31 -63.99 -5.69
C VAL A 3111 61.39 -65.01 -6.83
N THR A 3112 60.56 -66.05 -6.72
CA THR A 3112 60.53 -67.12 -7.71
C THR A 3112 59.56 -66.75 -8.81
N GLU A 3113 59.33 -67.68 -9.75
CA GLU A 3113 58.34 -67.44 -10.80
C GLU A 3113 56.94 -67.26 -10.24
N ALA A 3114 56.71 -67.68 -9.00
CA ALA A 3114 55.41 -67.51 -8.35
C ALA A 3114 55.31 -66.16 -7.64
N ASN A 3115 56.35 -65.79 -6.88
CA ASN A 3115 56.36 -64.52 -6.16
C ASN A 3115 56.90 -63.39 -7.02
N LYS A 3116 56.36 -63.25 -8.23
CA LYS A 3116 56.80 -62.20 -9.14
C LYS A 3116 56.07 -60.89 -8.86
N GLN A 3117 54.76 -60.88 -9.06
CA GLN A 3117 54.01 -59.63 -9.02
C GLN A 3117 54.01 -59.03 -7.62
N ASP A 3118 53.81 -59.85 -6.60
CA ASP A 3118 53.80 -59.33 -5.24
C ASP A 3118 55.09 -58.59 -4.93
N TYR A 3119 56.23 -59.25 -5.15
CA TYR A 3119 57.52 -58.64 -4.83
C TYR A 3119 57.76 -57.40 -5.68
N VAL A 3120 57.48 -57.48 -6.99
CA VAL A 3120 57.77 -56.36 -7.87
C VAL A 3120 56.91 -55.15 -7.50
N LYS A 3121 55.61 -55.37 -7.33
CA LYS A 3121 54.71 -54.27 -7.02
C LYS A 3121 55.00 -53.68 -5.65
N LYS A 3122 55.42 -54.49 -4.68
CA LYS A 3122 55.73 -53.94 -3.37
C LYS A 3122 57.07 -53.20 -3.39
N VAL A 3123 58.04 -53.70 -4.15
CA VAL A 3123 59.31 -52.99 -4.29
C VAL A 3123 59.06 -51.63 -4.92
N VAL A 3124 58.25 -51.59 -5.98
CA VAL A 3124 57.90 -50.31 -6.59
C VAL A 3124 57.14 -49.45 -5.59
N GLU A 3125 56.21 -50.05 -4.85
CA GLU A 3125 55.43 -49.31 -3.87
C GLU A 3125 56.33 -48.76 -2.76
N TYR A 3126 57.35 -49.53 -2.37
CA TYR A 3126 58.23 -49.08 -1.29
C TYR A 3126 58.89 -47.76 -1.63
N LYS A 3127 59.39 -47.62 -2.86
CA LYS A 3127 60.07 -46.40 -3.25
C LYS A 3127 59.13 -45.20 -3.16
N LEU A 3128 57.89 -45.38 -3.63
CA LEU A 3128 56.95 -44.29 -3.79
C LEU A 3128 55.93 -44.20 -2.66
N GLN A 3129 55.91 -45.18 -1.75
CA GLN A 3129 54.90 -45.19 -0.70
C GLN A 3129 55.49 -45.32 0.70
N THR A 3130 56.58 -46.08 0.86
CA THR A 3130 57.22 -46.25 2.16
C THR A 3130 58.20 -45.12 2.47
N SER A 3131 58.36 -44.17 1.56
CA SER A 3131 59.26 -43.04 1.75
C SER A 3131 58.60 -42.00 2.66
N VAL A 3132 59.12 -40.78 2.63
CA VAL A 3132 58.56 -39.67 3.40
C VAL A 3132 57.10 -39.45 3.05
N LYS A 3133 56.59 -40.22 2.09
CA LYS A 3133 55.16 -40.31 1.80
C LYS A 3133 54.33 -40.16 3.08
N GLU A 3134 54.73 -40.86 4.14
CA GLU A 3134 54.06 -40.68 5.42
C GLU A 3134 54.20 -39.24 5.91
N GLN A 3135 55.40 -38.68 5.81
CA GLN A 3135 55.57 -37.27 6.15
C GLN A 3135 54.89 -36.37 5.13
N MET A 3136 54.95 -36.73 3.85
CA MET A 3136 54.27 -35.92 2.84
C MET A 3136 52.77 -36.06 3.00
N ASP A 3137 52.30 -37.20 3.51
CA ASP A 3137 50.87 -37.35 3.79
C ASP A 3137 50.37 -36.20 4.65
N ASN A 3138 51.22 -35.70 5.54
CA ASN A 3138 50.91 -34.49 6.28
C ASN A 3138 50.49 -33.38 5.31
N PHE A 3139 51.18 -33.28 4.18
CA PHE A 3139 50.74 -32.37 3.12
C PHE A 3139 49.34 -32.73 2.66
N LEU A 3140 49.05 -34.02 2.52
CA LEU A 3140 47.72 -34.45 2.14
C LEU A 3140 46.73 -34.31 3.28
N VAL A 3141 47.17 -34.50 4.52
CA VAL A 3141 46.25 -34.45 5.65
C VAL A 3141 45.53 -33.11 5.69
N GLY A 3142 46.29 -32.02 5.58
CA GLY A 3142 45.66 -30.70 5.49
C GLY A 3142 44.82 -30.57 4.24
N PHE A 3143 45.37 -31.00 3.10
CA PHE A 3143 44.62 -30.95 1.86
C PHE A 3143 43.36 -31.81 1.95
N TYR A 3144 43.49 -33.02 2.48
CA TYR A 3144 42.31 -33.83 2.76
C TYR A 3144 41.40 -33.13 3.76
N ALA A 3145 41.98 -32.51 4.79
CA ALA A 3145 41.18 -31.77 5.76
C ALA A 3145 40.47 -30.60 5.08
N LEU A 3146 41.18 -29.89 4.20
CA LEU A 3146 40.56 -28.76 3.52
C LEU A 3146 39.51 -29.22 2.51
N ILE A 3147 39.78 -30.33 1.82
CA ILE A 3147 38.86 -30.86 0.82
C ILE A 3147 38.81 -32.38 0.98
N SER A 3148 37.60 -32.94 0.96
CA SER A 3148 37.44 -34.37 1.16
C SER A 3148 37.96 -35.14 -0.05
N LYS A 3149 38.36 -36.39 0.20
CA LYS A 3149 38.87 -37.23 -0.89
C LYS A 3149 37.81 -37.42 -1.98
N ASP A 3150 36.56 -37.64 -1.58
CA ASP A 3150 35.49 -37.79 -2.56
C ASP A 3150 35.39 -36.55 -3.44
N LEU A 3151 35.64 -35.37 -2.89
CA LEU A 3151 35.48 -34.13 -3.64
C LEU A 3151 36.48 -33.98 -4.78
N ILE A 3152 37.54 -34.77 -4.79
CA ILE A 3152 38.58 -34.67 -5.81
C ILE A 3152 38.55 -35.81 -6.80
N THR A 3153 37.83 -36.90 -6.50
CA THR A 3153 37.87 -38.09 -7.34
C THR A 3153 37.38 -37.83 -8.75
N ILE A 3154 36.64 -36.74 -8.98
CA ILE A 3154 36.10 -36.48 -10.31
C ILE A 3154 37.22 -36.35 -11.33
N PHE A 3155 38.33 -35.75 -10.94
CA PHE A 3155 39.51 -35.70 -11.79
C PHE A 3155 40.24 -37.04 -11.73
N ASP A 3156 41.45 -37.08 -12.28
CA ASP A 3156 42.32 -38.24 -12.19
C ASP A 3156 43.73 -37.76 -11.84
N GLU A 3157 44.63 -38.72 -11.64
CA GLU A 3157 46.00 -38.37 -11.29
C GLU A 3157 46.63 -37.47 -12.35
N GLN A 3158 46.22 -37.62 -13.60
CA GLN A 3158 46.86 -36.86 -14.68
C GLN A 3158 46.44 -35.40 -14.67
N GLU A 3159 45.14 -35.14 -14.46
CA GLU A 3159 44.61 -33.79 -14.57
C GLU A 3159 44.77 -32.96 -13.30
N LEU A 3160 45.16 -33.59 -12.18
CA LEU A 3160 45.43 -32.80 -10.99
C LEU A 3160 46.56 -31.81 -11.25
N GLU A 3161 47.52 -32.19 -12.08
CA GLU A 3161 48.58 -31.26 -12.49
C GLU A 3161 47.98 -30.03 -13.17
N LEU A 3162 47.10 -30.25 -14.16
CA LEU A 3162 46.50 -29.14 -14.85
C LEU A 3162 45.66 -28.28 -13.91
N LEU A 3163 45.04 -28.90 -12.91
CA LEU A 3163 44.36 -28.12 -11.88
C LEU A 3163 45.34 -27.23 -11.15
N ILE A 3164 46.50 -27.78 -10.79
CA ILE A 3164 47.49 -27.02 -10.05
C ILE A 3164 48.07 -25.91 -10.92
N SER A 3165 48.71 -26.29 -12.02
CA SER A 3165 49.33 -25.33 -12.93
C SER A 3165 48.34 -24.94 -14.02
N GLY A 3166 48.27 -23.64 -14.29
CA GLY A 3166 47.40 -23.14 -15.34
C GLY A 3166 47.57 -23.93 -16.62
N LEU A 3167 46.49 -24.08 -17.38
CA LEU A 3167 46.53 -24.86 -18.62
C LEU A 3167 47.72 -24.41 -19.45
N PRO A 3168 48.77 -25.22 -19.56
CA PRO A 3168 49.96 -24.78 -20.29
C PRO A 3168 49.67 -24.60 -21.78
N ASP A 3169 50.37 -23.66 -22.38
CA ASP A 3169 50.28 -23.40 -23.81
C ASP A 3169 51.41 -24.14 -24.53
N ILE A 3170 51.31 -24.16 -25.86
CA ILE A 3170 52.33 -24.79 -26.68
C ILE A 3170 52.14 -24.31 -28.12
N ASP A 3171 53.27 -24.12 -28.80
CA ASP A 3171 53.27 -23.71 -30.20
C ASP A 3171 53.31 -24.96 -31.09
N VAL A 3172 53.55 -24.76 -32.38
CA VAL A 3172 53.59 -25.84 -33.36
C VAL A 3172 54.93 -25.90 -34.07
N ASP A 3173 55.47 -24.75 -34.49
CA ASP A 3173 56.69 -24.74 -35.27
C ASP A 3173 57.85 -25.35 -34.50
N ASP A 3174 57.99 -24.98 -33.22
CA ASP A 3174 59.11 -25.50 -32.43
C ASP A 3174 59.05 -27.01 -32.34
N TRP A 3175 57.86 -27.56 -32.09
CA TRP A 3175 57.71 -29.01 -32.07
C TRP A 3175 57.75 -29.60 -33.47
N LYS A 3176 57.49 -28.78 -34.50
CA LYS A 3176 57.55 -29.28 -35.86
C LYS A 3176 58.99 -29.47 -36.33
N ASN A 3177 59.87 -28.54 -35.98
CA ASN A 3177 61.24 -28.52 -36.47
C ASN A 3177 62.22 -29.20 -35.51
N ASN A 3178 62.17 -28.86 -34.23
CA ASN A 3178 63.09 -29.42 -33.25
C ASN A 3178 62.71 -30.87 -32.98
N THR A 3179 62.88 -31.73 -33.97
CA THR A 3179 62.48 -33.13 -33.89
C THR A 3179 63.65 -34.02 -34.31
N THR A 3180 63.43 -35.33 -34.21
CA THR A 3180 64.43 -36.31 -34.61
C THR A 3180 63.70 -37.59 -35.03
N TYR A 3181 64.29 -38.28 -36.00
CA TYR A 3181 63.67 -39.48 -36.57
C TYR A 3181 64.68 -40.63 -36.55
N VAL A 3182 64.26 -41.76 -35.99
CA VAL A 3182 65.08 -42.97 -35.94
C VAL A 3182 64.45 -43.98 -36.87
N ASN A 3183 65.23 -44.46 -37.85
CA ASN A 3183 64.74 -45.36 -38.88
C ASN A 3183 63.37 -44.95 -39.37
N TYR A 3184 63.15 -43.64 -39.54
CA TYR A 3184 61.85 -43.11 -39.91
C TYR A 3184 62.04 -41.78 -40.63
N THR A 3185 61.02 -41.41 -41.40
CA THR A 3185 60.97 -40.13 -42.10
C THR A 3185 59.98 -39.19 -41.43
N ALA A 3186 59.90 -39.24 -40.11
CA ALA A 3186 59.03 -38.45 -39.26
C ALA A 3186 57.59 -38.94 -39.27
N THR A 3187 57.24 -39.91 -40.11
CA THR A 3187 55.86 -40.37 -40.21
C THR A 3187 55.78 -41.47 -41.25
N CYS A 3188 54.60 -42.08 -41.34
CA CYS A 3188 54.21 -42.91 -42.47
C CYS A 3188 53.24 -42.20 -43.41
N LYS A 3189 53.18 -40.86 -43.31
CA LYS A 3189 52.20 -39.97 -43.92
C LYS A 3189 50.92 -39.93 -43.11
N GLU A 3190 50.81 -40.72 -42.04
CA GLU A 3190 49.64 -40.68 -41.17
C GLU A 3190 49.80 -39.63 -40.06
N VAL A 3191 50.96 -39.60 -39.42
CA VAL A 3191 51.26 -38.58 -38.42
C VAL A 3191 51.16 -37.22 -39.09
N SER A 3192 51.35 -37.20 -40.42
CA SER A 3192 51.25 -35.95 -41.15
C SER A 3192 49.87 -35.32 -40.99
N TYR A 3193 48.81 -36.09 -41.24
CA TYR A 3193 47.48 -35.53 -41.07
C TYR A 3193 47.22 -35.16 -39.61
N PHE A 3194 47.75 -35.95 -38.69
CA PHE A 3194 47.72 -35.56 -37.29
C PHE A 3194 48.61 -34.34 -37.05
N TRP A 3195 49.74 -34.25 -37.75
CA TRP A 3195 50.59 -33.07 -37.62
C TRP A 3195 49.80 -31.81 -37.95
N ARG A 3196 48.92 -31.88 -38.95
CA ARG A 3196 48.06 -30.74 -39.25
C ARG A 3196 46.94 -30.60 -38.23
N ALA A 3197 46.34 -31.72 -37.83
CA ALA A 3197 45.23 -31.71 -36.90
C ALA A 3197 45.61 -31.24 -35.51
N VAL A 3198 46.91 -31.15 -35.20
CA VAL A 3198 47.33 -30.67 -33.90
C VAL A 3198 46.73 -29.28 -33.65
N ARG A 3199 46.69 -28.44 -34.68
CA ARG A 3199 45.96 -27.18 -34.57
C ARG A 3199 44.49 -27.45 -34.31
N SER A 3200 43.91 -28.43 -35.01
CA SER A 3200 42.54 -28.83 -34.73
C SER A 3200 42.41 -29.39 -33.32
N PHE A 3201 43.41 -30.15 -32.88
CA PHE A 3201 43.37 -30.75 -31.55
C PHE A 3201 43.23 -29.66 -30.50
N ASP A 3202 42.39 -29.93 -29.50
CA ASP A 3202 42.18 -28.96 -28.43
C ASP A 3202 43.47 -28.77 -27.63
N ALA A 3203 43.62 -27.58 -27.06
CA ALA A 3203 44.78 -27.31 -26.21
C ALA A 3203 44.93 -28.39 -25.15
N GLU A 3204 43.82 -28.81 -24.54
CA GLU A 3204 43.88 -29.97 -23.66
C GLU A 3204 44.31 -31.21 -24.43
N GLU A 3205 43.77 -31.39 -25.64
CA GLU A 3205 44.21 -32.51 -26.47
C GLU A 3205 45.70 -32.43 -26.76
N ARG A 3206 46.19 -31.22 -27.09
CA ARG A 3206 47.62 -31.04 -27.28
C ARG A 3206 48.37 -31.15 -25.96
N ALA A 3207 47.87 -30.49 -24.91
CA ALA A 3207 48.59 -30.43 -23.66
C ALA A 3207 48.78 -31.82 -23.07
N LYS A 3208 47.74 -32.64 -23.08
CA LYS A 3208 47.87 -33.99 -22.54
C LYS A 3208 48.94 -34.78 -23.28
N LEU A 3209 49.10 -34.52 -24.58
CA LEU A 3209 50.09 -35.26 -25.36
C LEU A 3209 51.50 -35.03 -24.82
N LEU A 3210 51.82 -33.77 -24.46
CA LEU A 3210 53.14 -33.48 -23.92
C LEU A 3210 53.36 -34.25 -22.62
N GLN A 3211 52.34 -34.32 -21.77
CA GLN A 3211 52.49 -35.04 -20.51
C GLN A 3211 52.84 -36.50 -20.75
N PHE A 3212 52.37 -37.07 -21.86
CA PHE A 3212 52.64 -38.48 -22.14
C PHE A 3212 54.13 -38.73 -22.30
N VAL A 3213 54.82 -37.85 -23.04
CA VAL A 3213 56.25 -38.05 -23.31
C VAL A 3213 57.15 -37.35 -22.29
N THR A 3214 56.63 -36.38 -21.55
CA THR A 3214 57.41 -35.68 -20.52
C THR A 3214 56.81 -35.85 -19.14
N GLY A 3215 55.49 -35.70 -19.01
CA GLY A 3215 54.86 -35.78 -17.70
C GLY A 3215 55.32 -34.71 -16.74
N THR A 3216 55.66 -33.52 -17.25
CA THR A 3216 56.15 -32.44 -16.39
C THR A 3216 55.53 -31.08 -16.70
N SER A 3217 54.98 -30.85 -17.88
CA SER A 3217 54.53 -29.51 -18.26
C SER A 3217 55.76 -28.60 -18.23
N LYS A 3218 55.58 -27.32 -17.89
CA LYS A 3218 56.69 -26.37 -17.81
C LYS A 3218 57.41 -26.26 -19.17
N VAL A 3219 56.70 -25.68 -20.12
CA VAL A 3219 57.18 -25.51 -21.49
C VAL A 3219 58.66 -25.17 -21.44
N PRO A 3220 59.53 -25.93 -22.12
CA PRO A 3220 60.97 -25.85 -21.83
C PRO A 3220 61.63 -24.55 -22.27
N LEU A 3221 60.95 -23.71 -23.04
CA LEU A 3221 61.58 -22.51 -23.59
C LEU A 3221 62.70 -22.91 -24.54
N ASN A 3222 63.22 -21.95 -25.31
CA ASN A 3222 64.29 -22.13 -26.27
C ASN A 3222 63.78 -22.77 -27.56
N GLY A 3223 62.50 -23.11 -27.65
CA GLY A 3223 61.96 -23.70 -28.86
C GLY A 3223 61.97 -25.22 -28.89
N PHE A 3224 61.96 -25.87 -27.73
CA PHE A 3224 61.89 -27.32 -27.62
C PHE A 3224 63.21 -27.98 -28.00
N LYS A 3225 64.17 -27.20 -28.51
CA LYS A 3225 65.52 -27.73 -28.63
C LYS A 3225 66.15 -27.89 -27.25
N GLU A 3226 65.80 -27.01 -26.32
CA GLU A 3226 66.15 -27.17 -24.91
C GLU A 3226 65.28 -28.29 -24.34
N LEU A 3227 65.87 -29.48 -24.18
CA LEU A 3227 65.14 -30.63 -23.69
C LEU A 3227 65.85 -31.22 -22.47
N SER A 3228 66.24 -30.36 -21.54
CA SER A 3228 67.01 -30.78 -20.37
C SER A 3228 66.22 -31.83 -19.60
N GLY A 3229 66.65 -33.08 -19.69
CA GLY A 3229 66.08 -34.16 -18.91
C GLY A 3229 67.06 -34.67 -17.87
N VAL A 3230 67.66 -35.83 -18.15
CA VAL A 3230 68.66 -36.41 -17.26
C VAL A 3230 70.05 -36.02 -17.75
N ASN A 3231 70.19 -35.87 -19.07
CA ASN A 3231 71.48 -35.59 -19.67
C ASN A 3231 71.73 -34.11 -19.90
N GLY A 3232 70.82 -33.24 -19.48
CA GLY A 3232 70.96 -31.81 -19.67
C GLY A 3232 70.44 -31.32 -21.02
N VAL A 3233 70.49 -32.16 -22.04
CA VAL A 3233 69.96 -31.81 -23.36
C VAL A 3233 69.50 -33.09 -24.04
N CYS A 3234 68.39 -33.00 -24.77
CA CYS A 3234 67.82 -34.15 -25.44
C CYS A 3234 67.08 -33.70 -26.68
N LYS A 3235 66.61 -34.67 -27.45
CA LYS A 3235 65.80 -34.40 -28.64
C LYS A 3235 64.91 -35.62 -28.87
N PHE A 3236 63.63 -35.49 -28.54
CA PHE A 3236 62.70 -36.60 -28.73
C PHE A 3236 62.78 -37.15 -30.14
N SER A 3237 63.14 -38.42 -30.26
CA SER A 3237 63.33 -39.08 -31.54
C SER A 3237 62.29 -40.18 -31.69
N ILE A 3238 61.45 -40.07 -32.72
CA ILE A 3238 60.45 -41.10 -32.96
C ILE A 3238 61.14 -42.42 -33.31
N HIS A 3239 60.56 -43.52 -32.85
CA HIS A 3239 61.09 -44.85 -33.08
C HIS A 3239 59.99 -45.76 -33.62
N ARG A 3240 60.39 -46.68 -34.49
CA ARG A 3240 59.47 -47.66 -35.06
C ARG A 3240 59.35 -48.89 -34.15
N ASP A 3241 60.48 -49.46 -33.76
CA ASP A 3241 60.54 -50.52 -32.76
C ASP A 3241 60.04 -51.86 -33.30
N PHE A 3242 59.52 -51.87 -34.52
CA PHE A 3242 59.03 -53.09 -35.17
C PHE A 3242 58.15 -53.90 -34.21
N GLY A 3243 57.13 -53.23 -33.69
CA GLY A 3243 56.23 -53.86 -32.74
C GLY A 3243 55.17 -54.70 -33.41
N SER A 3244 53.91 -54.53 -33.00
CA SER A 3244 52.81 -55.29 -33.57
C SER A 3244 52.18 -54.62 -34.78
N SER A 3245 52.39 -53.32 -34.95
CA SER A 3245 51.83 -52.48 -36.01
C SER A 3245 50.35 -52.15 -35.75
N GLU A 3246 49.73 -52.75 -34.74
CA GLU A 3246 48.40 -52.35 -34.29
C GLU A 3246 48.32 -52.07 -32.80
N ARG A 3247 49.30 -52.50 -32.01
CA ARG A 3247 49.33 -52.20 -30.59
C ARG A 3247 49.49 -50.71 -30.36
N LEU A 3248 49.02 -50.25 -29.20
CA LEU A 3248 49.08 -48.84 -28.90
C LEU A 3248 50.53 -48.38 -28.80
N PRO A 3249 50.83 -47.13 -29.16
CA PRO A 3249 52.21 -46.65 -29.09
C PRO A 3249 52.71 -46.54 -27.66
N SER A 3250 53.95 -46.08 -27.50
CA SER A 3250 54.57 -45.97 -26.18
C SER A 3250 55.71 -44.98 -26.27
N SER A 3251 56.24 -44.63 -25.10
CA SER A 3251 57.36 -43.71 -25.02
C SER A 3251 57.94 -43.78 -23.61
N HIS A 3252 59.05 -43.08 -23.41
CA HIS A 3252 59.73 -43.03 -22.13
C HIS A 3252 60.29 -41.63 -21.93
N THR A 3253 59.78 -40.93 -20.92
CA THR A 3253 60.22 -39.57 -20.67
C THR A 3253 61.65 -39.47 -20.17
N CYS A 3254 62.27 -40.59 -19.80
CA CYS A 3254 63.68 -40.56 -19.41
C CYS A 3254 64.53 -39.89 -20.48
N PHE A 3255 64.27 -40.23 -21.74
CA PHE A 3255 64.92 -39.55 -22.86
C PHE A 3255 63.94 -39.29 -24.00
N ASN A 3256 62.64 -39.29 -23.73
CA ASN A 3256 61.63 -39.04 -24.75
C ASN A 3256 61.77 -40.04 -25.91
N GLN A 3257 61.74 -41.33 -25.56
CA GLN A 3257 61.97 -42.36 -26.56
C GLN A 3257 60.96 -42.26 -27.69
N LEU A 3258 59.67 -42.17 -27.36
CA LEU A 3258 58.62 -42.04 -28.37
C LEU A 3258 58.54 -43.31 -29.21
N ASN A 3259 57.38 -43.58 -29.78
CA ASN A 3259 57.19 -44.79 -30.57
C ASN A 3259 56.03 -44.58 -31.54
N LEU A 3260 56.00 -45.42 -32.58
CA LEU A 3260 54.93 -45.37 -33.57
C LEU A 3260 54.86 -46.71 -34.30
N PRO A 3261 54.10 -47.67 -33.78
CA PRO A 3261 53.86 -48.90 -34.54
C PRO A 3261 53.23 -48.57 -35.88
N PRO A 3262 53.68 -49.21 -36.97
CA PRO A 3262 53.15 -48.85 -38.28
C PRO A 3262 51.64 -49.04 -38.38
N TYR A 3263 50.91 -47.93 -38.49
CA TYR A 3263 49.49 -47.92 -38.73
C TYR A 3263 49.23 -47.70 -40.21
N GLU A 3264 47.97 -47.46 -40.58
CA GLU A 3264 47.59 -47.44 -41.98
C GLU A 3264 47.20 -46.05 -42.49
N SER A 3265 46.21 -45.40 -41.88
CA SER A 3265 45.69 -44.17 -42.44
C SER A 3265 44.83 -43.47 -41.38
N TYR A 3266 44.04 -42.49 -41.82
CA TYR A 3266 43.08 -41.82 -40.95
C TYR A 3266 42.31 -42.82 -40.11
N GLU A 3267 41.78 -42.36 -38.97
CA GLU A 3267 41.01 -43.17 -38.04
C GLU A 3267 41.94 -44.02 -37.17
N THR A 3268 42.66 -44.96 -37.77
CA THR A 3268 43.46 -45.90 -36.98
C THR A 3268 44.42 -45.17 -36.05
N LEU A 3269 45.41 -44.49 -36.63
CA LEU A 3269 46.42 -43.82 -35.80
C LEU A 3269 45.81 -42.67 -35.02
N ARG A 3270 44.89 -41.94 -35.62
CA ARG A 3270 44.25 -40.82 -34.93
C ARG A 3270 43.65 -41.28 -33.61
N GLY A 3271 42.72 -42.24 -33.66
CA GLY A 3271 42.07 -42.71 -32.46
C GLY A 3271 42.99 -43.49 -31.55
N SER A 3272 44.00 -44.16 -32.11
CA SER A 3272 44.97 -44.84 -31.26
C SER A 3272 45.70 -43.83 -30.37
N LEU A 3273 46.17 -42.73 -30.98
CA LEU A 3273 46.81 -41.68 -30.20
C LEU A 3273 45.85 -41.04 -29.23
N LEU A 3274 44.59 -40.82 -29.66
CA LEU A 3274 43.60 -40.24 -28.76
C LEU A 3274 43.42 -41.11 -27.53
N LEU A 3275 43.24 -42.42 -27.72
CA LEU A 3275 43.11 -43.32 -26.59
C LEU A 3275 44.36 -43.30 -25.73
N ALA A 3276 45.53 -43.34 -26.37
CA ALA A 3276 46.79 -43.35 -25.62
C ALA A 3276 46.86 -42.16 -24.68
N ILE A 3277 46.62 -40.96 -25.19
CA ILE A 3277 46.64 -39.77 -24.33
C ILE A 3277 45.54 -39.88 -23.27
N ASN A 3278 44.35 -40.30 -23.68
CA ASN A 3278 43.27 -40.52 -22.72
C ASN A 3278 43.49 -41.77 -21.89
N GLU A 3279 44.38 -42.66 -22.33
CA GLU A 3279 44.62 -43.90 -21.58
C GLU A 3279 45.01 -43.60 -20.14
N GLY A 3280 45.98 -42.72 -19.95
CA GLY A 3280 46.45 -42.39 -18.62
C GLY A 3280 46.77 -43.63 -17.81
N HIS A 3281 45.98 -43.88 -16.78
CA HIS A 3281 46.17 -45.07 -15.95
C HIS A 3281 45.86 -46.33 -16.76
N GLU A 3282 46.43 -47.45 -16.31
CA GLU A 3282 46.27 -48.78 -16.88
C GLU A 3282 47.13 -48.95 -18.13
N GLY A 3283 47.84 -47.92 -18.57
CA GLY A 3283 48.75 -48.03 -19.70
C GLY A 3283 50.19 -47.87 -19.23
N PHE A 3284 50.73 -46.67 -19.40
CA PHE A 3284 52.05 -46.36 -18.88
C PHE A 3284 52.10 -46.37 -17.35
N GLY A 3285 50.94 -46.43 -16.70
CA GLY A 3285 50.88 -46.46 -15.25
C GLY A 3285 50.89 -47.87 -14.69
N LEU A 3286 49.76 -48.28 -14.09
CA LEU A 3286 49.70 -49.58 -13.43
C LEU A 3286 50.19 -50.70 -14.34
N ALA A 3287 49.80 -50.67 -15.61
CA ALA A 3287 50.22 -51.70 -16.56
C ALA A 3287 51.70 -51.52 -16.91
#